data_2LLY
#
_entry.id   2LLY
#
_entity_poly.entity_id   1
_entity_poly.type   'polypeptide(L)'
_entity_poly.pdbx_seq_one_letter_code
;SNAEELPLFYTINLIIPCLLISCLTVLVFYLPSECGEKITLCISVLLSLTVFLLLITEIIPSTSSVSPSIGEYLLFTMIF
VTLSIVITVFVLNVHHRSPETHTGGGGGIDRIFLWMFIIVCLLGTVGLFLPPWLAGE
;
_entity_poly.pdbx_strand_id   A
#
# COMPACT_ATOMS: atom_id res chain seq x y z
N GLU A 4 8.93 7.84 22.74
CA GLU A 4 8.82 7.50 24.17
C GLU A 4 7.57 6.67 24.43
N GLU A 5 6.98 6.14 23.36
CA GLU A 5 5.77 5.33 23.49
C GLU A 5 5.38 4.74 22.14
N LEU A 6 6.37 4.47 21.29
CA LEU A 6 6.13 3.91 19.97
C LEU A 6 7.07 2.74 19.70
N PRO A 7 6.95 1.68 20.51
CA PRO A 7 7.78 0.48 20.38
C PRO A 7 7.43 -0.33 19.14
N LEU A 8 8.01 -1.52 19.02
CA LEU A 8 7.76 -2.39 17.88
C LEU A 8 6.26 -2.61 17.69
N PHE A 9 5.51 -2.54 18.78
CA PHE A 9 4.06 -2.73 18.73
C PHE A 9 3.42 -1.81 17.70
N TYR A 10 3.87 -0.56 17.68
CA TYR A 10 3.34 0.43 16.75
C TYR A 10 3.37 -0.09 15.32
N THR A 11 4.39 -0.90 15.01
CA THR A 11 4.54 -1.46 13.68
C THR A 11 3.57 -2.62 13.47
N ILE A 12 3.29 -3.37 14.55
CA ILE A 12 2.39 -4.50 14.48
C ILE A 12 0.95 -4.04 14.30
N ASN A 13 0.63 -2.89 14.87
CA ASN A 13 -0.72 -2.34 14.76
C ASN A 13 -0.91 -1.60 13.44
N LEU A 14 0.20 -1.20 12.83
CA LEU A 14 0.16 -0.48 11.57
C LEU A 14 0.25 -1.44 10.39
N ILE A 15 0.91 -2.58 10.61
CA ILE A 15 1.07 -3.59 9.56
C ILE A 15 -0.23 -4.38 9.37
N ILE A 16 -0.95 -4.59 10.46
CA ILE A 16 -2.19 -5.34 10.42
C ILE A 16 -3.13 -4.78 9.35
N PRO A 17 -3.46 -3.49 9.47
CA PRO A 17 -4.34 -2.81 8.52
C PRO A 17 -3.70 -2.62 7.16
N CYS A 18 -2.37 -2.53 7.14
CA CYS A 18 -1.63 -2.35 5.89
C CYS A 18 -1.97 -3.44 4.90
N LEU A 19 -2.24 -4.64 5.41
CA LEU A 19 -2.58 -5.78 4.56
C LEU A 19 -4.05 -5.77 4.21
N LEU A 20 -4.90 -5.59 5.23
CA LEU A 20 -6.35 -5.57 5.03
C LEU A 20 -6.73 -4.58 3.93
N ILE A 21 -6.06 -3.43 3.91
CA ILE A 21 -6.32 -2.41 2.91
C ILE A 21 -5.65 -2.75 1.59
N SER A 22 -4.50 -3.42 1.67
CA SER A 22 -3.75 -3.80 0.47
C SER A 22 -4.50 -4.86 -0.32
N CYS A 23 -4.72 -6.01 0.31
CA CYS A 23 -5.43 -7.12 -0.33
C CYS A 23 -6.82 -6.69 -0.77
N LEU A 24 -7.44 -5.81 0.00
CA LEU A 24 -8.78 -5.30 -0.32
C LEU A 24 -8.83 -4.79 -1.75
N THR A 25 -7.95 -3.85 -2.07
CA THR A 25 -7.90 -3.27 -3.41
C THR A 25 -7.72 -4.35 -4.47
N VAL A 26 -6.88 -5.34 -4.16
CA VAL A 26 -6.62 -6.43 -5.09
C VAL A 26 -7.86 -7.30 -5.27
N LEU A 27 -8.65 -7.42 -4.21
CA LEU A 27 -9.86 -8.24 -4.25
C LEU A 27 -10.79 -7.77 -5.37
N VAL A 28 -11.21 -6.52 -5.30
CA VAL A 28 -12.10 -5.96 -6.32
C VAL A 28 -11.46 -6.02 -7.70
N PHE A 29 -10.14 -5.96 -7.74
CA PHE A 29 -9.41 -6.01 -9.00
C PHE A 29 -9.33 -7.44 -9.53
N TYR A 30 -9.55 -8.40 -8.65
CA TYR A 30 -9.51 -9.81 -9.03
C TYR A 30 -10.83 -10.25 -9.64
N LEU A 31 -11.91 -10.05 -8.89
CA LEU A 31 -13.24 -10.42 -9.35
C LEU A 31 -14.19 -9.23 -9.31
N PRO A 32 -13.96 -8.25 -10.20
CA PRO A 32 -14.78 -7.05 -10.28
C PRO A 32 -16.19 -7.33 -10.82
N SER A 33 -17.13 -7.51 -9.90
CA SER A 33 -18.52 -7.80 -10.28
C SER A 33 -19.09 -6.65 -11.10
N GLU A 34 -19.07 -5.46 -10.54
CA GLU A 34 -19.60 -4.28 -11.23
C GLU A 34 -18.47 -3.34 -11.66
N CYS A 35 -18.72 -2.57 -12.70
CA CYS A 35 -17.73 -1.63 -13.22
C CYS A 35 -17.58 -0.43 -12.29
N GLY A 36 -18.49 -0.31 -11.33
CA GLY A 36 -18.45 0.79 -10.40
C GLY A 36 -17.79 0.43 -9.08
N GLU A 37 -17.48 -0.86 -8.92
CA GLU A 37 -16.85 -1.34 -7.70
C GLU A 37 -15.50 -0.65 -7.48
N LYS A 38 -14.87 -0.23 -8.57
CA LYS A 38 -13.57 0.44 -8.50
C LYS A 38 -13.64 1.63 -7.55
N ILE A 39 -14.55 2.55 -7.82
CA ILE A 39 -14.72 3.73 -6.98
C ILE A 39 -15.16 3.35 -5.57
N THR A 40 -15.92 2.27 -5.47
CA THR A 40 -16.40 1.80 -4.18
C THR A 40 -15.25 1.46 -3.25
N LEU A 41 -14.23 0.81 -3.80
CA LEU A 41 -13.06 0.42 -3.01
C LEU A 41 -12.21 1.63 -2.67
N CYS A 42 -12.08 2.55 -3.62
CA CYS A 42 -11.29 3.76 -3.42
C CYS A 42 -11.80 4.54 -2.21
N ILE A 43 -13.11 4.73 -2.15
CA ILE A 43 -13.73 5.46 -1.05
C ILE A 43 -13.58 4.71 0.27
N SER A 44 -13.63 3.38 0.19
CA SER A 44 -13.51 2.54 1.37
C SER A 44 -12.16 2.76 2.06
N VAL A 45 -11.09 2.67 1.28
CA VAL A 45 -9.74 2.86 1.81
C VAL A 45 -9.59 4.24 2.45
N LEU A 46 -10.24 5.23 1.85
CA LEU A 46 -10.19 6.60 2.37
C LEU A 46 -10.72 6.66 3.80
N LEU A 47 -11.88 6.07 4.01
CA LEU A 47 -12.50 6.06 5.34
C LEU A 47 -11.53 5.52 6.39
N SER A 48 -10.97 4.35 6.12
CA SER A 48 -10.02 3.72 7.04
C SER A 48 -8.78 4.59 7.21
N LEU A 49 -8.23 5.05 6.09
CA LEU A 49 -7.03 5.89 6.11
C LEU A 49 -7.23 7.10 7.01
N THR A 50 -8.43 7.69 6.93
CA THR A 50 -8.75 8.86 7.73
C THR A 50 -9.14 8.47 9.15
N VAL A 51 -9.57 7.23 9.32
CA VAL A 51 -9.98 6.72 10.63
C VAL A 51 -8.75 6.45 11.51
N PHE A 52 -7.81 5.68 10.98
CA PHE A 52 -6.59 5.34 11.70
C PHE A 52 -5.70 6.57 11.86
N LEU A 53 -5.82 7.51 10.94
CA LEU A 53 -5.02 8.72 10.98
C LEU A 53 -5.34 9.55 12.21
N LEU A 54 -6.62 9.88 12.38
CA LEU A 54 -7.06 10.67 13.53
C LEU A 54 -6.63 10.01 14.84
N LEU A 55 -6.77 8.68 14.90
CA LEU A 55 -6.39 7.94 16.09
C LEU A 55 -4.97 8.26 16.53
N ILE A 56 -4.05 8.32 15.56
CA ILE A 56 -2.66 8.63 15.84
C ILE A 56 -2.51 10.05 16.38
N THR A 57 -3.43 10.93 15.97
CA THR A 57 -3.40 12.32 16.43
C THR A 57 -4.00 12.46 17.82
N GLU A 58 -4.63 11.38 18.30
CA GLU A 58 -5.25 11.39 19.62
C GLU A 58 -4.23 11.02 20.70
N ILE A 59 -3.36 10.06 20.38
CA ILE A 59 -2.34 9.62 21.33
C ILE A 59 -1.18 10.60 21.38
N ILE A 60 -1.05 11.42 20.34
CA ILE A 60 0.01 12.41 20.27
C ILE A 60 1.37 11.76 20.52
N PRO A 61 1.86 11.01 19.52
CA PRO A 61 3.16 10.34 19.60
C PRO A 61 4.33 11.31 19.57
N SER A 62 4.07 12.52 19.11
CA SER A 62 5.11 13.55 19.02
C SER A 62 4.49 14.95 19.12
N THR A 63 4.81 15.66 20.19
CA THR A 63 4.30 17.00 20.40
C THR A 63 5.37 18.05 20.13
N SER A 64 6.35 17.69 19.29
CA SER A 64 7.43 18.60 18.95
C SER A 64 6.99 19.61 17.91
N SER A 65 7.86 20.57 17.60
CA SER A 65 7.56 21.59 16.61
C SER A 65 7.32 20.97 15.24
N VAL A 66 8.36 20.33 14.70
CA VAL A 66 8.27 19.70 13.39
C VAL A 66 8.98 18.35 13.39
N SER A 67 9.08 17.74 12.20
CA SER A 67 9.73 16.45 12.07
C SER A 67 9.02 15.38 12.88
N PRO A 68 7.83 14.97 12.41
CA PRO A 68 7.03 13.94 13.08
C PRO A 68 7.66 12.56 13.00
N SER A 69 6.96 11.57 13.53
CA SER A 69 7.45 10.19 13.53
C SER A 69 6.80 9.39 12.40
N ILE A 70 5.50 9.16 12.52
CA ILE A 70 4.76 8.41 11.51
C ILE A 70 4.47 9.26 10.28
N GLY A 71 4.66 10.57 10.42
CA GLY A 71 4.42 11.48 9.32
C GLY A 71 5.15 11.06 8.07
N GLU A 72 6.28 10.38 8.23
CA GLU A 72 7.07 9.92 7.09
C GLU A 72 6.51 8.62 6.53
N TYR A 73 5.92 7.81 7.40
CA TYR A 73 5.34 6.53 6.99
C TYR A 73 3.99 6.73 6.32
N LEU A 74 3.06 7.34 7.05
CA LEU A 74 1.73 7.59 6.51
C LEU A 74 1.79 8.30 5.17
N LEU A 75 2.82 9.12 4.98
CA LEU A 75 3.00 9.85 3.73
C LEU A 75 3.51 8.93 2.63
N PHE A 76 4.50 8.12 2.96
CA PHE A 76 5.08 7.19 1.99
C PHE A 76 4.01 6.25 1.44
N THR A 77 3.19 5.70 2.34
CA THR A 77 2.13 4.78 1.95
C THR A 77 1.09 5.48 1.07
N MET A 78 0.60 6.62 1.55
CA MET A 78 -0.39 7.40 0.81
C MET A 78 0.14 7.78 -0.57
N ILE A 79 1.42 8.11 -0.64
CA ILE A 79 2.05 8.48 -1.90
C ILE A 79 2.21 7.29 -2.83
N PHE A 80 2.56 6.15 -2.24
CA PHE A 80 2.74 4.92 -3.01
C PHE A 80 1.41 4.42 -3.57
N VAL A 81 0.45 4.19 -2.67
CA VAL A 81 -0.86 3.70 -3.07
C VAL A 81 -1.50 4.64 -4.09
N THR A 82 -1.11 5.91 -4.05
CA THR A 82 -1.65 6.90 -4.97
C THR A 82 -1.18 6.65 -6.39
N LEU A 83 0.13 6.69 -6.61
CA LEU A 83 0.70 6.46 -7.93
C LEU A 83 0.31 5.08 -8.45
N SER A 84 0.05 4.15 -7.54
CA SER A 84 -0.33 2.80 -7.90
C SER A 84 -1.66 2.78 -8.64
N ILE A 85 -2.65 3.46 -8.07
CA ILE A 85 -3.98 3.53 -8.67
C ILE A 85 -3.93 4.25 -10.01
N VAL A 86 -2.93 5.09 -10.19
CA VAL A 86 -2.77 5.85 -11.43
C VAL A 86 -2.22 4.95 -12.54
N ILE A 87 -1.14 4.25 -12.25
CA ILE A 87 -0.53 3.35 -13.23
C ILE A 87 -1.41 2.14 -13.50
N THR A 88 -1.97 1.57 -12.43
CA THR A 88 -2.84 0.40 -12.56
C THR A 88 -4.04 0.71 -13.45
N VAL A 89 -4.51 1.95 -13.38
CA VAL A 89 -5.67 2.37 -14.18
C VAL A 89 -5.29 2.56 -15.64
N PHE A 90 -4.11 3.14 -15.87
CA PHE A 90 -3.63 3.37 -17.23
C PHE A 90 -3.25 2.06 -17.90
N VAL A 91 -2.39 1.28 -17.25
CA VAL A 91 -1.94 0.01 -17.79
C VAL A 91 -3.13 -0.86 -18.18
N LEU A 92 -4.21 -0.77 -17.41
CA LEU A 92 -5.41 -1.55 -17.67
C LEU A 92 -6.35 -0.80 -18.62
N ASN A 93 -6.16 0.51 -18.71
CA ASN A 93 -6.98 1.35 -19.58
C ASN A 93 -6.72 1.03 -21.05
N VAL A 94 -5.45 0.84 -21.39
CA VAL A 94 -5.06 0.53 -22.76
C VAL A 94 -3.61 0.04 -22.82
N HIS A 95 -3.31 -0.77 -23.82
CA HIS A 95 -1.97 -1.31 -23.99
C HIS A 95 -1.42 -0.98 -25.39
N HIS A 96 -0.71 0.14 -25.48
CA HIS A 96 -0.13 0.57 -26.75
C HIS A 96 1.20 -0.12 -27.00
N ARG A 97 2.01 -0.24 -25.96
CA ARG A 97 3.32 -0.88 -26.06
C ARG A 97 3.40 -2.12 -25.18
N SER A 98 4.35 -2.99 -25.47
CA SER A 98 4.54 -4.21 -24.70
C SER A 98 6.01 -4.40 -24.31
N PRO A 99 6.24 -5.24 -23.29
CA PRO A 99 7.59 -5.52 -22.80
C PRO A 99 8.40 -6.35 -23.79
N GLU A 100 7.79 -7.41 -24.31
CA GLU A 100 8.46 -8.28 -25.27
C GLU A 100 7.48 -9.30 -25.84
N THR A 101 6.62 -9.85 -24.99
CA THR A 101 5.64 -10.83 -25.42
C THR A 101 4.52 -10.18 -26.22
N HIS A 102 3.89 -10.97 -27.09
CA HIS A 102 2.80 -10.47 -27.92
C HIS A 102 1.63 -11.43 -27.92
N THR A 103 1.88 -12.67 -28.34
CA THR A 103 0.85 -13.70 -28.38
C THR A 103 0.67 -14.36 -27.03
N GLY A 104 -0.52 -14.90 -26.79
CA GLY A 104 -0.80 -15.56 -25.53
C GLY A 104 -0.59 -14.64 -24.34
N GLY A 105 -1.62 -13.88 -23.99
CA GLY A 105 -1.52 -12.96 -22.87
C GLY A 105 -2.78 -12.93 -22.03
N GLY A 106 -2.66 -12.44 -20.80
CA GLY A 106 -3.82 -12.37 -19.92
C GLY A 106 -4.08 -13.68 -19.21
N GLY A 107 -3.25 -13.98 -18.21
CA GLY A 107 -3.42 -15.21 -17.45
C GLY A 107 -2.67 -15.19 -16.14
N GLY A 108 -1.43 -14.74 -16.17
CA GLY A 108 -0.63 -14.68 -14.96
C GLY A 108 -0.44 -13.26 -14.46
N ILE A 109 -1.14 -12.32 -15.08
CA ILE A 109 -1.05 -10.92 -14.69
C ILE A 109 -1.80 -10.65 -13.38
N ASP A 110 -2.80 -11.49 -13.10
CA ASP A 110 -3.58 -11.36 -11.89
C ASP A 110 -2.81 -11.86 -10.67
N ARG A 111 -2.21 -13.04 -10.82
CA ARG A 111 -1.44 -13.64 -9.73
C ARG A 111 -0.23 -12.77 -9.38
N ILE A 112 0.46 -12.28 -10.41
CA ILE A 112 1.63 -11.43 -10.21
C ILE A 112 1.23 -10.06 -9.69
N PHE A 113 0.04 -9.60 -10.08
CA PHE A 113 -0.45 -8.30 -9.66
C PHE A 113 -0.47 -8.19 -8.13
N LEU A 114 -1.22 -9.07 -7.49
CA LEU A 114 -1.33 -9.07 -6.04
C LEU A 114 0.02 -9.41 -5.39
N TRP A 115 0.86 -10.12 -6.14
CA TRP A 115 2.18 -10.52 -5.65
C TRP A 115 3.07 -9.30 -5.48
N MET A 116 2.82 -8.27 -6.28
CA MET A 116 3.61 -7.05 -6.21
C MET A 116 3.20 -6.19 -5.01
N PHE A 117 1.89 -5.97 -4.87
CA PHE A 117 1.37 -5.17 -3.76
C PHE A 117 1.92 -5.67 -2.43
N ILE A 118 1.95 -6.99 -2.27
CA ILE A 118 2.44 -7.60 -1.04
C ILE A 118 3.96 -7.60 -1.00
N ILE A 119 4.58 -7.51 -2.17
CA ILE A 119 6.03 -7.50 -2.28
C ILE A 119 6.61 -6.20 -1.74
N VAL A 120 5.87 -5.11 -1.89
CA VAL A 120 6.30 -3.80 -1.41
C VAL A 120 5.95 -3.61 0.06
N CYS A 121 4.86 -4.24 0.49
CA CYS A 121 4.41 -4.14 1.86
C CYS A 121 5.47 -4.68 2.82
N LEU A 122 5.97 -5.88 2.53
CA LEU A 122 6.99 -6.51 3.36
C LEU A 122 8.35 -5.88 3.13
N LEU A 123 8.80 -5.90 1.87
CA LEU A 123 10.09 -5.32 1.51
C LEU A 123 10.22 -3.89 2.02
N GLY A 124 9.26 -3.05 1.65
CA GLY A 124 9.28 -1.67 2.08
C GLY A 124 9.41 -1.53 3.59
N THR A 125 8.61 -2.29 4.32
CA THR A 125 8.65 -2.25 5.78
C THR A 125 10.01 -2.65 6.31
N VAL A 126 10.51 -3.80 5.84
CA VAL A 126 11.82 -4.29 6.27
C VAL A 126 12.92 -3.28 5.95
N GLY A 127 13.03 -2.92 4.67
CA GLY A 127 14.04 -1.98 4.26
C GLY A 127 14.01 -0.70 5.08
N LEU A 128 12.83 -0.30 5.52
CA LEU A 128 12.66 0.90 6.31
C LEU A 128 13.23 0.71 7.72
N PHE A 129 13.06 -0.50 8.26
CA PHE A 129 13.55 -0.80 9.59
C PHE A 129 15.08 -0.74 9.64
N LEU A 130 15.71 -0.98 8.50
CA LEU A 130 17.16 -0.95 8.41
C LEU A 130 17.80 -1.90 9.42
N PRO A 131 17.67 -3.22 9.17
CA PRO A 131 18.22 -4.24 10.05
C PRO A 131 19.74 -4.29 10.01
N PRO A 132 20.34 -5.01 10.97
CA PRO A 132 21.79 -5.15 11.07
C PRO A 132 22.38 -5.99 9.93
N TRP A 133 21.63 -6.99 9.50
CA TRP A 133 22.08 -7.86 8.42
C TRP A 133 22.14 -7.11 7.10
N LEU A 134 21.32 -6.07 6.98
CA LEU A 134 21.29 -5.26 5.76
C LEU A 134 21.81 -3.86 6.04
N ALA A 135 22.38 -3.66 7.22
CA ALA A 135 22.93 -2.36 7.60
C ALA A 135 24.20 -2.04 6.82
N GLY A 136 25.19 -2.92 6.94
CA GLY A 136 26.44 -2.71 6.24
C GLY A 136 27.00 -3.99 5.66
N GLU A 137 27.53 -4.87 6.53
CA GLU A 137 28.09 -6.13 6.09
C GLU A 137 27.01 -7.05 5.54
N GLU A 4 1.62 9.78 24.78
CA GLU A 4 1.32 9.51 26.18
C GLU A 4 0.55 8.20 26.33
N GLU A 5 0.42 7.48 25.23
CA GLU A 5 -0.31 6.20 25.23
C GLU A 5 -0.20 5.51 23.87
N LEU A 6 0.92 5.72 23.19
CA LEU A 6 1.13 5.12 21.88
C LEU A 6 2.52 4.49 21.80
N PRO A 7 2.77 3.48 22.65
CA PRO A 7 4.05 2.77 22.69
C PRO A 7 4.27 1.91 21.45
N LEU A 8 5.41 1.22 21.41
CA LEU A 8 5.74 0.36 20.28
C LEU A 8 4.61 -0.61 19.98
N PHE A 9 3.93 -1.07 21.04
CA PHE A 9 2.82 -2.01 20.89
C PHE A 9 1.81 -1.49 19.87
N TYR A 10 1.69 -0.17 19.78
CA TYR A 10 0.76 0.44 18.84
C TYR A 10 1.31 0.41 17.41
N THR A 11 2.62 0.54 17.29
CA THR A 11 3.28 0.52 15.99
C THR A 11 3.16 -0.84 15.34
N ILE A 12 3.12 -1.89 16.16
CA ILE A 12 3.00 -3.25 15.65
C ILE A 12 1.55 -3.60 15.34
N ASN A 13 0.63 -2.94 16.03
CA ASN A 13 -0.80 -3.17 15.81
C ASN A 13 -1.31 -2.37 14.62
N LEU A 14 -0.56 -1.34 14.25
CA LEU A 14 -0.94 -0.48 13.13
C LEU A 14 -0.30 -0.99 11.83
N ILE A 15 0.86 -1.62 11.95
CA ILE A 15 1.56 -2.14 10.79
C ILE A 15 0.92 -3.44 10.30
N ILE A 16 0.40 -4.23 11.23
CA ILE A 16 -0.25 -5.48 10.88
C ILE A 16 -1.31 -5.29 9.80
N PRO A 17 -2.29 -4.42 10.07
CA PRO A 17 -3.36 -4.12 9.14
C PRO A 17 -2.88 -3.34 7.92
N CYS A 18 -1.81 -2.56 8.11
CA CYS A 18 -1.25 -1.77 7.04
C CYS A 18 -0.99 -2.63 5.80
N LEU A 19 -0.49 -3.83 6.02
CA LEU A 19 -0.20 -4.76 4.92
C LEU A 19 -1.47 -5.47 4.46
N LEU A 20 -2.26 -5.94 5.41
CA LEU A 20 -3.50 -6.64 5.10
C LEU A 20 -4.36 -5.81 4.14
N ILE A 21 -4.49 -4.52 4.44
CA ILE A 21 -5.29 -3.63 3.61
C ILE A 21 -4.58 -3.32 2.30
N SER A 22 -3.25 -3.30 2.35
CA SER A 22 -2.45 -3.01 1.17
C SER A 22 -2.56 -4.13 0.14
N CYS A 23 -2.17 -5.33 0.54
CA CYS A 23 -2.22 -6.49 -0.33
C CYS A 23 -3.64 -6.70 -0.88
N LEU A 24 -4.63 -6.43 -0.03
CA LEU A 24 -6.03 -6.59 -0.43
C LEU A 24 -6.31 -5.84 -1.73
N THR A 25 -6.02 -4.55 -1.74
CA THR A 25 -6.24 -3.73 -2.92
C THR A 25 -5.58 -4.34 -4.15
N VAL A 26 -4.36 -4.83 -3.98
CA VAL A 26 -3.62 -5.45 -5.07
C VAL A 26 -4.29 -6.75 -5.53
N LEU A 27 -4.87 -7.47 -4.58
CA LEU A 27 -5.54 -8.74 -4.88
C LEU A 27 -6.63 -8.53 -5.92
N VAL A 28 -7.62 -7.70 -5.59
CA VAL A 28 -8.73 -7.43 -6.49
C VAL A 28 -8.22 -6.84 -7.80
N PHE A 29 -7.07 -6.18 -7.76
CA PHE A 29 -6.48 -5.57 -8.94
C PHE A 29 -5.78 -6.63 -9.81
N TYR A 30 -5.57 -7.81 -9.23
CA TYR A 30 -4.92 -8.90 -9.94
C TYR A 30 -5.95 -9.78 -10.65
N LEU A 31 -7.11 -9.95 -10.02
CA LEU A 31 -8.18 -10.76 -10.59
C LEU A 31 -9.54 -10.08 -10.42
N PRO A 32 -9.77 -9.02 -11.21
CA PRO A 32 -11.02 -8.26 -11.16
C PRO A 32 -12.20 -9.06 -11.71
N SER A 33 -13.40 -8.75 -11.21
CA SER A 33 -14.61 -9.44 -11.65
C SER A 33 -15.51 -8.51 -12.45
N GLU A 34 -15.32 -7.21 -12.26
CA GLU A 34 -16.11 -6.20 -12.95
C GLU A 34 -15.27 -4.97 -13.28
N CYS A 35 -15.78 -4.14 -14.18
CA CYS A 35 -15.08 -2.91 -14.58
C CYS A 35 -15.51 -1.74 -13.73
N GLY A 36 -16.52 -1.94 -12.89
CA GLY A 36 -17.01 -0.89 -12.02
C GLY A 36 -16.71 -1.14 -10.56
N GLU A 37 -16.94 -2.36 -10.12
CA GLU A 37 -16.70 -2.74 -8.72
C GLU A 37 -15.28 -2.35 -8.31
N LYS A 38 -14.35 -2.40 -9.26
CA LYS A 38 -12.96 -2.05 -8.99
C LYS A 38 -12.85 -0.63 -8.46
N ILE A 39 -13.39 0.32 -9.22
CA ILE A 39 -13.33 1.73 -8.82
C ILE A 39 -13.99 1.94 -7.46
N THR A 40 -15.10 1.24 -7.23
CA THR A 40 -15.82 1.35 -5.96
C THR A 40 -14.96 0.89 -4.80
N LEU A 41 -14.40 -0.31 -4.92
CA LEU A 41 -13.55 -0.86 -3.87
C LEU A 41 -12.32 0.01 -3.65
N CYS A 42 -11.78 0.56 -4.73
CA CYS A 42 -10.61 1.42 -4.66
C CYS A 42 -10.84 2.57 -3.70
N ILE A 43 -11.97 3.25 -3.85
CA ILE A 43 -12.32 4.37 -3.00
C ILE A 43 -12.66 3.90 -1.58
N SER A 44 -13.12 2.66 -1.47
CA SER A 44 -13.50 2.10 -0.17
C SER A 44 -12.25 1.86 0.69
N VAL A 45 -11.37 0.98 0.22
CA VAL A 45 -10.15 0.66 0.94
C VAL A 45 -9.36 1.93 1.28
N LEU A 46 -9.18 2.79 0.29
CA LEU A 46 -8.46 4.05 0.49
C LEU A 46 -9.03 4.82 1.68
N LEU A 47 -10.35 4.84 1.79
CA LEU A 47 -11.03 5.54 2.87
C LEU A 47 -10.51 5.07 4.23
N SER A 48 -10.41 3.75 4.39
CA SER A 48 -9.93 3.18 5.65
C SER A 48 -8.53 3.69 5.98
N LEU A 49 -7.74 3.94 4.95
CA LEU A 49 -6.38 4.44 5.13
C LEU A 49 -6.39 5.91 5.55
N THR A 50 -7.45 6.63 5.16
CA THR A 50 -7.57 8.04 5.50
C THR A 50 -8.09 8.22 6.92
N VAL A 51 -9.18 7.54 7.24
CA VAL A 51 -9.78 7.61 8.57
C VAL A 51 -8.74 7.35 9.65
N PHE A 52 -7.87 6.38 9.40
CA PHE A 52 -6.83 6.02 10.36
C PHE A 52 -5.66 7.00 10.28
N LEU A 53 -5.45 7.56 9.09
CA LEU A 53 -4.37 8.52 8.90
C LEU A 53 -4.60 9.79 9.71
N LEU A 54 -5.80 10.34 9.60
CA LEU A 54 -6.15 11.56 10.33
C LEU A 54 -6.11 11.31 11.83
N LEU A 55 -6.72 10.22 12.27
CA LEU A 55 -6.76 9.88 13.69
C LEU A 55 -5.35 9.89 14.29
N ILE A 56 -4.36 9.53 13.48
CA ILE A 56 -2.98 9.50 13.93
C ILE A 56 -2.38 10.91 13.96
N THR A 57 -2.85 11.77 13.05
CA THR A 57 -2.37 13.13 12.97
C THR A 57 -2.95 13.99 14.10
N GLU A 58 -3.98 13.47 14.75
CA GLU A 58 -4.62 14.19 15.86
C GLU A 58 -3.95 13.85 17.18
N ILE A 59 -3.60 12.58 17.36
CA ILE A 59 -2.95 12.13 18.58
C ILE A 59 -1.47 12.51 18.59
N ILE A 60 -0.89 12.67 17.40
CA ILE A 60 0.51 13.03 17.28
C ILE A 60 1.40 12.05 18.02
N PRO A 61 1.57 10.84 17.46
CA PRO A 61 2.40 9.80 18.06
C PRO A 61 3.88 10.13 18.01
N SER A 62 4.22 11.19 17.29
CA SER A 62 5.61 11.62 17.15
C SER A 62 6.12 12.21 18.46
N THR A 63 6.70 11.35 19.30
CA THR A 63 7.23 11.79 20.58
C THR A 63 8.30 10.82 21.10
N SER A 64 8.96 10.14 20.17
CA SER A 64 10.01 9.19 20.52
C SER A 64 11.39 9.72 20.15
N SER A 65 12.33 9.62 21.09
CA SER A 65 13.68 10.09 20.86
C SER A 65 14.60 8.95 20.45
N VAL A 66 14.01 7.79 20.20
CA VAL A 66 14.77 6.61 19.79
C VAL A 66 14.54 6.29 18.32
N SER A 67 13.47 6.84 17.76
CA SER A 67 13.13 6.61 16.36
C SER A 67 12.04 7.55 15.89
N PRO A 68 11.93 7.73 14.57
CA PRO A 68 10.92 8.61 13.97
C PRO A 68 9.50 8.06 14.12
N SER A 69 8.52 8.90 13.84
CA SER A 69 7.12 8.49 13.95
C SER A 69 6.58 8.05 12.59
N ILE A 70 5.33 7.57 12.58
CA ILE A 70 4.70 7.10 11.36
C ILE A 70 4.25 8.28 10.50
N GLY A 71 4.22 9.47 11.10
CA GLY A 71 3.81 10.65 10.36
C GLY A 71 4.57 10.83 9.07
N GLU A 72 5.80 10.32 9.02
CA GLU A 72 6.63 10.43 7.83
C GLU A 72 6.31 9.32 6.84
N TYR A 73 5.88 8.18 7.36
CA TYR A 73 5.53 7.03 6.52
C TYR A 73 4.17 7.21 5.88
N LEU A 74 3.19 7.59 6.69
CA LEU A 74 1.83 7.80 6.21
C LEU A 74 1.79 8.91 5.17
N LEU A 75 2.75 9.83 5.24
CA LEU A 75 2.83 10.94 4.30
C LEU A 75 3.35 10.47 2.95
N PHE A 76 4.56 9.92 2.94
CA PHE A 76 5.17 9.44 1.72
C PHE A 76 4.31 8.35 1.07
N THR A 77 3.88 7.39 1.88
CA THR A 77 3.05 6.29 1.40
C THR A 77 1.76 6.82 0.77
N MET A 78 1.16 7.83 1.40
CA MET A 78 -0.07 8.42 0.91
C MET A 78 0.07 8.83 -0.56
N ILE A 79 1.11 9.61 -0.85
CA ILE A 79 1.36 10.07 -2.21
C ILE A 79 1.83 8.93 -3.10
N PHE A 80 2.37 7.88 -2.48
CA PHE A 80 2.87 6.72 -3.22
C PHE A 80 1.71 5.90 -3.77
N VAL A 81 0.81 5.48 -2.88
CA VAL A 81 -0.34 4.68 -3.29
C VAL A 81 -1.20 5.43 -4.30
N THR A 82 -1.20 6.76 -4.19
CA THR A 82 -1.98 7.59 -5.10
C THR A 82 -1.46 7.50 -6.52
N LEU A 83 -0.17 7.77 -6.69
CA LEU A 83 0.46 7.72 -8.01
C LEU A 83 0.37 6.32 -8.60
N SER A 84 0.29 5.32 -7.73
CA SER A 84 0.19 3.93 -8.17
C SER A 84 -1.12 3.67 -8.89
N ILE A 85 -2.23 4.05 -8.26
CA ILE A 85 -3.55 3.87 -8.84
C ILE A 85 -3.71 4.70 -10.11
N VAL A 86 -2.92 5.77 -10.21
CA VAL A 86 -2.98 6.65 -11.37
C VAL A 86 -2.16 6.10 -12.52
N ILE A 87 -0.92 5.72 -12.23
CA ILE A 87 -0.03 5.17 -13.24
C ILE A 87 -0.47 3.77 -13.67
N THR A 88 -1.14 3.06 -12.75
CA THR A 88 -1.62 1.71 -13.03
C THR A 88 -2.77 1.75 -14.02
N VAL A 89 -3.78 2.58 -13.74
CA VAL A 89 -4.94 2.69 -14.61
C VAL A 89 -4.55 3.25 -15.97
N PHE A 90 -3.45 3.99 -16.00
CA PHE A 90 -2.97 4.59 -17.25
C PHE A 90 -2.47 3.51 -18.21
N VAL A 91 -1.43 2.78 -17.79
CA VAL A 91 -0.86 1.72 -18.60
C VAL A 91 -1.93 0.75 -19.09
N LEU A 92 -2.92 0.51 -18.24
CA LEU A 92 -4.01 -0.40 -18.58
C LEU A 92 -5.03 0.29 -19.48
N ASN A 93 -5.15 1.61 -19.32
CA ASN A 93 -6.10 2.39 -20.12
C ASN A 93 -5.70 2.36 -21.59
N VAL A 94 -4.42 2.58 -21.86
CA VAL A 94 -3.92 2.59 -23.23
C VAL A 94 -3.85 1.17 -23.80
N HIS A 95 -4.00 0.18 -22.93
CA HIS A 95 -3.96 -1.22 -23.34
C HIS A 95 -5.36 -1.77 -23.54
N HIS A 96 -5.80 -1.83 -24.80
CA HIS A 96 -7.13 -2.34 -25.13
C HIS A 96 -7.03 -3.60 -25.97
N ARG A 97 -5.91 -4.31 -25.85
CA ARG A 97 -5.70 -5.54 -26.61
C ARG A 97 -6.17 -6.75 -25.81
N SER A 98 -6.75 -7.71 -26.52
CA SER A 98 -7.25 -8.93 -25.87
C SER A 98 -7.77 -9.91 -26.92
N PRO A 99 -7.89 -11.19 -26.52
CA PRO A 99 -8.38 -12.26 -27.40
C PRO A 99 -9.86 -12.12 -27.71
N GLU A 100 -10.65 -11.85 -26.67
CA GLU A 100 -12.09 -11.69 -26.82
C GLU A 100 -12.74 -11.27 -25.51
N THR A 101 -12.34 -11.91 -24.42
CA THR A 101 -12.87 -11.61 -23.11
C THR A 101 -12.00 -10.59 -22.38
N HIS A 102 -12.42 -10.22 -21.17
CA HIS A 102 -11.68 -9.25 -20.37
C HIS A 102 -11.23 -9.87 -19.05
N THR A 103 -10.63 -11.06 -19.13
CA THR A 103 -10.16 -11.76 -17.95
C THR A 103 -8.67 -11.55 -17.75
N GLY A 104 -8.31 -10.68 -16.81
CA GLY A 104 -6.90 -10.41 -16.56
C GLY A 104 -6.25 -9.57 -17.64
N GLY A 105 -5.03 -9.93 -18.00
CA GLY A 105 -4.31 -9.19 -19.03
C GLY A 105 -2.82 -9.28 -18.88
N GLY A 106 -2.12 -9.56 -19.99
CA GLY A 106 -0.68 -9.68 -19.94
C GLY A 106 -0.22 -11.07 -19.58
N GLY A 107 1.09 -11.28 -19.59
CA GLY A 107 1.64 -12.58 -19.25
C GLY A 107 2.43 -12.57 -17.95
N GLY A 108 3.60 -11.96 -17.98
CA GLY A 108 4.43 -11.89 -16.78
C GLY A 108 4.35 -10.54 -16.10
N ILE A 109 3.50 -9.66 -16.64
CA ILE A 109 3.33 -8.33 -16.07
C ILE A 109 2.48 -8.37 -14.81
N ASP A 110 1.56 -9.33 -14.76
CA ASP A 110 0.68 -9.48 -13.62
C ASP A 110 1.45 -9.95 -12.39
N ARG A 111 2.25 -11.01 -12.56
CA ARG A 111 3.04 -11.56 -11.47
C ARG A 111 4.02 -10.52 -10.93
N ILE A 112 4.67 -9.80 -11.84
CA ILE A 112 5.64 -8.78 -11.45
C ILE A 112 4.92 -7.55 -10.87
N PHE A 113 3.72 -7.28 -11.35
CA PHE A 113 2.95 -6.14 -10.89
C PHE A 113 2.77 -6.19 -9.36
N LEU A 114 2.14 -7.26 -8.89
CA LEU A 114 1.90 -7.43 -7.47
C LEU A 114 3.23 -7.59 -6.71
N TRP A 115 4.25 -8.06 -7.41
CA TRP A 115 5.57 -8.25 -6.81
C TRP A 115 6.20 -6.92 -6.45
N MET A 116 5.82 -5.87 -7.18
CA MET A 116 6.36 -4.53 -6.93
C MET A 116 5.68 -3.89 -5.72
N PHE A 117 4.35 -3.93 -5.69
CA PHE A 117 3.60 -3.35 -4.59
C PHE A 117 4.10 -3.88 -3.24
N ILE A 118 4.38 -5.18 -3.20
CA ILE A 118 4.86 -5.82 -1.97
C ILE A 118 6.35 -5.55 -1.77
N ILE A 119 7.04 -5.22 -2.87
CA ILE A 119 8.47 -4.95 -2.81
C ILE A 119 8.74 -3.62 -2.10
N VAL A 120 7.82 -2.68 -2.24
CA VAL A 120 7.95 -1.36 -1.61
C VAL A 120 7.44 -1.39 -0.18
N CYS A 121 6.46 -2.25 0.08
CA CYS A 121 5.88 -2.37 1.41
C CYS A 121 6.89 -2.94 2.39
N LEU A 122 7.61 -3.96 1.97
CA LEU A 122 8.62 -4.60 2.81
C LEU A 122 9.87 -3.74 2.91
N LEU A 123 10.32 -3.23 1.76
CA LEU A 123 11.51 -2.39 1.71
C LEU A 123 11.37 -1.18 2.64
N GLY A 124 10.39 -0.33 2.36
CA GLY A 124 10.16 0.84 3.17
C GLY A 124 10.02 0.51 4.65
N THR A 125 9.11 -0.40 4.96
CA THR A 125 8.88 -0.81 6.34
C THR A 125 10.19 -1.23 7.01
N VAL A 126 11.03 -1.95 6.27
CA VAL A 126 12.30 -2.41 6.80
C VAL A 126 13.25 -1.24 7.04
N GLY A 127 13.39 -0.39 6.03
CA GLY A 127 14.28 0.76 6.15
C GLY A 127 13.85 1.71 7.24
N LEU A 128 12.59 1.59 7.66
CA LEU A 128 12.04 2.45 8.71
C LEU A 128 12.41 1.92 10.09
N PHE A 129 12.29 0.60 10.26
CA PHE A 129 12.60 -0.03 11.53
C PHE A 129 14.11 -0.12 11.75
N LEU A 130 14.82 -0.58 10.71
CA LEU A 130 16.27 -0.70 10.78
C LEU A 130 16.68 -1.71 11.85
N PRO A 131 16.43 -3.00 11.59
CA PRO A 131 16.77 -4.08 12.52
C PRO A 131 18.26 -4.29 12.64
N PRO A 132 18.67 -5.08 13.65
CA PRO A 132 20.08 -5.39 13.90
C PRO A 132 20.68 -6.29 12.83
N TRP A 133 19.95 -7.33 12.46
CA TRP A 133 20.40 -8.28 11.45
C TRP A 133 20.80 -7.55 10.16
N LEU A 134 20.12 -6.45 9.88
CA LEU A 134 20.40 -5.66 8.68
C LEU A 134 20.98 -4.30 9.06
N ALA A 135 21.75 -4.27 10.15
CA ALA A 135 22.37 -3.03 10.61
C ALA A 135 23.87 -3.05 10.38
N GLY A 136 24.51 -4.16 10.78
CA GLY A 136 25.94 -4.28 10.62
C GLY A 136 26.37 -5.70 10.30
N GLU A 137 26.30 -6.58 11.30
CA GLU A 137 26.68 -7.97 11.13
C GLU A 137 25.48 -8.82 10.76
N GLU A 4 3.18 10.50 24.29
CA GLU A 4 3.07 10.23 25.71
C GLU A 4 2.15 9.05 25.97
N GLU A 5 1.85 8.29 24.92
CA GLU A 5 0.99 7.13 25.03
C GLU A 5 0.92 6.37 23.71
N LEU A 6 2.03 6.38 22.97
CA LEU A 6 2.10 5.69 21.68
C LEU A 6 3.39 4.88 21.58
N PRO A 7 3.55 3.90 22.48
CA PRO A 7 4.73 3.03 22.50
C PRO A 7 4.77 2.08 21.31
N LEU A 8 5.82 1.27 21.25
CA LEU A 8 5.98 0.31 20.16
C LEU A 8 4.73 -0.54 19.99
N PHE A 9 4.07 -0.83 21.10
CA PHE A 9 2.85 -1.64 21.07
C PHE A 9 1.85 -1.07 20.05
N TYR A 10 1.88 0.24 19.87
CA TYR A 10 0.97 0.90 18.94
C TYR A 10 1.44 0.71 17.51
N THR A 11 2.76 0.68 17.31
CA THR A 11 3.34 0.50 15.99
C THR A 11 3.03 -0.88 15.44
N ILE A 12 2.91 -1.86 16.32
CA ILE A 12 2.62 -3.23 15.92
C ILE A 12 1.12 -3.42 15.69
N ASN A 13 0.31 -2.62 16.36
CA ASN A 13 -1.14 -2.69 16.23
C ASN A 13 -1.60 -1.91 15.01
N LEU A 14 -0.77 -1.00 14.53
CA LEU A 14 -1.10 -0.18 13.37
C LEU A 14 -0.59 -0.84 12.09
N ILE A 15 0.49 -1.59 12.20
CA ILE A 15 1.07 -2.28 11.06
C ILE A 15 0.26 -3.51 10.68
N ILE A 16 -0.30 -4.17 11.68
CA ILE A 16 -1.11 -5.37 11.45
C ILE A 16 -2.17 -5.12 10.40
N PRO A 17 -3.04 -4.12 10.66
CA PRO A 17 -4.13 -3.75 9.75
C PRO A 17 -3.60 -3.11 8.46
N CYS A 18 -2.46 -2.46 8.55
CA CYS A 18 -1.85 -1.80 7.40
C CYS A 18 -1.75 -2.77 6.22
N LEU A 19 -1.40 -4.01 6.50
CA LEU A 19 -1.27 -5.03 5.47
C LEU A 19 -2.62 -5.61 5.10
N LEU A 20 -3.43 -5.91 6.12
CA LEU A 20 -4.75 -6.48 5.91
C LEU A 20 -5.55 -5.63 4.93
N ILE A 21 -5.52 -4.32 5.12
CA ILE A 21 -6.25 -3.41 4.24
C ILE A 21 -5.56 -3.29 2.88
N SER A 22 -4.24 -3.40 2.88
CA SER A 22 -3.46 -3.31 1.64
C SER A 22 -3.77 -4.49 0.73
N CYS A 23 -3.53 -5.69 1.23
CA CYS A 23 -3.77 -6.91 0.45
C CYS A 23 -5.22 -6.97 -0.02
N LEU A 24 -6.14 -6.50 0.82
CA LEU A 24 -7.55 -6.49 0.48
C LEU A 24 -7.79 -5.84 -0.87
N THR A 25 -7.25 -4.64 -1.04
CA THR A 25 -7.41 -3.90 -2.29
C THR A 25 -6.92 -4.73 -3.48
N VAL A 26 -5.72 -5.30 -3.36
CA VAL A 26 -5.15 -6.12 -4.41
C VAL A 26 -5.97 -7.39 -4.63
N LEU A 27 -6.67 -7.82 -3.59
CA LEU A 27 -7.49 -9.02 -3.67
C LEU A 27 -8.56 -8.88 -4.75
N VAL A 28 -9.42 -7.88 -4.61
CA VAL A 28 -10.48 -7.63 -5.57
C VAL A 28 -9.91 -7.27 -6.93
N PHE A 29 -8.68 -6.75 -6.95
CA PHE A 29 -8.03 -6.37 -8.19
C PHE A 29 -7.47 -7.60 -8.90
N TYR A 30 -7.42 -8.71 -8.20
CA TYR A 30 -6.90 -9.95 -8.77
C TYR A 30 -8.01 -10.76 -9.43
N LEU A 31 -9.07 -11.04 -8.68
CA LEU A 31 -10.20 -11.80 -9.19
C LEU A 31 -11.51 -11.07 -8.92
N PRO A 32 -11.75 -9.98 -9.64
CA PRO A 32 -12.96 -9.18 -9.51
C PRO A 32 -14.20 -9.90 -10.02
N SER A 33 -15.24 -9.94 -9.19
CA SER A 33 -16.49 -10.61 -9.56
C SER A 33 -17.45 -9.64 -10.23
N GLU A 34 -17.64 -8.49 -9.59
CA GLU A 34 -18.54 -7.45 -10.13
C GLU A 34 -17.75 -6.26 -10.65
N CYS A 35 -18.44 -5.38 -11.36
CA CYS A 35 -17.81 -4.18 -11.91
C CYS A 35 -18.02 -2.97 -11.01
N GLY A 36 -18.92 -3.13 -10.03
CA GLY A 36 -19.22 -2.04 -9.12
C GLY A 36 -18.50 -2.19 -7.79
N GLU A 37 -18.41 -3.43 -7.31
CA GLU A 37 -17.73 -3.70 -6.04
C GLU A 37 -16.24 -3.43 -6.14
N LYS A 38 -15.71 -3.50 -7.37
CA LYS A 38 -14.29 -3.26 -7.60
C LYS A 38 -13.90 -1.86 -7.18
N ILE A 39 -14.55 -0.85 -7.77
CA ILE A 39 -14.26 0.53 -7.44
C ILE A 39 -14.70 0.87 -6.01
N THR A 40 -15.82 0.29 -5.59
CA THR A 40 -16.35 0.53 -4.26
C THR A 40 -15.30 0.20 -3.20
N LEU A 41 -14.65 -0.95 -3.35
CA LEU A 41 -13.63 -1.38 -2.40
C LEU A 41 -12.46 -0.41 -2.39
N CYS A 42 -12.03 0.01 -3.56
CA CYS A 42 -10.91 0.94 -3.68
C CYS A 42 -11.16 2.20 -2.85
N ILE A 43 -12.42 2.61 -2.77
CA ILE A 43 -12.79 3.80 -2.00
C ILE A 43 -12.76 3.51 -0.51
N SER A 44 -13.12 2.29 -0.13
CA SER A 44 -13.14 1.88 1.26
C SER A 44 -11.75 1.99 1.88
N VAL A 45 -10.81 1.21 1.38
CA VAL A 45 -9.44 1.21 1.87
C VAL A 45 -8.87 2.63 1.87
N LEU A 46 -9.23 3.40 0.84
CA LEU A 46 -8.75 4.77 0.71
C LEU A 46 -9.20 5.62 1.89
N LEU A 47 -10.51 5.64 2.13
CA LEU A 47 -11.07 6.41 3.24
C LEU A 47 -10.54 5.91 4.58
N SER A 48 -10.57 4.60 4.77
CA SER A 48 -10.09 3.99 6.01
C SER A 48 -8.63 4.37 6.27
N LEU A 49 -7.86 4.50 5.20
CA LEU A 49 -6.45 4.85 5.31
C LEU A 49 -6.29 6.33 5.67
N THR A 50 -7.30 7.13 5.32
CA THR A 50 -7.27 8.56 5.61
C THR A 50 -7.72 8.85 7.04
N VAL A 51 -8.85 8.29 7.42
CA VAL A 51 -9.39 8.48 8.76
C VAL A 51 -8.33 8.16 9.82
N PHE A 52 -7.58 7.10 9.59
CA PHE A 52 -6.54 6.68 10.53
C PHE A 52 -5.30 7.57 10.38
N LEU A 53 -5.05 8.04 9.17
CA LEU A 53 -3.89 8.89 8.91
C LEU A 53 -3.99 10.20 9.69
N LEU A 54 -5.11 10.90 9.52
CA LEU A 54 -5.33 12.17 10.21
C LEU A 54 -5.24 11.98 11.73
N LEU A 55 -5.87 10.92 12.22
CA LEU A 55 -5.85 10.63 13.65
C LEU A 55 -4.43 10.61 14.19
N ILE A 56 -3.49 10.13 13.37
CA ILE A 56 -2.09 10.06 13.76
C ILE A 56 -1.44 11.44 13.71
N THR A 57 -1.95 12.30 12.84
CA THR A 57 -1.41 13.65 12.70
C THR A 57 -1.90 14.56 13.82
N GLU A 58 -2.92 14.10 14.55
CA GLU A 58 -3.48 14.86 15.65
C GLU A 58 -2.76 14.54 16.96
N ILE A 59 -2.41 13.28 17.14
CA ILE A 59 -1.71 12.84 18.34
C ILE A 59 -0.23 13.21 18.29
N ILE A 60 0.31 13.27 17.07
CA ILE A 60 1.71 13.61 16.87
C ILE A 60 2.62 12.62 17.60
N PRO A 61 2.73 11.40 17.04
CA PRO A 61 3.57 10.35 17.61
C PRO A 61 5.06 10.66 17.49
N SER A 62 5.38 11.68 16.72
CA SER A 62 6.77 12.08 16.51
C SER A 62 7.22 13.09 17.56
N THR A 63 7.27 12.63 18.81
CA THR A 63 7.67 13.49 19.92
C THR A 63 8.28 12.67 21.06
N SER A 64 8.82 11.51 20.72
CA SER A 64 9.43 10.64 21.72
C SER A 64 10.95 10.68 21.61
N SER A 65 11.45 11.18 20.49
CA SER A 65 12.88 11.28 20.27
C SER A 65 13.53 9.89 20.26
N VAL A 66 12.70 8.87 20.05
CA VAL A 66 13.18 7.49 20.02
C VAL A 66 13.01 6.87 18.65
N SER A 67 12.07 7.41 17.87
CA SER A 67 11.79 6.92 16.53
C SER A 67 11.34 8.05 15.61
N PRO A 68 11.45 7.83 14.30
CA PRO A 68 11.05 8.81 13.28
C PRO A 68 9.54 9.02 13.24
N SER A 69 9.10 9.91 12.35
CA SER A 69 7.68 10.20 12.20
C SER A 69 7.06 9.33 11.11
N ILE A 70 5.92 8.71 11.43
CA ILE A 70 5.23 7.85 10.48
C ILE A 70 4.64 8.67 9.33
N GLY A 71 4.59 9.99 9.51
CA GLY A 71 4.04 10.85 8.48
C GLY A 71 4.70 10.62 7.14
N GLU A 72 5.95 10.20 7.15
CA GLU A 72 6.69 9.96 5.91
C GLU A 72 6.27 8.62 5.30
N TYR A 73 5.91 7.67 6.14
CA TYR A 73 5.50 6.34 5.69
C TYR A 73 4.07 6.37 5.16
N LEU A 74 3.16 6.93 5.96
CA LEU A 74 1.76 7.03 5.58
C LEU A 74 1.59 7.82 4.29
N LEU A 75 2.49 8.77 4.06
CA LEU A 75 2.46 9.59 2.86
C LEU A 75 2.98 8.82 1.65
N PHE A 76 4.23 8.38 1.74
CA PHE A 76 4.85 7.62 0.66
C PHE A 76 3.98 6.44 0.25
N THR A 77 3.45 5.73 1.23
CA THR A 77 2.61 4.57 0.98
C THR A 77 1.32 4.99 0.27
N MET A 78 0.76 6.11 0.68
CA MET A 78 -0.48 6.61 0.08
C MET A 78 -0.25 7.01 -1.36
N ILE A 79 0.86 7.69 -1.62
CA ILE A 79 1.20 8.13 -2.98
C ILE A 79 1.58 6.95 -3.86
N PHE A 80 2.12 5.91 -3.24
CA PHE A 80 2.53 4.72 -3.97
C PHE A 80 1.33 3.95 -4.48
N VAL A 81 0.40 3.64 -3.59
CA VAL A 81 -0.81 2.91 -3.96
C VAL A 81 -1.66 3.72 -4.95
N THR A 82 -1.58 5.03 -4.85
CA THR A 82 -2.33 5.92 -5.74
C THR A 82 -1.99 5.65 -7.20
N LEU A 83 -0.71 5.80 -7.54
CA LEU A 83 -0.25 5.57 -8.91
C LEU A 83 -0.44 4.11 -9.31
N SER A 84 -0.46 3.23 -8.31
CA SER A 84 -0.62 1.80 -8.57
C SER A 84 -2.01 1.51 -9.14
N ILE A 85 -3.03 2.01 -8.47
CA ILE A 85 -4.42 1.80 -8.91
C ILE A 85 -4.66 2.48 -10.26
N VAL A 86 -3.86 3.51 -10.56
CA VAL A 86 -4.00 4.25 -11.80
C VAL A 86 -3.29 3.52 -12.95
N ILE A 87 -2.05 3.10 -12.70
CA ILE A 87 -1.27 2.39 -13.70
C ILE A 87 -1.80 0.98 -13.92
N THR A 88 -2.43 0.42 -12.89
CA THR A 88 -2.98 -0.92 -12.96
C THR A 88 -4.25 -0.95 -13.80
N VAL A 89 -5.17 -0.04 -13.50
CA VAL A 89 -6.43 0.05 -14.24
C VAL A 89 -6.19 0.46 -15.68
N PHE A 90 -5.08 1.14 -15.93
CA PHE A 90 -4.74 1.60 -17.27
C PHE A 90 -4.38 0.42 -18.17
N VAL A 91 -3.35 -0.33 -17.78
CA VAL A 91 -2.91 -1.48 -18.55
C VAL A 91 -4.05 -2.45 -18.80
N LEU A 92 -4.98 -2.52 -17.85
CA LEU A 92 -6.13 -3.41 -17.98
C LEU A 92 -7.25 -2.74 -18.77
N ASN A 93 -7.23 -1.42 -18.81
CA ASN A 93 -8.25 -0.67 -19.55
C ASN A 93 -8.02 -0.77 -21.05
N VAL A 94 -6.77 -0.57 -21.48
CA VAL A 94 -6.42 -0.64 -22.89
C VAL A 94 -6.77 -2.01 -23.46
N HIS A 95 -7.25 -2.02 -24.71
CA HIS A 95 -7.61 -3.26 -25.37
C HIS A 95 -7.78 -3.05 -26.88
N HIS A 96 -8.60 -2.07 -27.24
CA HIS A 96 -8.84 -1.77 -28.65
C HIS A 96 -8.60 -0.28 -28.93
N ARG A 97 -7.85 0.37 -28.05
CA ARG A 97 -7.56 1.79 -28.20
C ARG A 97 -6.09 2.07 -27.92
N SER A 98 -5.21 1.34 -28.60
CA SER A 98 -3.77 1.52 -28.42
C SER A 98 -3.14 2.17 -29.66
N PRO A 99 -1.95 2.73 -29.48
CA PRO A 99 -1.21 3.39 -30.56
C PRO A 99 -0.69 2.40 -31.59
N GLU A 100 -0.11 1.31 -31.12
CA GLU A 100 0.43 0.28 -32.00
C GLU A 100 0.98 -0.90 -31.20
N THR A 101 2.03 -0.64 -30.42
CA THR A 101 2.65 -1.67 -29.61
C THR A 101 2.73 -1.24 -28.15
N HIS A 102 2.00 -1.95 -27.29
CA HIS A 102 2.00 -1.64 -25.86
C HIS A 102 1.82 -2.91 -25.04
N THR A 103 0.76 -3.66 -25.33
CA THR A 103 0.48 -4.90 -24.62
C THR A 103 0.08 -6.02 -25.57
N GLY A 104 0.52 -7.23 -25.29
CA GLY A 104 0.19 -8.36 -26.14
C GLY A 104 -0.75 -9.34 -25.46
N GLY A 105 -0.28 -9.97 -24.38
CA GLY A 105 -1.09 -10.92 -23.66
C GLY A 105 -0.67 -11.05 -22.21
N GLY A 106 -0.51 -12.29 -21.76
CA GLY A 106 -0.12 -12.53 -20.38
C GLY A 106 1.06 -13.50 -20.27
N GLY A 107 1.79 -13.42 -19.17
CA GLY A 107 2.92 -14.30 -18.97
C GLY A 107 3.59 -14.09 -17.62
N GLY A 108 2.90 -14.52 -16.56
CA GLY A 108 3.45 -14.37 -15.22
C GLY A 108 3.40 -12.93 -14.73
N ILE A 109 2.58 -12.12 -15.39
CA ILE A 109 2.45 -10.71 -15.02
C ILE A 109 1.61 -10.55 -13.75
N ASP A 110 0.71 -11.51 -13.52
CA ASP A 110 -0.15 -11.47 -12.35
C ASP A 110 0.62 -11.88 -11.09
N ARG A 111 1.35 -12.99 -11.18
CA ARG A 111 2.12 -13.47 -10.04
C ARG A 111 3.17 -12.45 -9.61
N ILE A 112 3.83 -11.84 -10.60
CA ILE A 112 4.85 -10.83 -10.32
C ILE A 112 4.22 -9.53 -9.83
N PHE A 113 3.03 -9.23 -10.34
CA PHE A 113 2.32 -8.01 -9.97
C PHE A 113 2.15 -7.92 -8.46
N LEU A 114 1.46 -8.92 -7.89
CA LEU A 114 1.23 -8.95 -6.45
C LEU A 114 2.54 -9.12 -5.69
N TRP A 115 3.54 -9.70 -6.35
CA TRP A 115 4.84 -9.91 -5.73
C TRP A 115 5.55 -8.59 -5.49
N MET A 116 5.23 -7.58 -6.30
CA MET A 116 5.83 -6.27 -6.16
C MET A 116 5.20 -5.49 -5.01
N PHE A 117 3.88 -5.45 -4.98
CA PHE A 117 3.15 -4.74 -3.93
C PHE A 117 3.63 -5.19 -2.55
N ILE A 118 3.83 -6.49 -2.39
CA ILE A 118 4.30 -7.04 -1.12
C ILE A 118 5.79 -6.84 -0.94
N ILE A 119 6.49 -6.65 -2.06
CA ILE A 119 7.94 -6.44 -2.03
C ILE A 119 8.29 -5.07 -1.43
N VAL A 120 7.41 -4.10 -1.65
CA VAL A 120 7.62 -2.75 -1.14
C VAL A 120 7.12 -2.63 0.29
N CYS A 121 6.08 -3.41 0.62
CA CYS A 121 5.50 -3.38 1.96
C CYS A 121 6.52 -3.83 3.00
N LEU A 122 7.05 -5.04 2.82
CA LEU A 122 8.03 -5.59 3.74
C LEU A 122 9.34 -4.80 3.70
N LEU A 123 9.76 -4.44 2.50
CA LEU A 123 10.98 -3.67 2.31
C LEU A 123 10.89 -2.33 3.01
N GLY A 124 9.91 -1.53 2.63
CA GLY A 124 9.72 -0.22 3.23
C GLY A 124 9.66 -0.28 4.74
N THR A 125 9.06 -1.35 5.26
CA THR A 125 8.93 -1.53 6.71
C THR A 125 10.29 -1.78 7.35
N VAL A 126 10.95 -2.85 6.93
CA VAL A 126 12.26 -3.20 7.47
C VAL A 126 13.24 -2.05 7.31
N GLY A 127 13.18 -1.37 6.16
CA GLY A 127 14.07 -0.26 5.91
C GLY A 127 13.76 0.95 6.78
N LEU A 128 12.48 1.17 7.03
CA LEU A 128 12.05 2.29 7.86
C LEU A 128 12.60 2.18 9.28
N PHE A 129 12.52 0.98 9.84
CA PHE A 129 13.02 0.74 11.19
C PHE A 129 14.54 0.87 11.24
N LEU A 130 15.22 0.25 10.29
CA LEU A 130 16.67 0.30 10.23
C LEU A 130 17.30 -0.23 11.52
N PRO A 131 17.21 -1.55 11.71
CA PRO A 131 17.76 -2.22 12.90
C PRO A 131 19.28 -2.22 12.91
N PRO A 132 19.87 -2.56 14.06
CA PRO A 132 21.32 -2.62 14.22
C PRO A 132 21.95 -3.77 13.45
N TRP A 133 21.29 -4.91 13.46
CA TRP A 133 21.79 -6.09 12.74
C TRP A 133 21.96 -5.79 11.26
N LEU A 134 21.00 -5.09 10.68
CA LEU A 134 21.04 -4.73 9.26
C LEU A 134 21.55 -3.30 9.08
N ALA A 135 22.13 -2.75 10.13
CA ALA A 135 22.67 -1.39 10.07
C ALA A 135 23.85 -1.29 9.11
N GLY A 136 24.93 -1.98 9.45
CA GLY A 136 26.12 -1.96 8.61
C GLY A 136 26.28 -3.23 7.81
N GLU A 137 26.47 -4.34 8.50
CA GLU A 137 26.64 -5.63 7.84
C GLU A 137 25.33 -6.42 7.83
N GLU A 4 3.72 9.40 24.25
CA GLU A 4 3.41 9.31 25.68
C GLU A 4 2.40 8.20 25.95
N GLU A 5 2.06 7.44 24.90
CA GLU A 5 1.11 6.35 25.02
C GLU A 5 1.01 5.57 23.72
N LEU A 6 2.11 5.50 22.98
CA LEU A 6 2.14 4.79 21.72
C LEU A 6 3.36 3.88 21.63
N PRO A 7 3.45 2.89 22.54
CA PRO A 7 4.56 1.95 22.59
C PRO A 7 4.54 0.98 21.41
N LEU A 8 5.51 0.07 21.38
CA LEU A 8 5.60 -0.91 20.32
C LEU A 8 4.28 -1.65 20.12
N PHE A 9 3.57 -1.87 21.22
CA PHE A 9 2.28 -2.56 21.17
C PHE A 9 1.36 -1.91 20.14
N TYR A 10 1.50 -0.61 19.97
CA TYR A 10 0.67 0.13 19.03
C TYR A 10 1.13 -0.13 17.59
N THR A 11 2.44 -0.28 17.41
CA THR A 11 3.01 -0.53 16.09
C THR A 11 2.58 -1.89 15.57
N ILE A 12 2.38 -2.85 16.47
CA ILE A 12 1.97 -4.20 16.10
C ILE A 12 0.49 -4.24 15.75
N ASN A 13 -0.29 -3.38 16.40
CA ASN A 13 -1.72 -3.32 16.16
C ASN A 13 -2.03 -2.47 14.93
N LEU A 14 -1.08 -1.62 14.56
CA LEU A 14 -1.25 -0.74 13.40
C LEU A 14 -0.70 -1.39 12.14
N ILE A 15 0.29 -2.25 12.31
CA ILE A 15 0.91 -2.95 11.19
C ILE A 15 0.02 -4.09 10.70
N ILE A 16 -0.68 -4.73 11.63
CA ILE A 16 -1.57 -5.83 11.29
C ILE A 16 -2.53 -5.46 10.17
N PRO A 17 -3.31 -4.39 10.40
CA PRO A 17 -4.28 -3.91 9.42
C PRO A 17 -3.61 -3.27 8.20
N CYS A 18 -2.42 -2.72 8.41
CA CYS A 18 -1.67 -2.09 7.34
C CYS A 18 -1.49 -3.05 6.17
N LEU A 19 -1.35 -4.33 6.47
CA LEU A 19 -1.17 -5.35 5.44
C LEU A 19 -2.51 -5.79 4.87
N LEU A 20 -3.45 -6.09 5.75
CA LEU A 20 -4.79 -6.53 5.34
C LEU A 20 -5.38 -5.56 4.33
N ILE A 21 -5.21 -4.26 4.57
CA ILE A 21 -5.73 -3.23 3.69
C ILE A 21 -4.86 -3.09 2.45
N SER A 22 -3.56 -3.33 2.60
CA SER A 22 -2.62 -3.22 1.51
C SER A 22 -2.86 -4.32 0.47
N CYS A 23 -2.78 -5.57 0.91
CA CYS A 23 -3.00 -6.71 0.04
C CYS A 23 -4.41 -6.70 -0.54
N LEU A 24 -5.37 -6.25 0.27
CA LEU A 24 -6.76 -6.19 -0.16
C LEU A 24 -6.89 -5.44 -1.48
N THR A 25 -6.36 -4.23 -1.53
CA THR A 25 -6.41 -3.41 -2.74
C THR A 25 -5.77 -4.13 -3.92
N VAL A 26 -4.67 -4.83 -3.65
CA VAL A 26 -3.96 -5.58 -4.68
C VAL A 26 -4.77 -6.78 -5.15
N LEU A 27 -5.64 -7.27 -4.29
CA LEU A 27 -6.47 -8.42 -4.61
C LEU A 27 -7.46 -8.09 -5.73
N VAL A 28 -8.17 -6.97 -5.55
CA VAL A 28 -9.15 -6.53 -6.54
C VAL A 28 -8.46 -6.00 -7.80
N PHE A 29 -7.20 -5.60 -7.66
CA PHE A 29 -6.43 -5.07 -8.77
C PHE A 29 -5.86 -6.21 -9.62
N TYR A 30 -5.71 -7.37 -9.00
CA TYR A 30 -5.16 -8.53 -9.69
C TYR A 30 -6.27 -9.34 -10.37
N LEU A 31 -7.36 -9.57 -9.63
CA LEU A 31 -8.48 -10.32 -10.17
C LEU A 31 -9.79 -9.57 -9.95
N PRO A 32 -9.97 -8.46 -10.69
CA PRO A 32 -11.17 -7.64 -10.59
C PRO A 32 -12.40 -8.34 -11.16
N SER A 33 -13.51 -8.27 -10.42
CA SER A 33 -14.75 -8.90 -10.86
C SER A 33 -15.53 -7.99 -11.80
N GLU A 34 -15.66 -6.73 -11.43
CA GLU A 34 -16.37 -5.76 -12.24
C GLU A 34 -15.58 -4.45 -12.36
N CYS A 35 -15.85 -3.70 -13.43
CA CYS A 35 -15.15 -2.44 -13.67
C CYS A 35 -15.69 -1.35 -12.75
N GLY A 36 -16.98 -1.44 -12.41
CA GLY A 36 -17.60 -0.45 -11.55
C GLY A 36 -17.33 -0.73 -10.08
N GLU A 37 -17.40 -2.00 -9.70
CA GLU A 37 -17.19 -2.39 -8.31
C GLU A 37 -15.79 -1.97 -7.85
N LYS A 38 -14.87 -1.86 -8.79
CA LYS A 38 -13.50 -1.46 -8.48
C LYS A 38 -13.46 -0.05 -7.89
N ILE A 39 -14.03 0.91 -8.62
CA ILE A 39 -14.06 2.29 -8.17
C ILE A 39 -14.65 2.39 -6.76
N THR A 40 -15.78 1.74 -6.56
CA THR A 40 -16.45 1.76 -5.26
C THR A 40 -15.55 1.18 -4.18
N LEU A 41 -14.70 0.25 -4.56
CA LEU A 41 -13.78 -0.39 -3.62
C LEU A 41 -12.64 0.55 -3.25
N CYS A 42 -12.11 1.25 -4.25
CA CYS A 42 -11.01 2.20 -4.03
C CYS A 42 -11.38 3.22 -2.96
N ILE A 43 -12.61 3.71 -3.02
CA ILE A 43 -13.09 4.70 -2.07
C ILE A 43 -13.25 4.09 -0.68
N SER A 44 -13.76 2.86 -0.63
CA SER A 44 -13.97 2.16 0.63
C SER A 44 -12.65 2.04 1.40
N VAL A 45 -11.63 1.50 0.74
CA VAL A 45 -10.32 1.32 1.36
C VAL A 45 -9.72 2.66 1.76
N LEU A 46 -10.03 3.69 0.99
CA LEU A 46 -9.52 5.03 1.27
C LEU A 46 -10.20 5.64 2.49
N LEU A 47 -11.49 5.36 2.64
CA LEU A 47 -12.27 5.87 3.76
C LEU A 47 -11.62 5.48 5.09
N SER A 48 -11.37 4.19 5.26
CA SER A 48 -10.75 3.69 6.48
C SER A 48 -9.33 4.23 6.63
N LEU A 49 -8.63 4.33 5.51
CA LEU A 49 -7.25 4.82 5.51
C LEU A 49 -7.19 6.26 6.02
N THR A 50 -7.93 7.15 5.37
CA THR A 50 -7.95 8.55 5.76
C THR A 50 -8.51 8.72 7.18
N VAL A 51 -9.28 7.73 7.62
CA VAL A 51 -9.87 7.77 8.96
C VAL A 51 -8.81 7.51 10.03
N PHE A 52 -8.12 6.37 9.92
CA PHE A 52 -7.09 6.00 10.88
C PHE A 52 -5.91 6.96 10.79
N LEU A 53 -5.67 7.51 9.61
CA LEU A 53 -4.58 8.45 9.40
C LEU A 53 -4.73 9.66 10.31
N LEU A 54 -5.87 10.33 10.20
CA LEU A 54 -6.13 11.52 11.01
C LEU A 54 -5.94 11.21 12.50
N LEU A 55 -6.39 10.04 12.92
CA LEU A 55 -6.28 9.62 14.31
C LEU A 55 -4.83 9.72 14.79
N ILE A 56 -3.90 9.39 13.90
CA ILE A 56 -2.48 9.45 14.23
C ILE A 56 -1.99 10.90 14.29
N THR A 57 -2.67 11.78 13.58
CA THR A 57 -2.30 13.19 13.55
C THR A 57 -2.82 13.92 14.78
N GLU A 58 -3.74 13.27 15.51
CA GLU A 58 -4.32 13.86 16.70
C GLU A 58 -3.49 13.51 17.94
N ILE A 59 -2.96 12.29 17.96
CA ILE A 59 -2.15 11.83 19.08
C ILE A 59 -0.75 12.42 19.02
N ILE A 60 -0.26 12.63 17.80
CA ILE A 60 1.07 13.20 17.59
C ILE A 60 2.15 12.27 18.13
N PRO A 61 2.40 11.17 17.40
CA PRO A 61 3.41 10.17 17.78
C PRO A 61 4.83 10.71 17.64
N SER A 62 4.96 11.89 17.05
CA SER A 62 6.27 12.51 16.85
C SER A 62 7.14 11.66 15.94
N THR A 63 7.30 12.11 14.69
CA THR A 63 8.12 11.39 13.72
C THR A 63 9.37 12.17 13.37
N SER A 64 10.52 11.51 13.46
CA SER A 64 11.80 12.15 13.14
C SER A 64 12.93 11.12 13.10
N SER A 65 14.16 11.60 13.03
CA SER A 65 15.33 10.73 12.98
C SER A 65 15.51 10.01 14.31
N VAL A 66 15.51 10.77 15.39
CA VAL A 66 15.68 10.20 16.73
C VAL A 66 14.43 9.46 17.17
N SER A 67 13.30 9.79 16.55
CA SER A 67 12.03 9.17 16.89
C SER A 67 11.21 8.90 15.64
N PRO A 68 11.63 7.90 14.85
CA PRO A 68 10.94 7.52 13.62
C PRO A 68 9.59 6.87 13.87
N SER A 69 8.53 7.50 13.36
CA SER A 69 7.18 6.98 13.55
C SER A 69 6.54 6.66 12.20
N ILE A 70 5.25 6.35 12.24
CA ILE A 70 4.51 6.02 11.02
C ILE A 70 4.27 7.27 10.17
N GLY A 71 4.49 8.43 10.77
CA GLY A 71 4.28 9.68 10.06
C GLY A 71 5.03 9.71 8.75
N GLU A 72 6.16 9.01 8.68
CA GLU A 72 6.97 8.97 7.47
C GLU A 72 6.42 7.93 6.49
N TYR A 73 5.78 6.90 7.01
CA TYR A 73 5.22 5.84 6.18
C TYR A 73 3.90 6.29 5.56
N LEU A 74 3.02 6.86 6.38
CA LEU A 74 1.72 7.33 5.91
C LEU A 74 1.89 8.36 4.79
N LEU A 75 3.01 9.07 4.82
CA LEU A 75 3.29 10.08 3.81
C LEU A 75 3.83 9.45 2.52
N PHE A 76 4.97 8.78 2.63
CA PHE A 76 5.58 8.12 1.48
C PHE A 76 4.60 7.15 0.82
N THR A 77 3.74 6.54 1.64
CA THR A 77 2.76 5.60 1.12
C THR A 77 1.66 6.30 0.34
N MET A 78 1.00 7.27 0.99
CA MET A 78 -0.07 8.02 0.35
C MET A 78 0.41 8.62 -0.98
N ILE A 79 1.69 8.98 -1.03
CA ILE A 79 2.26 9.56 -2.24
C ILE A 79 2.48 8.50 -3.31
N PHE A 80 2.87 7.31 -2.88
CA PHE A 80 3.11 6.20 -3.81
C PHE A 80 1.80 5.65 -4.34
N VAL A 81 0.90 5.28 -3.43
CA VAL A 81 -0.39 4.74 -3.82
C VAL A 81 -1.13 5.68 -4.76
N THR A 82 -0.90 6.97 -4.60
CA THR A 82 -1.54 7.98 -5.44
C THR A 82 -1.11 7.83 -6.90
N LEU A 83 0.19 7.92 -7.13
CA LEU A 83 0.73 7.81 -8.49
C LEU A 83 0.52 6.39 -9.03
N SER A 84 0.38 5.43 -8.13
CA SER A 84 0.17 4.04 -8.52
C SER A 84 -1.20 3.86 -9.17
N ILE A 85 -2.23 4.35 -8.51
CA ILE A 85 -3.59 4.25 -9.03
C ILE A 85 -3.76 5.06 -10.31
N VAL A 86 -2.90 6.07 -10.48
CA VAL A 86 -2.95 6.91 -11.66
C VAL A 86 -2.23 6.27 -12.84
N ILE A 87 -1.03 5.77 -12.58
CA ILE A 87 -0.23 5.12 -13.61
C ILE A 87 -0.80 3.76 -13.97
N THR A 88 -1.48 3.14 -13.01
CA THR A 88 -2.08 1.82 -13.23
C THR A 88 -3.33 1.93 -14.09
N VAL A 89 -4.17 2.91 -13.78
CA VAL A 89 -5.41 3.12 -14.52
C VAL A 89 -5.13 3.63 -15.93
N PHE A 90 -3.96 4.26 -16.10
CA PHE A 90 -3.58 4.80 -17.40
C PHE A 90 -3.19 3.69 -18.35
N VAL A 91 -2.23 2.87 -17.95
CA VAL A 91 -1.77 1.76 -18.77
C VAL A 91 -2.92 0.85 -19.18
N LEU A 92 -3.90 0.73 -18.30
CA LEU A 92 -5.08 -0.10 -18.57
C LEU A 92 -6.11 0.66 -19.37
N ASN A 93 -6.04 1.99 -19.31
CA ASN A 93 -6.98 2.84 -20.05
C ASN A 93 -6.73 2.76 -21.55
N VAL A 94 -5.47 2.54 -21.92
CA VAL A 94 -5.10 2.44 -23.33
C VAL A 94 -5.65 1.16 -23.95
N HIS A 95 -5.97 0.19 -23.11
CA HIS A 95 -6.51 -1.08 -23.56
C HIS A 95 -7.96 -0.93 -24.00
N HIS A 96 -8.20 -0.96 -25.30
CA HIS A 96 -9.54 -0.83 -25.84
C HIS A 96 -9.96 -2.09 -26.59
N ARG A 97 -9.08 -3.09 -26.59
CA ARG A 97 -9.34 -4.35 -27.27
C ARG A 97 -8.26 -5.38 -26.96
N SER A 98 -8.66 -6.63 -26.80
CA SER A 98 -7.73 -7.71 -26.50
C SER A 98 -7.58 -8.64 -27.70
N PRO A 99 -6.48 -9.41 -27.71
CA PRO A 99 -6.20 -10.37 -28.79
C PRO A 99 -7.15 -11.56 -28.77
N GLU A 100 -7.35 -12.14 -27.60
CA GLU A 100 -8.25 -13.29 -27.45
C GLU A 100 -8.49 -13.60 -25.99
N THR A 101 -7.45 -13.48 -25.17
CA THR A 101 -7.55 -13.75 -23.75
C THR A 101 -7.58 -12.45 -22.94
N HIS A 102 -6.43 -11.80 -22.82
CA HIS A 102 -6.33 -10.55 -22.08
C HIS A 102 -5.08 -9.77 -22.50
N THR A 103 -3.94 -10.44 -22.48
CA THR A 103 -2.67 -9.81 -22.85
C THR A 103 -1.87 -10.71 -23.79
N GLY A 104 -1.55 -10.18 -24.97
CA GLY A 104 -0.78 -10.94 -25.94
C GLY A 104 0.71 -10.61 -25.89
N GLY A 105 1.03 -9.34 -26.13
CA GLY A 105 2.42 -8.92 -26.12
C GLY A 105 2.97 -8.81 -24.72
N GLY A 106 2.09 -8.77 -23.73
CA GLY A 106 2.52 -8.66 -22.34
C GLY A 106 3.03 -9.97 -21.79
N GLY A 107 2.58 -10.32 -20.58
CA GLY A 107 3.01 -11.56 -19.97
C GLY A 107 4.04 -11.33 -18.88
N GLY A 108 3.75 -11.78 -17.67
CA GLY A 108 4.67 -11.62 -16.57
C GLY A 108 4.52 -10.27 -15.89
N ILE A 109 3.67 -9.42 -16.45
CA ILE A 109 3.44 -8.09 -15.89
C ILE A 109 2.53 -8.16 -14.66
N ASP A 110 1.69 -9.20 -14.61
CA ASP A 110 0.78 -9.38 -13.49
C ASP A 110 1.52 -9.92 -12.27
N ARG A 111 2.31 -10.97 -12.48
CA ARG A 111 3.07 -11.58 -11.40
C ARG A 111 4.02 -10.57 -10.76
N ILE A 112 4.69 -9.79 -11.59
CA ILE A 112 5.63 -8.79 -11.10
C ILE A 112 4.88 -7.61 -10.48
N PHE A 113 3.70 -7.31 -11.01
CA PHE A 113 2.90 -6.20 -10.50
C PHE A 113 2.64 -6.35 -9.01
N LEU A 114 2.00 -7.45 -8.64
CA LEU A 114 1.69 -7.73 -7.24
C LEU A 114 2.96 -7.93 -6.43
N TRP A 115 4.02 -8.34 -7.10
CA TRP A 115 5.30 -8.57 -6.44
C TRP A 115 5.91 -7.26 -5.96
N MET A 116 5.56 -6.17 -6.63
CA MET A 116 6.07 -4.85 -6.26
C MET A 116 5.34 -4.30 -5.05
N PHE A 117 4.01 -4.34 -5.10
CA PHE A 117 3.19 -3.84 -4.00
C PHE A 117 3.62 -4.46 -2.68
N ILE A 118 3.89 -5.77 -2.70
CA ILE A 118 4.32 -6.47 -1.50
C ILE A 118 5.79 -6.22 -1.20
N ILE A 119 6.54 -5.81 -2.22
CA ILE A 119 7.96 -5.53 -2.07
C ILE A 119 8.18 -4.26 -1.26
N VAL A 120 7.26 -3.32 -1.40
CA VAL A 120 7.36 -2.05 -0.67
C VAL A 120 6.76 -2.17 0.73
N CYS A 121 5.77 -3.05 0.87
CA CYS A 121 5.12 -3.26 2.16
C CYS A 121 6.11 -3.81 3.19
N LEU A 122 6.75 -4.92 2.84
CA LEU A 122 7.72 -5.55 3.74
C LEU A 122 8.96 -4.67 3.89
N LEU A 123 9.42 -4.10 2.79
CA LEU A 123 10.60 -3.24 2.80
C LEU A 123 10.39 -2.05 3.72
N GLY A 124 9.32 -1.29 3.45
CA GLY A 124 9.03 -0.13 4.27
C GLY A 124 8.98 -0.44 5.75
N THR A 125 8.49 -1.64 6.07
CA THR A 125 8.39 -2.07 7.47
C THR A 125 9.77 -2.35 8.06
N VAL A 126 10.57 -3.13 7.34
CA VAL A 126 11.91 -3.47 7.80
C VAL A 126 12.75 -2.22 8.02
N GLY A 127 12.78 -1.35 7.01
CA GLY A 127 13.55 -0.13 7.12
C GLY A 127 13.05 0.79 8.21
N LEU A 128 11.73 0.87 8.35
CA LEU A 128 11.11 1.71 9.37
C LEU A 128 11.51 1.25 10.77
N PHE A 129 11.69 -0.06 10.93
CA PHE A 129 12.07 -0.63 12.21
C PHE A 129 13.57 -0.48 12.46
N LEU A 130 14.37 -0.86 11.46
CA LEU A 130 15.82 -0.76 11.57
C LEU A 130 16.35 -1.64 12.70
N PRO A 131 16.27 -2.96 12.50
CA PRO A 131 16.74 -3.94 13.49
C PRO A 131 18.26 -3.94 13.64
N PRO A 132 18.75 -4.60 14.69
CA PRO A 132 20.18 -4.71 14.96
C PRO A 132 20.91 -5.58 13.94
N TRP A 133 20.23 -6.61 13.46
CA TRP A 133 20.82 -7.52 12.48
C TRP A 133 21.15 -6.78 11.19
N LEU A 134 20.34 -5.79 10.85
CA LEU A 134 20.55 -5.00 9.63
C LEU A 134 21.01 -3.59 9.98
N ALA A 135 21.44 -3.39 11.22
CA ALA A 135 21.91 -2.09 11.67
C ALA A 135 23.36 -1.87 11.27
N GLY A 136 24.27 -2.58 11.93
CA GLY A 136 25.68 -2.45 11.62
C GLY A 136 26.51 -3.58 12.20
N GLU A 137 26.30 -4.79 11.68
CA GLU A 137 27.03 -5.96 12.16
C GLU A 137 28.39 -6.07 11.45
N GLU A 4 2.67 10.07 24.28
CA GLU A 4 2.77 9.57 25.65
C GLU A 4 1.84 8.38 25.85
N GLU A 5 1.55 7.66 24.77
CA GLU A 5 0.68 6.49 24.85
C GLU A 5 0.62 5.78 23.50
N LEU A 6 1.72 5.82 22.77
CA LEU A 6 1.80 5.17 21.46
C LEU A 6 3.08 4.35 21.33
N PRO A 7 3.23 3.34 22.20
CA PRO A 7 4.40 2.47 22.20
C PRO A 7 4.45 1.55 20.97
N LEU A 8 5.49 0.74 20.88
CA LEU A 8 5.66 -0.18 19.76
C LEU A 8 4.40 -1.02 19.56
N PHE A 9 3.71 -1.32 20.66
CA PHE A 9 2.50 -2.12 20.60
C PHE A 9 1.51 -1.54 19.58
N TYR A 10 1.53 -0.22 19.44
CA TYR A 10 0.64 0.46 18.50
C TYR A 10 1.15 0.31 17.06
N THR A 11 2.47 0.26 16.90
CA THR A 11 3.07 0.11 15.59
C THR A 11 2.77 -1.26 14.99
N ILE A 12 2.64 -2.26 15.86
CA ILE A 12 2.35 -3.62 15.42
C ILE A 12 0.87 -3.80 15.15
N ASN A 13 0.04 -3.01 15.83
CA ASN A 13 -1.41 -3.08 15.66
C ASN A 13 -1.85 -2.28 14.43
N LEU A 14 -0.98 -1.39 13.96
CA LEU A 14 -1.28 -0.57 12.80
C LEU A 14 -0.78 -1.24 11.52
N ILE A 15 0.28 -2.01 11.64
CA ILE A 15 0.86 -2.71 10.49
C ILE A 15 0.03 -3.92 10.11
N ILE A 16 -0.56 -4.57 11.11
CA ILE A 16 -1.39 -5.74 10.89
C ILE A 16 -2.45 -5.48 9.83
N PRO A 17 -3.29 -4.46 10.08
CA PRO A 17 -4.36 -4.08 9.16
C PRO A 17 -3.83 -3.45 7.88
N CYS A 18 -2.66 -2.82 7.97
CA CYS A 18 -2.04 -2.18 6.82
C CYS A 18 -1.95 -3.15 5.64
N LEU A 19 -1.63 -4.40 5.93
CA LEU A 19 -1.51 -5.42 4.89
C LEU A 19 -2.88 -5.98 4.52
N LEU A 20 -3.69 -6.25 5.54
CA LEU A 20 -5.03 -6.79 5.33
C LEU A 20 -5.81 -5.94 4.33
N ILE A 21 -5.73 -4.62 4.50
CA ILE A 21 -6.42 -3.70 3.60
C ILE A 21 -5.72 -3.61 2.26
N SER A 22 -4.39 -3.74 2.27
CA SER A 22 -3.61 -3.68 1.05
C SER A 22 -3.92 -4.85 0.13
N CYS A 23 -3.71 -6.06 0.64
CA CYS A 23 -3.97 -7.28 -0.13
C CYS A 23 -5.43 -7.33 -0.58
N LEU A 24 -6.32 -6.81 0.26
CA LEU A 24 -7.74 -6.80 -0.05
C LEU A 24 -8.00 -6.21 -1.43
N THR A 25 -7.58 -4.97 -1.63
CA THR A 25 -7.76 -4.29 -2.90
C THR A 25 -7.17 -5.11 -4.05
N VAL A 26 -6.00 -5.69 -3.81
CA VAL A 26 -5.34 -6.50 -4.83
C VAL A 26 -6.15 -7.74 -5.17
N LEU A 27 -6.80 -8.31 -4.14
CA LEU A 27 -7.61 -9.51 -4.33
C LEU A 27 -8.70 -9.27 -5.38
N VAL A 28 -9.39 -8.14 -5.24
CA VAL A 28 -10.46 -7.79 -6.18
C VAL A 28 -9.93 -7.70 -7.61
N PHE A 29 -8.74 -7.14 -7.76
CA PHE A 29 -8.12 -7.00 -9.08
C PHE A 29 -7.70 -8.35 -9.63
N TYR A 30 -7.50 -9.32 -8.73
CA TYR A 30 -7.10 -10.67 -9.13
C TYR A 30 -8.31 -11.58 -9.27
N LEU A 31 -9.49 -11.05 -8.95
CA LEU A 31 -10.72 -11.82 -9.05
C LEU A 31 -11.94 -10.91 -8.92
N PRO A 32 -12.15 -10.07 -9.94
CA PRO A 32 -13.28 -9.13 -9.97
C PRO A 32 -14.63 -9.85 -10.15
N SER A 33 -15.70 -9.07 -10.16
CA SER A 33 -17.04 -9.63 -10.32
C SER A 33 -17.98 -8.61 -10.96
N GLU A 34 -18.27 -7.54 -10.22
CA GLU A 34 -19.16 -6.50 -10.70
C GLU A 34 -18.37 -5.40 -11.41
N CYS A 35 -19.06 -4.33 -11.79
CA CYS A 35 -18.43 -3.21 -12.49
C CYS A 35 -18.17 -2.06 -11.53
N GLY A 36 -18.96 -1.99 -10.47
CA GLY A 36 -18.81 -0.93 -9.49
C GLY A 36 -18.07 -1.39 -8.25
N GLU A 37 -17.94 -2.69 -8.09
CA GLU A 37 -17.25 -3.26 -6.93
C GLU A 37 -15.81 -2.76 -6.86
N LYS A 38 -15.22 -2.49 -8.02
CA LYS A 38 -13.84 -2.00 -8.09
C LYS A 38 -13.77 -0.53 -7.71
N ILE A 39 -14.67 0.27 -8.29
CA ILE A 39 -14.71 1.70 -8.02
C ILE A 39 -14.95 1.96 -6.52
N THR A 40 -15.99 1.35 -5.98
CA THR A 40 -16.33 1.52 -4.58
C THR A 40 -15.16 1.11 -3.68
N LEU A 41 -14.48 0.04 -4.06
CA LEU A 41 -13.35 -0.46 -3.29
C LEU A 41 -12.27 0.61 -3.16
N CYS A 42 -11.96 1.27 -4.26
CA CYS A 42 -10.95 2.33 -4.27
C CYS A 42 -11.28 3.41 -3.25
N ILE A 43 -12.56 3.73 -3.13
CA ILE A 43 -13.01 4.75 -2.18
C ILE A 43 -13.05 4.20 -0.76
N SER A 44 -13.32 2.90 -0.64
CA SER A 44 -13.38 2.25 0.66
C SER A 44 -12.07 2.40 1.41
N VAL A 45 -11.01 1.82 0.85
CA VAL A 45 -9.69 1.88 1.47
C VAL A 45 -9.20 3.32 1.56
N LEU A 46 -9.58 4.13 0.58
CA LEU A 46 -9.17 5.53 0.54
C LEU A 46 -9.62 6.25 1.80
N LEU A 47 -10.91 6.19 2.09
CA LEU A 47 -11.49 6.84 3.26
C LEU A 47 -10.76 6.40 4.53
N SER A 48 -10.55 5.09 4.66
CA SER A 48 -9.88 4.53 5.82
C SER A 48 -8.42 5.03 5.90
N LEU A 49 -7.78 5.11 4.74
CA LEU A 49 -6.39 5.58 4.68
C LEU A 49 -6.28 7.01 5.17
N THR A 50 -7.22 7.85 4.76
CA THR A 50 -7.22 9.25 5.16
C THR A 50 -7.74 9.42 6.58
N VAL A 51 -8.52 8.44 7.04
CA VAL A 51 -9.09 8.48 8.38
C VAL A 51 -8.04 8.17 9.43
N PHE A 52 -7.31 7.08 9.23
CA PHE A 52 -6.27 6.67 10.16
C PHE A 52 -5.05 7.59 10.05
N LEU A 53 -4.85 8.15 8.86
CA LEU A 53 -3.72 9.04 8.62
C LEU A 53 -3.79 10.27 9.53
N LEU A 54 -4.95 10.91 9.58
CA LEU A 54 -5.15 12.08 10.41
C LEU A 54 -5.00 11.73 11.89
N LEU A 55 -5.54 10.58 12.27
CA LEU A 55 -5.47 10.12 13.66
C LEU A 55 -4.02 10.11 14.15
N ILE A 56 -3.10 9.86 13.24
CA ILE A 56 -1.67 9.82 13.58
C ILE A 56 -1.07 11.21 13.58
N THR A 57 -1.69 12.13 12.84
CA THR A 57 -1.22 13.50 12.75
C THR A 57 -1.73 14.33 13.91
N GLU A 58 -2.78 13.84 14.58
CA GLU A 58 -3.37 14.54 15.70
C GLU A 58 -2.69 14.13 17.01
N ILE A 59 -2.34 12.86 17.12
CA ILE A 59 -1.69 12.35 18.31
C ILE A 59 -0.19 12.62 18.28
N ILE A 60 0.35 12.77 17.07
CA ILE A 60 1.77 13.04 16.91
C ILE A 60 2.62 12.02 17.67
N PRO A 61 2.74 10.81 17.13
CA PRO A 61 3.52 9.74 17.74
C PRO A 61 5.02 10.01 17.70
N SER A 62 5.41 11.01 16.92
CA SER A 62 6.82 11.37 16.79
C SER A 62 7.21 12.42 17.83
N THR A 63 7.60 11.96 19.01
CA THR A 63 8.00 12.85 20.08
C THR A 63 9.37 12.49 20.64
N SER A 64 10.18 11.87 19.79
CA SER A 64 11.53 11.46 20.19
C SER A 64 12.37 11.08 18.98
N SER A 65 13.51 11.76 18.82
CA SER A 65 14.39 11.50 17.69
C SER A 65 15.21 10.23 17.93
N VAL A 66 15.24 9.79 19.18
CA VAL A 66 15.99 8.57 19.53
C VAL A 66 15.41 7.35 18.82
N SER A 67 14.15 7.45 18.42
CA SER A 67 13.48 6.34 17.74
C SER A 67 12.84 6.82 16.43
N PRO A 68 12.56 5.87 15.54
CA PRO A 68 11.94 6.17 14.24
C PRO A 68 10.49 6.62 14.37
N SER A 69 9.84 6.84 13.24
CA SER A 69 8.43 7.27 13.23
C SER A 69 7.75 6.87 11.94
N ILE A 70 6.44 6.70 12.00
CA ILE A 70 5.65 6.31 10.83
C ILE A 70 5.44 7.49 9.90
N GLY A 71 5.72 8.69 10.39
CA GLY A 71 5.55 9.89 9.59
C GLY A 71 6.27 9.79 8.25
N GLU A 72 7.36 9.02 8.22
CA GLU A 72 8.13 8.85 6.99
C GLU A 72 7.50 7.80 6.09
N TYR A 73 6.82 6.83 6.70
CA TYR A 73 6.17 5.76 5.95
C TYR A 73 4.86 6.25 5.33
N LEU A 74 4.02 6.86 6.16
CA LEU A 74 2.74 7.38 5.72
C LEU A 74 2.92 8.45 4.64
N LEU A 75 4.04 9.17 4.73
CA LEU A 75 4.34 10.21 3.75
C LEU A 75 4.62 9.62 2.38
N PHE A 76 5.66 8.79 2.31
CA PHE A 76 6.04 8.15 1.05
C PHE A 76 4.89 7.31 0.50
N THR A 77 4.34 6.44 1.35
CA THR A 77 3.24 5.59 0.94
C THR A 77 2.09 6.39 0.34
N MET A 78 1.81 7.54 0.94
CA MET A 78 0.74 8.41 0.47
C MET A 78 0.93 8.75 -1.01
N ILE A 79 2.10 9.27 -1.35
CA ILE A 79 2.40 9.64 -2.73
C ILE A 79 2.53 8.39 -3.60
N PHE A 80 2.88 7.27 -2.98
CA PHE A 80 3.04 6.02 -3.72
C PHE A 80 1.69 5.49 -4.19
N VAL A 81 0.78 5.27 -3.25
CA VAL A 81 -0.55 4.78 -3.56
C VAL A 81 -1.32 5.76 -4.44
N THR A 82 -0.99 7.04 -4.31
CA THR A 82 -1.64 8.08 -5.09
C THR A 82 -1.44 7.87 -6.58
N LEU A 83 -0.19 7.68 -6.98
CA LEU A 83 0.15 7.46 -8.39
C LEU A 83 -0.31 6.08 -8.84
N SER A 84 -0.43 5.16 -7.89
CA SER A 84 -0.87 3.80 -8.20
C SER A 84 -2.35 3.76 -8.52
N ILE A 85 -3.09 4.74 -8.01
CA ILE A 85 -4.53 4.82 -8.24
C ILE A 85 -4.83 5.43 -9.61
N VAL A 86 -4.27 6.60 -9.87
CA VAL A 86 -4.47 7.29 -11.13
C VAL A 86 -4.04 6.41 -12.30
N ILE A 87 -2.95 5.66 -12.11
CA ILE A 87 -2.43 4.78 -13.15
C ILE A 87 -3.31 3.55 -13.31
N THR A 88 -3.67 2.93 -12.19
CA THR A 88 -4.51 1.74 -12.21
C THR A 88 -5.78 1.97 -13.04
N VAL A 89 -6.27 3.21 -13.04
CA VAL A 89 -7.46 3.55 -13.79
C VAL A 89 -7.17 3.66 -15.28
N PHE A 90 -6.04 4.27 -15.61
CA PHE A 90 -5.63 4.43 -17.01
C PHE A 90 -5.29 3.09 -17.62
N VAL A 91 -4.39 2.35 -16.97
CA VAL A 91 -3.97 1.04 -17.47
C VAL A 91 -5.18 0.15 -17.74
N LEU A 92 -6.21 0.27 -16.91
CA LEU A 92 -7.42 -0.53 -17.06
C LEU A 92 -8.39 0.15 -18.02
N ASN A 93 -8.21 1.45 -18.23
CA ASN A 93 -9.07 2.21 -19.12
C ASN A 93 -9.05 1.62 -20.53
N VAL A 94 -7.85 1.35 -21.04
CA VAL A 94 -7.69 0.79 -22.37
C VAL A 94 -6.82 -0.46 -22.34
N HIS A 95 -6.69 -1.12 -23.48
CA HIS A 95 -5.87 -2.33 -23.59
C HIS A 95 -5.28 -2.46 -24.98
N HIS A 96 -4.73 -1.37 -25.51
CA HIS A 96 -4.12 -1.37 -26.82
C HIS A 96 -2.65 -1.76 -26.75
N ARG A 97 -2.11 -1.76 -25.54
CA ARG A 97 -0.70 -2.10 -25.34
C ARG A 97 -0.56 -3.59 -24.99
N SER A 98 -0.27 -4.40 -26.00
CA SER A 98 -0.11 -5.83 -25.82
C SER A 98 1.17 -6.34 -26.47
N PRO A 99 1.64 -7.52 -26.04
CA PRO A 99 2.85 -8.13 -26.57
C PRO A 99 2.68 -8.61 -28.01
N GLU A 100 1.54 -9.24 -28.28
CA GLU A 100 1.26 -9.76 -29.61
C GLU A 100 -0.17 -10.31 -29.69
N THR A 101 -0.57 -11.05 -28.67
CA THR A 101 -1.91 -11.63 -28.62
C THR A 101 -2.97 -10.56 -28.73
N HIS A 102 -4.07 -10.89 -29.40
CA HIS A 102 -5.17 -9.95 -29.59
C HIS A 102 -6.20 -10.09 -28.45
N THR A 103 -6.35 -11.30 -27.95
CA THR A 103 -7.29 -11.57 -26.87
C THR A 103 -6.65 -11.32 -25.51
N GLY A 104 -7.48 -11.05 -24.51
CA GLY A 104 -6.98 -10.79 -23.17
C GLY A 104 -6.23 -11.98 -22.60
N GLY A 105 -5.58 -11.77 -21.46
CA GLY A 105 -4.83 -12.85 -20.84
C GLY A 105 -3.53 -12.37 -20.22
N GLY A 106 -2.84 -11.47 -20.93
CA GLY A 106 -1.58 -10.95 -20.44
C GLY A 106 -0.44 -11.93 -20.60
N GLY A 107 0.64 -11.71 -19.86
CA GLY A 107 1.80 -12.60 -19.95
C GLY A 107 2.66 -12.54 -18.71
N GLY A 108 2.04 -12.59 -17.54
CA GLY A 108 2.78 -12.54 -16.30
C GLY A 108 2.67 -11.19 -15.61
N ILE A 109 1.72 -10.38 -16.07
CA ILE A 109 1.51 -9.05 -15.49
C ILE A 109 0.75 -9.14 -14.17
N ASP A 110 -0.04 -10.20 -14.02
CA ASP A 110 -0.83 -10.40 -12.81
C ASP A 110 0.06 -10.86 -11.66
N ARG A 111 0.90 -11.86 -11.93
CA ARG A 111 1.80 -12.40 -10.92
C ARG A 111 2.78 -11.32 -10.44
N ILE A 112 3.31 -10.55 -11.38
CA ILE A 112 4.25 -9.50 -11.05
C ILE A 112 3.55 -8.32 -10.38
N PHE A 113 2.29 -8.10 -10.74
CA PHE A 113 1.51 -7.01 -10.17
C PHE A 113 1.47 -7.11 -8.65
N LEU A 114 0.95 -8.22 -8.14
CA LEU A 114 0.85 -8.43 -6.70
C LEU A 114 2.24 -8.55 -6.08
N TRP A 115 3.22 -8.95 -6.88
CA TRP A 115 4.59 -9.09 -6.41
C TRP A 115 5.19 -7.73 -6.07
N MET A 116 4.70 -6.68 -6.72
CA MET A 116 5.18 -5.34 -6.49
C MET A 116 4.61 -4.76 -5.21
N PHE A 117 3.29 -4.86 -5.05
CA PHE A 117 2.60 -4.36 -3.87
C PHE A 117 3.25 -4.90 -2.60
N ILE A 118 3.59 -6.18 -2.61
CA ILE A 118 4.21 -6.81 -1.46
C ILE A 118 5.70 -6.47 -1.39
N ILE A 119 6.28 -6.09 -2.52
CA ILE A 119 7.68 -5.74 -2.58
C ILE A 119 7.96 -4.42 -1.87
N VAL A 120 6.98 -3.53 -1.90
CA VAL A 120 7.11 -2.23 -1.25
C VAL A 120 6.73 -2.30 0.22
N CYS A 121 5.82 -3.22 0.54
CA CYS A 121 5.37 -3.40 1.92
C CYS A 121 6.51 -3.88 2.80
N LEU A 122 7.23 -4.90 2.33
CA LEU A 122 8.35 -5.45 3.09
C LEU A 122 9.56 -4.52 3.03
N LEU A 123 9.72 -3.84 1.91
CA LEU A 123 10.84 -2.92 1.73
C LEU A 123 10.74 -1.75 2.70
N GLY A 124 9.66 -0.97 2.57
CA GLY A 124 9.48 0.17 3.44
C GLY A 124 9.50 -0.21 4.91
N THR A 125 9.00 -1.41 5.21
CA THR A 125 8.95 -1.89 6.59
C THR A 125 10.36 -2.14 7.12
N VAL A 126 11.14 -2.93 6.39
CA VAL A 126 12.51 -3.24 6.80
C VAL A 126 13.37 -1.98 6.85
N GLY A 127 13.32 -1.20 5.78
CA GLY A 127 14.10 0.03 5.73
C GLY A 127 13.73 1.00 6.83
N LEU A 128 12.48 0.93 7.27
CA LEU A 128 12.00 1.82 8.33
C LEU A 128 12.70 1.51 9.65
N PHE A 129 12.87 0.23 9.94
CA PHE A 129 13.53 -0.19 11.18
C PHE A 129 15.00 -0.49 10.93
N LEU A 130 15.49 -0.16 9.74
CA LEU A 130 16.87 -0.40 9.38
C LEU A 130 17.19 -1.89 9.38
N PRO A 131 18.28 -2.26 8.70
CA PRO A 131 18.72 -3.66 8.62
C PRO A 131 19.26 -4.18 9.94
N PRO A 132 19.45 -5.50 10.03
CA PRO A 132 19.96 -6.16 11.24
C PRO A 132 21.42 -5.83 11.50
N TRP A 133 22.20 -5.77 10.43
CA TRP A 133 23.63 -5.47 10.55
C TRP A 133 23.85 -4.14 11.24
N LEU A 134 22.85 -3.25 11.15
CA LEU A 134 22.94 -1.94 11.77
C LEU A 134 21.90 -1.78 12.87
N ALA A 135 21.34 -2.91 13.32
CA ALA A 135 20.34 -2.90 14.37
C ALA A 135 20.97 -3.06 15.74
N GLY A 136 21.51 -4.25 16.01
CA GLY A 136 22.15 -4.52 17.29
C GLY A 136 21.25 -5.30 18.22
N GLU A 137 20.46 -6.22 17.66
CA GLU A 137 19.55 -7.03 18.45
C GLU A 137 20.31 -8.14 19.17
N GLU A 4 8.69 6.83 21.08
CA GLU A 4 8.55 6.93 22.53
C GLU A 4 7.23 6.33 22.99
N GLU A 5 6.50 5.73 22.06
CA GLU A 5 5.22 5.11 22.36
C GLU A 5 4.66 4.37 21.15
N LEU A 6 5.56 3.83 20.33
CA LEU A 6 5.15 3.11 19.13
C LEU A 6 5.90 1.78 19.01
N PRO A 7 5.70 0.90 20.00
CA PRO A 7 6.36 -0.41 20.02
C PRO A 7 5.83 -1.34 18.94
N LEU A 8 6.34 -2.57 18.92
CA LEU A 8 5.91 -3.56 17.94
C LEU A 8 4.41 -3.77 17.99
N PHE A 9 3.83 -3.56 19.16
CA PHE A 9 2.39 -3.72 19.34
C PHE A 9 1.61 -2.94 18.30
N TYR A 10 2.19 -1.81 17.88
CA TYR A 10 1.54 -0.96 16.88
C TYR A 10 1.74 -1.53 15.47
N THR A 11 2.89 -2.15 15.25
CA THR A 11 3.20 -2.75 13.95
C THR A 11 2.28 -3.91 13.64
N ILE A 12 1.86 -4.62 14.69
CA ILE A 12 0.96 -5.77 14.53
C ILE A 12 -0.47 -5.32 14.33
N ASN A 13 -0.83 -4.19 14.95
CA ASN A 13 -2.19 -3.66 14.85
C ASN A 13 -2.35 -2.84 13.57
N LEU A 14 -1.22 -2.40 13.01
CA LEU A 14 -1.24 -1.61 11.78
C LEU A 14 -1.10 -2.50 10.55
N ILE A 15 -0.44 -3.64 10.73
CA ILE A 15 -0.25 -4.59 9.63
C ILE A 15 -1.52 -5.38 9.37
N ILE A 16 -2.27 -5.66 10.43
CA ILE A 16 -3.51 -6.42 10.30
C ILE A 16 -4.42 -5.82 9.25
N PRO A 17 -4.77 -4.53 9.43
CA PRO A 17 -5.63 -3.80 8.49
C PRO A 17 -4.96 -3.53 7.17
N CYS A 18 -3.64 -3.42 7.19
CA CYS A 18 -2.86 -3.17 5.97
C CYS A 18 -3.16 -4.21 4.91
N LEU A 19 -3.43 -5.43 5.34
CA LEU A 19 -3.73 -6.52 4.42
C LEU A 19 -5.20 -6.52 4.04
N LEU A 20 -6.08 -6.39 5.03
CA LEU A 20 -7.51 -6.37 4.80
C LEU A 20 -7.87 -5.33 3.74
N ILE A 21 -7.23 -4.17 3.82
CA ILE A 21 -7.48 -3.10 2.86
C ILE A 21 -6.77 -3.36 1.54
N SER A 22 -5.62 -4.01 1.61
CA SER A 22 -4.83 -4.32 0.42
C SER A 22 -5.56 -5.34 -0.45
N CYS A 23 -6.17 -6.33 0.19
CA CYS A 23 -6.90 -7.37 -0.52
C CYS A 23 -8.21 -6.84 -1.08
N LEU A 24 -8.83 -5.92 -0.35
CA LEU A 24 -10.10 -5.33 -0.77
C LEU A 24 -9.98 -4.76 -2.18
N THR A 25 -8.98 -3.90 -2.38
CA THR A 25 -8.76 -3.29 -3.68
C THR A 25 -8.47 -4.35 -4.75
N VAL A 26 -7.66 -5.33 -4.40
CA VAL A 26 -7.29 -6.39 -5.32
C VAL A 26 -8.52 -7.23 -5.69
N LEU A 27 -9.48 -7.29 -4.79
CA LEU A 27 -10.70 -8.06 -5.02
C LEU A 27 -11.49 -7.49 -6.20
N VAL A 28 -11.86 -6.23 -6.10
CA VAL A 28 -12.61 -5.56 -7.16
C VAL A 28 -11.84 -5.58 -8.46
N PHE A 29 -10.52 -5.71 -8.38
CA PHE A 29 -9.67 -5.75 -9.55
C PHE A 29 -9.45 -7.17 -10.04
N TYR A 30 -9.87 -8.14 -9.22
CA TYR A 30 -9.72 -9.55 -9.55
C TYR A 30 -11.01 -10.10 -10.16
N LEU A 31 -12.13 -9.85 -9.50
CA LEU A 31 -13.42 -10.32 -9.99
C LEU A 31 -14.36 -9.15 -10.25
N PRO A 32 -14.08 -8.40 -11.33
CA PRO A 32 -14.89 -7.23 -11.73
C PRO A 32 -16.26 -7.65 -12.25
N SER A 33 -17.17 -6.67 -12.32
CA SER A 33 -18.52 -6.93 -12.80
C SER A 33 -19.29 -5.62 -13.00
N GLU A 34 -19.22 -4.75 -11.99
CA GLU A 34 -19.91 -3.46 -12.05
C GLU A 34 -18.93 -2.32 -11.79
N CYS A 35 -18.95 -1.32 -12.66
CA CYS A 35 -18.08 -0.17 -12.52
C CYS A 35 -18.51 0.71 -11.36
N GLY A 36 -19.70 0.44 -10.82
CA GLY A 36 -20.21 1.20 -9.70
C GLY A 36 -19.52 0.86 -8.39
N GLU A 37 -19.37 -0.44 -8.14
CA GLU A 37 -18.73 -0.91 -6.91
C GLU A 37 -17.25 -0.56 -6.92
N LYS A 38 -16.64 -0.62 -8.09
CA LYS A 38 -15.21 -0.32 -8.23
C LYS A 38 -14.89 1.07 -7.69
N ILE A 39 -15.64 2.07 -8.15
CA ILE A 39 -15.44 3.44 -7.71
C ILE A 39 -15.77 3.59 -6.23
N THR A 40 -16.83 2.94 -5.79
CA THR A 40 -17.25 3.00 -4.39
C THR A 40 -16.15 2.49 -3.47
N LEU A 41 -15.36 1.55 -3.96
CA LEU A 41 -14.28 0.97 -3.17
C LEU A 41 -13.09 1.94 -3.10
N CYS A 42 -12.80 2.59 -4.23
CA CYS A 42 -11.70 3.54 -4.29
C CYS A 42 -11.80 4.58 -3.18
N ILE A 43 -13.04 5.02 -2.91
CA ILE A 43 -13.27 6.02 -1.87
C ILE A 43 -13.19 5.39 -0.48
N SER A 44 -13.60 4.14 -0.38
CA SER A 44 -13.58 3.42 0.90
C SER A 44 -12.15 3.23 1.39
N VAL A 45 -11.29 2.72 0.51
CA VAL A 45 -9.89 2.48 0.84
C VAL A 45 -9.22 3.77 1.31
N LEU A 46 -9.39 4.83 0.54
CA LEU A 46 -8.80 6.13 0.89
C LEU A 46 -9.27 6.58 2.27
N LEU A 47 -10.52 6.26 2.60
CA LEU A 47 -11.09 6.65 3.88
C LEU A 47 -10.26 6.09 5.03
N SER A 48 -9.93 4.81 4.96
CA SER A 48 -9.15 4.15 6.00
C SER A 48 -7.82 4.88 6.20
N LEU A 49 -7.17 5.25 5.10
CA LEU A 49 -5.89 5.95 5.16
C LEU A 49 -6.01 7.22 5.99
N THR A 50 -7.07 7.98 5.76
CA THR A 50 -7.30 9.22 6.49
C THR A 50 -7.81 8.95 7.90
N VAL A 51 -8.40 7.78 8.08
CA VAL A 51 -8.94 7.39 9.39
C VAL A 51 -7.83 7.00 10.34
N PHE A 52 -6.96 6.10 9.91
CA PHE A 52 -5.85 5.64 10.73
C PHE A 52 -4.80 6.74 10.90
N LEU A 53 -4.77 7.67 9.94
CA LEU A 53 -3.83 8.77 9.98
C LEU A 53 -4.11 9.69 11.16
N LEU A 54 -5.34 10.20 11.23
CA LEU A 54 -5.74 11.09 12.32
C LEU A 54 -5.47 10.45 13.68
N LEU A 55 -5.81 9.16 13.80
CA LEU A 55 -5.60 8.44 15.05
C LEU A 55 -4.16 8.57 15.53
N ILE A 56 -3.22 8.42 14.60
CA ILE A 56 -1.81 8.53 14.92
C ILE A 56 -1.46 9.93 15.42
N THR A 57 -2.23 10.92 14.97
CA THR A 57 -2.01 12.30 15.37
C THR A 57 -2.66 12.59 16.72
N GLU A 58 -3.47 11.66 17.20
CA GLU A 58 -4.16 11.82 18.47
C GLU A 58 -3.27 11.37 19.63
N ILE A 59 -2.51 10.30 19.41
CA ILE A 59 -1.62 9.78 20.42
C ILE A 59 -0.35 10.62 20.54
N ILE A 60 -0.06 11.38 19.49
CA ILE A 60 1.12 12.24 19.47
C ILE A 60 2.38 11.45 19.79
N PRO A 61 2.82 10.62 18.84
CA PRO A 61 4.03 9.80 19.01
C PRO A 61 5.31 10.62 19.02
N SER A 62 5.37 11.64 18.16
CA SER A 62 6.54 12.51 18.08
C SER A 62 6.21 13.77 17.29
N THR A 63 5.45 13.61 16.22
CA THR A 63 5.08 14.74 15.36
C THR A 63 6.31 15.52 14.91
N SER A 64 7.44 14.82 14.81
CA SER A 64 8.69 15.46 14.40
C SER A 64 9.34 14.68 13.26
N SER A 65 10.18 15.36 12.48
CA SER A 65 10.86 14.72 11.36
C SER A 65 12.36 14.63 11.63
N VAL A 66 12.73 14.56 12.91
CA VAL A 66 14.13 14.46 13.30
C VAL A 66 14.42 13.11 13.95
N SER A 67 13.37 12.45 14.45
CA SER A 67 13.51 11.16 15.10
C SER A 67 12.77 10.08 14.31
N PRO A 68 13.16 8.82 14.56
CA PRO A 68 12.55 7.66 13.87
C PRO A 68 11.11 7.42 14.32
N SER A 69 10.16 7.92 13.53
CA SER A 69 8.74 7.77 13.84
C SER A 69 8.00 7.13 12.67
N ILE A 70 6.74 6.76 12.90
CA ILE A 70 5.92 6.14 11.87
C ILE A 70 5.65 7.12 10.72
N GLY A 71 5.92 8.40 10.97
CA GLY A 71 5.70 9.41 9.95
C GLY A 71 6.36 9.06 8.63
N GLU A 72 7.46 8.31 8.71
CA GLU A 72 8.20 7.91 7.50
C GLU A 72 7.41 6.86 6.72
N TYR A 73 6.70 6.00 7.44
CA TYR A 73 5.93 4.94 6.81
C TYR A 73 4.63 5.50 6.22
N LEU A 74 3.94 6.32 6.99
CA LEU A 74 2.69 6.93 6.55
C LEU A 74 2.94 7.90 5.39
N LEU A 75 4.12 8.52 5.39
CA LEU A 75 4.48 9.47 4.34
C LEU A 75 4.78 8.74 3.03
N PHE A 76 5.70 7.79 3.10
CA PHE A 76 6.08 7.02 1.90
C PHE A 76 4.90 6.21 1.39
N THR A 77 4.01 5.81 2.29
CA THR A 77 2.84 5.03 1.93
C THR A 77 1.84 5.87 1.14
N MET A 78 1.55 7.06 1.65
CA MET A 78 0.61 7.96 0.99
C MET A 78 1.02 8.23 -0.46
N ILE A 79 2.33 8.38 -0.68
CA ILE A 79 2.85 8.64 -2.01
C ILE A 79 2.87 7.36 -2.84
N PHE A 80 2.93 6.22 -2.17
CA PHE A 80 2.96 4.92 -2.83
C PHE A 80 1.56 4.54 -3.33
N VAL A 81 0.61 4.47 -2.41
CA VAL A 81 -0.76 4.12 -2.75
C VAL A 81 -1.32 5.06 -3.81
N THR A 82 -0.86 6.30 -3.80
CA THR A 82 -1.32 7.29 -4.77
C THR A 82 -0.84 6.95 -6.18
N LEU A 83 0.45 6.66 -6.31
CA LEU A 83 1.02 6.31 -7.60
C LEU A 83 0.47 4.98 -8.10
N SER A 84 0.04 4.14 -7.17
CA SER A 84 -0.50 2.83 -7.52
C SER A 84 -1.82 2.97 -8.25
N ILE A 85 -2.73 3.76 -7.68
CA ILE A 85 -4.03 3.99 -8.27
C ILE A 85 -3.92 4.73 -9.60
N VAL A 86 -2.82 5.47 -9.77
CA VAL A 86 -2.59 6.22 -10.99
C VAL A 86 -2.01 5.33 -12.08
N ILE A 87 -1.00 4.55 -11.73
CA ILE A 87 -0.34 3.65 -12.67
C ILE A 87 -1.24 2.46 -12.99
N THR A 88 -2.12 2.11 -12.05
CA THR A 88 -3.03 0.99 -12.23
C THR A 88 -4.19 1.36 -13.15
N VAL A 89 -4.80 2.50 -12.88
CA VAL A 89 -5.93 2.97 -13.68
C VAL A 89 -5.48 3.31 -15.10
N PHE A 90 -4.19 3.61 -15.26
CA PHE A 90 -3.64 3.95 -16.57
C PHE A 90 -3.61 2.73 -17.48
N VAL A 91 -2.87 1.71 -17.06
CA VAL A 91 -2.75 0.48 -17.84
C VAL A 91 -4.13 -0.07 -18.19
N LEU A 92 -5.11 0.17 -17.32
CA LEU A 92 -6.47 -0.31 -17.55
C LEU A 92 -7.25 0.67 -18.43
N ASN A 93 -6.87 1.94 -18.36
CA ASN A 93 -7.53 2.97 -19.15
C ASN A 93 -7.20 2.83 -20.63
N VAL A 94 -5.92 2.59 -20.92
CA VAL A 94 -5.47 2.44 -22.29
C VAL A 94 -4.47 1.28 -22.41
N HIS A 95 -4.11 0.96 -23.65
CA HIS A 95 -3.15 -0.12 -23.90
C HIS A 95 -2.71 -0.12 -25.36
N HIS A 96 -1.47 -0.55 -25.59
CA HIS A 96 -0.91 -0.59 -26.94
C HIS A 96 0.07 -1.75 -27.08
N ARG A 97 1.25 -1.59 -26.50
CA ARG A 97 2.27 -2.62 -26.57
C ARG A 97 2.75 -3.01 -25.16
N SER A 98 2.98 -4.30 -24.97
CA SER A 98 3.44 -4.81 -23.68
C SER A 98 4.95 -4.91 -23.64
N PRO A 99 5.51 -4.96 -22.41
CA PRO A 99 6.96 -5.07 -22.21
C PRO A 99 7.51 -6.43 -22.62
N GLU A 100 6.64 -7.43 -22.65
CA GLU A 100 7.04 -8.78 -23.03
C GLU A 100 8.18 -9.28 -22.16
N THR A 101 8.04 -9.08 -20.85
CA THR A 101 9.06 -9.50 -19.90
C THR A 101 8.86 -10.96 -19.50
N HIS A 102 7.66 -11.47 -19.72
CA HIS A 102 7.34 -12.85 -19.38
C HIS A 102 6.88 -13.62 -20.61
N THR A 103 7.30 -14.88 -20.71
CA THR A 103 6.93 -15.72 -21.85
C THR A 103 5.44 -16.01 -21.85
N GLY A 104 4.92 -16.33 -23.04
CA GLY A 104 3.50 -16.62 -23.16
C GLY A 104 2.68 -15.39 -23.49
N GLY A 105 2.38 -14.60 -22.46
CA GLY A 105 1.60 -13.39 -22.65
C GLY A 105 0.61 -13.15 -21.53
N GLY A 106 -0.41 -12.34 -21.80
CA GLY A 106 -1.40 -12.05 -20.79
C GLY A 106 -1.99 -13.29 -20.16
N GLY A 107 -2.16 -13.26 -18.85
CA GLY A 107 -2.71 -14.42 -18.16
C GLY A 107 -2.27 -14.48 -16.70
N GLY A 108 -0.98 -14.22 -16.46
CA GLY A 108 -0.46 -14.26 -15.11
C GLY A 108 -0.22 -12.88 -14.54
N ILE A 109 -0.95 -11.89 -15.06
CA ILE A 109 -0.81 -10.52 -14.61
C ILE A 109 -1.53 -10.31 -13.27
N ASP A 110 -2.61 -11.04 -13.07
CA ASP A 110 -3.39 -10.93 -11.84
C ASP A 110 -2.62 -11.53 -10.66
N ARG A 111 -2.11 -12.74 -10.85
CA ARG A 111 -1.35 -13.42 -9.81
C ARG A 111 -0.16 -12.57 -9.36
N ILE A 112 0.56 -12.01 -10.32
CA ILE A 112 1.72 -11.18 -10.03
C ILE A 112 1.30 -9.83 -9.47
N PHE A 113 0.16 -9.33 -9.93
CA PHE A 113 -0.35 -8.04 -9.48
C PHE A 113 -0.49 -8.01 -7.97
N LEU A 114 -1.30 -8.93 -7.43
CA LEU A 114 -1.52 -9.00 -5.99
C LEU A 114 -0.23 -9.40 -5.26
N TRP A 115 0.65 -10.09 -5.98
CA TRP A 115 1.93 -10.52 -5.42
C TRP A 115 2.83 -9.33 -5.12
N MET A 116 2.63 -8.24 -5.87
CA MET A 116 3.43 -7.04 -5.69
C MET A 116 2.95 -6.25 -4.48
N PHE A 117 1.65 -6.02 -4.41
CA PHE A 117 1.06 -5.26 -3.30
C PHE A 117 1.49 -5.85 -1.97
N ILE A 118 1.50 -7.17 -1.87
CA ILE A 118 1.89 -7.85 -0.64
C ILE A 118 3.41 -7.88 -0.50
N ILE A 119 4.10 -7.73 -1.62
CA ILE A 119 5.57 -7.75 -1.61
C ILE A 119 6.12 -6.48 -0.96
N VAL A 120 5.40 -5.38 -1.11
CA VAL A 120 5.82 -4.10 -0.53
C VAL A 120 5.36 -3.98 0.91
N CYS A 121 4.23 -4.62 1.23
CA CYS A 121 3.68 -4.58 2.58
C CYS A 121 4.64 -5.23 3.57
N LEU A 122 5.05 -6.46 3.28
CA LEU A 122 5.97 -7.19 4.15
C LEU A 122 7.37 -6.60 4.08
N LEU A 123 7.75 -6.14 2.90
CA LEU A 123 9.07 -5.55 2.69
C LEU A 123 9.22 -4.27 3.51
N GLY A 124 8.34 -3.31 3.26
CA GLY A 124 8.39 -2.05 3.99
C GLY A 124 8.43 -2.24 5.49
N THR A 125 7.72 -3.26 5.97
CA THR A 125 7.67 -3.54 7.41
C THR A 125 9.06 -3.88 7.94
N VAL A 126 9.66 -4.92 7.40
CA VAL A 126 11.00 -5.34 7.82
C VAL A 126 12.03 -4.26 7.55
N GLY A 127 11.94 -3.66 6.36
CA GLY A 127 12.88 -2.61 6.00
C GLY A 127 12.75 -1.38 6.88
N LEU A 128 11.56 -1.17 7.42
CA LEU A 128 11.30 -0.02 8.28
C LEU A 128 12.08 -0.14 9.59
N PHE A 129 12.10 -1.34 10.15
CA PHE A 129 12.81 -1.59 11.41
C PHE A 129 14.31 -1.75 11.16
N LEU A 130 14.65 -2.43 10.07
CA LEU A 130 16.05 -2.65 9.72
C LEU A 130 16.36 -2.08 8.34
N PRO A 131 16.40 -0.74 8.25
CA PRO A 131 16.69 -0.04 6.99
C PRO A 131 18.14 -0.21 6.56
N PRO A 132 18.43 0.18 5.30
CA PRO A 132 19.78 0.08 4.74
C PRO A 132 20.74 1.07 5.37
N TRP A 133 20.27 2.28 5.60
CA TRP A 133 21.09 3.33 6.21
C TRP A 133 21.62 2.89 7.57
N LEU A 134 20.88 2.00 8.22
CA LEU A 134 21.26 1.49 9.53
C LEU A 134 21.52 -0.02 9.49
N ALA A 135 21.65 -0.55 8.28
CA ALA A 135 21.91 -1.97 8.10
C ALA A 135 23.34 -2.33 8.46
N GLY A 136 24.29 -1.55 7.94
CA GLY A 136 25.69 -1.79 8.22
C GLY A 136 26.60 -0.71 7.66
N GLU A 137 26.64 -0.61 6.33
CA GLU A 137 27.48 0.38 5.68
C GLU A 137 26.66 1.63 5.31
N GLU A 4 1.89 10.41 24.60
CA GLU A 4 1.71 10.17 26.03
C GLU A 4 0.85 8.92 26.26
N GLU A 5 0.62 8.15 25.21
CA GLU A 5 -0.18 6.95 25.30
C GLU A 5 -0.18 6.18 23.98
N LEU A 6 0.94 6.26 23.26
CA LEU A 6 1.07 5.58 21.98
C LEU A 6 2.41 4.84 21.90
N PRO A 7 2.60 3.86 22.80
CA PRO A 7 3.83 3.06 22.84
C PRO A 7 3.95 2.12 21.65
N LEU A 8 5.04 1.36 21.61
CA LEU A 8 5.28 0.42 20.52
C LEU A 8 4.07 -0.50 20.32
N PHE A 9 3.40 -0.82 21.41
CA PHE A 9 2.23 -1.69 21.37
C PHE A 9 1.23 -1.19 20.32
N TYR A 10 1.16 0.13 20.16
CA TYR A 10 0.24 0.74 19.21
C TYR A 10 0.75 0.56 17.78
N THR A 11 2.07 0.59 17.63
CA THR A 11 2.68 0.44 16.31
C THR A 11 2.48 -0.97 15.77
N ILE A 12 2.43 -1.94 16.67
CA ILE A 12 2.23 -3.33 16.28
C ILE A 12 0.78 -3.60 15.90
N ASN A 13 -0.14 -2.89 16.55
CA ASN A 13 -1.57 -3.04 16.28
C ASN A 13 -1.98 -2.24 15.05
N LEU A 14 -1.15 -1.27 14.69
CA LEU A 14 -1.42 -0.41 13.53
C LEU A 14 -0.79 -0.99 12.27
N ILE A 15 0.32 -1.70 12.44
CA ILE A 15 1.02 -2.30 11.32
C ILE A 15 0.31 -3.55 10.83
N ILE A 16 -0.31 -4.28 11.76
CA ILE A 16 -1.02 -5.50 11.43
C ILE A 16 -2.02 -5.26 10.31
N PRO A 17 -2.95 -4.31 10.52
CA PRO A 17 -3.98 -3.96 9.55
C PRO A 17 -3.40 -3.25 8.32
N CYS A 18 -2.29 -2.53 8.53
CA CYS A 18 -1.64 -1.80 7.45
C CYS A 18 -1.32 -2.74 6.29
N LEU A 19 -1.01 -3.99 6.59
CA LEU A 19 -0.68 -4.97 5.57
C LEU A 19 -1.95 -5.60 5.00
N LEU A 20 -2.84 -6.03 5.89
CA LEU A 20 -4.10 -6.64 5.46
C LEU A 20 -4.83 -5.77 4.46
N ILE A 21 -4.91 -4.47 4.76
CA ILE A 21 -5.58 -3.53 3.86
C ILE A 21 -4.72 -3.22 2.65
N SER A 22 -3.40 -3.27 2.83
CA SER A 22 -2.47 -3.00 1.74
C SER A 22 -2.59 -4.05 0.64
N CYS A 23 -2.45 -5.31 1.02
CA CYS A 23 -2.54 -6.41 0.07
C CYS A 23 -3.94 -6.50 -0.52
N LEU A 24 -4.94 -6.12 0.27
CA LEU A 24 -6.33 -6.16 -0.16
C LEU A 24 -6.51 -5.41 -1.48
N THR A 25 -5.99 -4.19 -1.53
CA THR A 25 -6.09 -3.37 -2.72
C THR A 25 -5.23 -3.93 -3.86
N VAL A 26 -4.15 -4.59 -3.49
CA VAL A 26 -3.24 -5.18 -4.47
C VAL A 26 -3.86 -6.39 -5.14
N LEU A 27 -4.74 -7.08 -4.40
CA LEU A 27 -5.41 -8.27 -4.91
C LEU A 27 -6.41 -7.90 -6.01
N VAL A 28 -7.43 -7.13 -5.64
CA VAL A 28 -8.45 -6.72 -6.59
C VAL A 28 -7.83 -6.04 -7.81
N PHE A 29 -6.68 -5.41 -7.60
CA PHE A 29 -5.98 -4.72 -8.68
C PHE A 29 -5.30 -5.73 -9.60
N TYR A 30 -4.87 -6.84 -9.04
CA TYR A 30 -4.20 -7.88 -9.81
C TYR A 30 -5.18 -8.63 -10.70
N LEU A 31 -6.35 -8.95 -10.14
CA LEU A 31 -7.38 -9.66 -10.87
C LEU A 31 -8.74 -9.00 -10.69
N PRO A 32 -8.93 -7.83 -11.32
CA PRO A 32 -10.18 -7.08 -11.23
C PRO A 32 -11.32 -7.76 -11.96
N SER A 33 -12.54 -7.53 -11.50
CA SER A 33 -13.73 -8.13 -12.10
C SER A 33 -14.88 -7.14 -12.13
N GLU A 34 -16.04 -7.62 -12.57
CA GLU A 34 -17.23 -6.77 -12.65
C GLU A 34 -17.01 -5.59 -13.59
N CYS A 35 -17.96 -4.67 -13.60
CA CYS A 35 -17.87 -3.49 -14.46
C CYS A 35 -16.75 -2.58 -14.00
N GLY A 36 -16.66 -2.36 -12.68
CA GLY A 36 -15.63 -1.51 -12.14
C GLY A 36 -15.56 -1.58 -10.62
N GLU A 37 -15.75 -2.78 -10.08
CA GLU A 37 -15.70 -2.97 -8.64
C GLU A 37 -14.36 -2.52 -8.07
N LYS A 38 -13.33 -2.51 -8.90
CA LYS A 38 -12.00 -2.09 -8.49
C LYS A 38 -12.02 -0.66 -7.97
N ILE A 39 -12.64 0.23 -8.73
CA ILE A 39 -12.73 1.64 -8.35
C ILE A 39 -13.59 1.82 -7.11
N THR A 40 -14.66 1.04 -7.02
CA THR A 40 -15.57 1.11 -5.88
C THR A 40 -14.84 0.76 -4.59
N LEU A 41 -13.90 -0.17 -4.67
CA LEU A 41 -13.14 -0.59 -3.50
C LEU A 41 -12.06 0.43 -3.16
N CYS A 42 -11.59 1.15 -4.17
CA CYS A 42 -10.55 2.15 -3.98
C CYS A 42 -11.09 3.34 -3.17
N ILE A 43 -12.38 3.59 -3.29
CA ILE A 43 -13.01 4.69 -2.56
C ILE A 43 -13.32 4.30 -1.12
N SER A 44 -13.89 3.11 -0.95
CA SER A 44 -14.24 2.62 0.38
C SER A 44 -12.99 2.57 1.28
N VAL A 45 -12.00 1.78 0.87
CA VAL A 45 -10.77 1.65 1.63
C VAL A 45 -10.16 3.01 1.93
N LEU A 46 -10.05 3.85 0.90
CA LEU A 46 -9.49 5.18 1.06
C LEU A 46 -10.21 5.96 2.15
N LEU A 47 -11.53 5.79 2.20
CA LEU A 47 -12.35 6.48 3.20
C LEU A 47 -11.80 6.25 4.61
N SER A 48 -11.72 4.98 5.00
CA SER A 48 -11.22 4.62 6.33
C SER A 48 -9.73 4.97 6.45
N LEU A 49 -8.99 4.79 5.37
CA LEU A 49 -7.57 5.07 5.35
C LEU A 49 -7.30 6.53 5.75
N THR A 50 -7.95 7.45 5.05
CA THR A 50 -7.78 8.88 5.33
C THR A 50 -8.32 9.23 6.72
N VAL A 51 -9.23 8.39 7.23
CA VAL A 51 -9.81 8.61 8.55
C VAL A 51 -8.81 8.28 9.65
N PHE A 52 -8.23 7.10 9.58
CA PHE A 52 -7.26 6.66 10.57
C PHE A 52 -5.94 7.42 10.42
N LEU A 53 -5.66 7.85 9.20
CA LEU A 53 -4.43 8.58 8.91
C LEU A 53 -4.38 9.89 9.69
N LEU A 54 -5.50 10.61 9.70
CA LEU A 54 -5.59 11.88 10.40
C LEU A 54 -5.47 11.67 11.92
N LEU A 55 -6.13 10.63 12.41
CA LEU A 55 -6.10 10.31 13.84
C LEU A 55 -4.67 10.18 14.33
N ILE A 56 -3.78 9.74 13.46
CA ILE A 56 -2.37 9.57 13.80
C ILE A 56 -1.61 10.89 13.66
N THR A 57 -2.14 11.78 12.82
CA THR A 57 -1.51 13.07 12.60
C THR A 57 -1.92 14.08 13.66
N GLU A 58 -3.01 13.78 14.37
CA GLU A 58 -3.50 14.66 15.42
C GLU A 58 -2.86 14.32 16.76
N ILE A 59 -2.66 13.03 17.00
CA ILE A 59 -2.06 12.56 18.25
C ILE A 59 -0.54 12.67 18.19
N ILE A 60 0.01 12.63 16.98
CA ILE A 60 1.45 12.71 16.79
C ILE A 60 2.18 11.70 17.66
N PRO A 61 2.17 10.43 17.24
CA PRO A 61 2.83 9.34 17.97
C PRO A 61 4.34 9.44 17.91
N SER A 62 4.84 10.35 17.08
CA SER A 62 6.28 10.55 16.93
C SER A 62 6.58 11.91 16.29
N THR A 63 7.37 12.71 16.99
CA THR A 63 7.73 14.03 16.49
C THR A 63 9.24 14.26 16.60
N SER A 64 10.00 13.17 16.56
CA SER A 64 11.46 13.26 16.65
C SER A 64 12.12 12.34 15.63
N SER A 65 13.43 12.48 15.48
CA SER A 65 14.19 11.67 14.53
C SER A 65 14.45 10.27 15.10
N VAL A 66 14.34 10.14 16.41
CA VAL A 66 14.56 8.86 17.08
C VAL A 66 13.25 8.09 17.24
N SER A 67 13.36 6.83 17.61
CA SER A 67 12.19 5.98 17.80
C SER A 67 11.42 5.81 16.49
N PRO A 68 10.58 4.77 16.42
CA PRO A 68 9.77 4.47 15.23
C PRO A 68 8.67 5.50 15.02
N SER A 69 8.49 5.92 13.78
CA SER A 69 7.47 6.91 13.43
C SER A 69 6.76 6.53 12.13
N ILE A 70 5.46 6.31 12.22
CA ILE A 70 4.66 5.94 11.05
C ILE A 70 4.36 7.17 10.19
N GLY A 71 4.59 8.35 10.75
CA GLY A 71 4.33 9.57 10.02
C GLY A 71 5.00 9.60 8.67
N GLU A 72 6.14 8.90 8.57
CA GLU A 72 6.88 8.85 7.32
C GLU A 72 6.33 7.77 6.40
N TYR A 73 5.74 6.74 6.99
CA TYR A 73 5.16 5.65 6.21
C TYR A 73 3.79 6.03 5.65
N LEU A 74 2.92 6.53 6.52
CA LEU A 74 1.59 6.93 6.11
C LEU A 74 1.65 7.99 5.02
N LEU A 75 2.76 8.73 4.98
CA LEU A 75 2.95 9.78 3.98
C LEU A 75 3.47 9.20 2.67
N PHE A 76 4.60 8.52 2.74
CA PHE A 76 5.19 7.91 1.56
C PHE A 76 4.23 6.93 0.90
N THR A 77 3.58 6.10 1.71
CA THR A 77 2.64 5.12 1.21
C THR A 77 1.45 5.80 0.52
N MET A 78 0.89 6.80 1.19
CA MET A 78 -0.25 7.53 0.64
C MET A 78 0.09 8.12 -0.72
N ILE A 79 1.32 8.63 -0.86
CA ILE A 79 1.76 9.21 -2.11
C ILE A 79 2.06 8.14 -3.15
N PHE A 80 2.53 6.99 -2.67
CA PHE A 80 2.86 5.87 -3.56
C PHE A 80 1.60 5.23 -4.12
N VAL A 81 0.75 4.72 -3.22
CA VAL A 81 -0.49 4.08 -3.63
C VAL A 81 -1.33 5.01 -4.50
N THR A 82 -1.22 6.30 -4.25
CA THR A 82 -1.97 7.29 -5.01
C THR A 82 -1.58 7.26 -6.49
N LEU A 83 -0.29 7.43 -6.76
CA LEU A 83 0.21 7.43 -8.13
C LEU A 83 0.10 6.03 -8.74
N SER A 84 0.08 5.02 -7.88
CA SER A 84 -0.02 3.63 -8.33
C SER A 84 -1.40 3.36 -8.92
N ILE A 85 -2.39 4.12 -8.48
CA ILE A 85 -3.76 3.95 -8.96
C ILE A 85 -3.95 4.63 -10.31
N VAL A 86 -3.61 5.92 -10.38
CA VAL A 86 -3.73 6.69 -11.61
C VAL A 86 -2.95 6.04 -12.74
N ILE A 87 -1.78 5.48 -12.40
CA ILE A 87 -0.94 4.83 -13.40
C ILE A 87 -1.49 3.46 -13.77
N THR A 88 -2.21 2.83 -12.85
CA THR A 88 -2.79 1.52 -13.08
C THR A 88 -4.00 1.62 -14.02
N VAL A 89 -4.83 2.64 -13.82
CA VAL A 89 -6.01 2.84 -14.63
C VAL A 89 -5.64 3.36 -16.02
N PHE A 90 -4.47 3.98 -16.13
CA PHE A 90 -4.00 4.52 -17.39
C PHE A 90 -3.51 3.40 -18.31
N VAL A 91 -2.56 2.62 -17.82
CA VAL A 91 -2.01 1.51 -18.58
C VAL A 91 -3.11 0.58 -19.08
N LEU A 92 -4.14 0.39 -18.25
CA LEU A 92 -5.27 -0.46 -18.61
C LEU A 92 -6.25 0.26 -19.50
N ASN A 93 -6.21 1.59 -19.46
CA ASN A 93 -7.10 2.42 -20.27
C ASN A 93 -6.83 2.21 -21.76
N VAL A 94 -5.54 2.07 -22.10
CA VAL A 94 -5.15 1.88 -23.49
C VAL A 94 -4.37 0.57 -23.65
N HIS A 95 -3.91 0.32 -24.88
CA HIS A 95 -3.16 -0.89 -25.17
C HIS A 95 -4.01 -2.14 -24.96
N HIS A 96 -3.53 -3.27 -25.45
CA HIS A 96 -4.25 -4.53 -25.31
C HIS A 96 -5.68 -4.41 -25.86
N ARG A 97 -5.81 -4.58 -27.16
CA ARG A 97 -7.12 -4.48 -27.81
C ARG A 97 -7.70 -5.87 -28.07
N SER A 98 -8.99 -6.02 -27.82
CA SER A 98 -9.68 -7.30 -28.03
C SER A 98 -11.18 -7.14 -27.88
N PRO A 99 -11.93 -8.11 -28.43
CA PRO A 99 -13.39 -8.11 -28.37
C PRO A 99 -13.92 -8.35 -26.96
N GLU A 100 -13.36 -9.37 -26.29
CA GLU A 100 -13.77 -9.71 -24.94
C GLU A 100 -12.86 -10.78 -24.35
N THR A 101 -12.45 -11.73 -25.18
CA THR A 101 -11.58 -12.81 -24.75
C THR A 101 -10.21 -12.28 -24.34
N HIS A 102 -9.68 -12.80 -23.24
CA HIS A 102 -8.37 -12.38 -22.75
C HIS A 102 -7.39 -13.55 -22.74
N THR A 103 -6.52 -13.60 -23.75
CA THR A 103 -5.54 -14.67 -23.87
C THR A 103 -4.13 -14.10 -24.02
N GLY A 104 -3.13 -14.93 -23.73
CA GLY A 104 -1.75 -14.50 -23.84
C GLY A 104 -1.22 -13.94 -22.53
N GLY A 105 -1.90 -12.94 -21.99
CA GLY A 105 -1.47 -12.34 -20.74
C GLY A 105 -0.55 -11.15 -20.96
N GLY A 106 0.64 -11.42 -21.49
CA GLY A 106 1.60 -10.36 -21.74
C GLY A 106 3.03 -10.82 -21.60
N GLY A 107 3.71 -10.37 -20.56
CA GLY A 107 5.09 -10.75 -20.34
C GLY A 107 5.47 -10.72 -18.87
N GLY A 108 4.72 -11.45 -18.05
CA GLY A 108 4.99 -11.50 -16.62
C GLY A 108 4.85 -10.14 -15.96
N ILE A 109 3.93 -9.33 -16.48
CA ILE A 109 3.68 -8.00 -15.94
C ILE A 109 2.90 -8.08 -14.64
N ASP A 110 1.98 -9.05 -14.57
CA ASP A 110 1.17 -9.23 -13.38
C ASP A 110 1.99 -9.77 -12.22
N ARG A 111 2.74 -10.84 -12.49
CA ARG A 111 3.58 -11.45 -11.46
C ARG A 111 4.52 -10.43 -10.85
N ILE A 112 5.16 -9.63 -11.69
CA ILE A 112 6.09 -8.60 -11.23
C ILE A 112 5.35 -7.43 -10.59
N PHE A 113 4.16 -7.13 -11.11
CA PHE A 113 3.36 -6.04 -10.60
C PHE A 113 3.12 -6.21 -9.09
N LEU A 114 2.49 -7.31 -8.71
CA LEU A 114 2.20 -7.58 -7.31
C LEU A 114 3.49 -7.78 -6.52
N TRP A 115 4.55 -8.18 -7.22
CA TRP A 115 5.84 -8.40 -6.57
C TRP A 115 6.45 -7.09 -6.10
N MET A 116 6.08 -5.99 -6.76
CA MET A 116 6.58 -4.67 -6.41
C MET A 116 5.86 -4.13 -5.17
N PHE A 117 4.53 -4.19 -5.20
CA PHE A 117 3.72 -3.70 -4.09
C PHE A 117 4.17 -4.31 -2.78
N ILE A 118 4.47 -5.61 -2.80
CA ILE A 118 4.91 -6.32 -1.61
C ILE A 118 6.40 -6.05 -1.33
N ILE A 119 7.12 -5.64 -2.37
CA ILE A 119 8.54 -5.35 -2.25
C ILE A 119 8.76 -4.07 -1.43
N VAL A 120 7.83 -3.14 -1.55
CA VAL A 120 7.93 -1.88 -0.82
C VAL A 120 7.36 -2.00 0.58
N CYS A 121 6.38 -2.89 0.74
CA CYS A 121 5.75 -3.11 2.03
C CYS A 121 6.74 -3.70 3.03
N LEU A 122 7.43 -4.76 2.61
CA LEU A 122 8.42 -5.42 3.46
C LEU A 122 9.66 -4.56 3.63
N LEU A 123 10.18 -4.06 2.52
CA LEU A 123 11.37 -3.22 2.54
C LEU A 123 11.17 -2.00 3.43
N GLY A 124 10.16 -1.20 3.11
CA GLY A 124 9.87 -0.01 3.89
C GLY A 124 9.68 -0.33 5.36
N THR A 125 8.99 -1.42 5.65
CA THR A 125 8.73 -1.83 7.02
C THR A 125 10.04 -2.20 7.74
N VAL A 126 10.94 -2.83 7.01
CA VAL A 126 12.23 -3.24 7.58
C VAL A 126 13.05 -2.03 8.00
N GLY A 127 13.18 -1.06 7.09
CA GLY A 127 13.94 0.14 7.38
C GLY A 127 13.33 0.95 8.51
N LEU A 128 12.04 0.75 8.76
CA LEU A 128 11.34 1.46 9.82
C LEU A 128 11.58 0.80 11.17
N PHE A 129 11.43 -0.51 11.21
CA PHE A 129 11.63 -1.28 12.44
C PHE A 129 13.08 -1.21 12.90
N LEU A 130 13.99 -1.09 11.93
CA LEU A 130 15.42 -1.02 12.23
C LEU A 130 15.87 -2.24 13.03
N PRO A 131 15.92 -3.40 12.36
CA PRO A 131 16.34 -4.66 12.98
C PRO A 131 17.83 -4.67 13.30
N PRO A 132 18.25 -5.67 14.10
CA PRO A 132 19.65 -5.82 14.49
C PRO A 132 20.54 -6.24 13.33
N TRP A 133 20.04 -7.16 12.51
CA TRP A 133 20.79 -7.65 11.36
C TRP A 133 21.28 -6.50 10.50
N LEU A 134 20.46 -5.45 10.40
CA LEU A 134 20.82 -4.29 9.60
C LEU A 134 21.20 -3.12 10.49
N ALA A 135 21.74 -3.44 11.67
CA ALA A 135 22.16 -2.40 12.61
C ALA A 135 23.65 -2.12 12.49
N GLY A 136 24.38 -3.07 11.91
CA GLY A 136 25.81 -2.91 11.73
C GLY A 136 26.27 -3.24 10.32
N GLU A 137 26.32 -4.52 10.00
CA GLU A 137 26.74 -4.97 8.69
C GLU A 137 25.86 -4.36 7.59
N GLU A 4 8.70 7.20 21.43
CA GLU A 4 8.61 7.19 22.88
C GLU A 4 7.35 6.47 23.34
N GLU A 5 6.64 5.85 22.39
CA GLU A 5 5.41 5.13 22.71
C GLU A 5 4.88 4.41 21.47
N LEU A 6 5.79 3.96 20.62
CA LEU A 6 5.41 3.26 19.40
C LEU A 6 6.26 2.00 19.21
N PRO A 7 6.14 1.06 20.16
CA PRO A 7 6.89 -0.20 20.13
C PRO A 7 6.39 -1.12 19.02
N LEU A 8 6.91 -2.35 19.01
CA LEU A 8 6.53 -3.34 18.01
C LEU A 8 5.03 -3.64 18.09
N PHE A 9 4.47 -3.50 19.29
CA PHE A 9 3.05 -3.76 19.50
C PHE A 9 2.20 -2.99 18.49
N TYR A 10 2.69 -1.83 18.08
CA TYR A 10 1.98 -0.99 17.13
C TYR A 10 2.17 -1.50 15.71
N THR A 11 3.36 -2.04 15.44
CA THR A 11 3.67 -2.57 14.11
C THR A 11 2.82 -3.79 13.79
N ILE A 12 2.46 -4.55 14.82
CA ILE A 12 1.64 -5.74 14.64
C ILE A 12 0.17 -5.38 14.49
N ASN A 13 -0.24 -4.31 15.17
CA ASN A 13 -1.63 -3.86 15.12
C ASN A 13 -1.87 -3.00 13.87
N LEU A 14 -0.80 -2.47 13.31
CA LEU A 14 -0.88 -1.62 12.12
C LEU A 14 -0.72 -2.46 10.86
N ILE A 15 0.01 -3.56 10.96
CA ILE A 15 0.24 -4.44 9.83
C ILE A 15 -0.99 -5.31 9.54
N ILE A 16 -1.69 -5.68 10.61
CA ILE A 16 -2.88 -6.51 10.48
C ILE A 16 -3.86 -5.91 9.47
N PRO A 17 -4.28 -4.66 9.71
CA PRO A 17 -5.21 -3.95 8.83
C PRO A 17 -4.58 -3.59 7.49
N CYS A 18 -3.26 -3.39 7.50
CA CYS A 18 -2.53 -3.03 6.28
C CYS A 18 -2.79 -4.05 5.18
N LEU A 19 -2.98 -5.31 5.57
CA LEU A 19 -3.23 -6.38 4.60
C LEU A 19 -4.72 -6.45 4.25
N LEU A 20 -5.56 -6.42 5.27
CA LEU A 20 -7.00 -6.48 5.06
C LEU A 20 -7.46 -5.43 4.07
N ILE A 21 -6.89 -4.24 4.18
CA ILE A 21 -7.22 -3.13 3.28
C ILE A 21 -6.51 -3.28 1.93
N SER A 22 -5.32 -3.87 1.98
CA SER A 22 -4.52 -4.06 0.76
C SER A 22 -5.21 -5.05 -0.18
N CYS A 23 -5.71 -6.15 0.40
CA CYS A 23 -6.37 -7.18 -0.39
C CYS A 23 -7.74 -6.70 -0.87
N LEU A 24 -8.39 -5.88 -0.06
CA LEU A 24 -9.71 -5.35 -0.40
C LEU A 24 -9.68 -4.68 -1.78
N THR A 25 -8.73 -3.77 -1.97
CA THR A 25 -8.61 -3.06 -3.23
C THR A 25 -8.21 -4.00 -4.35
N VAL A 26 -7.36 -4.97 -4.03
CA VAL A 26 -6.90 -5.94 -5.01
C VAL A 26 -8.05 -6.79 -5.53
N LEU A 27 -8.98 -7.14 -4.63
CA LEU A 27 -10.14 -7.95 -5.00
C LEU A 27 -11.01 -7.21 -6.00
N VAL A 28 -11.26 -5.93 -5.74
CA VAL A 28 -12.07 -5.11 -6.62
C VAL A 28 -11.57 -5.17 -8.06
N PHE A 29 -10.25 -5.11 -8.22
CA PHE A 29 -9.63 -5.15 -9.54
C PHE A 29 -9.49 -6.59 -10.03
N TYR A 30 -9.64 -7.53 -9.10
CA TYR A 30 -9.52 -8.95 -9.43
C TYR A 30 -10.69 -9.41 -10.30
N LEU A 31 -11.82 -8.72 -10.18
CA LEU A 31 -13.01 -9.06 -10.95
C LEU A 31 -14.10 -8.00 -10.75
N PRO A 32 -13.90 -6.82 -11.35
CA PRO A 32 -14.85 -5.71 -11.25
C PRO A 32 -16.14 -5.99 -12.02
N SER A 33 -17.17 -5.20 -11.74
CA SER A 33 -18.46 -5.37 -12.40
C SER A 33 -18.83 -4.12 -13.19
N GLU A 34 -18.77 -2.97 -12.53
CA GLU A 34 -19.10 -1.70 -13.17
C GLU A 34 -17.94 -0.72 -13.05
N CYS A 35 -18.10 0.46 -13.65
CA CYS A 35 -17.07 1.49 -13.61
C CYS A 35 -17.37 2.51 -12.53
N GLY A 36 -18.63 2.58 -12.12
CA GLY A 36 -19.03 3.54 -11.10
C GLY A 36 -18.75 3.03 -9.70
N GLU A 37 -18.91 1.72 -9.51
CA GLU A 37 -18.68 1.10 -8.20
C GLU A 37 -17.22 1.24 -7.79
N LYS A 38 -16.33 1.20 -8.78
CA LYS A 38 -14.90 1.32 -8.53
C LYS A 38 -14.57 2.64 -7.86
N ILE A 39 -15.10 3.73 -8.40
CA ILE A 39 -14.87 5.05 -7.84
C ILE A 39 -15.24 5.11 -6.37
N THR A 40 -16.48 4.71 -6.07
CA THR A 40 -16.97 4.71 -4.69
C THR A 40 -16.10 3.85 -3.79
N LEU A 41 -15.69 2.70 -4.32
CA LEU A 41 -14.84 1.77 -3.56
C LEU A 41 -13.53 2.43 -3.17
N CYS A 42 -12.89 3.09 -4.13
CA CYS A 42 -11.62 3.77 -3.89
C CYS A 42 -11.76 4.77 -2.75
N ILE A 43 -12.93 5.38 -2.62
CA ILE A 43 -13.18 6.36 -1.58
C ILE A 43 -13.26 5.69 -0.21
N SER A 44 -13.74 4.44 -0.18
CA SER A 44 -13.87 3.70 1.06
C SER A 44 -12.51 3.47 1.70
N VAL A 45 -11.57 2.94 0.91
CA VAL A 45 -10.22 2.67 1.39
C VAL A 45 -9.49 3.97 1.74
N LEU A 46 -9.82 5.03 1.01
CA LEU A 46 -9.20 6.32 1.23
C LEU A 46 -9.63 6.91 2.58
N LEU A 47 -10.93 6.93 2.82
CA LEU A 47 -11.48 7.46 4.06
C LEU A 47 -10.82 6.80 5.27
N SER A 48 -10.64 5.48 5.20
CA SER A 48 -10.02 4.72 6.28
C SER A 48 -8.61 5.22 6.55
N LEU A 49 -7.87 5.49 5.48
CA LEU A 49 -6.49 5.96 5.60
C LEU A 49 -6.44 7.22 6.47
N THR A 50 -7.18 8.25 6.06
CA THR A 50 -7.21 9.51 6.80
C THR A 50 -7.81 9.32 8.18
N VAL A 51 -8.61 8.27 8.34
CA VAL A 51 -9.24 7.97 9.62
C VAL A 51 -8.23 7.41 10.61
N PHE A 52 -7.55 6.34 10.23
CA PHE A 52 -6.56 5.70 11.09
C PHE A 52 -5.37 6.64 11.32
N LEU A 53 -5.13 7.52 10.36
CA LEU A 53 -4.02 8.47 10.47
C LEU A 53 -4.23 9.42 11.63
N LEU A 54 -5.37 10.09 11.65
CA LEU A 54 -5.70 11.04 12.71
C LEU A 54 -5.52 10.39 14.08
N LEU A 55 -6.05 9.18 14.24
CA LEU A 55 -5.94 8.46 15.50
C LEU A 55 -4.49 8.39 15.98
N ILE A 56 -3.60 8.00 15.08
CA ILE A 56 -2.18 7.89 15.39
C ILE A 56 -1.65 9.22 15.92
N THR A 57 -2.27 10.31 15.50
CA THR A 57 -1.85 11.65 15.92
C THR A 57 -2.48 12.03 17.26
N GLU A 58 -3.56 11.33 17.61
CA GLU A 58 -4.26 11.60 18.86
C GLU A 58 -3.43 11.12 20.06
N ILE A 59 -2.73 10.01 19.87
CA ILE A 59 -1.90 9.43 20.93
C ILE A 59 -0.64 10.26 21.15
N ILE A 60 -0.39 11.20 20.24
CA ILE A 60 0.77 12.06 20.34
C ILE A 60 2.05 11.24 20.51
N PRO A 61 2.50 10.60 19.43
CA PRO A 61 3.71 9.77 19.44
C PRO A 61 4.98 10.61 19.59
N SER A 62 5.05 11.70 18.84
CA SER A 62 6.21 12.58 18.87
C SER A 62 5.99 13.81 18.00
N THR A 63 6.17 14.99 18.59
CA THR A 63 5.99 16.24 17.87
C THR A 63 7.32 16.78 17.35
N SER A 64 8.29 15.88 17.18
CA SER A 64 9.60 16.26 16.69
C SER A 64 9.98 15.45 15.45
N SER A 65 11.09 15.83 14.81
CA SER A 65 11.55 15.15 13.61
C SER A 65 12.61 14.10 13.96
N VAL A 66 12.85 13.93 15.26
CA VAL A 66 13.84 12.97 15.72
C VAL A 66 13.18 11.66 16.15
N SER A 67 13.99 10.64 16.39
CA SER A 67 13.48 9.34 16.80
C SER A 67 12.60 8.72 15.72
N PRO A 68 12.41 7.40 15.79
CA PRO A 68 11.59 6.66 14.82
C PRO A 68 10.11 6.99 14.94
N SER A 69 9.46 7.26 13.82
CA SER A 69 8.05 7.58 13.80
C SER A 69 7.37 7.04 12.55
N ILE A 70 6.11 6.66 12.69
CA ILE A 70 5.35 6.11 11.57
C ILE A 70 5.00 7.20 10.56
N GLY A 71 5.16 8.46 10.97
CA GLY A 71 4.86 9.57 10.09
C GLY A 71 5.56 9.46 8.75
N GLU A 72 6.71 8.79 8.75
CA GLU A 72 7.48 8.62 7.52
C GLU A 72 6.97 7.43 6.72
N TYR A 73 6.43 6.43 7.42
CA TYR A 73 5.90 5.23 6.79
C TYR A 73 4.54 5.51 6.17
N LEU A 74 3.70 6.26 6.87
CA LEU A 74 2.37 6.59 6.40
C LEU A 74 2.44 7.58 5.24
N LEU A 75 3.47 8.41 5.24
CA LEU A 75 3.65 9.40 4.18
C LEU A 75 4.11 8.74 2.89
N PHE A 76 5.05 7.81 3.00
CA PHE A 76 5.57 7.10 1.84
C PHE A 76 4.48 6.24 1.20
N THR A 77 3.94 5.31 1.98
CA THR A 77 2.90 4.41 1.48
C THR A 77 1.74 5.21 0.90
N MET A 78 1.52 6.41 1.41
CA MET A 78 0.44 7.26 0.93
C MET A 78 0.61 7.57 -0.56
N ILE A 79 1.78 8.08 -0.92
CA ILE A 79 2.07 8.42 -2.30
C ILE A 79 2.34 7.17 -3.13
N PHE A 80 2.76 6.10 -2.46
CA PHE A 80 3.06 4.85 -3.13
C PHE A 80 1.80 4.22 -3.72
N VAL A 81 0.79 4.02 -2.86
CA VAL A 81 -0.48 3.44 -3.30
C VAL A 81 -1.19 4.36 -4.28
N THR A 82 -0.98 5.67 -4.12
CA THR A 82 -1.61 6.65 -5.00
C THR A 82 -1.19 6.45 -6.45
N LEU A 83 0.12 6.44 -6.68
CA LEU A 83 0.65 6.25 -8.03
C LEU A 83 0.32 4.87 -8.56
N SER A 84 0.12 3.92 -7.65
CA SER A 84 -0.20 2.55 -8.03
C SER A 84 -1.59 2.48 -8.66
N ILE A 85 -2.56 3.09 -8.01
CA ILE A 85 -3.94 3.10 -8.51
C ILE A 85 -4.03 3.85 -9.84
N VAL A 86 -3.10 4.77 -10.06
CA VAL A 86 -3.07 5.55 -11.29
C VAL A 86 -2.55 4.72 -12.46
N ILE A 87 -1.40 4.08 -12.25
CA ILE A 87 -0.79 3.25 -13.28
C ILE A 87 -1.61 1.98 -13.52
N THR A 88 -2.06 1.36 -12.44
CA THR A 88 -2.85 0.13 -12.54
C THR A 88 -4.13 0.37 -13.33
N VAL A 89 -4.69 1.58 -13.21
CA VAL A 89 -5.91 1.92 -13.91
C VAL A 89 -5.64 2.17 -15.40
N PHE A 90 -4.52 2.82 -15.69
CA PHE A 90 -4.15 3.11 -17.07
C PHE A 90 -3.73 1.85 -17.80
N VAL A 91 -2.77 1.12 -17.22
CA VAL A 91 -2.29 -0.11 -17.82
C VAL A 91 -3.43 -1.06 -18.15
N LEU A 92 -4.46 -1.05 -17.30
CA LEU A 92 -5.62 -1.91 -17.51
C LEU A 92 -6.66 -1.22 -18.37
N ASN A 93 -6.57 0.11 -18.45
CA ASN A 93 -7.52 0.90 -19.24
C ASN A 93 -7.31 0.64 -20.73
N VAL A 94 -6.05 0.55 -21.15
CA VAL A 94 -5.71 0.32 -22.55
C VAL A 94 -4.25 -0.08 -22.70
N HIS A 95 -3.94 -0.79 -23.78
CA HIS A 95 -2.57 -1.23 -24.05
C HIS A 95 -2.10 -0.71 -25.40
N HIS A 96 -0.79 -0.84 -25.65
CA HIS A 96 -0.20 -0.38 -26.89
C HIS A 96 1.04 -1.18 -27.24
N ARG A 97 1.93 -1.32 -26.27
CA ARG A 97 3.17 -2.07 -26.47
C ARG A 97 3.23 -3.29 -25.56
N SER A 98 3.08 -4.47 -26.16
CA SER A 98 3.10 -5.72 -25.40
C SER A 98 4.52 -6.28 -25.32
N PRO A 99 4.74 -7.17 -24.34
CA PRO A 99 6.05 -7.80 -24.14
C PRO A 99 6.41 -8.78 -25.25
N GLU A 100 5.40 -9.26 -25.96
CA GLU A 100 5.61 -10.20 -27.05
C GLU A 100 6.37 -11.43 -26.57
N THR A 101 5.92 -11.99 -25.45
CA THR A 101 6.57 -13.17 -24.88
C THR A 101 5.75 -14.42 -25.17
N HIS A 102 4.47 -14.39 -24.83
CA HIS A 102 3.58 -15.53 -25.05
C HIS A 102 2.30 -15.09 -25.73
N THR A 103 1.55 -16.05 -26.26
CA THR A 103 0.30 -15.77 -26.96
C THR A 103 -0.84 -15.61 -25.96
N GLY A 104 -1.07 -14.38 -25.51
CA GLY A 104 -2.13 -14.11 -24.57
C GLY A 104 -1.76 -13.03 -23.58
N GLY A 105 -2.57 -11.98 -23.51
CA GLY A 105 -2.32 -10.89 -22.59
C GLY A 105 -3.29 -10.85 -21.44
N GLY A 106 -3.39 -11.95 -20.70
CA GLY A 106 -4.30 -12.02 -19.58
C GLY A 106 -4.33 -13.40 -18.94
N GLY A 107 -3.76 -13.51 -17.75
CA GLY A 107 -3.72 -14.79 -17.06
C GLY A 107 -2.83 -14.76 -15.83
N GLY A 108 -1.53 -14.59 -16.05
CA GLY A 108 -0.59 -14.56 -14.95
C GLY A 108 -0.35 -13.15 -14.44
N ILE A 109 -1.09 -12.19 -14.99
CA ILE A 109 -0.95 -10.79 -14.59
C ILE A 109 -1.63 -10.54 -13.26
N ASP A 110 -2.72 -11.26 -13.00
CA ASP A 110 -3.47 -11.11 -11.76
C ASP A 110 -2.67 -11.67 -10.58
N ARG A 111 -2.16 -12.88 -10.74
CA ARG A 111 -1.39 -13.52 -9.68
C ARG A 111 -0.17 -12.67 -9.30
N ILE A 112 0.51 -12.14 -10.32
CA ILE A 112 1.68 -11.31 -10.09
C ILE A 112 1.29 -9.94 -9.54
N PHE A 113 0.13 -9.45 -9.97
CA PHE A 113 -0.36 -8.14 -9.53
C PHE A 113 -0.43 -8.08 -8.01
N LEU A 114 -1.21 -8.97 -7.41
CA LEU A 114 -1.36 -9.01 -5.96
C LEU A 114 -0.05 -9.40 -5.30
N TRP A 115 0.80 -10.10 -6.03
CA TRP A 115 2.09 -10.53 -5.50
C TRP A 115 3.02 -9.34 -5.28
N MET A 116 2.79 -8.27 -6.05
CA MET A 116 3.61 -7.07 -5.93
C MET A 116 3.18 -6.24 -4.72
N PHE A 117 1.88 -6.00 -4.60
CA PHE A 117 1.34 -5.23 -3.49
C PHE A 117 1.83 -5.78 -2.15
N ILE A 118 1.84 -7.10 -2.03
CA ILE A 118 2.29 -7.75 -0.80
C ILE A 118 3.80 -7.79 -0.73
N ILE A 119 4.46 -7.67 -1.88
CA ILE A 119 5.91 -7.68 -1.94
C ILE A 119 6.50 -6.41 -1.34
N VAL A 120 5.78 -5.31 -1.49
CA VAL A 120 6.23 -4.03 -0.96
C VAL A 120 5.83 -3.86 0.51
N CYS A 121 4.72 -4.49 0.89
CA CYS A 121 4.23 -4.41 2.26
C CYS A 121 5.19 -5.11 3.21
N LEU A 122 5.57 -6.34 2.88
CA LEU A 122 6.49 -7.11 3.70
C LEU A 122 7.90 -6.55 3.63
N LEU A 123 8.36 -6.29 2.41
CA LEU A 123 9.70 -5.75 2.20
C LEU A 123 9.86 -4.41 2.93
N GLY A 124 8.98 -3.47 2.62
CA GLY A 124 9.05 -2.16 3.26
C GLY A 124 9.08 -2.25 4.77
N THR A 125 8.21 -3.09 5.33
CA THR A 125 8.14 -3.26 6.78
C THR A 125 9.49 -3.69 7.35
N VAL A 126 9.98 -4.84 6.90
CA VAL A 126 11.27 -5.34 7.36
C VAL A 126 12.38 -4.33 7.13
N GLY A 127 12.48 -3.85 5.89
CA GLY A 127 13.51 -2.88 5.56
C GLY A 127 13.46 -1.66 6.46
N LEU A 128 12.26 -1.18 6.76
CA LEU A 128 12.08 -0.01 7.60
C LEU A 128 12.83 -0.18 8.92
N PHE A 129 12.73 -1.37 9.50
CA PHE A 129 13.40 -1.66 10.77
C PHE A 129 14.91 -1.83 10.56
N LEU A 130 15.30 -2.11 9.32
CA LEU A 130 16.71 -2.31 8.99
C LEU A 130 17.13 -1.39 7.85
N PRO A 131 17.24 -0.08 8.14
CA PRO A 131 17.63 0.92 7.15
C PRO A 131 19.10 0.78 6.74
N PRO A 132 19.48 1.49 5.66
CA PRO A 132 20.85 1.46 5.14
C PRO A 132 21.83 2.17 6.07
N TRP A 133 21.35 3.20 6.75
CA TRP A 133 22.20 3.96 7.68
C TRP A 133 22.65 3.09 8.84
N LEU A 134 21.79 2.16 9.25
CA LEU A 134 22.11 1.26 10.36
C LEU A 134 22.32 -0.17 9.86
N ALA A 135 22.53 -0.31 8.55
CA ALA A 135 22.76 -1.61 7.95
C ALA A 135 24.21 -2.06 8.12
N GLY A 136 25.13 -1.12 7.98
CA GLY A 136 26.54 -1.44 8.12
C GLY A 136 27.42 -0.56 7.23
N GLU A 137 27.56 0.71 7.62
CA GLU A 137 28.37 1.65 6.85
C GLU A 137 29.81 1.16 6.75
N GLU A 4 4.28 9.38 24.36
CA GLU A 4 4.01 9.25 25.79
C GLU A 4 2.92 8.21 26.04
N GLU A 5 2.56 7.48 25.00
CA GLU A 5 1.52 6.45 25.11
C GLU A 5 1.39 5.67 23.82
N LEU A 6 2.51 5.51 23.10
CA LEU A 6 2.51 4.78 21.84
C LEU A 6 3.67 3.79 21.80
N PRO A 7 3.66 2.82 22.71
CA PRO A 7 4.70 1.80 22.79
C PRO A 7 4.65 0.82 21.63
N LEU A 8 5.43 -0.25 21.71
CA LEU A 8 5.47 -1.26 20.65
C LEU A 8 4.10 -1.88 20.45
N PHE A 9 3.34 -2.03 21.54
CA PHE A 9 2.01 -2.61 21.48
C PHE A 9 1.16 -1.91 20.41
N TYR A 10 1.43 -0.63 20.22
CA TYR A 10 0.68 0.16 19.23
C TYR A 10 1.16 -0.15 17.81
N THR A 11 2.46 -0.41 17.69
CA THR A 11 3.04 -0.72 16.39
C THR A 11 2.51 -2.04 15.85
N ILE A 12 2.20 -2.97 16.75
CA ILE A 12 1.69 -4.27 16.36
C ILE A 12 0.19 -4.21 16.07
N ASN A 13 -0.49 -3.25 16.70
CA ASN A 13 -1.93 -3.08 16.50
C ASN A 13 -2.21 -2.27 15.25
N LEU A 14 -1.19 -1.57 14.77
CA LEU A 14 -1.34 -0.75 13.57
C LEU A 14 -0.95 -1.54 12.32
N ILE A 15 -0.04 -2.49 12.49
CA ILE A 15 0.42 -3.32 11.37
C ILE A 15 -0.62 -4.38 11.03
N ILE A 16 -1.31 -4.87 12.05
CA ILE A 16 -2.33 -5.90 11.86
C ILE A 16 -3.32 -5.50 10.77
N PRO A 17 -3.97 -4.34 10.96
CA PRO A 17 -4.96 -3.82 10.01
C PRO A 17 -4.31 -3.35 8.72
N CYS A 18 -3.05 -2.92 8.80
CA CYS A 18 -2.32 -2.44 7.63
C CYS A 18 -2.32 -3.49 6.53
N LEU A 19 -2.30 -4.76 6.93
CA LEU A 19 -2.30 -5.86 5.97
C LEU A 19 -3.71 -6.20 5.52
N LEU A 20 -4.62 -6.33 6.48
CA LEU A 20 -6.01 -6.65 6.18
C LEU A 20 -6.58 -5.69 5.14
N ILE A 21 -6.24 -4.41 5.27
CA ILE A 21 -6.71 -3.39 4.34
C ILE A 21 -5.91 -3.41 3.05
N SER A 22 -4.64 -3.80 3.16
CA SER A 22 -3.77 -3.86 1.99
C SER A 22 -4.20 -4.97 1.04
N CYS A 23 -4.43 -6.15 1.59
CA CYS A 23 -4.86 -7.30 0.78
C CYS A 23 -6.27 -7.10 0.26
N LEU A 24 -7.11 -6.46 1.07
CA LEU A 24 -8.50 -6.20 0.68
C LEU A 24 -8.57 -5.53 -0.69
N THR A 25 -7.76 -4.48 -0.87
CA THR A 25 -7.73 -3.74 -2.12
C THR A 25 -7.19 -4.62 -3.25
N VAL A 26 -6.20 -5.44 -2.94
CA VAL A 26 -5.60 -6.33 -3.93
C VAL A 26 -6.63 -7.32 -4.48
N LEU A 27 -7.29 -8.03 -3.58
CA LEU A 27 -8.30 -9.00 -3.97
C LEU A 27 -9.34 -8.37 -4.89
N VAL A 28 -9.76 -7.15 -4.56
CA VAL A 28 -10.75 -6.44 -5.35
C VAL A 28 -10.32 -6.35 -6.81
N PHE A 29 -9.03 -6.09 -7.04
CA PHE A 29 -8.50 -5.98 -8.38
C PHE A 29 -8.23 -7.36 -8.98
N TYR A 30 -8.11 -8.36 -8.11
CA TYR A 30 -7.87 -9.73 -8.54
C TYR A 30 -9.10 -10.33 -9.22
N LEU A 31 -10.27 -9.82 -8.84
CA LEU A 31 -11.53 -10.30 -9.40
C LEU A 31 -12.63 -9.25 -9.25
N PRO A 32 -12.51 -8.17 -10.02
CA PRO A 32 -13.48 -7.07 -10.00
C PRO A 32 -14.82 -7.47 -10.60
N SER A 33 -15.71 -6.50 -10.76
CA SER A 33 -17.04 -6.76 -11.32
C SER A 33 -17.48 -5.59 -12.21
N GLU A 34 -18.74 -5.63 -12.63
CA GLU A 34 -19.29 -4.58 -13.48
C GLU A 34 -20.36 -3.78 -12.74
N CYS A 35 -20.32 -3.85 -11.41
CA CYS A 35 -21.29 -3.13 -10.59
C CYS A 35 -20.69 -1.84 -10.04
N GLY A 36 -19.38 -1.70 -10.18
CA GLY A 36 -18.71 -0.50 -9.69
C GLY A 36 -18.33 -0.60 -8.23
N GLU A 37 -18.23 -1.83 -7.73
CA GLU A 37 -17.88 -2.07 -6.33
C GLU A 37 -16.48 -1.52 -6.04
N LYS A 38 -15.69 -1.34 -7.09
CA LYS A 38 -14.33 -0.84 -6.94
C LYS A 38 -14.34 0.61 -6.44
N ILE A 39 -15.02 1.48 -7.18
CA ILE A 39 -15.11 2.88 -6.82
C ILE A 39 -15.69 3.06 -5.42
N THR A 40 -16.60 2.17 -5.06
CA THR A 40 -17.25 2.22 -3.75
C THR A 40 -16.24 1.89 -2.64
N LEU A 41 -15.51 0.80 -2.81
CA LEU A 41 -14.52 0.38 -1.83
C LEU A 41 -13.35 1.36 -1.78
N CYS A 42 -13.00 1.92 -2.93
CA CYS A 42 -11.91 2.88 -3.01
C CYS A 42 -12.12 4.03 -2.04
N ILE A 43 -13.34 4.53 -1.98
CA ILE A 43 -13.67 5.65 -1.10
C ILE A 43 -13.77 5.18 0.35
N SER A 44 -14.37 4.00 0.54
CA SER A 44 -14.53 3.44 1.88
C SER A 44 -13.19 3.36 2.60
N VAL A 45 -12.27 2.57 2.04
CA VAL A 45 -10.95 2.41 2.63
C VAL A 45 -10.26 3.75 2.82
N LEU A 46 -10.49 4.67 1.88
CA LEU A 46 -9.88 6.00 1.94
C LEU A 46 -10.36 6.75 3.17
N LEU A 47 -11.62 6.55 3.54
CA LEU A 47 -12.20 7.21 4.70
C LEU A 47 -11.45 6.82 5.98
N SER A 48 -11.39 5.52 6.25
CA SER A 48 -10.70 5.02 7.44
C SER A 48 -9.21 5.30 7.36
N LEU A 49 -8.66 5.20 6.16
CA LEU A 49 -7.24 5.45 5.94
C LEU A 49 -6.87 6.87 6.35
N THR A 50 -7.63 7.84 5.87
CA THR A 50 -7.38 9.24 6.18
C THR A 50 -7.73 9.55 7.63
N VAL A 51 -8.60 8.73 8.21
CA VAL A 51 -9.02 8.92 9.60
C VAL A 51 -7.91 8.51 10.56
N PHE A 52 -7.39 7.30 10.38
CA PHE A 52 -6.32 6.79 11.24
C PHE A 52 -5.01 7.51 10.95
N LEU A 53 -4.85 7.97 9.72
CA LEU A 53 -3.64 8.67 9.31
C LEU A 53 -3.44 9.94 10.14
N LEU A 54 -4.50 10.72 10.28
CA LEU A 54 -4.45 11.95 11.05
C LEU A 54 -4.17 11.67 12.52
N LEU A 55 -4.81 10.63 13.04
CA LEU A 55 -4.62 10.25 14.45
C LEU A 55 -3.15 10.06 14.77
N ILE A 56 -2.38 9.62 13.77
CA ILE A 56 -0.95 9.39 13.95
C ILE A 56 -0.17 10.68 13.77
N THR A 57 -0.75 11.63 13.04
CA THR A 57 -0.10 12.92 12.80
C THR A 57 -0.34 13.88 13.94
N GLU A 58 -1.36 13.59 14.76
CA GLU A 58 -1.69 14.44 15.89
C GLU A 58 -0.92 14.01 17.13
N ILE A 59 -0.75 12.71 17.30
CA ILE A 59 -0.03 12.17 18.44
C ILE A 59 1.49 12.22 18.22
N ILE A 60 1.89 12.22 16.95
CA ILE A 60 3.30 12.27 16.60
C ILE A 60 4.09 11.20 17.34
N PRO A 61 3.97 9.94 16.87
CA PRO A 61 4.67 8.80 17.48
C PRO A 61 6.18 8.86 17.24
N SER A 62 6.61 9.79 16.40
CA SER A 62 8.02 9.94 16.08
C SER A 62 8.26 11.18 15.22
N THR A 63 9.32 11.92 15.53
CA THR A 63 9.65 13.12 14.78
C THR A 63 11.16 13.30 14.69
N SER A 64 11.89 12.20 14.59
CA SER A 64 13.34 12.23 14.49
C SER A 64 13.85 11.13 13.57
N SER A 65 15.14 11.19 13.23
CA SER A 65 15.75 10.20 12.36
C SER A 65 15.73 8.83 13.00
N VAL A 66 16.20 8.76 14.23
CA VAL A 66 16.24 7.49 14.97
C VAL A 66 14.85 7.10 15.46
N SER A 67 14.77 5.96 16.14
CA SER A 67 13.50 5.47 16.66
C SER A 67 12.53 5.16 15.53
N PRO A 68 11.51 4.36 15.83
CA PRO A 68 10.49 3.97 14.86
C PRO A 68 9.57 5.13 14.48
N SER A 69 9.61 5.51 13.21
CA SER A 69 8.78 6.61 12.71
C SER A 69 7.93 6.17 11.53
N ILE A 70 6.63 6.04 11.77
CA ILE A 70 5.70 5.63 10.72
C ILE A 70 5.39 6.77 9.77
N GLY A 71 5.74 7.99 10.19
CA GLY A 71 5.49 9.16 9.37
C GLY A 71 6.03 9.01 7.96
N GLU A 72 7.12 8.27 7.82
CA GLU A 72 7.74 8.05 6.53
C GLU A 72 7.06 6.89 5.79
N TYR A 73 6.46 5.99 6.55
CA TYR A 73 5.77 4.83 5.97
C TYR A 73 4.39 5.23 5.46
N LEU A 74 3.72 6.10 6.20
CA LEU A 74 2.39 6.55 5.83
C LEU A 74 2.44 7.44 4.59
N LEU A 75 3.57 8.12 4.40
CA LEU A 75 3.75 9.00 3.25
C LEU A 75 4.13 8.21 2.01
N PHE A 76 5.07 7.29 2.16
CA PHE A 76 5.51 6.45 1.05
C PHE A 76 4.38 5.60 0.52
N THR A 77 3.65 4.96 1.43
CA THR A 77 2.53 4.11 1.06
C THR A 77 1.43 4.91 0.38
N MET A 78 1.18 6.12 0.90
CA MET A 78 0.16 6.99 0.33
C MET A 78 0.41 7.26 -1.15
N ILE A 79 1.67 7.53 -1.48
CA ILE A 79 2.06 7.81 -2.85
C ILE A 79 2.19 6.52 -3.66
N PHE A 80 2.60 5.44 -2.99
CA PHE A 80 2.77 4.15 -3.64
C PHE A 80 1.43 3.61 -4.12
N VAL A 81 0.47 3.55 -3.20
CA VAL A 81 -0.86 3.05 -3.52
C VAL A 81 -1.57 3.97 -4.52
N THR A 82 -1.26 5.25 -4.45
CA THR A 82 -1.86 6.23 -5.35
C THR A 82 -1.59 5.89 -6.81
N LEU A 83 -0.31 5.88 -7.18
CA LEU A 83 0.09 5.57 -8.56
C LEU A 83 -0.30 4.14 -8.92
N SER A 84 -0.43 3.29 -7.90
CA SER A 84 -0.79 1.89 -8.11
C SER A 84 -2.21 1.77 -8.66
N ILE A 85 -3.15 2.45 -7.99
CA ILE A 85 -4.55 2.42 -8.40
C ILE A 85 -4.73 3.10 -9.76
N VAL A 86 -3.80 3.99 -10.10
CA VAL A 86 -3.86 4.70 -11.36
C VAL A 86 -3.29 3.86 -12.50
N ILE A 87 -2.11 3.29 -12.27
CA ILE A 87 -1.46 2.46 -13.27
C ILE A 87 -2.19 1.13 -13.44
N THR A 88 -2.81 0.66 -12.37
CA THR A 88 -3.54 -0.60 -12.40
C THR A 88 -4.84 -0.47 -13.19
N VAL A 89 -5.59 0.60 -12.91
CA VAL A 89 -6.85 0.85 -13.60
C VAL A 89 -6.61 1.23 -15.06
N PHE A 90 -5.42 1.76 -15.34
CA PHE A 90 -5.07 2.17 -16.70
C PHE A 90 -4.93 0.96 -17.61
N VAL A 91 -4.04 0.05 -17.23
CA VAL A 91 -3.80 -1.17 -18.02
C VAL A 91 -5.09 -1.94 -18.23
N LEU A 92 -5.99 -1.88 -17.25
CA LEU A 92 -7.27 -2.57 -17.33
C LEU A 92 -8.28 -1.74 -18.12
N ASN A 93 -8.06 -0.44 -18.18
CA ASN A 93 -8.95 0.45 -18.91
C ASN A 93 -8.66 0.43 -20.40
N VAL A 94 -7.37 0.50 -20.75
CA VAL A 94 -6.96 0.49 -22.15
C VAL A 94 -5.43 0.48 -22.26
N HIS A 95 -4.94 -0.01 -23.40
CA HIS A 95 -3.49 -0.08 -23.64
C HIS A 95 -3.20 -0.33 -25.11
N HIS A 96 -2.28 0.45 -25.67
CA HIS A 96 -1.90 0.30 -27.07
C HIS A 96 -0.41 0.04 -27.21
N ARG A 97 0.25 -0.23 -26.08
CA ARG A 97 1.68 -0.49 -26.07
C ARG A 97 1.97 -1.88 -26.64
N SER A 98 3.01 -1.98 -27.46
CA SER A 98 3.40 -3.25 -28.06
C SER A 98 4.70 -3.11 -28.84
N PRO A 99 5.36 -4.24 -29.10
CA PRO A 99 6.63 -4.28 -29.85
C PRO A 99 6.44 -3.94 -31.32
N GLU A 100 5.43 -4.55 -31.94
CA GLU A 100 5.14 -4.31 -33.35
C GLU A 100 3.81 -4.94 -33.75
N THR A 101 3.57 -6.15 -33.26
CA THR A 101 2.33 -6.87 -33.57
C THR A 101 1.51 -7.11 -32.30
N HIS A 102 0.21 -6.87 -32.39
CA HIS A 102 -0.68 -7.06 -31.26
C HIS A 102 -0.71 -8.53 -30.84
N THR A 103 -0.34 -8.78 -29.58
CA THR A 103 -0.32 -10.14 -29.05
C THR A 103 -1.45 -10.35 -28.05
N GLY A 104 -1.54 -11.57 -27.51
CA GLY A 104 -2.57 -11.87 -26.54
C GLY A 104 -2.15 -11.58 -25.12
N GLY A 105 -3.06 -11.02 -24.33
CA GLY A 105 -2.74 -10.70 -22.95
C GLY A 105 -2.98 -11.86 -22.01
N GLY A 106 -2.47 -11.74 -20.79
CA GLY A 106 -2.64 -12.80 -19.82
C GLY A 106 -1.52 -13.83 -19.87
N GLY A 107 -0.70 -13.86 -18.82
CA GLY A 107 0.41 -14.80 -18.79
C GLY A 107 1.19 -14.71 -17.50
N GLY A 108 0.59 -15.15 -16.40
CA GLY A 108 1.25 -15.11 -15.11
C GLY A 108 1.32 -13.71 -14.54
N ILE A 109 0.60 -12.78 -15.16
CA ILE A 109 0.57 -11.40 -14.70
C ILE A 109 -0.26 -11.24 -13.44
N ASP A 110 -1.29 -12.08 -13.32
CA ASP A 110 -2.18 -12.04 -12.15
C ASP A 110 -1.44 -12.51 -10.90
N ARG A 111 -0.75 -13.64 -11.01
CA ARG A 111 -0.01 -14.20 -9.88
C ARG A 111 1.09 -13.24 -9.43
N ILE A 112 1.80 -12.68 -10.40
CA ILE A 112 2.89 -11.75 -10.10
C ILE A 112 2.34 -10.42 -9.59
N PHE A 113 1.16 -10.05 -10.08
CA PHE A 113 0.53 -8.79 -9.66
C PHE A 113 0.39 -8.72 -8.15
N LEU A 114 -0.33 -9.67 -7.58
CA LEU A 114 -0.54 -9.71 -6.13
C LEU A 114 0.77 -9.95 -5.40
N TRP A 115 1.73 -10.59 -6.09
CA TRP A 115 3.02 -10.88 -5.51
C TRP A 115 3.81 -9.59 -5.27
N MET A 116 3.52 -8.57 -6.07
CA MET A 116 4.21 -7.29 -5.94
C MET A 116 3.65 -6.49 -4.76
N PHE A 117 2.33 -6.36 -4.71
CA PHE A 117 1.68 -5.62 -3.63
C PHE A 117 2.16 -6.12 -2.26
N ILE A 118 2.28 -7.43 -2.13
CA ILE A 118 2.72 -8.03 -0.87
C ILE A 118 4.24 -7.92 -0.72
N ILE A 119 4.93 -7.76 -1.84
CA ILE A 119 6.38 -7.63 -1.82
C ILE A 119 6.82 -6.31 -1.20
N VAL A 120 6.01 -5.28 -1.39
CA VAL A 120 6.31 -3.97 -0.83
C VAL A 120 5.82 -3.85 0.61
N CYS A 121 4.75 -4.57 0.93
CA CYS A 121 4.19 -4.55 2.27
C CYS A 121 5.17 -5.13 3.28
N LEU A 122 5.77 -6.26 2.94
CA LEU A 122 6.74 -6.92 3.82
C LEU A 122 8.09 -6.24 3.75
N LEU A 123 8.42 -5.71 2.56
CA LEU A 123 9.70 -5.03 2.36
C LEU A 123 9.73 -3.70 3.11
N GLY A 124 8.77 -2.84 2.80
CA GLY A 124 8.70 -1.54 3.46
C GLY A 124 8.71 -1.65 4.96
N THR A 125 7.85 -2.49 5.50
CA THR A 125 7.76 -2.69 6.95
C THR A 125 9.11 -3.08 7.53
N VAL A 126 9.73 -4.11 6.95
CA VAL A 126 11.03 -4.57 7.42
C VAL A 126 12.07 -3.46 7.34
N GLY A 127 12.19 -2.85 6.17
CA GLY A 127 13.15 -1.78 5.99
C GLY A 127 12.96 -0.65 6.98
N LEU A 128 11.71 -0.38 7.33
CA LEU A 128 11.40 0.68 8.29
C LEU A 128 12.03 0.40 9.64
N PHE A 129 11.95 -0.84 10.09
CA PHE A 129 12.51 -1.24 11.37
C PHE A 129 14.03 -1.33 11.28
N LEU A 130 14.55 -1.39 10.07
CA LEU A 130 15.99 -1.48 9.84
C LEU A 130 16.41 -0.63 8.65
N PRO A 131 16.39 0.70 8.83
CA PRO A 131 16.77 1.65 7.79
C PRO A 131 18.26 1.62 7.49
N PRO A 132 18.66 2.26 6.38
CA PRO A 132 20.06 2.32 5.96
C PRO A 132 20.91 3.19 6.88
N TRP A 133 20.29 4.22 7.44
CA TRP A 133 20.99 5.13 8.35
C TRP A 133 21.40 4.42 9.63
N LEU A 134 20.60 3.43 10.03
CA LEU A 134 20.87 2.67 11.24
C LEU A 134 21.17 1.21 10.91
N ALA A 135 21.59 0.97 9.67
CA ALA A 135 21.92 -0.38 9.24
C ALA A 135 23.41 -0.68 9.39
N GLY A 136 24.24 0.16 8.76
CA GLY A 136 25.68 -0.02 8.85
C GLY A 136 26.28 -0.45 7.52
N GLU A 137 26.74 0.53 6.74
CA GLU A 137 27.34 0.24 5.44
C GLU A 137 28.79 -0.22 5.60
N GLU A 4 6.67 7.66 22.25
CA GLU A 4 6.63 7.43 23.69
C GLU A 4 5.42 6.58 24.07
N GLU A 5 4.81 5.94 23.07
CA GLU A 5 3.64 5.10 23.31
C GLU A 5 3.23 4.37 22.03
N LEU A 6 4.22 4.05 21.20
CA LEU A 6 3.96 3.36 19.94
C LEU A 6 4.92 2.18 19.76
N PRO A 7 4.86 1.21 20.68
CA PRO A 7 5.71 0.02 20.64
C PRO A 7 5.36 -0.91 19.48
N LEU A 8 5.96 -2.10 19.47
CA LEU A 8 5.70 -3.08 18.43
C LEU A 8 4.22 -3.43 18.36
N PHE A 9 3.55 -3.34 19.50
CA PHE A 9 2.12 -3.66 19.57
C PHE A 9 1.35 -2.89 18.50
N TYR A 10 1.82 -1.69 18.17
CA TYR A 10 1.18 -0.86 17.16
C TYR A 10 1.53 -1.33 15.76
N THR A 11 2.75 -1.83 15.59
CA THR A 11 3.21 -2.33 14.30
C THR A 11 2.43 -3.56 13.87
N ILE A 12 2.01 -4.36 14.85
CA ILE A 12 1.25 -5.57 14.57
C ILE A 12 -0.22 -5.26 14.28
N ASN A 13 -0.73 -4.20 14.93
CA ASN A 13 -2.11 -3.79 14.74
C ASN A 13 -2.26 -2.93 13.49
N LEU A 14 -1.15 -2.36 13.04
CA LEU A 14 -1.15 -1.51 11.85
C LEU A 14 -0.85 -2.33 10.60
N ILE A 15 -0.09 -3.40 10.77
CA ILE A 15 0.27 -4.26 9.65
C ILE A 15 -0.90 -5.16 9.25
N ILE A 16 -1.68 -5.57 10.24
CA ILE A 16 -2.83 -6.43 9.99
C ILE A 16 -3.72 -5.86 8.90
N PRO A 17 -4.20 -4.62 9.11
CA PRO A 17 -5.07 -3.93 8.15
C PRO A 17 -4.33 -3.53 6.88
N CYS A 18 -3.03 -3.30 7.01
CA CYS A 18 -2.20 -2.91 5.87
C CYS A 18 -2.32 -3.92 4.74
N LEU A 19 -2.49 -5.19 5.09
CA LEU A 19 -2.62 -6.26 4.11
C LEU A 19 -4.07 -6.37 3.61
N LEU A 20 -5.00 -6.39 4.55
CA LEU A 20 -6.41 -6.49 4.21
C LEU A 20 -6.81 -5.43 3.19
N ILE A 21 -6.22 -4.25 3.30
CA ILE A 21 -6.50 -3.15 2.38
C ILE A 21 -5.64 -3.25 1.13
N SER A 22 -4.43 -3.78 1.28
CA SER A 22 -3.51 -3.93 0.17
C SER A 22 -4.03 -4.97 -0.82
N CYS A 23 -4.63 -6.04 -0.29
CA CYS A 23 -5.16 -7.10 -1.12
C CYS A 23 -6.47 -6.68 -1.78
N LEU A 24 -7.29 -5.93 -1.03
CA LEU A 24 -8.57 -5.46 -1.54
C LEU A 24 -8.41 -4.76 -2.89
N THR A 25 -7.43 -3.86 -2.96
CA THR A 25 -7.17 -3.13 -4.19
C THR A 25 -6.62 -4.05 -5.28
N VAL A 26 -5.69 -4.92 -4.90
CA VAL A 26 -5.08 -5.86 -5.83
C VAL A 26 -6.13 -6.76 -6.45
N LEU A 27 -7.12 -7.15 -5.65
CA LEU A 27 -8.19 -8.03 -6.13
C LEU A 27 -8.95 -7.38 -7.28
N VAL A 28 -9.41 -6.15 -7.07
CA VAL A 28 -10.14 -5.42 -8.09
C VAL A 28 -9.38 -5.37 -9.41
N PHE A 29 -8.04 -5.31 -9.30
CA PHE A 29 -7.19 -5.25 -10.48
C PHE A 29 -6.93 -6.66 -11.01
N TYR A 30 -7.04 -7.65 -10.13
CA TYR A 30 -6.81 -9.04 -10.52
C TYR A 30 -8.00 -9.60 -11.29
N LEU A 31 -9.19 -9.07 -11.00
CA LEU A 31 -10.40 -9.53 -11.66
C LEU A 31 -11.30 -8.34 -12.01
N PRO A 32 -10.85 -7.51 -12.96
CA PRO A 32 -11.60 -6.34 -13.40
C PRO A 32 -12.86 -6.70 -14.18
N SER A 33 -13.83 -5.79 -14.19
CA SER A 33 -15.09 -6.03 -14.89
C SER A 33 -15.61 -4.74 -15.51
N GLU A 34 -15.64 -3.67 -14.72
CA GLU A 34 -16.12 -2.38 -15.20
C GLU A 34 -15.08 -1.29 -14.91
N CYS A 35 -15.16 -0.21 -15.68
CA CYS A 35 -14.23 0.91 -15.52
C CYS A 35 -14.73 1.87 -14.45
N GLY A 36 -15.86 1.54 -13.83
CA GLY A 36 -16.42 2.38 -12.79
C GLY A 36 -16.20 1.82 -11.41
N GLU A 37 -16.16 0.50 -11.30
CA GLU A 37 -15.96 -0.17 -10.02
C GLU A 37 -14.63 0.24 -9.39
N LYS A 38 -13.68 0.61 -10.24
CA LYS A 38 -12.35 1.01 -9.78
C LYS A 38 -12.43 2.33 -9.01
N ILE A 39 -13.06 3.33 -9.63
CA ILE A 39 -13.21 4.64 -9.00
C ILE A 39 -13.85 4.52 -7.61
N THR A 40 -14.97 3.82 -7.56
CA THR A 40 -15.69 3.63 -6.30
C THR A 40 -14.79 2.99 -5.25
N LEU A 41 -13.87 2.14 -5.70
CA LEU A 41 -12.95 1.46 -4.80
C LEU A 41 -11.92 2.43 -4.23
N CYS A 42 -11.34 3.25 -5.11
CA CYS A 42 -10.35 4.23 -4.69
C CYS A 42 -10.87 5.09 -3.55
N ILE A 43 -12.18 5.33 -3.55
CA ILE A 43 -12.81 6.14 -2.52
C ILE A 43 -12.90 5.37 -1.20
N SER A 44 -13.19 4.07 -1.29
CA SER A 44 -13.31 3.24 -0.11
C SER A 44 -11.96 3.11 0.60
N VAL A 45 -10.94 2.71 -0.15
CA VAL A 45 -9.59 2.55 0.40
C VAL A 45 -9.12 3.83 1.07
N LEU A 46 -9.48 4.97 0.49
CA LEU A 46 -9.09 6.26 1.03
C LEU A 46 -9.66 6.47 2.43
N LEU A 47 -10.89 6.01 2.64
CA LEU A 47 -11.55 6.12 3.93
C LEU A 47 -10.75 5.42 5.02
N SER A 48 -10.47 4.14 4.80
CA SER A 48 -9.70 3.35 5.77
C SER A 48 -8.34 3.99 6.03
N LEU A 49 -7.82 4.70 5.05
CA LEU A 49 -6.53 5.36 5.17
C LEU A 49 -6.65 6.65 5.98
N THR A 50 -7.84 7.24 5.95
CA THR A 50 -8.09 8.48 6.68
C THR A 50 -8.37 8.20 8.15
N VAL A 51 -9.09 7.11 8.41
CA VAL A 51 -9.43 6.75 9.78
C VAL A 51 -8.22 6.19 10.52
N PHE A 52 -7.27 5.65 9.76
CA PHE A 52 -6.05 5.08 10.34
C PHE A 52 -5.11 6.19 10.80
N LEU A 53 -4.79 7.11 9.90
CA LEU A 53 -3.90 8.22 10.21
C LEU A 53 -4.46 9.07 11.34
N LEU A 54 -5.78 9.22 11.35
CA LEU A 54 -6.46 10.02 12.38
C LEU A 54 -6.30 9.38 13.75
N LEU A 55 -6.30 8.05 13.77
CA LEU A 55 -6.16 7.30 15.02
C LEU A 55 -4.75 7.46 15.60
N ILE A 56 -3.78 7.64 14.71
CA ILE A 56 -2.39 7.80 15.12
C ILE A 56 -2.17 9.18 15.75
N THR A 57 -2.95 10.15 15.33
CA THR A 57 -2.84 11.52 15.85
C THR A 57 -3.76 11.72 17.04
N GLU A 58 -4.96 11.16 16.96
CA GLU A 58 -5.94 11.28 18.04
C GLU A 58 -5.39 10.72 19.34
N ILE A 59 -4.52 9.72 19.23
CA ILE A 59 -3.92 9.08 20.40
C ILE A 59 -2.86 9.98 21.01
N ILE A 60 -2.42 10.98 20.26
CA ILE A 60 -1.41 11.92 20.74
C ILE A 60 -0.18 11.17 21.27
N PRO A 61 0.64 10.66 20.34
CA PRO A 61 1.85 9.91 20.69
C PRO A 61 2.94 10.82 21.28
N SER A 62 2.97 12.07 20.84
CA SER A 62 3.95 13.03 21.34
C SER A 62 5.37 12.54 21.07
N THR A 63 5.89 12.86 19.89
CA THR A 63 7.24 12.45 19.51
C THR A 63 7.97 13.57 18.78
N SER A 64 9.18 13.88 19.24
CA SER A 64 9.98 14.94 18.62
C SER A 64 10.50 14.50 17.26
N SER A 65 10.99 15.46 16.49
CA SER A 65 11.53 15.17 15.16
C SER A 65 12.93 14.59 15.24
N VAL A 66 13.49 14.60 16.45
CA VAL A 66 14.83 14.07 16.68
C VAL A 66 14.79 12.57 16.93
N SER A 67 13.62 12.06 17.31
CA SER A 67 13.44 10.64 17.59
C SER A 67 12.62 9.97 16.50
N PRO A 68 12.73 8.64 16.41
CA PRO A 68 12.01 7.84 15.42
C PRO A 68 10.50 7.81 15.69
N SER A 69 9.73 7.46 14.66
CA SER A 69 8.27 7.40 14.78
C SER A 69 7.65 6.91 13.48
N ILE A 70 6.34 6.65 13.53
CA ILE A 70 5.61 6.18 12.35
C ILE A 70 5.39 7.32 11.36
N GLY A 71 5.61 8.55 11.81
CA GLY A 71 5.43 9.69 10.95
C GLY A 71 6.20 9.56 9.64
N GLU A 72 7.35 8.92 9.70
CA GLU A 72 8.18 8.73 8.51
C GLU A 72 7.60 7.65 7.60
N TYR A 73 6.89 6.70 8.20
CA TYR A 73 6.28 5.61 7.45
C TYR A 73 4.99 6.08 6.77
N LEU A 74 4.14 6.76 7.51
CA LEU A 74 2.88 7.26 6.98
C LEU A 74 3.13 8.16 5.77
N LEU A 75 4.22 8.91 5.80
CA LEU A 75 4.58 9.80 4.70
C LEU A 75 5.12 9.02 3.51
N PHE A 76 6.07 8.13 3.79
CA PHE A 76 6.69 7.32 2.75
C PHE A 76 5.65 6.40 2.10
N THR A 77 4.57 6.13 2.82
CA THR A 77 3.51 5.27 2.31
C THR A 77 2.60 6.02 1.36
N MET A 78 2.04 7.14 1.82
CA MET A 78 1.15 7.95 1.00
C MET A 78 1.83 8.35 -0.31
N ILE A 79 3.15 8.52 -0.25
CA ILE A 79 3.91 8.89 -1.43
C ILE A 79 4.06 7.71 -2.39
N PHE A 80 4.36 6.55 -1.84
CA PHE A 80 4.53 5.34 -2.65
C PHE A 80 3.20 4.91 -3.28
N VAL A 81 2.20 4.72 -2.43
CA VAL A 81 0.87 4.31 -2.90
C VAL A 81 0.36 5.25 -3.98
N THR A 82 0.74 6.52 -3.88
CA THR A 82 0.31 7.53 -4.84
C THR A 82 0.81 7.19 -6.24
N LEU A 83 2.12 7.08 -6.39
CA LEU A 83 2.72 6.76 -7.68
C LEU A 83 2.32 5.37 -8.14
N SER A 84 1.96 4.51 -7.18
CA SER A 84 1.55 3.15 -7.49
C SER A 84 0.24 3.13 -8.26
N ILE A 85 -0.75 3.85 -7.75
CA ILE A 85 -2.06 3.92 -8.40
C ILE A 85 -1.96 4.62 -9.75
N VAL A 86 -0.94 5.45 -9.91
CA VAL A 86 -0.73 6.17 -11.16
C VAL A 86 -0.03 5.30 -12.20
N ILE A 87 1.07 4.67 -11.78
CA ILE A 87 1.83 3.80 -12.67
C ILE A 87 1.06 2.51 -12.97
N THR A 88 0.18 2.13 -12.06
CA THR A 88 -0.61 0.92 -12.22
C THR A 88 -1.75 1.13 -13.22
N VAL A 89 -2.46 2.25 -13.05
CA VAL A 89 -3.58 2.57 -13.93
C VAL A 89 -3.08 2.95 -15.32
N PHE A 90 -1.83 3.39 -15.41
CA PHE A 90 -1.24 3.78 -16.67
C PHE A 90 -0.95 2.55 -17.55
N VAL A 91 -0.15 1.64 -17.02
CA VAL A 91 0.20 0.42 -17.73
C VAL A 91 -1.05 -0.31 -18.21
N LEU A 92 -2.10 -0.25 -17.40
CA LEU A 92 -3.35 -0.91 -17.74
C LEU A 92 -4.18 -0.06 -18.70
N ASN A 93 -3.96 1.25 -18.66
CA ASN A 93 -4.68 2.17 -19.52
C ASN A 93 -4.25 2.00 -20.98
N VAL A 94 -3.05 1.47 -21.17
CA VAL A 94 -2.52 1.26 -22.52
C VAL A 94 -3.15 0.03 -23.16
N HIS A 95 -2.99 -1.12 -22.53
CA HIS A 95 -3.54 -2.37 -23.04
C HIS A 95 -5.05 -2.24 -23.25
N HIS A 96 -5.47 -2.06 -24.49
CA HIS A 96 -6.88 -1.93 -24.82
C HIS A 96 -7.34 -3.06 -25.74
N ARG A 97 -6.37 -3.85 -26.21
CA ARG A 97 -6.68 -4.96 -27.10
C ARG A 97 -6.46 -6.30 -26.40
N SER A 98 -6.91 -7.38 -27.03
CA SER A 98 -6.76 -8.72 -26.46
C SER A 98 -6.25 -9.70 -27.50
N PRO A 99 -5.70 -10.83 -27.03
CA PRO A 99 -5.16 -11.88 -27.90
C PRO A 99 -6.25 -12.61 -28.67
N GLU A 100 -7.31 -13.00 -27.97
CA GLU A 100 -8.42 -13.72 -28.59
C GLU A 100 -9.56 -13.92 -27.59
N THR A 101 -9.20 -14.34 -26.37
CA THR A 101 -10.19 -14.58 -25.33
C THR A 101 -10.96 -13.30 -25.00
N HIS A 102 -12.28 -13.45 -24.83
CA HIS A 102 -13.13 -12.30 -24.51
C HIS A 102 -12.60 -11.57 -23.29
N THR A 103 -12.46 -12.28 -22.17
CA THR A 103 -11.98 -11.68 -20.94
C THR A 103 -10.68 -12.36 -20.47
N GLY A 104 -9.66 -11.56 -20.22
CA GLY A 104 -8.39 -12.10 -19.76
C GLY A 104 -7.22 -11.52 -20.52
N GLY A 105 -6.25 -12.36 -20.85
CA GLY A 105 -5.07 -11.91 -21.59
C GLY A 105 -3.82 -11.96 -20.73
N GLY A 106 -3.93 -11.56 -19.47
CA GLY A 106 -2.79 -11.56 -18.59
C GLY A 106 -2.32 -12.95 -18.24
N GLY A 107 -1.03 -13.21 -18.42
CA GLY A 107 -0.48 -14.52 -18.12
C GLY A 107 0.24 -14.55 -16.79
N GLY A 108 1.49 -14.09 -16.79
CA GLY A 108 2.27 -14.08 -15.56
C GLY A 108 2.40 -12.69 -14.96
N ILE A 109 1.64 -11.75 -15.50
CA ILE A 109 1.67 -10.37 -15.02
C ILE A 109 0.86 -10.23 -13.73
N ASP A 110 -0.21 -11.01 -13.62
CA ASP A 110 -1.06 -10.97 -12.44
C ASP A 110 -0.32 -11.50 -11.22
N ARG A 111 0.31 -12.66 -11.38
CA ARG A 111 1.05 -13.29 -10.28
C ARG A 111 2.16 -12.36 -9.78
N ILE A 112 2.88 -11.76 -10.72
CA ILE A 112 3.97 -10.85 -10.37
C ILE A 112 3.43 -9.53 -9.83
N PHE A 113 2.27 -9.11 -10.33
CA PHE A 113 1.64 -7.87 -9.89
C PHE A 113 1.46 -7.87 -8.37
N LEU A 114 0.70 -8.83 -7.87
CA LEU A 114 0.45 -8.93 -6.43
C LEU A 114 1.74 -9.22 -5.67
N TRP A 115 2.69 -9.84 -6.35
CA TRP A 115 3.98 -10.19 -5.75
C TRP A 115 4.78 -8.93 -5.42
N MET A 116 4.53 -7.87 -6.17
CA MET A 116 5.23 -6.60 -5.97
C MET A 116 4.66 -5.85 -4.77
N PHE A 117 3.33 -5.71 -4.75
CA PHE A 117 2.65 -5.01 -3.66
C PHE A 117 3.08 -5.57 -2.31
N ILE A 118 3.18 -6.89 -2.22
CA ILE A 118 3.58 -7.54 -0.98
C ILE A 118 5.09 -7.46 -0.78
N ILE A 119 5.82 -7.27 -1.88
CA ILE A 119 7.28 -7.16 -1.83
C ILE A 119 7.71 -5.87 -1.15
N VAL A 120 6.92 -4.81 -1.33
CA VAL A 120 7.22 -3.52 -0.74
C VAL A 120 6.71 -3.44 0.69
N CYS A 121 5.62 -4.15 0.97
CA CYS A 121 5.03 -4.16 2.31
C CYS A 121 5.98 -4.80 3.32
N LEU A 122 6.51 -5.96 2.97
CA LEU A 122 7.42 -6.67 3.85
C LEU A 122 8.80 -6.02 3.85
N LEU A 123 9.19 -5.46 2.71
CA LEU A 123 10.48 -4.79 2.58
C LEU A 123 10.54 -3.55 3.46
N GLY A 124 9.62 -2.63 3.22
CA GLY A 124 9.58 -1.40 4.00
C GLY A 124 9.55 -1.66 5.49
N THR A 125 8.81 -2.68 5.89
CA THR A 125 8.70 -3.04 7.31
C THR A 125 10.05 -3.40 7.89
N VAL A 126 10.67 -4.45 7.35
CA VAL A 126 11.98 -4.90 7.82
C VAL A 126 13.00 -3.77 7.77
N GLY A 127 13.08 -3.11 6.61
CA GLY A 127 14.03 -2.01 6.46
C GLY A 127 13.80 -0.91 7.46
N LEU A 128 12.54 -0.65 7.78
CA LEU A 128 12.18 0.40 8.74
C LEU A 128 12.76 0.09 10.12
N PHE A 129 12.71 -1.17 10.51
CA PHE A 129 13.23 -1.60 11.81
C PHE A 129 14.76 -1.67 11.78
N LEU A 130 15.32 -1.83 10.58
CA LEU A 130 16.76 -1.92 10.42
C LEU A 130 17.26 -0.85 9.46
N PRO A 131 17.25 0.42 9.90
CA PRO A 131 17.70 1.55 9.09
C PRO A 131 19.21 1.53 8.87
N PRO A 132 19.68 2.38 7.94
CA PRO A 132 21.10 2.49 7.61
C PRO A 132 21.91 3.13 8.74
N TRP A 133 21.35 4.16 9.35
CA TRP A 133 22.01 4.86 10.44
C TRP A 133 22.45 3.89 11.52
N LEU A 134 21.60 2.92 11.83
CA LEU A 134 21.89 1.92 12.85
C LEU A 134 22.53 0.69 12.23
N ALA A 135 22.42 0.57 10.91
CA ALA A 135 23.00 -0.56 10.19
C ALA A 135 24.49 -0.71 10.51
N GLY A 136 25.29 0.23 10.02
CA GLY A 136 26.72 0.19 10.26
C GLY A 136 27.49 1.13 9.35
N GLU A 137 27.39 2.42 9.63
CA GLU A 137 28.08 3.42 8.83
C GLU A 137 29.60 3.30 8.99
N GLU A 4 4.60 9.18 23.62
CA GLU A 4 4.42 8.98 25.05
C GLU A 4 3.34 7.94 25.34
N GLU A 5 2.94 7.22 24.31
CA GLU A 5 1.90 6.20 24.45
C GLU A 5 1.72 5.43 23.15
N LEU A 6 2.81 5.27 22.40
CA LEU A 6 2.77 4.56 21.13
C LEU A 6 3.92 3.56 21.04
N PRO A 7 3.94 2.58 21.95
CA PRO A 7 4.99 1.55 21.99
C PRO A 7 4.88 0.58 20.81
N LEU A 8 5.81 -0.38 20.76
CA LEU A 8 5.82 -1.37 19.69
C LEU A 8 4.45 -2.03 19.54
N PHE A 9 3.74 -2.18 20.66
CA PHE A 9 2.43 -2.80 20.66
C PHE A 9 1.52 -2.14 19.61
N TYR A 10 1.72 -0.84 19.41
CA TYR A 10 0.92 -0.10 18.44
C TYR A 10 1.37 -0.39 17.02
N THR A 11 2.67 -0.63 16.84
CA THR A 11 3.22 -0.92 15.53
C THR A 11 2.72 -2.26 15.01
N ILE A 12 2.47 -3.19 15.93
CA ILE A 12 1.98 -4.52 15.57
C ILE A 12 0.48 -4.50 15.31
N ASN A 13 -0.22 -3.57 15.95
CA ASN A 13 -1.66 -3.44 15.80
C ASN A 13 -2.00 -2.64 14.55
N LEU A 14 -1.04 -1.87 14.06
CA LEU A 14 -1.23 -1.05 12.88
C LEU A 14 -0.80 -1.80 11.62
N ILE A 15 0.16 -2.71 11.78
CA ILE A 15 0.66 -3.49 10.66
C ILE A 15 -0.32 -4.61 10.29
N ILE A 16 -0.98 -5.16 11.31
CA ILE A 16 -1.95 -6.23 11.10
C ILE A 16 -2.96 -5.86 10.03
N PRO A 17 -3.67 -4.75 10.24
CA PRO A 17 -4.68 -4.26 9.30
C PRO A 17 -4.06 -3.74 8.00
N CYS A 18 -2.83 -3.25 8.09
CA CYS A 18 -2.13 -2.73 6.94
C CYS A 18 -2.15 -3.72 5.77
N LEU A 19 -1.97 -5.00 6.11
CA LEU A 19 -1.98 -6.05 5.10
C LEU A 19 -3.41 -6.44 4.72
N LEU A 20 -4.25 -6.62 5.73
CA LEU A 20 -5.64 -6.99 5.51
C LEU A 20 -6.30 -6.05 4.51
N ILE A 21 -6.08 -4.76 4.68
CA ILE A 21 -6.65 -3.76 3.78
C ILE A 21 -5.96 -3.77 2.43
N SER A 22 -4.66 -4.08 2.45
CA SER A 22 -3.87 -4.12 1.22
C SER A 22 -4.33 -5.24 0.31
N CYS A 23 -4.34 -6.47 0.84
CA CYS A 23 -4.76 -7.63 0.08
C CYS A 23 -6.20 -7.48 -0.40
N LEU A 24 -7.01 -6.78 0.39
CA LEU A 24 -8.41 -6.56 0.04
C LEU A 24 -8.54 -5.89 -1.31
N THR A 25 -7.76 -4.83 -1.52
CA THR A 25 -7.78 -4.09 -2.77
C THR A 25 -7.39 -4.98 -3.94
N VAL A 26 -6.38 -5.82 -3.73
CA VAL A 26 -5.90 -6.72 -4.76
C VAL A 26 -6.91 -7.84 -5.02
N LEU A 27 -7.64 -8.21 -3.98
CA LEU A 27 -8.64 -9.27 -4.09
C LEU A 27 -9.68 -8.94 -5.16
N VAL A 28 -10.33 -7.79 -5.01
CA VAL A 28 -11.34 -7.35 -5.96
C VAL A 28 -10.72 -7.10 -7.33
N PHE A 29 -9.44 -6.76 -7.35
CA PHE A 29 -8.73 -6.49 -8.59
C PHE A 29 -8.34 -7.78 -9.29
N TYR A 30 -8.42 -8.89 -8.56
CA TYR A 30 -8.07 -10.20 -9.10
C TYR A 30 -9.27 -10.85 -9.77
N LEU A 31 -10.45 -10.67 -9.17
CA LEU A 31 -11.67 -11.24 -9.72
C LEU A 31 -12.83 -10.24 -9.62
N PRO A 32 -12.76 -9.18 -10.44
CA PRO A 32 -13.79 -8.14 -10.46
C PRO A 32 -15.11 -8.64 -11.04
N SER A 33 -16.19 -8.44 -10.30
CA SER A 33 -17.52 -8.87 -10.74
C SER A 33 -18.42 -7.68 -11.01
N GLU A 34 -18.57 -6.83 -9.99
CA GLU A 34 -19.42 -5.65 -10.11
C GLU A 34 -18.86 -4.69 -11.18
N CYS A 35 -19.69 -3.72 -11.56
CA CYS A 35 -19.28 -2.75 -12.57
C CYS A 35 -18.58 -1.56 -11.94
N GLY A 36 -18.60 -1.52 -10.60
CA GLY A 36 -17.96 -0.42 -9.89
C GLY A 36 -17.29 -0.88 -8.61
N GLU A 37 -17.07 -2.18 -8.50
CA GLU A 37 -16.43 -2.75 -7.32
C GLU A 37 -15.09 -2.08 -7.04
N LYS A 38 -14.41 -1.66 -8.11
CA LYS A 38 -13.12 -1.01 -7.99
C LYS A 38 -13.27 0.39 -7.41
N ILE A 39 -14.10 1.21 -8.05
CA ILE A 39 -14.33 2.58 -7.60
C ILE A 39 -14.76 2.60 -6.13
N THR A 40 -15.68 1.70 -5.77
CA THR A 40 -16.17 1.61 -4.40
C THR A 40 -15.05 1.29 -3.43
N LEU A 41 -14.15 0.40 -3.84
CA LEU A 41 -13.03 -0.01 -3.01
C LEU A 41 -12.09 1.17 -2.77
N CYS A 42 -11.91 2.00 -3.78
CA CYS A 42 -11.04 3.18 -3.67
C CYS A 42 -11.57 4.15 -2.63
N ILE A 43 -12.89 4.24 -2.53
CA ILE A 43 -13.52 5.14 -1.57
C ILE A 43 -13.49 4.56 -0.16
N SER A 44 -13.77 3.26 -0.06
CA SER A 44 -13.78 2.57 1.22
C SER A 44 -12.42 2.68 1.90
N VAL A 45 -11.37 2.25 1.19
CA VAL A 45 -10.02 2.30 1.72
C VAL A 45 -9.59 3.74 2.00
N LEU A 46 -9.98 4.64 1.12
CA LEU A 46 -9.64 6.05 1.26
C LEU A 46 -10.30 6.65 2.50
N LEU A 47 -11.52 6.21 2.78
CA LEU A 47 -12.26 6.70 3.94
C LEU A 47 -11.48 6.45 5.23
N SER A 48 -11.16 5.19 5.50
CA SER A 48 -10.43 4.82 6.69
C SER A 48 -8.99 5.34 6.63
N LEU A 49 -8.46 5.44 5.42
CA LEU A 49 -7.10 5.93 5.21
C LEU A 49 -6.94 7.35 5.74
N THR A 50 -7.92 8.19 5.46
CA THR A 50 -7.89 9.57 5.91
C THR A 50 -8.27 9.69 7.38
N VAL A 51 -9.00 8.69 7.87
CA VAL A 51 -9.43 8.67 9.27
C VAL A 51 -8.27 8.32 10.20
N PHE A 52 -7.54 7.27 9.84
CA PHE A 52 -6.41 6.81 10.64
C PHE A 52 -5.21 7.74 10.45
N LEU A 53 -5.17 8.42 9.31
CA LEU A 53 -4.08 9.33 9.01
C LEU A 53 -4.06 10.50 9.98
N LEU A 54 -5.19 11.18 10.11
CA LEU A 54 -5.31 12.32 11.01
C LEU A 54 -5.03 11.89 12.46
N LEU A 55 -5.61 10.76 12.86
CA LEU A 55 -5.43 10.26 14.21
C LEU A 55 -3.95 10.17 14.56
N ILE A 56 -3.12 9.84 13.58
CA ILE A 56 -1.68 9.74 13.79
C ILE A 56 -1.04 11.12 13.87
N THR A 57 -1.62 12.08 13.17
CA THR A 57 -1.10 13.44 13.15
C THR A 57 -1.43 14.17 14.45
N GLU A 58 -2.36 13.60 15.22
CA GLU A 58 -2.76 14.20 16.49
C GLU A 58 -1.87 13.70 17.63
N ILE A 59 -1.54 12.41 17.60
CA ILE A 59 -0.70 11.81 18.63
C ILE A 59 0.76 12.17 18.41
N ILE A 60 1.14 12.35 17.15
CA ILE A 60 2.52 12.70 16.82
C ILE A 60 3.48 11.60 17.27
N PRO A 61 3.49 10.48 16.53
CA PRO A 61 4.36 9.34 16.85
C PRO A 61 5.84 9.65 16.56
N SER A 62 6.08 10.78 15.91
CA SER A 62 7.45 11.18 15.58
C SER A 62 7.99 12.17 16.61
N THR A 63 8.27 11.67 17.80
CA THR A 63 8.79 12.52 18.87
C THR A 63 9.65 11.70 19.85
N SER A 64 10.37 10.73 19.32
CA SER A 64 11.22 9.88 20.13
C SER A 64 12.51 9.52 19.40
N SER A 65 13.48 8.98 20.13
CA SER A 65 14.76 8.60 19.54
C SER A 65 15.08 7.14 19.87
N VAL A 66 14.08 6.39 20.28
CA VAL A 66 14.25 4.98 20.61
C VAL A 66 13.69 4.08 19.51
N SER A 67 12.90 4.67 18.62
CA SER A 67 12.30 3.92 17.53
C SER A 67 11.94 4.84 16.37
N PRO A 68 11.76 4.25 15.17
CA PRO A 68 11.43 5.00 13.96
C PRO A 68 10.00 5.56 14.01
N SER A 69 9.75 6.58 13.21
CA SER A 69 8.44 7.21 13.15
C SER A 69 7.69 6.82 11.87
N ILE A 70 6.38 6.67 11.97
CA ILE A 70 5.57 6.30 10.83
C ILE A 70 5.36 7.50 9.90
N GLY A 71 5.68 8.69 10.39
CA GLY A 71 5.52 9.88 9.59
C GLY A 71 6.20 9.77 8.24
N GLU A 72 7.28 8.99 8.19
CA GLU A 72 8.01 8.81 6.94
C GLU A 72 7.34 7.76 6.06
N TYR A 73 6.65 6.81 6.69
CA TYR A 73 5.96 5.76 5.96
C TYR A 73 4.65 6.27 5.38
N LEU A 74 3.91 7.03 6.18
CA LEU A 74 2.63 7.58 5.75
C LEU A 74 2.81 8.55 4.58
N LEU A 75 3.99 9.19 4.53
CA LEU A 75 4.29 10.13 3.46
C LEU A 75 4.66 9.40 2.17
N PHE A 76 5.64 8.51 2.27
CA PHE A 76 6.09 7.74 1.11
C PHE A 76 4.98 6.84 0.60
N THR A 77 4.04 6.49 1.48
CA THR A 77 2.93 5.63 1.11
C THR A 77 1.93 6.36 0.21
N MET A 78 1.41 7.49 0.70
CA MET A 78 0.47 8.29 -0.07
C MET A 78 1.01 8.61 -1.45
N ILE A 79 2.33 8.73 -1.55
CA ILE A 79 2.97 9.04 -2.82
C ILE A 79 3.05 7.81 -3.71
N PHE A 80 3.30 6.65 -3.09
CA PHE A 80 3.40 5.40 -3.83
C PHE A 80 2.03 4.96 -4.34
N VAL A 81 1.02 5.04 -3.46
CA VAL A 81 -0.33 4.66 -3.82
C VAL A 81 -0.93 5.62 -4.84
N THR A 82 -0.49 6.87 -4.80
CA THR A 82 -0.98 7.88 -5.72
C THR A 82 -0.68 7.50 -7.17
N LEU A 83 0.60 7.31 -7.47
CA LEU A 83 1.02 6.94 -8.82
C LEU A 83 0.52 5.54 -9.18
N SER A 84 0.29 4.73 -8.16
CA SER A 84 -0.19 3.37 -8.38
C SER A 84 -1.62 3.36 -8.91
N ILE A 85 -2.50 4.09 -8.23
CA ILE A 85 -3.89 4.18 -8.64
C ILE A 85 -4.04 4.90 -9.98
N VAL A 86 -3.06 5.75 -10.29
CA VAL A 86 -3.08 6.51 -11.53
C VAL A 86 -2.69 5.62 -12.72
N ILE A 87 -1.57 4.90 -12.57
CA ILE A 87 -1.10 4.01 -13.62
C ILE A 87 -2.01 2.80 -13.77
N THR A 88 -2.41 2.23 -12.64
CA THR A 88 -3.29 1.06 -12.66
C THR A 88 -4.60 1.36 -13.36
N VAL A 89 -5.07 2.61 -13.24
CA VAL A 89 -6.31 3.03 -13.86
C VAL A 89 -6.14 3.21 -15.36
N PHE A 90 -5.00 3.79 -15.75
CA PHE A 90 -4.71 4.03 -17.16
C PHE A 90 -4.42 2.71 -17.88
N VAL A 91 -3.48 1.94 -17.36
CA VAL A 91 -3.11 0.66 -17.96
C VAL A 91 -4.35 -0.21 -18.17
N LEU A 92 -5.30 -0.12 -17.27
CA LEU A 92 -6.54 -0.89 -17.36
C LEU A 92 -7.59 -0.15 -18.17
N ASN A 93 -7.42 1.16 -18.29
CA ASN A 93 -8.36 1.98 -19.04
C ASN A 93 -8.25 1.70 -20.53
N VAL A 94 -7.02 1.63 -21.03
CA VAL A 94 -6.78 1.37 -22.45
C VAL A 94 -5.65 0.36 -22.64
N HIS A 95 -5.41 -0.02 -23.89
CA HIS A 95 -4.36 -0.98 -24.20
C HIS A 95 -3.76 -0.68 -25.57
N HIS A 96 -2.91 0.34 -25.64
CA HIS A 96 -2.26 0.72 -26.89
C HIS A 96 -0.79 0.31 -26.88
N ARG A 97 -0.13 0.48 -25.74
CA ARG A 97 1.28 0.13 -25.60
C ARG A 97 1.47 -0.97 -24.56
N SER A 98 2.19 -2.02 -24.96
CA SER A 98 2.45 -3.15 -24.06
C SER A 98 3.57 -4.02 -24.60
N PRO A 99 4.17 -4.83 -23.72
CA PRO A 99 5.27 -5.73 -24.09
C PRO A 99 4.81 -6.88 -24.97
N GLU A 100 3.55 -7.27 -24.82
CA GLU A 100 2.97 -8.36 -25.61
C GLU A 100 3.81 -9.63 -25.45
N THR A 101 4.28 -9.87 -24.22
CA THR A 101 5.07 -11.05 -23.93
C THR A 101 4.39 -12.32 -24.42
N HIS A 102 3.06 -12.35 -24.27
CA HIS A 102 2.28 -13.51 -24.69
C HIS A 102 1.18 -13.10 -25.67
N THR A 103 0.68 -14.06 -26.43
CA THR A 103 -0.37 -13.80 -27.41
C THR A 103 -1.75 -14.09 -26.82
N GLY A 104 -2.69 -13.18 -27.07
CA GLY A 104 -4.04 -13.35 -26.56
C GLY A 104 -4.56 -12.11 -25.86
N GLY A 105 -4.33 -12.02 -24.55
CA GLY A 105 -4.78 -10.88 -23.79
C GLY A 105 -4.75 -11.13 -22.29
N GLY A 106 -3.61 -11.62 -21.81
CA GLY A 106 -3.46 -11.89 -20.39
C GLY A 106 -2.82 -13.23 -20.12
N GLY A 107 -2.19 -13.36 -18.96
CA GLY A 107 -1.53 -14.60 -18.60
C GLY A 107 -0.94 -14.57 -17.20
N GLY A 108 0.21 -13.92 -17.06
CA GLY A 108 0.86 -13.83 -15.77
C GLY A 108 0.86 -12.42 -15.22
N ILE A 109 -0.05 -11.60 -15.72
CA ILE A 109 -0.15 -10.21 -15.28
C ILE A 109 -0.86 -10.12 -13.93
N ASP A 110 -1.80 -11.03 -13.69
CA ASP A 110 -2.56 -11.05 -12.44
C ASP A 110 -1.69 -11.57 -11.30
N ARG A 111 -1.02 -12.69 -11.54
CA ARG A 111 -0.17 -13.30 -10.53
C ARG A 111 0.94 -12.34 -10.10
N ILE A 112 1.54 -11.68 -11.07
CA ILE A 112 2.62 -10.72 -10.80
C ILE A 112 2.07 -9.45 -10.17
N PHE A 113 0.85 -9.07 -10.57
CA PHE A 113 0.21 -7.87 -10.05
C PHE A 113 0.17 -7.90 -8.53
N LEU A 114 -0.50 -8.91 -7.97
CA LEU A 114 -0.62 -9.06 -6.53
C LEU A 114 0.74 -9.31 -5.89
N TRP A 115 1.67 -9.86 -6.68
CA TRP A 115 3.01 -10.15 -6.19
C TRP A 115 3.78 -8.86 -5.91
N MET A 116 3.41 -7.79 -6.62
CA MET A 116 4.06 -6.50 -6.44
C MET A 116 3.56 -5.80 -5.19
N PHE A 117 2.24 -5.72 -5.05
CA PHE A 117 1.64 -5.06 -3.88
C PHE A 117 2.22 -5.63 -2.59
N ILE A 118 2.38 -6.95 -2.54
CA ILE A 118 2.91 -7.62 -1.37
C ILE A 118 4.43 -7.48 -1.30
N ILE A 119 5.05 -7.21 -2.44
CA ILE A 119 6.49 -7.05 -2.51
C ILE A 119 6.93 -5.77 -1.82
N VAL A 120 6.08 -4.74 -1.89
CA VAL A 120 6.39 -3.46 -1.27
C VAL A 120 5.99 -3.44 0.20
N CYS A 121 4.96 -4.22 0.53
CA CYS A 121 4.49 -4.30 1.91
C CYS A 121 5.56 -4.87 2.83
N LEU A 122 6.16 -5.98 2.42
CA LEU A 122 7.20 -6.62 3.21
C LEU A 122 8.52 -5.86 3.08
N LEU A 123 8.82 -5.40 1.88
CA LEU A 123 10.05 -4.66 1.63
C LEU A 123 10.11 -3.39 2.48
N GLY A 124 9.13 -2.51 2.30
CA GLY A 124 9.08 -1.29 3.07
C GLY A 124 9.18 -1.52 4.56
N THR A 125 8.30 -2.37 5.08
CA THR A 125 8.29 -2.68 6.50
C THR A 125 9.66 -3.16 6.97
N VAL A 126 10.29 -4.02 6.17
CA VAL A 126 11.60 -4.56 6.50
C VAL A 126 12.66 -3.46 6.47
N GLY A 127 12.54 -2.56 5.50
CA GLY A 127 13.49 -1.47 5.38
C GLY A 127 13.29 -0.39 6.43
N LEU A 128 12.08 -0.33 6.98
CA LEU A 128 11.76 0.67 8.01
C LEU A 128 12.33 0.25 9.36
N PHE A 129 12.14 -1.02 9.70
CA PHE A 129 12.62 -1.54 10.97
C PHE A 129 14.15 -1.64 10.97
N LEU A 130 14.70 -2.02 9.83
CA LEU A 130 16.16 -2.15 9.69
C LEU A 130 16.70 -1.15 8.68
N PRO A 131 16.71 0.14 9.06
CA PRO A 131 17.20 1.21 8.20
C PRO A 131 18.72 1.15 8.00
N PRO A 132 19.22 1.93 7.03
CA PRO A 132 20.65 1.98 6.73
C PRO A 132 21.45 2.67 7.83
N TRP A 133 20.82 3.62 8.51
CA TRP A 133 21.48 4.34 9.59
C TRP A 133 21.74 3.44 10.78
N LEU A 134 20.95 2.38 10.90
CA LEU A 134 21.10 1.43 11.99
C LEU A 134 21.31 0.01 11.46
N ALA A 135 21.74 -0.08 10.21
CA ALA A 135 21.99 -1.38 9.58
C ALA A 135 23.37 -1.90 9.95
N GLY A 136 24.41 -1.23 9.47
CA GLY A 136 25.77 -1.65 9.77
C GLY A 136 26.33 -2.58 8.71
N GLU A 137 25.67 -2.63 7.56
CA GLU A 137 26.11 -3.49 6.47
C GLU A 137 27.39 -2.95 5.83
N GLU A 4 4.54 7.57 25.85
CA GLU A 4 4.56 7.04 27.22
C GLU A 4 3.59 5.88 27.37
N GLU A 5 3.12 5.36 26.24
CA GLU A 5 2.17 4.24 26.26
C GLU A 5 1.89 3.76 24.83
N LEU A 6 2.89 3.86 23.97
CA LEU A 6 2.76 3.43 22.59
C LEU A 6 3.95 2.58 22.15
N PRO A 7 4.14 1.44 22.82
CA PRO A 7 5.24 0.52 22.52
C PRO A 7 5.06 -0.18 21.17
N LEU A 8 5.98 -1.07 20.85
CA LEU A 8 5.94 -1.81 19.60
C LEU A 8 4.61 -2.56 19.45
N PHE A 9 3.99 -2.85 20.59
CA PHE A 9 2.72 -3.57 20.60
C PHE A 9 1.67 -2.83 19.76
N TYR A 10 1.54 -1.53 20.01
CA TYR A 10 0.59 -0.70 19.29
C TYR A 10 0.78 -0.83 17.78
N THR A 11 2.03 -1.02 17.36
CA THR A 11 2.36 -1.15 15.95
C THR A 11 1.88 -2.50 15.41
N ILE A 12 1.90 -3.51 16.25
CA ILE A 12 1.46 -4.85 15.86
C ILE A 12 -0.04 -4.88 15.58
N ASN A 13 -0.78 -4.05 16.31
CA ASN A 13 -2.23 -3.99 16.13
C ASN A 13 -2.59 -3.07 14.97
N LEU A 14 -1.67 -2.21 14.58
CA LEU A 14 -1.89 -1.28 13.48
C LEU A 14 -1.40 -1.87 12.17
N ILE A 15 -0.39 -2.74 12.24
CA ILE A 15 0.16 -3.38 11.07
C ILE A 15 -0.75 -4.50 10.56
N ILE A 16 -1.41 -5.18 11.49
CA ILE A 16 -2.31 -6.27 11.16
C ILE A 16 -3.33 -5.83 10.09
N PRO A 17 -4.09 -4.78 10.42
CA PRO A 17 -5.11 -4.23 9.51
C PRO A 17 -4.49 -3.55 8.29
N CYS A 18 -3.29 -3.02 8.47
CA CYS A 18 -2.59 -2.34 7.38
C CYS A 18 -2.55 -3.21 6.13
N LEU A 19 -2.32 -4.50 6.32
CA LEU A 19 -2.24 -5.43 5.20
C LEU A 19 -3.65 -5.85 4.76
N LEU A 20 -4.49 -6.18 5.72
CA LEU A 20 -5.87 -6.59 5.43
C LEU A 20 -6.56 -5.58 4.53
N ILE A 21 -6.43 -4.31 4.87
CA ILE A 21 -7.04 -3.24 4.08
C ILE A 21 -6.29 -3.01 2.77
N SER A 22 -4.98 -3.27 2.80
CA SER A 22 -4.14 -3.10 1.62
C SER A 22 -4.52 -4.10 0.53
N CYS A 23 -4.42 -5.38 0.87
CA CYS A 23 -4.75 -6.45 -0.07
C CYS A 23 -6.19 -6.33 -0.55
N LEU A 24 -7.07 -5.87 0.34
CA LEU A 24 -8.47 -5.72 0.03
C LEU A 24 -8.66 -4.89 -1.25
N THR A 25 -8.03 -3.72 -1.28
CA THR A 25 -8.12 -2.85 -2.44
C THR A 25 -7.58 -3.52 -3.70
N VAL A 26 -6.52 -4.30 -3.53
CA VAL A 26 -5.92 -5.01 -4.65
C VAL A 26 -6.84 -6.11 -5.18
N LEU A 27 -7.71 -6.61 -4.31
CA LEU A 27 -8.65 -7.65 -4.69
C LEU A 27 -9.66 -7.13 -5.70
N VAL A 28 -10.42 -6.10 -5.31
CA VAL A 28 -11.42 -5.51 -6.19
C VAL A 28 -10.80 -5.08 -7.52
N PHE A 29 -9.52 -4.73 -7.49
CA PHE A 29 -8.81 -4.30 -8.69
C PHE A 29 -8.35 -5.50 -9.51
N TYR A 30 -8.06 -6.60 -8.81
CA TYR A 30 -7.60 -7.82 -9.48
C TYR A 30 -8.74 -8.48 -10.24
N LEU A 31 -9.97 -8.24 -9.79
CA LEU A 31 -11.15 -8.81 -10.42
C LEU A 31 -12.40 -8.01 -10.08
N PRO A 32 -12.52 -6.81 -10.68
CA PRO A 32 -13.67 -5.92 -10.44
C PRO A 32 -14.95 -6.47 -11.05
N SER A 33 -16.08 -5.97 -10.58
CA SER A 33 -17.38 -6.41 -11.08
C SER A 33 -18.20 -5.23 -11.60
N GLU A 34 -18.18 -4.12 -10.86
CA GLU A 34 -18.91 -2.93 -11.24
C GLU A 34 -17.95 -1.83 -11.71
N CYS A 35 -18.49 -0.87 -12.45
CA CYS A 35 -17.69 0.23 -12.96
C CYS A 35 -17.88 1.49 -12.13
N GLY A 36 -18.45 1.32 -10.93
CA GLY A 36 -18.69 2.44 -10.05
C GLY A 36 -18.33 2.14 -8.62
N GLU A 37 -18.80 1.00 -8.12
CA GLU A 37 -18.52 0.60 -6.74
C GLU A 37 -17.03 0.60 -6.46
N LYS A 38 -16.24 0.26 -7.47
CA LYS A 38 -14.79 0.23 -7.34
C LYS A 38 -14.24 1.57 -6.87
N ILE A 39 -14.56 2.63 -7.63
CA ILE A 39 -14.11 3.96 -7.28
C ILE A 39 -14.53 4.35 -5.86
N THR A 40 -15.77 4.02 -5.51
CA THR A 40 -16.29 4.32 -4.18
C THR A 40 -15.52 3.56 -3.10
N LEU A 41 -15.02 2.38 -3.46
CA LEU A 41 -14.27 1.55 -2.52
C LEU A 41 -12.94 2.20 -2.18
N CYS A 42 -12.23 2.67 -3.21
CA CYS A 42 -10.93 3.31 -3.02
C CYS A 42 -11.05 4.48 -2.04
N ILE A 43 -12.10 5.28 -2.20
CA ILE A 43 -12.31 6.43 -1.33
C ILE A 43 -12.42 6.01 0.13
N SER A 44 -13.22 4.98 0.39
CA SER A 44 -13.40 4.47 1.75
C SER A 44 -12.05 4.14 2.39
N VAL A 45 -11.19 3.49 1.61
CA VAL A 45 -9.87 3.11 2.11
C VAL A 45 -9.05 4.34 2.51
N LEU A 46 -8.99 5.31 1.60
CA LEU A 46 -8.25 6.54 1.86
C LEU A 46 -8.76 7.24 3.11
N LEU A 47 -10.07 7.15 3.35
CA LEU A 47 -10.69 7.77 4.52
C LEU A 47 -10.04 7.27 5.80
N SER A 48 -10.08 5.96 6.00
CA SER A 48 -9.49 5.36 7.20
C SER A 48 -8.02 5.74 7.34
N LEU A 49 -7.30 5.71 6.23
CA LEU A 49 -5.89 6.06 6.23
C LEU A 49 -5.67 7.46 6.78
N THR A 50 -6.56 8.38 6.43
CA THR A 50 -6.47 9.76 6.88
C THR A 50 -7.03 9.91 8.30
N VAL A 51 -7.89 8.98 8.69
CA VAL A 51 -8.51 9.01 10.01
C VAL A 51 -7.52 8.54 11.08
N PHE A 52 -6.84 7.43 10.81
CA PHE A 52 -5.87 6.88 11.74
C PHE A 52 -4.58 7.71 11.73
N LEU A 53 -4.33 8.39 10.63
CA LEU A 53 -3.15 9.22 10.49
C LEU A 53 -3.16 10.38 11.48
N LEU A 54 -4.23 11.18 11.42
CA LEU A 54 -4.38 12.32 12.32
C LEU A 54 -4.35 11.88 13.78
N LEU A 55 -5.03 10.78 14.07
CA LEU A 55 -5.09 10.25 15.43
C LEU A 55 -3.68 10.07 16.01
N ILE A 56 -2.75 9.65 15.15
CA ILE A 56 -1.37 9.46 15.57
C ILE A 56 -0.67 10.78 15.82
N THR A 57 -1.10 11.81 15.10
CA THR A 57 -0.52 13.14 15.25
C THR A 57 -1.04 13.84 16.50
N GLU A 58 -2.08 13.26 17.11
CA GLU A 58 -2.67 13.83 18.31
C GLU A 58 -1.96 13.30 19.56
N ILE A 59 -1.65 12.00 19.56
CA ILE A 59 -0.99 11.37 20.68
C ILE A 59 0.50 11.69 20.69
N ILE A 60 1.05 11.91 19.49
CA ILE A 60 2.47 12.23 19.36
C ILE A 60 3.34 11.10 19.92
N PRO A 61 3.42 10.00 19.17
CA PRO A 61 4.21 8.83 19.56
C PRO A 61 5.71 9.10 19.48
N SER A 62 6.08 10.16 18.78
CA SER A 62 7.49 10.53 18.62
C SER A 62 7.62 11.93 18.03
N THR A 63 8.50 12.74 18.62
CA THR A 63 8.72 14.09 18.16
C THR A 63 10.12 14.59 18.53
N SER A 64 10.55 15.66 17.90
CA SER A 64 11.87 16.23 18.16
C SER A 64 12.10 17.48 17.31
N SER A 65 11.58 17.46 16.10
CA SER A 65 11.73 18.59 15.19
C SER A 65 10.99 18.34 13.88
N VAL A 66 10.99 17.09 13.43
CA VAL A 66 10.31 16.72 12.19
C VAL A 66 9.20 15.71 12.46
N SER A 67 8.64 15.16 11.40
CA SER A 67 7.55 14.19 11.52
C SER A 67 7.92 13.09 12.52
N PRO A 68 6.89 12.39 13.03
CA PRO A 68 7.08 11.32 14.00
C PRO A 68 7.73 10.09 13.39
N SER A 69 7.86 9.04 14.18
CA SER A 69 8.48 7.80 13.72
C SER A 69 7.71 7.22 12.53
N ILE A 70 6.49 6.77 12.79
CA ILE A 70 5.65 6.20 11.74
C ILE A 70 5.24 7.25 10.72
N GLY A 71 5.44 8.52 11.08
CA GLY A 71 5.09 9.61 10.19
C GLY A 71 5.68 9.44 8.81
N GLU A 72 6.83 8.78 8.74
CA GLU A 72 7.51 8.55 7.46
C GLU A 72 6.93 7.33 6.75
N TYR A 73 6.44 6.37 7.53
CA TYR A 73 5.86 5.16 6.97
C TYR A 73 4.46 5.42 6.43
N LEU A 74 3.64 6.11 7.22
CA LEU A 74 2.28 6.43 6.83
C LEU A 74 2.26 7.22 5.51
N LEU A 75 3.26 8.08 5.34
CA LEU A 75 3.36 8.89 4.13
C LEU A 75 3.87 8.06 2.96
N PHE A 76 5.03 7.42 3.15
CA PHE A 76 5.62 6.59 2.11
C PHE A 76 4.62 5.54 1.62
N THR A 77 3.91 4.92 2.56
CA THR A 77 2.94 3.89 2.22
C THR A 77 1.83 4.45 1.34
N MET A 78 1.11 5.45 1.84
CA MET A 78 0.03 6.08 1.10
C MET A 78 0.50 6.51 -0.28
N ILE A 79 1.66 7.16 -0.32
CA ILE A 79 2.23 7.63 -1.58
C ILE A 79 2.51 6.47 -2.53
N PHE A 80 2.92 5.35 -1.96
CA PHE A 80 3.23 4.15 -2.76
C PHE A 80 1.96 3.53 -3.32
N VAL A 81 1.03 3.19 -2.42
CA VAL A 81 -0.23 2.58 -2.83
C VAL A 81 -0.99 3.49 -3.78
N THR A 82 -0.86 4.80 -3.57
CA THR A 82 -1.54 5.78 -4.41
C THR A 82 -1.10 5.66 -5.87
N LEU A 83 0.21 5.79 -6.10
CA LEU A 83 0.76 5.70 -7.44
C LEU A 83 0.54 4.31 -8.03
N SER A 84 0.47 3.31 -7.14
CA SER A 84 0.27 1.94 -7.57
C SER A 84 -1.13 1.74 -8.16
N ILE A 85 -2.05 2.61 -7.76
CA ILE A 85 -3.43 2.52 -8.25
C ILE A 85 -3.54 3.12 -9.64
N VAL A 86 -3.07 4.36 -9.79
CA VAL A 86 -3.12 5.05 -11.07
C VAL A 86 -2.34 4.29 -12.14
N ILE A 87 -1.25 3.65 -11.73
CA ILE A 87 -0.42 2.88 -12.64
C ILE A 87 -1.06 1.54 -12.98
N THR A 88 -1.77 0.97 -12.00
CA THR A 88 -2.43 -0.31 -12.19
C THR A 88 -3.68 -0.17 -13.06
N VAL A 89 -4.45 0.89 -12.81
CA VAL A 89 -5.67 1.14 -13.56
C VAL A 89 -5.35 1.55 -15.00
N PHE A 90 -4.14 2.09 -15.20
CA PHE A 90 -3.71 2.53 -16.53
C PHE A 90 -3.42 1.32 -17.42
N VAL A 91 -2.52 0.46 -16.95
CA VAL A 91 -2.14 -0.73 -17.71
C VAL A 91 -3.36 -1.58 -18.04
N LEU A 92 -4.37 -1.51 -17.18
CA LEU A 92 -5.61 -2.28 -17.39
C LEU A 92 -6.60 -1.48 -18.22
N ASN A 93 -6.49 -0.15 -18.17
CA ASN A 93 -7.39 0.71 -18.92
C ASN A 93 -7.24 0.47 -20.42
N VAL A 94 -6.01 0.30 -20.87
CA VAL A 94 -5.73 0.06 -22.29
C VAL A 94 -4.75 -1.08 -22.47
N HIS A 95 -5.19 -2.14 -23.15
CA HIS A 95 -4.35 -3.29 -23.40
C HIS A 95 -4.97 -4.20 -24.45
N HIS A 96 -5.60 -3.60 -25.45
CA HIS A 96 -6.24 -4.36 -26.52
C HIS A 96 -5.41 -4.31 -27.80
N ARG A 97 -4.27 -3.62 -27.73
CA ARG A 97 -3.38 -3.48 -28.88
C ARG A 97 -2.31 -4.56 -28.86
N SER A 98 -1.47 -4.58 -29.90
CA SER A 98 -0.40 -5.57 -30.00
C SER A 98 0.50 -5.26 -31.19
N PRO A 99 1.72 -5.82 -31.18
CA PRO A 99 2.70 -5.63 -32.24
C PRO A 99 2.30 -6.32 -33.54
N GLU A 100 1.90 -7.59 -33.42
CA GLU A 100 1.49 -8.37 -34.59
C GLU A 100 0.88 -9.70 -34.16
N THR A 101 1.66 -10.48 -33.41
CA THR A 101 1.20 -11.78 -32.94
C THR A 101 0.59 -11.68 -31.55
N HIS A 102 -0.59 -12.27 -31.38
CA HIS A 102 -1.29 -12.24 -30.11
C HIS A 102 -2.27 -13.40 -29.99
N THR A 103 -1.88 -14.45 -29.28
CA THR A 103 -2.73 -15.62 -29.10
C THR A 103 -2.45 -16.31 -27.78
N GLY A 104 -3.41 -16.26 -26.87
CA GLY A 104 -3.24 -16.90 -25.57
C GLY A 104 -3.81 -16.07 -24.44
N GLY A 105 -3.68 -14.75 -24.54
CA GLY A 105 -4.19 -13.87 -23.52
C GLY A 105 -3.21 -13.66 -22.38
N GLY A 106 -2.25 -12.75 -22.59
CA GLY A 106 -1.26 -12.48 -21.58
C GLY A 106 -0.47 -13.71 -21.19
N GLY A 107 -0.38 -13.95 -19.88
CA GLY A 107 0.36 -15.11 -19.39
C GLY A 107 0.51 -15.12 -17.88
N GLY A 108 1.67 -14.74 -17.40
CA GLY A 108 1.91 -14.71 -15.96
C GLY A 108 1.99 -13.29 -15.42
N ILE A 109 1.24 -12.39 -16.03
CA ILE A 109 1.22 -10.99 -15.59
C ILE A 109 0.41 -10.83 -14.31
N ASP A 110 -0.58 -11.69 -14.13
CA ASP A 110 -1.43 -11.64 -12.93
C ASP A 110 -0.68 -12.19 -11.72
N ARG A 111 -0.05 -13.35 -11.88
CA ARG A 111 0.69 -13.97 -10.80
C ARG A 111 1.81 -13.07 -10.31
N ILE A 112 2.54 -12.47 -11.25
CA ILE A 112 3.64 -11.58 -10.92
C ILE A 112 3.12 -10.25 -10.37
N PHE A 113 1.96 -9.83 -10.86
CA PHE A 113 1.36 -8.58 -10.41
C PHE A 113 1.20 -8.56 -8.89
N LEU A 114 0.44 -9.51 -8.38
CA LEU A 114 0.20 -9.60 -6.94
C LEU A 114 1.49 -9.92 -6.20
N TRP A 115 2.43 -10.54 -6.89
CA TRP A 115 3.71 -10.91 -6.29
C TRP A 115 4.54 -9.65 -5.99
N MET A 116 4.29 -8.59 -6.74
CA MET A 116 5.01 -7.33 -6.54
C MET A 116 4.46 -6.57 -5.35
N PHE A 117 3.13 -6.42 -5.31
CA PHE A 117 2.48 -5.71 -4.21
C PHE A 117 2.92 -6.26 -2.86
N ILE A 118 3.01 -7.58 -2.77
CA ILE A 118 3.42 -8.23 -1.54
C ILE A 118 4.94 -8.17 -1.36
N ILE A 119 5.65 -7.98 -2.47
CA ILE A 119 7.11 -7.90 -2.44
C ILE A 119 7.57 -6.61 -1.77
N VAL A 120 6.78 -5.55 -1.94
CA VAL A 120 7.11 -4.25 -1.36
C VAL A 120 6.62 -4.16 0.08
N CYS A 121 5.53 -4.86 0.38
CA CYS A 121 4.95 -4.85 1.71
C CYS A 121 5.91 -5.49 2.72
N LEU A 122 6.45 -6.65 2.37
CA LEU A 122 7.38 -7.36 3.23
C LEU A 122 8.75 -6.70 3.21
N LEU A 123 9.31 -6.53 2.02
CA LEU A 123 10.63 -5.91 1.86
C LEU A 123 10.67 -4.56 2.55
N GLY A 124 9.78 -3.66 2.15
CA GLY A 124 9.73 -2.33 2.74
C GLY A 124 9.64 -2.38 4.26
N THR A 125 8.62 -3.07 4.77
CA THR A 125 8.42 -3.19 6.21
C THR A 125 9.69 -3.66 6.90
N VAL A 126 10.37 -4.64 6.29
CA VAL A 126 11.59 -5.18 6.85
C VAL A 126 12.70 -4.12 6.88
N GLY A 127 12.93 -3.48 5.75
CA GLY A 127 13.95 -2.45 5.66
C GLY A 127 13.74 -1.34 6.67
N LEU A 128 12.48 -1.00 6.90
CA LEU A 128 12.14 0.07 7.85
C LEU A 128 12.46 -0.35 9.27
N PHE A 129 12.15 -1.59 9.61
CA PHE A 129 12.42 -2.11 10.95
C PHE A 129 13.90 -2.39 11.14
N LEU A 130 14.64 -2.38 10.04
CA LEU A 130 16.08 -2.63 10.09
C LEU A 130 16.81 -1.83 9.00
N PRO A 131 16.91 -0.51 9.23
CA PRO A 131 17.59 0.39 8.28
C PRO A 131 19.10 0.18 8.25
N PRO A 132 19.75 0.77 7.24
CA PRO A 132 21.21 0.66 7.08
C PRO A 132 21.98 1.40 8.16
N TRP A 133 21.48 2.59 8.52
CA TRP A 133 22.12 3.41 9.55
C TRP A 133 22.30 2.61 10.83
N LEU A 134 21.43 1.64 11.05
CA LEU A 134 21.48 0.81 12.25
C LEU A 134 22.15 -0.54 11.95
N ALA A 135 22.26 -0.86 10.67
CA ALA A 135 22.88 -2.12 10.25
C ALA A 135 24.36 -2.14 10.59
N GLY A 136 25.10 -1.17 10.06
CA GLY A 136 26.53 -1.09 10.32
C GLY A 136 27.26 -0.30 9.25
N GLU A 137 26.77 -0.35 8.02
CA GLU A 137 27.40 0.36 6.92
C GLU A 137 26.80 1.76 6.76
N GLU A 4 2.60 8.59 25.51
CA GLU A 4 2.81 7.89 26.77
C GLU A 4 1.86 6.70 26.90
N GLU A 5 1.57 6.05 25.78
CA GLU A 5 0.69 4.89 25.75
C GLU A 5 0.64 4.26 24.37
N LEU A 6 1.75 4.34 23.66
CA LEU A 6 1.83 3.77 22.31
C LEU A 6 3.11 2.95 22.15
N PRO A 7 3.23 1.88 22.95
CA PRO A 7 4.40 0.99 22.90
C PRO A 7 4.46 0.16 21.62
N LEU A 8 5.49 -0.65 21.49
CA LEU A 8 5.66 -1.50 20.31
C LEU A 8 4.40 -2.32 20.05
N PHE A 9 3.71 -2.69 21.12
CA PHE A 9 2.49 -3.47 21.00
C PHE A 9 1.52 -2.82 20.02
N TYR A 10 1.55 -1.49 19.96
CA TYR A 10 0.67 -0.75 19.07
C TYR A 10 1.18 -0.82 17.63
N THR A 11 2.49 -0.86 17.47
CA THR A 11 3.11 -0.92 16.14
C THR A 11 2.80 -2.24 15.47
N ILE A 12 2.66 -3.30 16.26
CA ILE A 12 2.37 -4.61 15.73
C ILE A 12 0.88 -4.77 15.43
N ASN A 13 0.05 -4.03 16.17
CA ASN A 13 -1.39 -4.08 15.98
C ASN A 13 -1.82 -3.19 14.82
N LEU A 14 -0.94 -2.27 14.42
CA LEU A 14 -1.24 -1.37 13.32
C LEU A 14 -0.74 -1.93 12.00
N ILE A 15 0.32 -2.73 12.07
CA ILE A 15 0.91 -3.34 10.87
C ILE A 15 0.07 -4.52 10.40
N ILE A 16 -0.53 -5.23 11.36
CA ILE A 16 -1.35 -6.39 11.04
C ILE A 16 -2.42 -6.04 10.00
N PRO A 17 -3.25 -5.03 10.31
CA PRO A 17 -4.31 -4.58 9.41
C PRO A 17 -3.77 -3.87 8.18
N CYS A 18 -2.61 -3.25 8.33
CA CYS A 18 -1.98 -2.52 7.23
C CYS A 18 -1.82 -3.43 6.01
N LEU A 19 -1.58 -4.71 6.26
CA LEU A 19 -1.39 -5.68 5.19
C LEU A 19 -2.74 -6.20 4.69
N LEU A 20 -3.59 -6.59 5.63
CA LEU A 20 -4.92 -7.10 5.28
C LEU A 20 -5.65 -6.14 4.34
N ILE A 21 -5.52 -4.84 4.63
CA ILE A 21 -6.17 -3.83 3.81
C ILE A 21 -5.38 -3.57 2.52
N SER A 22 -4.07 -3.74 2.59
CA SER A 22 -3.20 -3.53 1.44
C SER A 22 -3.46 -4.58 0.37
N CYS A 23 -3.46 -5.85 0.78
CA CYS A 23 -3.69 -6.94 -0.15
C CYS A 23 -5.13 -6.94 -0.66
N LEU A 24 -6.05 -6.49 0.19
CA LEU A 24 -7.46 -6.43 -0.18
C LEU A 24 -7.65 -5.64 -1.46
N THR A 25 -7.04 -4.46 -1.53
CA THR A 25 -7.14 -3.61 -2.70
C THR A 25 -6.56 -4.29 -3.93
N VAL A 26 -5.33 -4.79 -3.80
CA VAL A 26 -4.66 -5.47 -4.90
C VAL A 26 -5.45 -6.68 -5.37
N LEU A 27 -6.17 -7.31 -4.43
CA LEU A 27 -6.98 -8.48 -4.75
C LEU A 27 -7.99 -8.17 -5.85
N VAL A 28 -8.85 -7.19 -5.60
CA VAL A 28 -9.86 -6.79 -6.56
C VAL A 28 -9.23 -6.44 -7.90
N PHE A 29 -8.07 -5.79 -7.86
CA PHE A 29 -7.37 -5.41 -9.08
C PHE A 29 -7.02 -6.63 -9.92
N TYR A 30 -6.81 -7.76 -9.25
CA TYR A 30 -6.47 -9.01 -9.93
C TYR A 30 -7.70 -9.65 -10.55
N LEU A 31 -8.72 -9.86 -9.73
CA LEU A 31 -9.96 -10.47 -10.20
C LEU A 31 -11.14 -9.53 -10.00
N PRO A 32 -11.16 -8.43 -10.78
CA PRO A 32 -12.21 -7.44 -10.72
C PRO A 32 -13.55 -7.96 -11.26
N SER A 33 -14.64 -7.44 -10.74
CA SER A 33 -15.98 -7.85 -11.16
C SER A 33 -16.64 -6.78 -12.02
N GLU A 34 -16.75 -5.58 -11.46
CA GLU A 34 -17.36 -4.46 -12.17
C GLU A 34 -16.30 -3.58 -12.82
N CYS A 35 -16.75 -2.51 -13.47
CA CYS A 35 -15.84 -1.58 -14.14
C CYS A 35 -15.51 -0.40 -13.24
N GLY A 36 -16.49 0.03 -12.44
CA GLY A 36 -16.29 1.15 -11.54
C GLY A 36 -16.20 0.72 -10.10
N GLU A 37 -16.20 -0.59 -9.87
CA GLU A 37 -16.13 -1.13 -8.51
C GLU A 37 -14.83 -0.69 -7.83
N LYS A 38 -13.77 -0.55 -8.62
CA LYS A 38 -12.47 -0.15 -8.10
C LYS A 38 -12.51 1.29 -7.59
N ILE A 39 -13.12 2.17 -8.39
CA ILE A 39 -13.23 3.58 -8.02
C ILE A 39 -13.91 3.75 -6.66
N THR A 40 -15.08 3.12 -6.52
CA THR A 40 -15.83 3.20 -5.27
C THR A 40 -15.03 2.65 -4.11
N LEU A 41 -14.47 1.45 -4.29
CA LEU A 41 -13.67 0.82 -3.25
C LEU A 41 -12.48 1.69 -2.87
N CYS A 42 -11.86 2.32 -3.85
CA CYS A 42 -10.72 3.19 -3.61
C CYS A 42 -11.05 4.27 -2.59
N ILE A 43 -12.25 4.84 -2.71
CA ILE A 43 -12.70 5.88 -1.80
C ILE A 43 -12.91 5.32 -0.39
N SER A 44 -13.39 4.08 -0.31
CA SER A 44 -13.64 3.44 0.97
C SER A 44 -12.32 3.12 1.67
N VAL A 45 -11.43 2.43 0.96
CA VAL A 45 -10.13 2.06 1.53
C VAL A 45 -9.30 3.31 1.85
N LEU A 46 -9.53 4.37 1.11
CA LEU A 46 -8.81 5.63 1.31
C LEU A 46 -9.32 6.36 2.55
N LEU A 47 -10.62 6.27 2.79
CA LEU A 47 -11.25 6.92 3.93
C LEU A 47 -10.66 6.41 5.24
N SER A 48 -10.66 5.10 5.41
CA SER A 48 -10.12 4.47 6.62
C SER A 48 -8.65 4.80 6.77
N LEU A 49 -7.93 4.82 5.66
CA LEU A 49 -6.50 5.11 5.67
C LEU A 49 -6.24 6.54 6.13
N THR A 50 -6.94 7.49 5.52
CA THR A 50 -6.79 8.90 5.88
C THR A 50 -7.37 9.19 7.27
N VAL A 51 -8.29 8.33 7.71
CA VAL A 51 -8.90 8.48 9.02
C VAL A 51 -7.95 8.06 10.13
N PHE A 52 -7.32 6.92 9.95
CA PHE A 52 -6.38 6.40 10.95
C PHE A 52 -5.07 7.17 10.91
N LEU A 53 -4.76 7.76 9.75
CA LEU A 53 -3.54 8.53 9.57
C LEU A 53 -3.53 9.77 10.47
N LEU A 54 -4.56 10.59 10.33
CA LEU A 54 -4.68 11.81 11.13
C LEU A 54 -4.69 11.48 12.62
N LEU A 55 -5.45 10.44 12.98
CA LEU A 55 -5.54 10.02 14.37
C LEU A 55 -4.16 9.83 14.98
N ILE A 56 -3.22 9.32 14.18
CA ILE A 56 -1.86 9.08 14.64
C ILE A 56 -1.10 10.40 14.79
N THR A 57 -1.47 11.38 13.97
CA THR A 57 -0.82 12.69 14.02
C THR A 57 -1.30 13.50 15.22
N GLU A 58 -2.38 13.04 15.84
CA GLU A 58 -2.93 13.74 16.99
C GLU A 58 -2.30 13.23 18.29
N ILE A 59 -2.07 11.92 18.36
CA ILE A 59 -1.47 11.31 19.54
C ILE A 59 0.04 11.53 19.56
N ILE A 60 0.61 11.79 18.39
CA ILE A 60 2.05 12.01 18.28
C ILE A 60 2.84 10.90 18.94
N PRO A 61 2.88 9.73 18.27
CA PRO A 61 3.60 8.55 18.77
C PRO A 61 5.11 8.75 18.74
N SER A 62 5.56 9.75 17.98
CA SER A 62 6.98 10.03 17.85
C SER A 62 7.22 11.24 16.95
N THR A 63 7.01 11.06 15.65
CA THR A 63 7.20 12.13 14.69
C THR A 63 8.57 12.77 14.84
N SER A 64 9.54 11.98 15.30
CA SER A 64 10.90 12.47 15.48
C SER A 64 11.79 12.09 14.30
N SER A 65 13.07 12.43 14.39
CA SER A 65 14.02 12.13 13.32
C SER A 65 14.98 11.03 13.76
N VAL A 66 15.34 11.04 15.05
CA VAL A 66 16.25 10.03 15.59
C VAL A 66 15.50 8.83 16.13
N SER A 67 14.22 9.05 16.47
CA SER A 67 13.39 7.98 17.02
C SER A 67 12.48 7.40 15.93
N PRO A 68 11.96 6.19 16.17
CA PRO A 68 11.08 5.51 15.23
C PRO A 68 9.71 6.16 15.14
N SER A 69 9.40 6.71 13.96
CA SER A 69 8.12 7.38 13.76
C SER A 69 7.43 6.83 12.51
N ILE A 70 6.14 6.54 12.64
CA ILE A 70 5.36 6.02 11.52
C ILE A 70 4.99 7.13 10.53
N GLY A 71 5.16 8.37 10.96
CA GLY A 71 4.85 9.50 10.10
C GLY A 71 5.53 9.40 8.75
N GLU A 72 6.68 8.74 8.72
CA GLU A 72 7.43 8.58 7.48
C GLU A 72 6.90 7.40 6.66
N TYR A 73 6.36 6.41 7.36
CA TYR A 73 5.81 5.23 6.71
C TYR A 73 4.44 5.51 6.11
N LEU A 74 3.56 6.09 6.93
CA LEU A 74 2.20 6.42 6.49
C LEU A 74 2.23 7.35 5.28
N LEU A 75 3.32 8.11 5.16
CA LEU A 75 3.47 9.05 4.05
C LEU A 75 3.94 8.32 2.79
N PHE A 76 5.10 7.68 2.87
CA PHE A 76 5.65 6.95 1.74
C PHE A 76 4.67 5.91 1.23
N THR A 77 3.94 5.29 2.16
CA THR A 77 2.96 4.27 1.81
C THR A 77 1.84 4.85 0.96
N MET A 78 1.21 5.91 1.46
CA MET A 78 0.12 6.56 0.74
C MET A 78 0.62 7.18 -0.57
N ILE A 79 1.85 7.67 -0.55
CA ILE A 79 2.45 8.30 -1.72
C ILE A 79 2.73 7.25 -2.81
N PHE A 80 3.17 6.07 -2.38
CA PHE A 80 3.48 4.99 -3.30
C PHE A 80 2.21 4.48 -3.98
N VAL A 81 1.26 4.03 -3.18
CA VAL A 81 0.00 3.52 -3.70
C VAL A 81 -0.69 4.54 -4.60
N THR A 82 -0.55 5.82 -4.25
CA THR A 82 -1.15 6.90 -5.02
C THR A 82 -0.72 6.83 -6.49
N LEU A 83 0.59 6.87 -6.72
CA LEU A 83 1.12 6.81 -8.08
C LEU A 83 0.78 5.48 -8.74
N SER A 84 0.79 4.40 -7.95
CA SER A 84 0.48 3.07 -8.46
C SER A 84 -0.89 3.06 -9.13
N ILE A 85 -1.90 3.52 -8.42
CA ILE A 85 -3.25 3.56 -8.95
C ILE A 85 -3.35 4.49 -10.16
N VAL A 86 -2.46 5.48 -10.20
CA VAL A 86 -2.44 6.44 -11.30
C VAL A 86 -1.91 5.80 -12.57
N ILE A 87 -0.78 5.13 -12.46
CA ILE A 87 -0.17 4.47 -13.61
C ILE A 87 -0.97 3.24 -14.04
N THR A 88 -1.28 2.37 -13.08
CA THR A 88 -2.04 1.17 -13.37
C THR A 88 -3.33 1.50 -14.11
N VAL A 89 -3.89 2.67 -13.82
CA VAL A 89 -5.13 3.11 -14.46
C VAL A 89 -4.87 3.54 -15.91
N PHE A 90 -3.76 4.23 -16.12
CA PHE A 90 -3.39 4.71 -17.46
C PHE A 90 -3.02 3.54 -18.37
N VAL A 91 -2.09 2.71 -17.90
CA VAL A 91 -1.64 1.55 -18.67
C VAL A 91 -2.83 0.71 -19.13
N LEU A 92 -3.84 0.59 -18.27
CA LEU A 92 -5.03 -0.19 -18.59
C LEU A 92 -6.00 0.63 -19.45
N ASN A 93 -6.05 1.93 -19.19
CA ASN A 93 -6.94 2.83 -19.92
C ASN A 93 -6.53 2.89 -21.39
N VAL A 94 -5.23 3.00 -21.64
CA VAL A 94 -4.72 3.08 -23.01
C VAL A 94 -5.04 1.80 -23.78
N HIS A 95 -5.16 1.93 -25.10
CA HIS A 95 -5.46 0.79 -25.95
C HIS A 95 -4.23 -0.08 -26.15
N HIS A 96 -4.38 -1.16 -26.92
CA HIS A 96 -3.28 -2.07 -27.18
C HIS A 96 -3.67 -3.11 -28.22
N ARG A 97 -2.76 -4.03 -28.52
CA ARG A 97 -3.01 -5.08 -29.50
C ARG A 97 -2.77 -6.46 -28.89
N SER A 98 -3.77 -7.33 -28.99
CA SER A 98 -3.67 -8.68 -28.45
C SER A 98 -3.79 -9.73 -29.56
N PRO A 99 -3.32 -10.94 -29.28
CA PRO A 99 -3.36 -12.05 -30.23
C PRO A 99 -4.78 -12.55 -30.49
N GLU A 100 -5.53 -12.78 -29.41
CA GLU A 100 -6.90 -13.25 -29.52
C GLU A 100 -7.60 -13.20 -28.16
N THR A 101 -6.97 -13.81 -27.15
CA THR A 101 -7.54 -13.83 -25.80
C THR A 101 -7.84 -12.43 -25.32
N HIS A 102 -8.94 -12.28 -24.58
CA HIS A 102 -9.36 -10.99 -24.05
C HIS A 102 -9.75 -11.11 -22.58
N THR A 103 -10.24 -10.01 -22.01
CA THR A 103 -10.65 -9.99 -20.62
C THR A 103 -9.55 -10.50 -19.71
N GLY A 104 -8.29 -10.29 -20.13
CA GLY A 104 -7.17 -10.74 -19.34
C GLY A 104 -5.97 -11.11 -20.19
N GLY A 105 -5.23 -12.12 -19.77
CA GLY A 105 -4.06 -12.56 -20.51
C GLY A 105 -3.08 -11.43 -20.77
N GLY A 106 -2.04 -11.73 -21.53
CA GLY A 106 -1.04 -10.71 -21.84
C GLY A 106 0.37 -11.28 -21.82
N GLY A 107 1.07 -11.10 -20.72
CA GLY A 107 2.43 -11.59 -20.61
C GLY A 107 2.94 -11.60 -19.19
N GLY A 108 2.26 -12.36 -18.32
CA GLY A 108 2.66 -12.43 -16.93
C GLY A 108 2.72 -11.07 -16.27
N ILE A 109 1.94 -10.12 -16.79
CA ILE A 109 1.91 -8.78 -16.24
C ILE A 109 1.09 -8.73 -14.96
N ASP A 110 0.12 -9.63 -14.84
CA ASP A 110 -0.73 -9.69 -13.66
C ASP A 110 0.00 -10.32 -12.49
N ARG A 111 0.62 -11.47 -12.73
CA ARG A 111 1.35 -12.18 -11.69
C ARG A 111 2.47 -11.32 -11.13
N ILE A 112 3.19 -10.63 -12.02
CA ILE A 112 4.28 -9.77 -11.60
C ILE A 112 3.76 -8.49 -10.95
N PHE A 113 2.61 -8.02 -11.42
CA PHE A 113 2.00 -6.81 -10.88
C PHE A 113 1.81 -6.91 -9.38
N LEU A 114 1.04 -7.92 -8.95
CA LEU A 114 0.78 -8.13 -7.53
C LEU A 114 2.06 -8.51 -6.79
N TRP A 115 3.01 -9.08 -7.52
CA TRP A 115 4.29 -9.49 -6.95
C TRP A 115 5.10 -8.28 -6.52
N MET A 116 4.87 -7.15 -7.18
CA MET A 116 5.60 -5.91 -6.87
C MET A 116 5.02 -5.25 -5.61
N PHE A 117 3.70 -5.11 -5.58
CA PHE A 117 3.02 -4.49 -4.44
C PHE A 117 3.45 -5.16 -3.14
N ILE A 118 3.53 -6.48 -3.15
CA ILE A 118 3.92 -7.24 -1.98
C ILE A 118 5.44 -7.19 -1.77
N ILE A 119 6.17 -6.92 -2.85
CA ILE A 119 7.62 -6.84 -2.78
C ILE A 119 8.08 -5.61 -2.01
N VAL A 120 7.29 -4.54 -2.10
CA VAL A 120 7.61 -3.31 -1.39
C VAL A 120 7.09 -3.33 0.04
N CYS A 121 6.00 -4.06 0.25
CA CYS A 121 5.40 -4.16 1.58
C CYS A 121 6.35 -4.86 2.55
N LEU A 122 6.82 -6.04 2.17
CA LEU A 122 7.73 -6.81 3.00
C LEU A 122 9.10 -6.13 3.08
N LEU A 123 9.66 -5.82 1.92
CA LEU A 123 10.97 -5.17 1.85
C LEU A 123 10.97 -3.88 2.66
N GLY A 124 10.12 -2.94 2.27
CA GLY A 124 10.04 -1.68 2.98
C GLY A 124 9.84 -1.85 4.47
N THR A 125 8.92 -2.73 4.84
CA THR A 125 8.62 -2.99 6.24
C THR A 125 9.88 -3.44 6.99
N VAL A 126 10.49 -4.52 6.49
CA VAL A 126 11.69 -5.06 7.10
C VAL A 126 12.77 -3.98 7.25
N GLY A 127 13.01 -3.24 6.17
CA GLY A 127 14.01 -2.19 6.21
C GLY A 127 13.69 -1.12 7.23
N LEU A 128 12.41 -0.84 7.43
CA LEU A 128 11.99 0.17 8.39
C LEU A 128 12.26 -0.30 9.82
N PHE A 129 12.03 -1.59 10.07
CA PHE A 129 12.26 -2.15 11.39
C PHE A 129 13.75 -2.25 11.70
N LEU A 130 14.55 -2.44 10.65
CA LEU A 130 15.99 -2.57 10.81
C LEU A 130 16.72 -1.48 10.02
N PRO A 131 16.59 -0.23 10.48
CA PRO A 131 17.23 0.92 9.82
C PRO A 131 18.75 0.91 9.98
N PRO A 132 19.43 1.77 9.21
CA PRO A 132 20.89 1.88 9.24
C PRO A 132 21.39 2.49 10.55
N TRP A 133 20.68 3.48 11.05
CA TRP A 133 21.05 4.15 12.29
C TRP A 133 21.07 3.17 13.45
N LEU A 134 20.31 2.09 13.31
CA LEU A 134 20.23 1.08 14.36
C LEU A 134 20.69 -0.29 13.83
N ALA A 135 21.41 -0.27 12.72
CA ALA A 135 21.91 -1.50 12.12
C ALA A 135 23.24 -1.92 12.75
N GLY A 136 24.21 -1.00 12.77
CA GLY A 136 25.50 -1.30 13.34
C GLY A 136 25.51 -1.19 14.85
N GLU A 137 24.37 -0.78 15.41
CA GLU A 137 24.25 -0.63 16.86
C GLU A 137 23.95 -1.97 17.53
N GLU A 4 8.17 8.79 20.01
CA GLU A 4 7.91 9.06 21.41
C GLU A 4 6.49 8.65 21.80
N GLU A 5 5.88 7.81 20.97
CA GLU A 5 4.53 7.34 21.22
C GLU A 5 4.13 6.26 20.20
N LEU A 6 5.11 5.49 19.76
CA LEU A 6 4.86 4.43 18.78
C LEU A 6 5.56 3.14 19.21
N PRO A 7 5.15 2.60 20.37
CA PRO A 7 5.72 1.37 20.91
C PRO A 7 5.31 0.14 20.10
N LEU A 8 5.80 -1.03 20.50
CA LEU A 8 5.49 -2.27 19.81
C LEU A 8 3.98 -2.46 19.68
N PHE A 9 3.26 -2.21 20.76
CA PHE A 9 1.81 -2.35 20.77
C PHE A 9 1.18 -1.58 19.61
N TYR A 10 1.82 -0.46 19.25
CA TYR A 10 1.32 0.37 18.15
C TYR A 10 1.67 -0.24 16.81
N THR A 11 2.80 -0.94 16.75
CA THR A 11 3.24 -1.58 15.51
C THR A 11 2.35 -2.76 15.15
N ILE A 12 1.82 -3.42 16.16
CA ILE A 12 0.94 -4.58 15.95
C ILE A 12 -0.45 -4.13 15.51
N ASN A 13 -0.89 -2.99 16.03
CA ASN A 13 -2.20 -2.45 15.69
C ASN A 13 -2.16 -1.69 14.37
N LEU A 14 -0.96 -1.30 13.96
CA LEU A 14 -0.78 -0.57 12.71
C LEU A 14 -0.50 -1.52 11.55
N ILE A 15 0.11 -2.67 11.87
CA ILE A 15 0.43 -3.66 10.86
C ILE A 15 -0.80 -4.45 10.45
N ILE A 16 -1.70 -4.67 11.41
CA ILE A 16 -2.92 -5.42 11.15
C ILE A 16 -3.67 -4.85 9.94
N PRO A 17 -4.00 -3.55 10.01
CA PRO A 17 -4.72 -2.86 8.93
C PRO A 17 -3.85 -2.67 7.69
N CYS A 18 -2.54 -2.58 7.91
CA CYS A 18 -1.60 -2.40 6.80
C CYS A 18 -1.83 -3.43 5.71
N LEU A 19 -2.10 -4.67 6.13
CA LEU A 19 -2.34 -5.76 5.18
C LEU A 19 -3.77 -5.74 4.68
N LEU A 20 -4.72 -5.50 5.59
CA LEU A 20 -6.12 -5.46 5.24
C LEU A 20 -6.36 -4.49 4.07
N ILE A 21 -5.76 -3.31 4.16
CA ILE A 21 -5.90 -2.30 3.12
C ILE A 21 -5.12 -2.69 1.87
N SER A 22 -3.98 -3.35 2.07
CA SER A 22 -3.14 -3.78 0.96
C SER A 22 -3.85 -4.84 0.11
N CYS A 23 -4.14 -5.97 0.73
CA CYS A 23 -4.81 -7.07 0.05
C CYS A 23 -6.15 -6.62 -0.51
N LEU A 24 -6.72 -5.58 0.10
CA LEU A 24 -8.01 -5.05 -0.34
C LEU A 24 -7.95 -4.61 -1.80
N THR A 25 -7.04 -3.68 -2.09
CA THR A 25 -6.88 -3.17 -3.45
C THR A 25 -6.56 -4.30 -4.43
N VAL A 26 -5.73 -5.24 -3.99
CA VAL A 26 -5.36 -6.37 -4.82
C VAL A 26 -6.55 -7.27 -5.10
N LEU A 27 -7.40 -7.47 -4.11
CA LEU A 27 -8.59 -8.30 -4.26
C LEU A 27 -9.40 -7.88 -5.47
N VAL A 28 -9.73 -6.59 -5.53
CA VAL A 28 -10.50 -6.05 -6.63
C VAL A 28 -9.85 -6.36 -7.97
N PHE A 29 -8.54 -6.18 -8.05
CA PHE A 29 -7.79 -6.44 -9.27
C PHE A 29 -7.62 -7.95 -9.49
N TYR A 30 -7.98 -8.73 -8.47
CA TYR A 30 -7.86 -10.17 -8.55
C TYR A 30 -9.21 -10.81 -8.84
N LEU A 31 -10.28 -10.03 -8.68
CA LEU A 31 -11.63 -10.51 -8.94
C LEU A 31 -12.31 -9.70 -10.02
N PRO A 32 -11.83 -9.84 -11.27
CA PRO A 32 -12.39 -9.12 -12.42
C PRO A 32 -13.79 -9.61 -12.79
N SER A 33 -14.74 -8.69 -12.80
CA SER A 33 -16.12 -9.01 -13.13
C SER A 33 -16.93 -7.76 -13.44
N GLU A 34 -16.86 -6.79 -12.54
CA GLU A 34 -17.58 -5.53 -12.70
C GLU A 34 -16.69 -4.34 -12.38
N CYS A 35 -16.88 -3.25 -13.13
CA CYS A 35 -16.08 -2.05 -12.92
C CYS A 35 -16.55 -1.29 -11.68
N GLY A 36 -17.81 -1.48 -11.32
CA GLY A 36 -18.36 -0.81 -10.16
C GLY A 36 -17.63 -1.16 -8.88
N GLU A 37 -17.03 -2.34 -8.85
CA GLU A 37 -16.28 -2.80 -7.68
C GLU A 37 -15.06 -1.93 -7.44
N LYS A 38 -14.66 -1.17 -8.47
CA LYS A 38 -13.51 -0.29 -8.38
C LYS A 38 -13.82 0.93 -7.52
N ILE A 39 -14.95 1.57 -7.79
CA ILE A 39 -15.37 2.75 -7.04
C ILE A 39 -15.56 2.42 -5.56
N THR A 40 -16.32 1.38 -5.28
CA THR A 40 -16.58 0.96 -3.92
C THR A 40 -15.28 0.68 -3.16
N LEU A 41 -14.29 0.17 -3.88
CA LEU A 41 -13.00 -0.14 -3.29
C LEU A 41 -12.30 1.13 -2.82
N CYS A 42 -12.26 2.13 -3.70
CA CYS A 42 -11.61 3.40 -3.38
C CYS A 42 -12.14 3.96 -2.07
N ILE A 43 -13.42 3.73 -1.80
CA ILE A 43 -14.04 4.22 -0.57
C ILE A 43 -13.66 3.35 0.62
N SER A 44 -13.65 2.04 0.41
CA SER A 44 -13.29 1.10 1.47
C SER A 44 -11.93 1.44 2.06
N VAL A 45 -10.91 1.43 1.22
CA VAL A 45 -9.55 1.73 1.65
C VAL A 45 -9.49 3.10 2.35
N LEU A 46 -10.22 4.06 1.80
CA LEU A 46 -10.25 5.41 2.37
C LEU A 46 -10.89 5.40 3.75
N LEU A 47 -11.85 4.50 3.94
CA LEU A 47 -12.54 4.40 5.22
C LEU A 47 -11.56 4.15 6.36
N SER A 48 -10.75 3.09 6.21
CA SER A 48 -9.77 2.74 7.22
C SER A 48 -8.57 3.69 7.17
N LEU A 49 -8.28 4.19 5.97
CA LEU A 49 -7.15 5.10 5.78
C LEU A 49 -7.37 6.40 6.55
N THR A 50 -8.57 6.97 6.40
CA THR A 50 -8.91 8.22 7.07
C THR A 50 -9.12 8.00 8.57
N VAL A 51 -9.44 6.76 8.93
CA VAL A 51 -9.67 6.41 10.33
C VAL A 51 -8.35 6.34 11.10
N PHE A 52 -7.42 5.54 10.60
CA PHE A 52 -6.12 5.37 11.24
C PHE A 52 -5.30 6.66 11.12
N LEU A 53 -5.60 7.47 10.12
CA LEU A 53 -4.89 8.72 9.90
C LEU A 53 -5.15 9.70 11.04
N LEU A 54 -6.41 9.98 11.30
CA LEU A 54 -6.81 10.90 12.36
C LEU A 54 -6.17 10.48 13.69
N LEU A 55 -6.28 9.19 14.01
CA LEU A 55 -5.71 8.67 15.25
C LEU A 55 -4.25 9.06 15.39
N ILE A 56 -3.53 9.04 14.27
CA ILE A 56 -2.12 9.39 14.26
C ILE A 56 -1.92 10.89 14.47
N THR A 57 -2.89 11.67 14.01
CA THR A 57 -2.83 13.13 14.15
C THR A 57 -3.15 13.57 15.57
N GLU A 58 -3.68 12.64 16.36
CA GLU A 58 -4.02 12.93 17.75
C GLU A 58 -2.84 12.69 18.68
N ILE A 59 -2.09 11.61 18.41
CA ILE A 59 -0.93 11.28 19.23
C ILE A 59 0.26 12.16 18.86
N ILE A 60 0.33 12.56 17.60
CA ILE A 60 1.42 13.40 17.13
C ILE A 60 2.77 12.69 17.25
N PRO A 61 3.01 11.72 16.36
CA PRO A 61 4.25 10.94 16.34
C PRO A 61 5.44 11.78 15.90
N SER A 62 5.17 12.98 15.39
CA SER A 62 6.22 13.87 14.93
C SER A 62 7.01 13.24 13.78
N THR A 63 6.69 13.65 12.56
CA THR A 63 7.37 13.12 11.38
C THR A 63 8.80 13.62 11.29
N SER A 64 9.72 12.72 10.98
CA SER A 64 11.14 13.07 10.87
C SER A 64 11.87 12.09 9.96
N SER A 65 13.07 12.47 9.54
CA SER A 65 13.88 11.62 8.67
C SER A 65 15.18 11.23 9.35
N VAL A 66 15.35 11.64 10.60
CA VAL A 66 16.55 11.33 11.36
C VAL A 66 16.23 10.38 12.52
N SER A 67 14.97 10.35 12.92
CA SER A 67 14.54 9.49 14.01
C SER A 67 13.43 8.55 13.56
N PRO A 68 13.23 7.45 14.32
CA PRO A 68 12.20 6.46 14.02
C PRO A 68 10.79 6.99 14.24
N SER A 69 10.11 7.33 13.16
CA SER A 69 8.75 7.86 13.24
C SER A 69 7.89 7.30 12.10
N ILE A 70 6.59 7.16 12.37
CA ILE A 70 5.65 6.64 11.39
C ILE A 70 5.33 7.70 10.33
N GLY A 71 5.68 8.94 10.62
CA GLY A 71 5.42 10.03 9.69
C GLY A 71 5.94 9.74 8.30
N GLU A 72 7.01 8.94 8.23
CA GLU A 72 7.61 8.59 6.95
C GLU A 72 6.78 7.53 6.23
N TYR A 73 6.15 6.66 7.00
CA TYR A 73 5.33 5.60 6.43
C TYR A 73 4.00 6.16 5.91
N LEU A 74 3.38 7.03 6.70
CA LEU A 74 2.12 7.64 6.34
C LEU A 74 2.27 8.50 5.08
N LEU A 75 3.46 9.07 4.90
CA LEU A 75 3.74 9.90 3.74
C LEU A 75 4.07 9.07 2.52
N PHE A 76 5.12 8.26 2.63
CA PHE A 76 5.55 7.40 1.54
C PHE A 76 4.39 6.55 1.02
N THR A 77 3.62 5.98 1.96
CA THR A 77 2.48 5.15 1.60
C THR A 77 1.43 5.95 0.85
N MET A 78 1.11 7.13 1.37
CA MET A 78 0.11 8.00 0.74
C MET A 78 0.52 8.34 -0.69
N ILE A 79 1.79 8.63 -0.89
CA ILE A 79 2.30 8.98 -2.22
C ILE A 79 2.38 7.74 -3.11
N PHE A 80 2.70 6.60 -2.51
CA PHE A 80 2.81 5.35 -3.24
C PHE A 80 1.43 4.90 -3.75
N VAL A 81 0.49 4.74 -2.82
CA VAL A 81 -0.86 4.31 -3.17
C VAL A 81 -1.51 5.29 -4.15
N THR A 82 -1.10 6.56 -4.08
CA THR A 82 -1.63 7.59 -4.96
C THR A 82 -1.30 7.29 -6.42
N LEU A 83 -0.01 7.24 -6.73
CA LEU A 83 0.45 6.97 -8.08
C LEU A 83 0.02 5.58 -8.54
N SER A 84 -0.22 4.70 -7.57
CA SER A 84 -0.64 3.34 -7.86
C SER A 84 -2.02 3.32 -8.52
N ILE A 85 -2.97 4.02 -7.90
CA ILE A 85 -4.32 4.08 -8.43
C ILE A 85 -4.36 4.83 -9.75
N VAL A 86 -3.37 5.68 -9.98
CA VAL A 86 -3.29 6.46 -11.21
C VAL A 86 -2.67 5.64 -12.34
N ILE A 87 -1.58 4.95 -12.03
CA ILE A 87 -0.89 4.12 -13.02
C ILE A 87 -1.66 2.84 -13.28
N THR A 88 -2.44 2.41 -12.30
CA THR A 88 -3.23 1.18 -12.43
C THR A 88 -4.40 1.38 -13.40
N VAL A 89 -5.12 2.49 -13.22
CA VAL A 89 -6.26 2.79 -14.08
C VAL A 89 -5.81 3.11 -15.50
N PHE A 90 -4.58 3.63 -15.62
CA PHE A 90 -4.03 3.98 -16.93
C PHE A 90 -3.82 2.73 -17.78
N VAL A 91 -2.98 1.83 -17.28
CA VAL A 91 -2.67 0.59 -17.99
C VAL A 91 -3.96 -0.15 -18.37
N LEU A 92 -4.94 -0.11 -17.48
CA LEU A 92 -6.22 -0.78 -17.73
C LEU A 92 -7.07 0.03 -18.69
N ASN A 93 -6.86 1.34 -18.71
CA ASN A 93 -7.61 2.23 -19.59
C ASN A 93 -7.36 1.88 -21.05
N VAL A 94 -6.11 1.58 -21.38
CA VAL A 94 -5.74 1.23 -22.75
C VAL A 94 -5.97 2.40 -23.70
N HIS A 95 -5.02 2.60 -24.62
CA HIS A 95 -5.12 3.67 -25.60
C HIS A 95 -4.22 3.41 -26.79
N HIS A 96 -3.95 2.14 -27.06
CA HIS A 96 -3.10 1.75 -28.17
C HIS A 96 -3.79 0.70 -29.04
N ARG A 97 -3.40 0.64 -30.30
CA ARG A 97 -3.97 -0.31 -31.24
C ARG A 97 -2.90 -1.27 -31.79
N SER A 98 -2.48 -2.20 -30.95
CA SER A 98 -1.45 -3.16 -31.35
C SER A 98 -2.08 -4.53 -31.62
N PRO A 99 -1.35 -5.37 -32.36
CA PRO A 99 -1.80 -6.73 -32.71
C PRO A 99 -1.83 -7.65 -31.50
N GLU A 100 -0.79 -7.58 -30.68
CA GLU A 100 -0.69 -8.41 -29.48
C GLU A 100 -0.87 -9.88 -29.84
N THR A 101 -0.45 -10.26 -31.04
CA THR A 101 -0.57 -11.64 -31.50
C THR A 101 -2.01 -12.11 -31.44
N HIS A 102 -2.23 -13.39 -31.75
CA HIS A 102 -3.56 -13.97 -31.73
C HIS A 102 -3.90 -14.51 -30.34
N THR A 103 -3.06 -15.41 -29.84
CA THR A 103 -3.27 -15.99 -28.52
C THR A 103 -2.25 -15.47 -27.52
N GLY A 104 -2.73 -14.98 -26.38
CA GLY A 104 -1.86 -14.46 -25.35
C GLY A 104 -2.61 -13.79 -24.22
N GLY A 105 -2.00 -12.77 -23.63
CA GLY A 105 -2.64 -12.05 -22.54
C GLY A 105 -1.96 -12.29 -21.22
N GLY A 106 -1.47 -11.21 -20.60
CA GLY A 106 -0.79 -11.34 -19.32
C GLY A 106 0.48 -12.16 -19.41
N GLY A 107 1.30 -12.09 -18.37
CA GLY A 107 2.54 -12.84 -18.35
C GLY A 107 3.19 -12.88 -16.98
N GLY A 108 2.36 -12.81 -15.95
CA GLY A 108 2.86 -12.84 -14.59
C GLY A 108 2.83 -11.47 -13.93
N ILE A 109 2.04 -10.57 -14.49
CA ILE A 109 1.92 -9.22 -13.94
C ILE A 109 1.08 -9.21 -12.67
N ASP A 110 0.10 -10.11 -12.61
CA ASP A 110 -0.78 -10.21 -11.45
C ASP A 110 -0.03 -10.77 -10.25
N ARG A 111 0.67 -11.88 -10.48
CA ARG A 111 1.42 -12.52 -9.41
C ARG A 111 2.46 -11.57 -8.82
N ILE A 112 3.16 -10.85 -9.69
CA ILE A 112 4.18 -9.90 -9.25
C ILE A 112 3.54 -8.67 -8.63
N PHE A 113 2.37 -8.28 -9.13
CA PHE A 113 1.65 -7.12 -8.62
C PHE A 113 1.44 -7.23 -7.11
N LEU A 114 0.73 -8.29 -6.70
CA LEU A 114 0.45 -8.51 -5.29
C LEU A 114 1.74 -8.79 -4.51
N TRP A 115 2.75 -9.28 -5.22
CA TRP A 115 4.03 -9.59 -4.60
C TRP A 115 4.74 -8.32 -4.16
N MET A 116 4.45 -7.21 -4.84
CA MET A 116 5.06 -5.93 -4.52
C MET A 116 4.41 -5.31 -3.28
N PHE A 117 3.08 -5.26 -3.29
CA PHE A 117 2.32 -4.70 -2.17
C PHE A 117 2.76 -5.31 -0.85
N ILE A 118 2.95 -6.63 -0.86
CA ILE A 118 3.36 -7.35 0.33
C ILE A 118 4.85 -7.19 0.58
N ILE A 119 5.59 -6.86 -0.47
CA ILE A 119 7.03 -6.68 -0.37
C ILE A 119 7.37 -5.41 0.41
N VAL A 120 6.51 -4.40 0.29
CA VAL A 120 6.71 -3.14 0.99
C VAL A 120 6.16 -3.20 2.41
N CYS A 121 5.12 -4.00 2.59
CA CYS A 121 4.50 -4.15 3.91
C CYS A 121 5.49 -4.73 4.92
N LEU A 122 6.15 -5.80 4.53
CA LEU A 122 7.12 -6.46 5.40
C LEU A 122 8.42 -5.67 5.46
N LEU A 123 9.00 -5.40 4.28
CA LEU A 123 10.24 -4.64 4.20
C LEU A 123 10.13 -3.31 4.95
N GLY A 124 9.13 -2.52 4.57
CA GLY A 124 8.93 -1.23 5.22
C GLY A 124 8.86 -1.35 6.73
N THR A 125 8.14 -2.35 7.21
CA THR A 125 7.99 -2.57 8.65
C THR A 125 9.33 -2.81 9.31
N VAL A 126 10.07 -3.80 8.80
CA VAL A 126 11.38 -4.13 9.35
C VAL A 126 12.33 -2.95 9.26
N GLY A 127 12.44 -2.38 8.08
CA GLY A 127 13.32 -1.24 7.88
C GLY A 127 12.99 -0.09 8.81
N LEU A 128 11.71 0.07 9.15
CA LEU A 128 11.27 1.13 10.04
C LEU A 128 11.81 0.92 11.45
N PHE A 129 11.84 -0.34 11.89
CA PHE A 129 12.33 -0.68 13.22
C PHE A 129 13.81 -0.38 13.34
N LEU A 130 14.52 -0.41 12.21
CA LEU A 130 15.95 -0.14 12.19
C LEU A 130 16.70 -1.10 13.10
N PRO A 131 16.81 -2.37 12.68
CA PRO A 131 17.50 -3.40 13.45
C PRO A 131 19.01 -3.20 13.49
N PRO A 132 19.69 -3.94 14.37
CA PRO A 132 21.15 -3.85 14.53
C PRO A 132 21.89 -4.41 13.32
N TRP A 133 21.29 -5.40 12.68
CA TRP A 133 21.91 -6.03 11.51
C TRP A 133 21.99 -5.05 10.35
N LEU A 134 20.91 -4.32 10.10
CA LEU A 134 20.87 -3.34 9.02
C LEU A 134 21.17 -1.94 9.55
N ALA A 135 21.66 -1.87 10.78
CA ALA A 135 21.99 -0.59 11.40
C ALA A 135 23.33 -0.07 10.87
N GLY A 136 24.36 -0.91 10.94
CA GLY A 136 25.67 -0.51 10.47
C GLY A 136 26.76 -0.83 11.48
N GLU A 137 26.49 -0.58 12.76
CA GLU A 137 27.44 -0.84 13.81
C GLU A 137 27.41 -2.30 14.24
N GLU A 4 2.52 9.70 24.28
CA GLU A 4 2.15 9.53 25.69
C GLU A 4 1.06 8.48 25.84
N GLU A 5 0.77 7.76 24.75
CA GLU A 5 -0.27 6.74 24.77
C GLU A 5 -0.30 5.98 23.45
N LEU A 6 0.87 5.83 22.83
CA LEU A 6 0.98 5.12 21.56
C LEU A 6 2.15 4.14 21.59
N PRO A 7 2.07 3.16 22.49
CA PRO A 7 3.12 2.14 22.63
C PRO A 7 3.15 1.18 21.45
N LEU A 8 4.08 0.23 21.50
CA LEU A 8 4.22 -0.76 20.43
C LEU A 8 2.89 -1.43 20.12
N PHE A 9 2.06 -1.59 21.15
CA PHE A 9 0.75 -2.21 20.99
C PHE A 9 -0.03 -1.56 19.86
N TYR A 10 0.19 -0.26 19.68
CA TYR A 10 -0.51 0.49 18.63
C TYR A 10 0.10 0.19 17.26
N THR A 11 1.42 -0.03 17.24
CA THR A 11 2.12 -0.31 16.00
C THR A 11 1.70 -1.66 15.42
N ILE A 12 1.35 -2.60 16.30
CA ILE A 12 0.92 -3.92 15.88
C ILE A 12 -0.55 -3.91 15.46
N ASN A 13 -1.32 -2.99 16.03
CA ASN A 13 -2.74 -2.88 15.71
C ASN A 13 -2.95 -2.08 14.42
N LEU A 14 -1.92 -1.35 14.02
CA LEU A 14 -1.99 -0.54 12.80
C LEU A 14 -1.47 -1.32 11.61
N ILE A 15 -0.53 -2.23 11.85
CA ILE A 15 0.05 -3.05 10.79
C ILE A 15 -0.91 -4.16 10.37
N ILE A 16 -1.67 -4.67 11.33
CA ILE A 16 -2.61 -5.74 11.06
C ILE A 16 -3.52 -5.38 9.89
N PRO A 17 -4.24 -4.25 10.02
CA PRO A 17 -5.16 -3.76 8.98
C PRO A 17 -4.42 -3.28 7.73
N CYS A 18 -3.19 -2.80 7.93
CA CYS A 18 -2.38 -2.31 6.83
C CYS A 18 -2.31 -3.33 5.70
N LEU A 19 -2.18 -4.60 6.06
CA LEU A 19 -2.11 -5.68 5.07
C LEU A 19 -3.51 -6.07 4.59
N LEU A 20 -4.44 -6.18 5.52
CA LEU A 20 -5.81 -6.54 5.19
C LEU A 20 -6.36 -5.65 4.08
N ILE A 21 -6.12 -4.35 4.20
CA ILE A 21 -6.59 -3.39 3.21
C ILE A 21 -5.74 -3.46 1.95
N SER A 22 -4.45 -3.76 2.11
CA SER A 22 -3.54 -3.85 0.97
C SER A 22 -3.91 -5.03 0.07
N CYS A 23 -3.91 -6.23 0.65
CA CYS A 23 -4.23 -7.44 -0.10
C CYS A 23 -5.63 -7.33 -0.72
N LEU A 24 -6.53 -6.66 -0.01
CA LEU A 24 -7.90 -6.48 -0.49
C LEU A 24 -7.92 -5.89 -1.89
N THR A 25 -7.22 -4.78 -2.08
CA THR A 25 -7.15 -4.13 -3.37
C THR A 25 -6.58 -5.07 -4.44
N VAL A 26 -5.57 -5.84 -4.07
CA VAL A 26 -4.95 -6.78 -4.98
C VAL A 26 -5.91 -7.88 -5.38
N LEU A 27 -6.71 -8.35 -4.42
CA LEU A 27 -7.68 -9.39 -4.68
C LEU A 27 -8.56 -9.05 -5.88
N VAL A 28 -9.19 -7.88 -5.83
CA VAL A 28 -10.05 -7.44 -6.92
C VAL A 28 -9.32 -7.47 -8.26
N PHE A 29 -8.08 -6.99 -8.26
CA PHE A 29 -7.27 -6.96 -9.47
C PHE A 29 -7.13 -8.36 -10.06
N TYR A 30 -6.89 -9.34 -9.19
CA TYR A 30 -6.73 -10.72 -9.62
C TYR A 30 -8.08 -11.37 -9.91
N LEU A 31 -9.14 -10.75 -9.38
CA LEU A 31 -10.49 -11.26 -9.59
C LEU A 31 -11.44 -10.14 -9.97
N PRO A 32 -11.29 -9.61 -11.19
CA PRO A 32 -12.13 -8.53 -11.70
C PRO A 32 -13.56 -8.98 -11.96
N SER A 33 -14.52 -8.09 -11.70
CA SER A 33 -15.93 -8.39 -11.90
C SER A 33 -16.78 -7.13 -11.83
N GLU A 34 -18.10 -7.30 -11.96
CA GLU A 34 -19.02 -6.17 -11.91
C GLU A 34 -18.68 -5.15 -13.00
N CYS A 35 -19.38 -4.02 -12.97
CA CYS A 35 -19.17 -2.96 -13.95
C CYS A 35 -18.21 -1.91 -13.41
N GLY A 36 -18.35 -1.58 -12.14
CA GLY A 36 -17.48 -0.58 -11.52
C GLY A 36 -17.02 -1.00 -10.14
N GLU A 37 -17.02 -2.29 -9.88
CA GLU A 37 -16.60 -2.81 -8.57
C GLU A 37 -15.17 -2.37 -8.26
N LYS A 38 -14.40 -2.09 -9.29
CA LYS A 38 -13.01 -1.66 -9.12
C LYS A 38 -12.95 -0.22 -8.62
N ILE A 39 -13.78 0.64 -9.20
CA ILE A 39 -13.82 2.05 -8.81
C ILE A 39 -14.22 2.20 -7.35
N THR A 40 -15.36 1.61 -6.99
CA THR A 40 -15.86 1.68 -5.62
C THR A 40 -14.82 1.17 -4.63
N LEU A 41 -14.10 0.12 -5.03
CA LEU A 41 -13.07 -0.46 -4.17
C LEU A 41 -11.99 0.57 -3.84
N CYS A 42 -11.52 1.28 -4.85
CA CYS A 42 -10.49 2.30 -4.66
C CYS A 42 -10.89 3.28 -3.57
N ILE A 43 -12.16 3.69 -3.59
CA ILE A 43 -12.67 4.63 -2.61
C ILE A 43 -12.71 4.01 -1.22
N SER A 44 -13.01 2.72 -1.16
CA SER A 44 -13.09 2.00 0.10
C SER A 44 -11.79 2.15 0.89
N VAL A 45 -10.70 1.65 0.32
CA VAL A 45 -9.39 1.72 0.97
C VAL A 45 -9.02 3.16 1.27
N LEU A 46 -9.44 4.08 0.41
CA LEU A 46 -9.16 5.49 0.59
C LEU A 46 -9.87 6.05 1.82
N LEU A 47 -11.05 5.52 2.10
CA LEU A 47 -11.84 5.96 3.25
C LEU A 47 -11.09 5.70 4.55
N SER A 48 -10.72 4.44 4.76
CA SER A 48 -10.00 4.05 5.97
C SER A 48 -8.58 4.60 5.97
N LEU A 49 -8.04 4.80 4.77
CA LEU A 49 -6.69 5.33 4.62
C LEU A 49 -6.62 6.78 5.10
N THR A 50 -7.58 7.58 4.67
CA THR A 50 -7.63 8.99 5.06
C THR A 50 -8.08 9.14 6.51
N VAL A 51 -8.80 8.14 7.01
CA VAL A 51 -9.28 8.17 8.39
C VAL A 51 -8.14 7.92 9.38
N PHE A 52 -7.39 6.85 9.15
CA PHE A 52 -6.29 6.49 10.02
C PHE A 52 -5.11 7.44 9.83
N LEU A 53 -5.02 8.03 8.63
CA LEU A 53 -3.95 8.97 8.31
C LEU A 53 -4.01 10.19 9.22
N LEU A 54 -5.18 10.81 9.31
CA LEU A 54 -5.37 11.99 10.15
C LEU A 54 -5.20 11.64 11.62
N LEU A 55 -5.65 10.45 12.00
CA LEU A 55 -5.55 9.99 13.38
C LEU A 55 -4.10 10.02 13.87
N ILE A 56 -3.18 9.79 12.94
CA ILE A 56 -1.75 9.80 13.26
C ILE A 56 -1.18 11.21 13.21
N THR A 57 -1.84 12.08 12.44
CA THR A 57 -1.40 13.46 12.30
C THR A 57 -1.96 14.33 13.41
N GLU A 58 -3.01 13.84 14.07
CA GLU A 58 -3.64 14.58 15.15
C GLU A 58 -2.98 14.25 16.49
N ILE A 59 -2.62 12.99 16.67
CA ILE A 59 -1.97 12.55 17.91
C ILE A 59 -0.49 12.84 17.88
N ILE A 60 0.08 12.92 16.68
CA ILE A 60 1.50 13.21 16.53
C ILE A 60 2.35 12.24 17.35
N PRO A 61 2.49 11.00 16.87
CA PRO A 61 3.27 9.97 17.54
C PRO A 61 4.77 10.26 17.52
N SER A 62 5.16 11.27 16.75
CA SER A 62 6.56 11.65 16.65
C SER A 62 6.88 12.84 17.55
N THR A 63 6.52 12.72 18.82
CA THR A 63 6.77 13.78 19.80
C THR A 63 8.05 13.53 20.57
N SER A 64 9.00 12.85 19.94
CA SER A 64 10.27 12.54 20.58
C SER A 64 11.35 12.29 19.52
N SER A 65 12.60 12.26 19.97
CA SER A 65 13.73 12.03 19.08
C SER A 65 14.37 10.67 19.33
N VAL A 66 13.64 9.80 20.03
CA VAL A 66 14.13 8.46 20.34
C VAL A 66 13.99 7.53 19.14
N SER A 67 13.10 7.89 18.23
CA SER A 67 12.86 7.09 17.03
C SER A 67 12.26 7.93 15.91
N PRO A 68 12.37 7.44 14.68
CA PRO A 68 11.85 8.14 13.49
C PRO A 68 10.32 8.15 13.47
N SER A 69 9.71 7.39 14.37
CA SER A 69 8.26 7.30 14.43
C SER A 69 7.68 6.78 13.12
N ILE A 70 6.36 6.61 13.08
CA ILE A 70 5.69 6.12 11.89
C ILE A 70 5.54 7.23 10.85
N GLY A 71 5.76 8.47 11.27
CA GLY A 71 5.66 9.59 10.36
C GLY A 71 6.48 9.40 9.11
N GLU A 72 7.58 8.67 9.22
CA GLU A 72 8.46 8.42 8.09
C GLU A 72 7.91 7.29 7.21
N TYR A 73 7.22 6.35 7.85
CA TYR A 73 6.64 5.22 7.14
C TYR A 73 5.39 5.63 6.37
N LEU A 74 4.59 6.50 6.98
CA LEU A 74 3.36 6.98 6.37
C LEU A 74 3.65 8.09 5.36
N LEU A 75 4.78 8.76 5.54
CA LEU A 75 5.18 9.84 4.63
C LEU A 75 5.50 9.29 3.25
N PHE A 76 6.53 8.45 3.17
CA PHE A 76 6.95 7.86 1.91
C PHE A 76 5.86 6.96 1.34
N THR A 77 5.04 6.39 2.23
CA THR A 77 3.96 5.50 1.83
C THR A 77 2.90 6.26 1.04
N MET A 78 2.41 7.35 1.62
CA MET A 78 1.39 8.17 0.97
C MET A 78 1.84 8.60 -0.43
N ILE A 79 3.13 8.86 -0.57
CA ILE A 79 3.69 9.28 -1.85
C ILE A 79 3.77 8.11 -2.82
N PHE A 80 4.10 6.94 -2.31
CA PHE A 80 4.20 5.73 -3.12
C PHE A 80 2.83 5.28 -3.61
N VAL A 81 1.89 5.14 -2.68
CA VAL A 81 0.55 4.72 -3.01
C VAL A 81 -0.12 5.69 -3.97
N THR A 82 0.27 6.96 -3.87
CA THR A 82 -0.28 7.99 -4.74
C THR A 82 0.00 7.70 -6.21
N LEU A 83 1.28 7.49 -6.52
CA LEU A 83 1.69 7.21 -7.89
C LEU A 83 1.16 5.85 -8.35
N SER A 84 0.88 4.98 -7.40
CA SER A 84 0.35 3.66 -7.70
C SER A 84 -1.06 3.74 -8.27
N ILE A 85 -1.92 4.49 -7.61
CA ILE A 85 -3.30 4.67 -8.05
C ILE A 85 -3.35 5.42 -9.37
N VAL A 86 -2.32 6.22 -9.64
CA VAL A 86 -2.25 7.01 -10.86
C VAL A 86 -1.74 6.16 -12.03
N ILE A 87 -0.64 5.45 -11.80
CA ILE A 87 -0.06 4.60 -12.83
C ILE A 87 -0.93 3.38 -13.10
N THR A 88 -1.68 2.96 -12.08
CA THR A 88 -2.56 1.81 -12.21
C THR A 88 -3.79 2.14 -13.05
N VAL A 89 -4.41 3.28 -12.76
CA VAL A 89 -5.60 3.71 -13.50
C VAL A 89 -5.24 4.10 -14.93
N PHE A 90 -3.98 4.48 -15.14
CA PHE A 90 -3.52 4.88 -16.47
C PHE A 90 -3.47 3.69 -17.40
N VAL A 91 -2.73 2.66 -17.02
CA VAL A 91 -2.59 1.45 -17.83
C VAL A 91 -3.96 0.84 -18.13
N LEU A 92 -4.88 1.00 -17.19
CA LEU A 92 -6.23 0.47 -17.35
C LEU A 92 -7.12 1.44 -18.14
N ASN A 93 -6.71 2.70 -18.18
CA ASN A 93 -7.45 3.72 -18.90
C ASN A 93 -7.41 3.46 -20.41
N VAL A 94 -6.25 3.02 -20.89
CA VAL A 94 -6.08 2.74 -22.31
C VAL A 94 -6.25 1.25 -22.60
N HIS A 95 -6.76 0.94 -23.78
CA HIS A 95 -6.97 -0.45 -24.19
C HIS A 95 -6.52 -0.68 -25.63
N HIS A 96 -5.44 -0.01 -26.01
CA HIS A 96 -4.90 -0.14 -27.36
C HIS A 96 -3.70 -1.08 -27.39
N ARG A 97 -3.04 -1.20 -26.24
CA ARG A 97 -1.86 -2.07 -26.13
C ARG A 97 -2.20 -3.33 -25.32
N SER A 98 -3.18 -4.09 -25.79
CA SER A 98 -3.59 -5.31 -25.12
C SER A 98 -3.53 -6.51 -26.06
N PRO A 99 -3.49 -7.72 -25.49
CA PRO A 99 -3.44 -8.96 -26.27
C PRO A 99 -4.74 -9.25 -26.99
N GLU A 100 -5.86 -8.98 -26.33
CA GLU A 100 -7.17 -9.21 -26.92
C GLU A 100 -7.37 -10.69 -27.24
N THR A 101 -6.71 -11.55 -26.46
CA THR A 101 -6.82 -13.00 -26.66
C THR A 101 -7.71 -13.63 -25.61
N HIS A 102 -7.78 -14.96 -25.62
CA HIS A 102 -8.59 -15.69 -24.67
C HIS A 102 -7.72 -16.54 -23.74
N THR A 103 -6.45 -16.18 -23.65
CA THR A 103 -5.51 -16.90 -22.81
C THR A 103 -4.61 -15.95 -22.03
N GLY A 104 -4.98 -15.68 -20.79
CA GLY A 104 -4.20 -14.78 -19.95
C GLY A 104 -3.97 -13.44 -20.61
N GLY A 105 -2.71 -13.02 -20.68
CA GLY A 105 -2.39 -11.73 -21.29
C GLY A 105 -1.19 -11.07 -20.64
N GLY A 106 -0.71 -9.99 -21.25
CA GLY A 106 0.44 -9.28 -20.71
C GLY A 106 1.68 -10.14 -20.66
N GLY A 107 2.22 -10.35 -19.46
CA GLY A 107 3.40 -11.16 -19.31
C GLY A 107 3.89 -11.22 -17.87
N GLY A 108 3.15 -11.93 -17.03
CA GLY A 108 3.53 -12.04 -15.63
C GLY A 108 3.52 -10.71 -14.91
N ILE A 109 2.72 -9.77 -15.41
CA ILE A 109 2.62 -8.45 -14.81
C ILE A 109 1.80 -8.48 -13.53
N ASP A 110 0.80 -9.34 -13.50
CA ASP A 110 -0.07 -9.47 -12.33
C ASP A 110 0.68 -10.12 -11.17
N ARG A 111 1.33 -11.25 -11.45
CA ARG A 111 2.07 -11.97 -10.43
C ARG A 111 3.15 -11.08 -9.81
N ILE A 112 3.86 -10.35 -10.66
CA ILE A 112 4.92 -9.45 -10.19
C ILE A 112 4.33 -8.21 -9.51
N PHE A 113 3.18 -7.78 -10.00
CA PHE A 113 2.51 -6.60 -9.44
C PHE A 113 2.30 -6.77 -7.93
N LEU A 114 1.56 -7.80 -7.55
CA LEU A 114 1.28 -8.08 -6.15
C LEU A 114 2.56 -8.43 -5.40
N TRP A 115 3.55 -8.93 -6.13
CA TRP A 115 4.82 -9.32 -5.53
C TRP A 115 5.58 -8.09 -5.06
N MET A 116 5.33 -6.95 -5.69
CA MET A 116 5.99 -5.71 -5.32
C MET A 116 5.36 -5.11 -4.05
N PHE A 117 4.04 -5.01 -4.05
CA PHE A 117 3.32 -4.46 -2.90
C PHE A 117 3.74 -5.14 -1.62
N ILE A 118 3.87 -6.47 -1.67
CA ILE A 118 4.27 -7.25 -0.51
C ILE A 118 5.78 -7.15 -0.27
N ILE A 119 6.52 -6.81 -1.32
CA ILE A 119 7.96 -6.69 -1.22
C ILE A 119 8.36 -5.46 -0.41
N VAL A 120 7.54 -4.41 -0.47
CA VAL A 120 7.79 -3.19 0.27
C VAL A 120 7.25 -3.29 1.69
N CYS A 121 6.18 -4.06 1.86
CA CYS A 121 5.56 -4.23 3.17
C CYS A 121 6.52 -4.95 4.13
N LEU A 122 7.16 -6.00 3.64
CA LEU A 122 8.10 -6.76 4.45
C LEU A 122 9.45 -6.06 4.55
N LEU A 123 10.01 -5.71 3.41
CA LEU A 123 11.30 -5.03 3.36
C LEU A 123 11.25 -3.73 4.16
N GLY A 124 10.32 -2.86 3.79
CA GLY A 124 10.17 -1.58 4.47
C GLY A 124 10.03 -1.75 5.97
N THR A 125 9.13 -2.63 6.38
CA THR A 125 8.89 -2.88 7.81
C THR A 125 10.17 -3.33 8.50
N VAL A 126 10.95 -4.17 7.82
CA VAL A 126 12.19 -4.68 8.37
C VAL A 126 13.25 -3.58 8.44
N GLY A 127 13.28 -2.73 7.43
CA GLY A 127 14.26 -1.64 7.40
C GLY A 127 13.94 -0.56 8.41
N LEU A 128 12.67 -0.48 8.82
CA LEU A 128 12.24 0.53 9.78
C LEU A 128 12.68 0.14 11.19
N PHE A 129 12.38 -1.10 11.58
CA PHE A 129 12.74 -1.59 12.89
C PHE A 129 14.26 -1.64 13.07
N LEU A 130 14.95 -2.04 12.02
CA LEU A 130 16.41 -2.12 12.05
C LEU A 130 17.05 -0.81 11.61
N PRO A 131 18.32 -0.61 11.96
CA PRO A 131 19.06 0.60 11.61
C PRO A 131 19.37 0.68 10.13
N PRO A 132 19.82 1.86 9.68
CA PRO A 132 20.15 2.10 8.26
C PRO A 132 21.41 1.35 7.84
N TRP A 133 21.90 1.66 6.63
CA TRP A 133 23.10 1.01 6.11
C TRP A 133 22.80 -0.43 5.72
N LEU A 134 22.56 -1.28 6.71
CA LEU A 134 22.26 -2.69 6.47
C LEU A 134 20.76 -2.94 6.43
N ALA A 135 19.99 -1.85 6.38
CA ALA A 135 18.54 -1.95 6.34
C ALA A 135 18.06 -2.28 4.92
N GLY A 136 18.95 -2.15 3.96
CA GLY A 136 18.60 -2.44 2.57
C GLY A 136 19.81 -2.53 1.67
N GLU A 137 20.57 -3.61 1.80
CA GLU A 137 21.77 -3.80 0.99
C GLU A 137 21.45 -3.65 -0.49
N GLU A 4 9.83 7.45 20.26
CA GLU A 4 9.76 7.53 21.72
C GLU A 4 8.43 6.98 22.23
N GLU A 5 7.70 6.33 21.35
CA GLU A 5 6.40 5.75 21.72
C GLU A 5 5.82 4.94 20.56
N LEU A 6 6.70 4.33 19.78
CA LEU A 6 6.27 3.52 18.64
C LEU A 6 7.00 2.18 18.61
N PRO A 7 6.80 1.38 19.66
CA PRO A 7 7.43 0.05 19.78
C PRO A 7 6.86 -0.95 18.78
N LEU A 8 7.29 -2.19 18.90
CA LEU A 8 6.83 -3.25 18.01
C LEU A 8 5.30 -3.31 17.97
N PHE A 9 4.68 -3.07 19.12
CA PHE A 9 3.22 -3.09 19.22
C PHE A 9 2.59 -2.21 18.15
N TYR A 10 3.29 -1.15 17.78
CA TYR A 10 2.80 -0.23 16.76
C TYR A 10 2.96 -0.81 15.35
N THR A 11 4.04 -1.56 15.17
CA THR A 11 4.32 -2.18 13.88
C THR A 11 3.27 -3.24 13.54
N ILE A 12 2.73 -3.88 14.56
CA ILE A 12 1.72 -4.92 14.37
C ILE A 12 0.33 -4.29 14.18
N ASN A 13 0.14 -3.11 14.74
CA ASN A 13 -1.12 -2.40 14.64
C ASN A 13 -1.31 -1.80 13.25
N LEU A 14 -0.18 -1.49 12.59
CA LEU A 14 -0.22 -0.92 11.26
C LEU A 14 -0.16 -2.00 10.19
N ILE A 15 0.50 -3.11 10.52
CA ILE A 15 0.62 -4.22 9.58
C ILE A 15 -0.67 -5.03 9.51
N ILE A 16 -1.44 -5.00 10.59
CA ILE A 16 -2.70 -5.72 10.65
C ILE A 16 -3.64 -5.28 9.53
N PRO A 17 -3.94 -3.98 9.49
CA PRO A 17 -4.83 -3.40 8.48
C PRO A 17 -4.19 -3.40 7.09
N CYS A 18 -2.86 -3.36 7.05
CA CYS A 18 -2.13 -3.34 5.79
C CYS A 18 -2.52 -4.53 4.93
N LEU A 19 -2.68 -5.69 5.56
CA LEU A 19 -3.05 -6.91 4.84
C LEU A 19 -4.55 -6.91 4.52
N LEU A 20 -5.36 -6.59 5.50
CA LEU A 20 -6.81 -6.55 5.33
C LEU A 20 -7.19 -5.70 4.12
N ILE A 21 -6.80 -4.44 4.15
CA ILE A 21 -7.10 -3.52 3.05
C ILE A 21 -6.44 -3.98 1.76
N SER A 22 -5.31 -4.67 1.89
CA SER A 22 -4.59 -5.17 0.73
C SER A 22 -5.36 -6.29 0.05
N CYS A 23 -5.99 -7.14 0.85
CA CYS A 23 -6.77 -8.25 0.32
C CYS A 23 -8.07 -7.77 -0.32
N LEU A 24 -8.60 -6.67 0.20
CA LEU A 24 -9.83 -6.10 -0.32
C LEU A 24 -9.68 -5.72 -1.79
N THR A 25 -8.67 -4.92 -2.08
CA THR A 25 -8.41 -4.48 -3.45
C THR A 25 -8.14 -5.67 -4.36
N VAL A 26 -7.38 -6.64 -3.86
CA VAL A 26 -7.05 -7.84 -4.63
C VAL A 26 -8.30 -8.66 -4.94
N LEU A 27 -9.18 -8.76 -3.95
CA LEU A 27 -10.42 -9.52 -4.11
C LEU A 27 -11.17 -9.07 -5.37
N VAL A 28 -11.38 -7.76 -5.48
CA VAL A 28 -12.09 -7.20 -6.63
C VAL A 28 -11.43 -7.62 -7.94
N PHE A 29 -10.11 -7.49 -8.00
CA PHE A 29 -9.36 -7.86 -9.20
C PHE A 29 -9.54 -9.35 -9.51
N TYR A 30 -9.85 -10.13 -8.49
CA TYR A 30 -10.04 -11.56 -8.65
C TYR A 30 -11.50 -11.89 -8.97
N LEU A 31 -12.31 -10.85 -9.12
CA LEU A 31 -13.73 -11.01 -9.42
C LEU A 31 -14.36 -9.69 -9.81
N PRO A 32 -14.05 -9.22 -11.03
CA PRO A 32 -14.58 -7.96 -11.55
C PRO A 32 -16.08 -8.05 -11.87
N SER A 33 -16.83 -7.05 -11.40
CA SER A 33 -18.26 -7.02 -11.62
C SER A 33 -18.64 -5.85 -12.53
N GLU A 34 -19.91 -5.82 -12.94
CA GLU A 34 -20.40 -4.75 -13.82
C GLU A 34 -21.27 -3.78 -13.03
N CYS A 35 -21.59 -4.14 -11.79
CA CYS A 35 -22.42 -3.29 -10.94
C CYS A 35 -21.67 -2.04 -10.53
N GLY A 36 -20.35 -2.04 -10.73
CA GLY A 36 -19.54 -0.90 -10.37
C GLY A 36 -18.84 -1.08 -9.03
N GLU A 37 -18.52 -2.33 -8.70
CA GLU A 37 -17.85 -2.64 -7.44
C GLU A 37 -16.45 -2.03 -7.41
N LYS A 38 -15.88 -1.80 -8.59
CA LYS A 38 -14.55 -1.21 -8.69
C LYS A 38 -14.52 0.20 -8.12
N ILE A 39 -15.45 1.03 -8.56
CA ILE A 39 -15.54 2.40 -8.09
C ILE A 39 -15.71 2.46 -6.57
N THR A 40 -16.70 1.71 -6.07
CA THR A 40 -16.97 1.67 -4.64
C THR A 40 -15.72 1.30 -3.85
N LEU A 41 -14.96 0.35 -4.37
CA LEU A 41 -13.74 -0.10 -3.72
C LEU A 41 -12.79 1.08 -3.48
N CYS A 42 -12.56 1.87 -4.51
CA CYS A 42 -11.68 3.02 -4.41
C CYS A 42 -12.07 3.92 -3.24
N ILE A 43 -13.37 4.18 -3.13
CA ILE A 43 -13.89 5.02 -2.04
C ILE A 43 -13.70 4.34 -0.69
N SER A 44 -14.03 3.06 -0.62
CA SER A 44 -13.90 2.31 0.62
C SER A 44 -12.48 2.40 1.17
N VAL A 45 -11.51 2.02 0.34
CA VAL A 45 -10.10 2.06 0.74
C VAL A 45 -9.70 3.47 1.15
N LEU A 46 -10.24 4.47 0.47
CA LEU A 46 -9.93 5.86 0.77
C LEU A 46 -10.45 6.25 2.15
N LEU A 47 -11.63 5.74 2.49
CA LEU A 47 -12.24 6.03 3.79
C LEU A 47 -11.38 5.49 4.93
N SER A 48 -11.08 4.20 4.89
CA SER A 48 -10.27 3.56 5.92
C SER A 48 -8.95 4.30 6.10
N LEU A 49 -8.33 4.68 4.98
CA LEU A 49 -7.06 5.40 5.01
C LEU A 49 -7.19 6.69 5.81
N THR A 50 -8.13 7.53 5.42
CA THR A 50 -8.36 8.80 6.10
C THR A 50 -8.81 8.59 7.54
N VAL A 51 -9.38 7.41 7.81
CA VAL A 51 -9.86 7.09 9.14
C VAL A 51 -8.69 6.74 10.07
N PHE A 52 -7.80 5.88 9.60
CA PHE A 52 -6.65 5.47 10.38
C PHE A 52 -5.62 6.59 10.47
N LEU A 53 -5.67 7.50 9.50
CA LEU A 53 -4.74 8.62 9.46
C LEU A 53 -4.99 9.58 10.62
N LEU A 54 -6.23 10.06 10.73
CA LEU A 54 -6.60 10.98 11.80
C LEU A 54 -6.31 10.37 13.17
N LEU A 55 -6.63 9.09 13.32
CA LEU A 55 -6.40 8.39 14.57
C LEU A 55 -4.96 8.57 15.05
N ILE A 56 -4.01 8.45 14.12
CA ILE A 56 -2.61 8.60 14.45
C ILE A 56 -2.30 10.03 14.89
N THR A 57 -3.05 10.99 14.37
CA THR A 57 -2.87 12.38 14.71
C THR A 57 -3.49 12.71 16.06
N GLU A 58 -4.26 11.77 16.60
CA GLU A 58 -4.91 11.96 17.88
C GLU A 58 -4.00 11.54 19.03
N ILE A 59 -3.26 10.45 18.82
CA ILE A 59 -2.35 9.93 19.84
C ILE A 59 -1.05 10.74 19.85
N ILE A 60 -0.78 11.44 18.75
CA ILE A 60 0.43 12.25 18.64
C ILE A 60 1.67 11.43 19.00
N PRO A 61 2.07 10.52 18.09
CA PRO A 61 3.24 9.67 18.28
C PRO A 61 4.55 10.46 18.21
N SER A 62 4.51 11.59 17.52
CA SER A 62 5.69 12.43 17.37
C SER A 62 5.36 13.71 16.60
N THR A 63 5.81 14.84 17.13
CA THR A 63 5.55 16.13 16.50
C THR A 63 6.85 16.76 15.99
N SER A 64 7.78 15.91 15.58
CA SER A 64 9.07 16.38 15.08
C SER A 64 9.39 15.74 13.73
N SER A 65 10.57 16.05 13.20
CA SER A 65 10.99 15.51 11.92
C SER A 65 12.45 15.06 11.97
N VAL A 66 12.96 14.88 13.19
CA VAL A 66 14.35 14.44 13.38
C VAL A 66 14.40 12.97 13.78
N SER A 67 13.26 12.43 14.18
CA SER A 67 13.18 11.03 14.58
C SER A 67 12.30 10.23 13.63
N PRO A 68 12.47 8.89 13.65
CA PRO A 68 11.71 7.99 12.79
C PRO A 68 10.24 7.91 13.18
N SER A 69 9.35 8.04 12.20
CA SER A 69 7.92 7.99 12.45
C SER A 69 7.17 7.50 11.22
N ILE A 70 5.91 7.11 11.41
CA ILE A 70 5.09 6.63 10.31
C ILE A 70 4.78 7.74 9.32
N GLY A 71 5.03 8.98 9.73
CA GLY A 71 4.78 10.12 8.87
C GLY A 71 5.43 9.97 7.51
N GLU A 72 6.54 9.23 7.46
CA GLU A 72 7.26 9.01 6.21
C GLU A 72 6.63 7.88 5.40
N TYR A 73 6.03 6.93 6.11
CA TYR A 73 5.39 5.79 5.46
C TYR A 73 4.02 6.18 4.90
N LEU A 74 3.20 6.81 5.74
CA LEU A 74 1.88 7.24 5.32
C LEU A 74 1.95 8.17 4.12
N LEU A 75 3.03 8.94 4.03
CA LEU A 75 3.23 9.88 2.93
C LEU A 75 3.64 9.14 1.66
N PHE A 76 4.72 8.37 1.75
CA PHE A 76 5.22 7.61 0.61
C PHE A 76 4.15 6.66 0.08
N THR A 77 3.52 5.92 0.99
CA THR A 77 2.49 4.97 0.63
C THR A 77 1.36 5.66 -0.14
N MET A 78 0.98 6.85 0.32
CA MET A 78 -0.09 7.61 -0.32
C MET A 78 0.21 7.83 -1.81
N ILE A 79 1.47 8.14 -2.10
CA ILE A 79 1.89 8.38 -3.48
C ILE A 79 2.06 7.06 -4.24
N PHE A 80 2.33 5.99 -3.50
CA PHE A 80 2.52 4.67 -4.10
C PHE A 80 1.19 4.09 -4.56
N VAL A 81 0.19 4.12 -3.66
CA VAL A 81 -1.13 3.59 -3.97
C VAL A 81 -1.77 4.37 -5.13
N THR A 82 -1.51 5.68 -5.17
CA THR A 82 -2.06 6.53 -6.22
C THR A 82 -1.56 6.10 -7.60
N LEU A 83 -0.26 5.86 -7.70
CA LEU A 83 0.33 5.43 -8.96
C LEU A 83 -0.17 4.06 -9.38
N SER A 84 -0.59 3.27 -8.39
CA SER A 84 -1.11 1.93 -8.66
C SER A 84 -2.42 1.98 -9.43
N ILE A 85 -3.36 2.79 -8.93
CA ILE A 85 -4.65 2.94 -9.57
C ILE A 85 -4.51 3.57 -10.96
N VAL A 86 -3.43 4.31 -11.15
CA VAL A 86 -3.17 4.98 -12.43
C VAL A 86 -2.55 4.02 -13.43
N ILE A 87 -1.52 3.30 -12.99
CA ILE A 87 -0.83 2.34 -13.85
C ILE A 87 -1.70 1.13 -14.11
N THR A 88 -2.60 0.83 -13.18
CA THR A 88 -3.49 -0.31 -13.32
C THR A 88 -4.59 -0.04 -14.34
N VAL A 89 -5.23 1.13 -14.21
CA VAL A 89 -6.29 1.51 -15.12
C VAL A 89 -5.77 1.74 -16.53
N PHE A 90 -4.48 2.06 -16.62
CA PHE A 90 -3.84 2.30 -17.91
C PHE A 90 -3.75 1.01 -18.73
N VAL A 91 -3.06 0.02 -18.18
CA VAL A 91 -2.90 -1.27 -18.85
C VAL A 91 -4.24 -1.85 -19.24
N LEU A 92 -5.26 -1.56 -18.44
CA LEU A 92 -6.61 -2.07 -18.70
C LEU A 92 -7.33 -1.20 -19.72
N ASN A 93 -6.97 0.08 -19.75
CA ASN A 93 -7.59 1.02 -20.68
C ASN A 93 -6.96 0.91 -22.07
N VAL A 94 -5.75 0.36 -22.12
CA VAL A 94 -5.05 0.18 -23.38
C VAL A 94 -4.72 1.53 -24.02
N HIS A 95 -3.52 1.64 -24.58
CA HIS A 95 -3.09 2.88 -25.23
C HIS A 95 -1.70 2.73 -25.82
N HIS A 96 -1.19 3.81 -26.42
CA HIS A 96 0.13 3.79 -27.03
C HIS A 96 1.13 4.60 -26.20
N ARG A 97 0.77 4.84 -24.94
CA ARG A 97 1.62 5.60 -24.04
C ARG A 97 2.79 4.75 -23.54
N SER A 98 4.01 5.22 -23.78
CA SER A 98 5.20 4.50 -23.36
C SER A 98 5.29 3.15 -24.07
N PRO A 99 6.50 2.57 -24.08
CA PRO A 99 6.76 1.28 -24.73
C PRO A 99 6.12 0.13 -23.96
N GLU A 100 6.07 0.24 -22.64
CA GLU A 100 5.49 -0.79 -21.80
C GLU A 100 6.14 -2.14 -22.07
N THR A 101 7.37 -2.31 -21.60
CA THR A 101 8.10 -3.55 -21.79
C THR A 101 8.32 -4.27 -20.47
N HIS A 102 7.22 -4.64 -19.81
CA HIS A 102 7.29 -5.35 -18.54
C HIS A 102 6.88 -6.80 -18.69
N THR A 103 6.96 -7.55 -17.60
CA THR A 103 6.61 -8.97 -17.62
C THR A 103 5.13 -9.17 -17.31
N GLY A 104 4.47 -10.00 -18.12
CA GLY A 104 3.06 -10.26 -17.91
C GLY A 104 2.59 -11.52 -18.61
N GLY A 105 2.41 -11.44 -19.92
CA GLY A 105 1.96 -12.60 -20.69
C GLY A 105 0.46 -12.63 -20.85
N GLY A 106 -0.23 -13.20 -19.87
CA GLY A 106 -1.68 -13.29 -19.93
C GLY A 106 -2.21 -14.49 -19.17
N GLY A 107 -2.32 -14.35 -17.86
CA GLY A 107 -2.82 -15.43 -17.04
C GLY A 107 -2.22 -15.43 -15.64
N GLY A 108 -0.97 -15.02 -15.54
CA GLY A 108 -0.29 -14.98 -14.25
C GLY A 108 -0.16 -13.58 -13.71
N ILE A 109 -0.96 -12.66 -14.25
CA ILE A 109 -0.93 -11.27 -13.81
C ILE A 109 -1.66 -11.09 -12.49
N ASP A 110 -2.64 -11.94 -12.25
CA ASP A 110 -3.43 -11.89 -11.02
C ASP A 110 -2.61 -12.37 -9.83
N ARG A 111 -1.96 -13.52 -10.00
CA ARG A 111 -1.13 -14.10 -8.94
C ARG A 111 0.00 -13.16 -8.56
N ILE A 112 0.66 -12.59 -9.57
CA ILE A 112 1.77 -11.68 -9.36
C ILE A 112 1.28 -10.34 -8.82
N PHE A 113 0.08 -9.94 -9.22
CA PHE A 113 -0.51 -8.68 -8.78
C PHE A 113 -0.56 -8.60 -7.26
N LEU A 114 -1.27 -9.55 -6.66
CA LEU A 114 -1.40 -9.60 -5.21
C LEU A 114 -0.05 -9.88 -4.54
N TRP A 115 0.84 -10.53 -5.29
CA TRP A 115 2.17 -10.85 -4.78
C TRP A 115 2.99 -9.59 -4.56
N MET A 116 2.69 -8.55 -5.33
CA MET A 116 3.40 -7.28 -5.22
C MET A 116 2.92 -6.48 -4.01
N PHE A 117 1.60 -6.35 -3.88
CA PHE A 117 1.02 -5.61 -2.77
C PHE A 117 1.56 -6.11 -1.44
N ILE A 118 1.67 -7.43 -1.31
CA ILE A 118 2.17 -8.04 -0.09
C ILE A 118 3.69 -7.96 -0.01
N ILE A 119 4.32 -7.79 -1.17
CA ILE A 119 5.78 -7.70 -1.24
C ILE A 119 6.27 -6.38 -0.65
N VAL A 120 5.46 -5.34 -0.79
CA VAL A 120 5.81 -4.02 -0.28
C VAL A 120 5.41 -3.88 1.19
N CYS A 121 4.36 -4.59 1.58
CA CYS A 121 3.87 -4.55 2.95
C CYS A 121 4.93 -5.06 3.92
N LEU A 122 5.47 -6.25 3.62
CA LEU A 122 6.50 -6.85 4.47
C LEU A 122 7.84 -6.14 4.29
N LEU A 123 8.29 -6.04 3.05
CA LEU A 123 9.56 -5.38 2.75
C LEU A 123 9.60 -3.98 3.35
N GLY A 124 8.61 -3.16 3.01
CA GLY A 124 8.55 -1.81 3.53
C GLY A 124 8.66 -1.76 5.04
N THR A 125 7.92 -2.64 5.71
CA THR A 125 7.93 -2.68 7.17
C THR A 125 9.34 -2.90 7.70
N VAL A 126 10.05 -3.86 7.11
CA VAL A 126 11.42 -4.16 7.53
C VAL A 126 12.34 -2.97 7.26
N GLY A 127 12.43 -2.56 6.00
CA GLY A 127 13.28 -1.44 5.65
C GLY A 127 13.00 -0.21 6.47
N LEU A 128 11.75 -0.07 6.93
CA LEU A 128 11.35 1.07 7.73
C LEU A 128 12.00 1.02 9.11
N PHE A 129 12.16 -0.19 9.64
CA PHE A 129 12.77 -0.38 10.95
C PHE A 129 14.23 0.07 10.95
N LEU A 130 14.98 -0.41 9.95
CA LEU A 130 16.39 -0.05 9.83
C LEU A 130 17.16 -0.45 11.08
N PRO A 131 17.32 -1.77 11.28
CA PRO A 131 18.03 -2.31 12.44
C PRO A 131 19.54 -2.04 12.38
N PRO A 132 20.23 -2.27 13.49
CA PRO A 132 21.68 -2.07 13.59
C PRO A 132 22.47 -3.08 12.77
N TRP A 133 23.77 -3.15 13.02
CA TRP A 133 24.64 -4.10 12.31
C TRP A 133 24.69 -3.76 10.82
N LEU A 134 25.73 -3.04 10.42
CA LEU A 134 25.91 -2.66 9.02
C LEU A 134 24.79 -1.72 8.58
N ALA A 135 24.06 -1.16 9.54
CA ALA A 135 22.97 -0.25 9.25
C ALA A 135 23.48 1.01 8.54
N GLY A 136 24.31 1.78 9.25
CA GLY A 136 24.85 3.00 8.68
C GLY A 136 25.97 3.59 9.52
N GLU A 137 26.92 2.74 9.92
CA GLU A 137 28.03 3.19 10.74
C GLU A 137 29.17 3.73 9.87
N GLU A 4 8.20 7.48 21.18
CA GLU A 4 8.00 7.46 22.62
C GLU A 4 6.64 6.87 22.98
N GLU A 5 6.01 6.22 22.01
CA GLU A 5 4.70 5.61 22.21
C GLU A 5 4.27 4.82 20.98
N LEU A 6 5.24 4.25 20.27
CA LEU A 6 4.96 3.48 19.07
C LEU A 6 5.72 2.15 19.09
N PRO A 7 5.42 1.32 20.09
CA PRO A 7 6.07 0.01 20.23
C PRO A 7 5.64 -0.98 19.15
N LEU A 8 6.05 -2.23 19.30
CA LEU A 8 5.71 -3.27 18.34
C LEU A 8 4.21 -3.50 18.27
N PHE A 9 3.56 -3.39 19.43
CA PHE A 9 2.11 -3.58 19.51
C PHE A 9 1.39 -2.71 18.48
N TYR A 10 1.97 -1.54 18.20
CA TYR A 10 1.38 -0.62 17.24
C TYR A 10 1.62 -1.09 15.81
N THR A 11 2.77 -1.71 15.58
CA THR A 11 3.13 -2.21 14.26
C THR A 11 2.20 -3.34 13.83
N ILE A 12 1.73 -4.11 14.81
CA ILE A 12 0.83 -5.23 14.53
C ILE A 12 -0.61 -4.76 14.37
N ASN A 13 -0.93 -3.63 15.01
CA ASN A 13 -2.27 -3.07 14.93
C ASN A 13 -2.50 -2.38 13.58
N LEU A 14 -1.41 -1.93 12.96
CA LEU A 14 -1.49 -1.26 11.67
C LEU A 14 -1.31 -2.27 10.53
N ILE A 15 -0.54 -3.31 10.79
CA ILE A 15 -0.29 -4.34 9.78
C ILE A 15 -1.49 -5.27 9.65
N ILE A 16 -2.27 -5.40 10.72
CA ILE A 16 -3.44 -6.27 10.71
C ILE A 16 -4.41 -5.85 9.61
N PRO A 17 -4.86 -4.59 9.65
CA PRO A 17 -5.80 -4.04 8.66
C PRO A 17 -5.15 -3.87 7.29
N CYS A 18 -3.84 -3.69 7.28
CA CYS A 18 -3.11 -3.52 6.03
C CYS A 18 -3.36 -4.68 5.08
N LEU A 19 -3.40 -5.89 5.63
CA LEU A 19 -3.63 -7.09 4.84
C LEU A 19 -5.11 -7.23 4.49
N LEU A 20 -5.97 -7.06 5.49
CA LEU A 20 -7.41 -7.17 5.29
C LEU A 20 -7.87 -6.30 4.13
N ILE A 21 -7.50 -5.02 4.17
CA ILE A 21 -7.86 -4.08 3.13
C ILE A 21 -7.15 -4.40 1.82
N SER A 22 -5.94 -4.95 1.93
CA SER A 22 -5.15 -5.31 0.76
C SER A 22 -5.82 -6.43 -0.04
N CYS A 23 -6.04 -7.56 0.62
CA CYS A 23 -6.67 -8.71 -0.01
C CYS A 23 -8.01 -8.32 -0.62
N LEU A 24 -8.72 -7.40 0.04
CA LEU A 24 -10.02 -6.95 -0.43
C LEU A 24 -9.94 -6.47 -1.88
N THR A 25 -9.05 -5.51 -2.12
CA THR A 25 -8.87 -4.96 -3.46
C THR A 25 -8.45 -6.05 -4.44
N VAL A 26 -7.75 -7.07 -3.94
CA VAL A 26 -7.29 -8.17 -4.77
C VAL A 26 -8.44 -9.12 -5.12
N LEU A 27 -9.42 -9.20 -4.22
CA LEU A 27 -10.57 -10.07 -4.43
C LEU A 27 -11.36 -9.63 -5.66
N VAL A 28 -11.84 -8.40 -5.63
CA VAL A 28 -12.62 -7.85 -6.74
C VAL A 28 -11.80 -7.82 -8.03
N PHE A 29 -10.48 -7.66 -7.87
CA PHE A 29 -9.59 -7.61 -9.02
C PHE A 29 -9.33 -9.01 -9.57
N TYR A 30 -9.64 -10.02 -8.76
CA TYR A 30 -9.44 -11.41 -9.16
C TYR A 30 -10.55 -11.86 -10.10
N LEU A 31 -11.76 -11.32 -9.89
CA LEU A 31 -12.90 -11.68 -10.72
C LEU A 31 -13.92 -10.55 -10.73
N PRO A 32 -13.59 -9.45 -11.41
CA PRO A 32 -14.47 -8.28 -11.52
C PRO A 32 -15.69 -8.55 -12.38
N SER A 33 -16.82 -7.96 -12.01
CA SER A 33 -18.06 -8.14 -12.75
C SER A 33 -18.65 -6.80 -13.16
N GLU A 34 -18.67 -5.86 -12.22
CA GLU A 34 -19.21 -4.52 -12.49
C GLU A 34 -18.11 -3.47 -12.43
N CYS A 35 -18.39 -2.31 -13.01
CA CYS A 35 -17.41 -1.22 -13.02
C CYS A 35 -17.76 -0.17 -11.96
N GLY A 36 -18.81 -0.45 -11.19
CA GLY A 36 -19.22 0.47 -10.14
C GLY A 36 -18.47 0.26 -8.85
N GLU A 37 -18.33 -1.01 -8.45
CA GLU A 37 -17.64 -1.34 -7.21
C GLU A 37 -16.21 -0.80 -7.23
N LYS A 38 -15.68 -0.61 -8.43
CA LYS A 38 -14.32 -0.09 -8.59
C LYS A 38 -14.18 1.29 -7.96
N ILE A 39 -15.04 2.21 -8.38
CA ILE A 39 -15.02 3.58 -7.85
C ILE A 39 -15.31 3.59 -6.35
N THR A 40 -16.34 2.85 -5.95
CA THR A 40 -16.73 2.78 -4.55
C THR A 40 -15.59 2.22 -3.70
N LEU A 41 -14.84 1.28 -4.26
CA LEU A 41 -13.72 0.67 -3.54
C LEU A 41 -12.64 1.69 -3.26
N CYS A 42 -12.29 2.49 -4.26
CA CYS A 42 -11.26 3.51 -4.12
C CYS A 42 -11.56 4.41 -2.92
N ILE A 43 -12.81 4.81 -2.78
CA ILE A 43 -13.22 5.67 -1.68
C ILE A 43 -13.07 4.96 -0.34
N SER A 44 -13.39 3.67 -0.33
CA SER A 44 -13.29 2.87 0.88
C SER A 44 -11.85 2.80 1.39
N VAL A 45 -10.94 2.45 0.50
CA VAL A 45 -9.52 2.36 0.84
C VAL A 45 -8.97 3.71 1.27
N LEU A 46 -9.35 4.75 0.54
CA LEU A 46 -8.89 6.10 0.84
C LEU A 46 -9.44 6.58 2.18
N LEU A 47 -10.57 6.01 2.59
CA LEU A 47 -11.20 6.37 3.85
C LEU A 47 -10.37 5.87 5.03
N SER A 48 -9.91 4.63 4.94
CA SER A 48 -9.10 4.02 6.00
C SER A 48 -7.78 4.76 6.16
N LEU A 49 -7.20 5.18 5.04
CA LEU A 49 -5.93 5.90 5.05
C LEU A 49 -6.05 7.20 5.84
N THR A 50 -7.14 7.93 5.60
CA THR A 50 -7.37 9.20 6.28
C THR A 50 -7.86 8.97 7.71
N VAL A 51 -8.44 7.80 7.95
CA VAL A 51 -8.95 7.45 9.27
C VAL A 51 -7.81 7.11 10.23
N PHE A 52 -6.94 6.22 9.80
CA PHE A 52 -5.80 5.80 10.61
C PHE A 52 -4.77 6.91 10.71
N LEU A 53 -4.78 7.82 9.75
CA LEU A 53 -3.86 8.94 9.73
C LEU A 53 -4.12 9.90 10.88
N LEU A 54 -5.36 10.39 10.96
CA LEU A 54 -5.74 11.32 12.02
C LEU A 54 -5.47 10.71 13.39
N LEU A 55 -5.80 9.43 13.55
CA LEU A 55 -5.59 8.74 14.81
C LEU A 55 -4.14 8.91 15.30
N ILE A 56 -3.20 8.76 14.38
CA ILE A 56 -1.78 8.90 14.71
C ILE A 56 -1.46 10.33 15.15
N THR A 57 -2.23 11.29 14.63
CA THR A 57 -2.02 12.69 14.98
C THR A 57 -2.66 13.03 16.32
N GLU A 58 -3.46 12.10 16.83
CA GLU A 58 -4.14 12.29 18.11
C GLU A 58 -3.23 11.89 19.27
N ILE A 59 -2.49 10.80 19.09
CA ILE A 59 -1.57 10.32 20.12
C ILE A 59 -0.30 11.15 20.16
N ILE A 60 -0.01 11.83 19.06
CA ILE A 60 1.19 12.67 18.96
C ILE A 60 2.43 11.88 19.34
N PRO A 61 2.86 10.99 18.44
CA PRO A 61 4.05 10.15 18.65
C PRO A 61 5.33 10.96 18.60
N SER A 62 5.44 11.86 17.62
CA SER A 62 6.61 12.69 17.46
C SER A 62 6.38 13.78 16.43
N THR A 63 5.69 13.43 15.35
CA THR A 63 5.38 14.38 14.29
C THR A 63 6.66 15.01 13.73
N SER A 64 7.77 14.29 13.86
CA SER A 64 9.06 14.78 13.38
C SER A 64 9.46 14.07 12.09
N SER A 65 10.56 14.51 11.50
CA SER A 65 11.06 13.92 10.26
C SER A 65 12.19 12.93 10.53
N VAL A 66 12.84 13.10 11.68
CA VAL A 66 13.93 12.23 12.07
C VAL A 66 13.48 11.20 13.10
N SER A 67 14.42 10.38 13.56
CA SER A 67 14.12 9.35 14.56
C SER A 67 13.14 8.33 13.99
N PRO A 68 13.09 7.15 14.63
CA PRO A 68 12.20 6.06 14.22
C PRO A 68 10.73 6.38 14.49
N SER A 69 9.94 6.47 13.43
CA SER A 69 8.52 6.78 13.56
C SER A 69 7.76 6.35 12.32
N ILE A 70 6.46 6.11 12.48
CA ILE A 70 5.61 5.69 11.36
C ILE A 70 5.42 6.82 10.36
N GLY A 71 5.78 8.03 10.76
CA GLY A 71 5.64 9.18 9.88
C GLY A 71 6.30 8.95 8.53
N GLU A 72 7.33 8.12 8.51
CA GLU A 72 8.05 7.82 7.28
C GLU A 72 7.30 6.78 6.44
N TYR A 73 6.59 5.89 7.12
CA TYR A 73 5.83 4.85 6.45
C TYR A 73 4.54 5.42 5.84
N LEU A 74 3.80 6.16 6.65
CA LEU A 74 2.54 6.76 6.21
C LEU A 74 2.78 7.67 5.00
N LEU A 75 3.96 8.27 4.94
CA LEU A 75 4.31 9.16 3.84
C LEU A 75 4.69 8.36 2.60
N PHE A 76 5.62 7.43 2.76
CA PHE A 76 6.07 6.60 1.64
C PHE A 76 4.92 5.77 1.10
N THR A 77 3.93 5.49 1.94
CA THR A 77 2.78 4.70 1.54
C THR A 77 1.83 5.51 0.68
N MET A 78 1.47 6.70 1.15
CA MET A 78 0.57 7.58 0.40
C MET A 78 1.11 7.85 -1.00
N ILE A 79 2.43 7.93 -1.12
CA ILE A 79 3.07 8.18 -2.41
C ILE A 79 3.04 6.94 -3.28
N PHE A 80 3.09 5.77 -2.66
CA PHE A 80 3.08 4.51 -3.38
C PHE A 80 1.69 4.22 -3.94
N VAL A 81 0.69 4.22 -3.07
CA VAL A 81 -0.68 3.96 -3.48
C VAL A 81 -1.12 4.91 -4.58
N THR A 82 -0.59 6.14 -4.54
CA THR A 82 -0.93 7.15 -5.53
C THR A 82 -0.47 6.72 -6.92
N LEU A 83 0.81 6.39 -7.04
CA LEU A 83 1.37 5.96 -8.31
C LEU A 83 0.79 4.62 -8.75
N SER A 84 0.37 3.82 -7.77
CA SER A 84 -0.21 2.51 -8.05
C SER A 84 -1.57 2.64 -8.71
N ILE A 85 -2.43 3.45 -8.11
CA ILE A 85 -3.78 3.67 -8.64
C ILE A 85 -3.72 4.35 -10.00
N VAL A 86 -2.62 5.06 -10.26
CA VAL A 86 -2.46 5.76 -11.53
C VAL A 86 -1.95 4.82 -12.61
N ILE A 87 -0.90 4.06 -12.29
CA ILE A 87 -0.32 3.12 -13.23
C ILE A 87 -1.24 1.93 -13.46
N THR A 88 -2.07 1.63 -12.46
CA THR A 88 -3.01 0.52 -12.55
C THR A 88 -4.13 0.82 -13.53
N VAL A 89 -4.74 1.99 -13.38
CA VAL A 89 -5.83 2.41 -14.25
C VAL A 89 -5.33 2.67 -15.66
N PHE A 90 -4.04 2.97 -15.79
CA PHE A 90 -3.45 3.24 -17.09
C PHE A 90 -3.40 1.98 -17.94
N VAL A 91 -2.71 0.96 -17.45
CA VAL A 91 -2.60 -0.31 -18.16
C VAL A 91 -3.97 -0.85 -18.54
N LEU A 92 -4.95 -0.61 -17.68
CA LEU A 92 -6.31 -1.07 -17.92
C LEU A 92 -7.03 -0.16 -18.90
N ASN A 93 -6.61 1.10 -18.94
CA ASN A 93 -7.23 2.08 -19.84
C ASN A 93 -6.89 1.77 -21.29
N VAL A 94 -5.62 1.51 -21.56
CA VAL A 94 -5.17 1.20 -22.91
C VAL A 94 -5.37 2.39 -23.84
N HIS A 95 -4.39 2.62 -24.71
CA HIS A 95 -4.46 3.72 -25.66
C HIS A 95 -3.30 3.67 -26.65
N HIS A 96 -2.08 3.80 -26.12
CA HIS A 96 -0.88 3.76 -26.95
C HIS A 96 0.29 3.14 -26.19
N ARG A 97 0.47 3.57 -24.94
CA ARG A 97 1.56 3.07 -24.11
C ARG A 97 1.37 1.58 -23.83
N SER A 98 2.08 0.75 -24.60
CA SER A 98 2.00 -0.70 -24.43
C SER A 98 2.31 -1.10 -22.99
N PRO A 99 1.89 -2.32 -22.61
CA PRO A 99 2.12 -2.85 -21.26
C PRO A 99 3.58 -3.18 -21.01
N GLU A 100 4.23 -3.80 -21.99
CA GLU A 100 5.63 -4.17 -21.87
C GLU A 100 5.87 -4.99 -20.61
N THR A 101 5.06 -6.04 -20.43
CA THR A 101 5.19 -6.91 -19.28
C THR A 101 6.05 -8.12 -19.59
N HIS A 102 6.59 -8.74 -18.54
CA HIS A 102 7.45 -9.91 -18.70
C HIS A 102 6.70 -11.02 -19.45
N THR A 103 7.31 -11.50 -20.53
CA THR A 103 6.70 -12.56 -21.33
C THR A 103 5.37 -12.12 -21.93
N GLY A 104 4.81 -12.95 -22.80
CA GLY A 104 3.54 -12.63 -23.42
C GLY A 104 2.41 -13.49 -22.92
N GLY A 105 1.23 -13.33 -23.52
CA GLY A 105 0.07 -14.11 -23.11
C GLY A 105 -0.46 -13.68 -21.76
N GLY A 106 -1.79 -13.57 -21.66
CA GLY A 106 -2.40 -13.16 -20.41
C GLY A 106 -2.86 -14.34 -19.59
N GLY A 107 -2.66 -14.26 -18.27
CA GLY A 107 -3.06 -15.34 -17.39
C GLY A 107 -2.29 -15.33 -16.08
N GLY A 108 -1.05 -14.85 -16.12
CA GLY A 108 -0.23 -14.81 -14.93
C GLY A 108 -0.15 -13.41 -14.34
N ILE A 109 -0.98 -12.50 -14.85
CA ILE A 109 -1.00 -11.13 -14.37
C ILE A 109 -1.69 -11.02 -13.02
N ASP A 110 -2.70 -11.86 -12.82
CA ASP A 110 -3.45 -11.88 -11.57
C ASP A 110 -2.59 -12.41 -10.43
N ARG A 111 -1.96 -13.55 -10.65
CA ARG A 111 -1.11 -14.17 -9.63
C ARG A 111 0.02 -13.23 -9.24
N ILE A 112 0.65 -12.60 -10.23
CA ILE A 112 1.75 -11.69 -9.97
C ILE A 112 1.26 -10.39 -9.37
N PHE A 113 0.05 -9.98 -9.76
CA PHE A 113 -0.56 -8.75 -9.24
C PHE A 113 -0.59 -8.76 -7.71
N LEU A 114 -1.27 -9.74 -7.15
CA LEU A 114 -1.39 -9.86 -5.69
C LEU A 114 -0.03 -10.15 -5.07
N TRP A 115 0.86 -10.75 -5.85
CA TRP A 115 2.20 -11.07 -5.37
C TRP A 115 3.01 -9.81 -5.12
N MET A 116 2.69 -8.74 -5.83
CA MET A 116 3.38 -7.47 -5.67
C MET A 116 2.91 -6.74 -4.42
N PHE A 117 1.59 -6.63 -4.27
CA PHE A 117 1.01 -5.95 -3.11
C PHE A 117 1.58 -6.51 -1.81
N ILE A 118 1.71 -7.83 -1.75
CA ILE A 118 2.23 -8.49 -0.56
C ILE A 118 3.76 -8.38 -0.51
N ILE A 119 4.37 -8.16 -1.67
CA ILE A 119 5.82 -8.04 -1.76
C ILE A 119 6.31 -6.74 -1.12
N VAL A 120 5.48 -5.71 -1.20
CA VAL A 120 5.83 -4.41 -0.63
C VAL A 120 5.45 -4.35 0.85
N CYS A 121 4.41 -5.08 1.22
CA CYS A 121 3.95 -5.11 2.61
C CYS A 121 5.03 -5.69 3.52
N LEU A 122 5.53 -6.87 3.16
CA LEU A 122 6.57 -7.53 3.95
C LEU A 122 7.90 -6.80 3.83
N LEU A 123 8.34 -6.60 2.58
CA LEU A 123 9.61 -5.91 2.33
C LEU A 123 9.65 -4.57 3.04
N GLY A 124 8.68 -3.71 2.76
CA GLY A 124 8.63 -2.41 3.39
C GLY A 124 8.72 -2.49 4.91
N THR A 125 7.95 -3.40 5.49
CA THR A 125 7.94 -3.58 6.94
C THR A 125 9.35 -3.76 7.48
N VAL A 126 10.05 -4.77 6.95
CA VAL A 126 11.42 -5.04 7.38
C VAL A 126 12.33 -3.86 7.11
N GLY A 127 12.25 -3.31 5.90
CA GLY A 127 13.08 -2.18 5.53
C GLY A 127 12.82 -0.97 6.40
N LEU A 128 11.65 -0.93 7.03
CA LEU A 128 11.28 0.18 7.89
C LEU A 128 11.93 0.04 9.26
N PHE A 129 11.89 -1.17 9.81
CA PHE A 129 12.48 -1.44 11.12
C PHE A 129 14.00 -1.32 11.07
N LEU A 130 14.56 -1.41 9.87
CA LEU A 130 16.00 -1.30 9.68
C LEU A 130 16.35 -0.11 8.80
N PRO A 131 16.17 1.10 9.36
CA PRO A 131 16.46 2.35 8.64
C PRO A 131 17.96 2.57 8.44
N PRO A 132 18.31 3.54 7.58
CA PRO A 132 19.71 3.87 7.29
C PRO A 132 20.41 4.51 8.47
N TRP A 133 21.58 5.10 8.21
CA TRP A 133 22.34 5.78 9.25
C TRP A 133 22.81 4.76 10.30
N LEU A 134 24.06 4.31 10.16
CA LEU A 134 24.63 3.34 11.10
C LEU A 134 23.88 2.01 11.03
N ALA A 135 23.09 1.83 9.97
CA ALA A 135 22.33 0.61 9.79
C ALA A 135 23.25 -0.60 9.64
N GLY A 136 24.07 -0.59 8.59
CA GLY A 136 24.99 -1.69 8.36
C GLY A 136 25.62 -1.64 6.98
N GLU A 137 24.87 -1.10 6.01
CA GLU A 137 25.35 -0.99 4.64
C GLU A 137 26.24 0.24 4.46
N GLU A 4 7.03 6.70 24.60
CA GLU A 4 6.59 6.33 25.94
C GLU A 4 5.25 5.59 25.88
N GLU A 5 4.88 5.14 24.69
CA GLU A 5 3.63 4.42 24.50
C GLU A 5 3.50 3.90 23.07
N LEU A 6 4.64 3.57 22.47
CA LEU A 6 4.65 3.06 21.10
C LEU A 6 5.54 1.82 20.98
N PRO A 7 5.16 0.76 21.72
CA PRO A 7 5.90 -0.51 21.71
C PRO A 7 5.78 -1.24 20.38
N LEU A 8 6.37 -2.43 20.31
CA LEU A 8 6.33 -3.24 19.10
C LEU A 8 4.89 -3.49 18.66
N PHE A 9 3.98 -3.45 19.62
CA PHE A 9 2.56 -3.67 19.33
C PHE A 9 2.06 -2.70 18.27
N TYR A 10 2.44 -1.43 18.41
CA TYR A 10 2.02 -0.40 17.47
C TYR A 10 2.32 -0.82 16.04
N THR A 11 3.41 -1.57 15.87
CA THR A 11 3.81 -2.03 14.54
C THR A 11 2.90 -3.17 14.06
N ILE A 12 2.44 -3.99 14.99
CA ILE A 12 1.57 -5.10 14.66
C ILE A 12 0.13 -4.64 14.47
N ASN A 13 -0.22 -3.53 15.13
CA ASN A 13 -1.57 -2.99 15.03
C ASN A 13 -1.77 -2.27 13.70
N LEU A 14 -0.68 -1.78 13.13
CA LEU A 14 -0.73 -1.07 11.86
C LEU A 14 -0.50 -2.02 10.70
N ILE A 15 0.27 -3.08 10.94
CA ILE A 15 0.57 -4.07 9.92
C ILE A 15 -0.62 -5.00 9.71
N ILE A 16 -1.42 -5.18 10.75
CA ILE A 16 -2.58 -6.05 10.68
C ILE A 16 -3.53 -5.62 9.56
N PRO A 17 -4.00 -4.36 9.64
CA PRO A 17 -4.91 -3.79 8.63
C PRO A 17 -4.22 -3.56 7.28
N CYS A 18 -2.91 -3.37 7.32
CA CYS A 18 -2.14 -3.14 6.11
C CYS A 18 -2.35 -4.27 5.11
N LEU A 19 -2.39 -5.50 5.61
CA LEU A 19 -2.58 -6.67 4.77
C LEU A 19 -4.05 -6.82 4.37
N LEU A 20 -4.93 -6.71 5.35
CA LEU A 20 -6.37 -6.82 5.10
C LEU A 20 -6.80 -5.90 3.96
N ILE A 21 -6.59 -4.60 4.15
CA ILE A 21 -6.96 -3.62 3.14
C ILE A 21 -6.19 -3.86 1.84
N SER A 22 -5.00 -4.41 1.96
CA SER A 22 -4.17 -4.70 0.79
C SER A 22 -4.79 -5.81 -0.07
N CYS A 23 -5.37 -6.79 0.60
CA CYS A 23 -6.01 -7.91 -0.10
C CYS A 23 -7.30 -7.47 -0.76
N LEU A 24 -7.98 -6.51 -0.15
CA LEU A 24 -9.25 -6.00 -0.68
C LEU A 24 -9.06 -5.43 -2.09
N THR A 25 -8.16 -4.46 -2.21
CA THR A 25 -7.89 -3.85 -3.50
C THR A 25 -7.41 -4.88 -4.52
N VAL A 26 -6.58 -5.80 -4.07
CA VAL A 26 -6.05 -6.84 -4.93
C VAL A 26 -7.16 -7.76 -5.44
N LEU A 27 -8.08 -8.10 -4.54
CA LEU A 27 -9.19 -8.98 -4.89
C LEU A 27 -9.93 -8.45 -6.11
N VAL A 28 -10.29 -7.17 -6.07
CA VAL A 28 -11.01 -6.53 -7.17
C VAL A 28 -10.24 -6.70 -8.48
N PHE A 29 -8.95 -6.40 -8.45
CA PHE A 29 -8.11 -6.52 -9.64
C PHE A 29 -7.98 -7.98 -10.07
N TYR A 30 -8.26 -8.89 -9.16
CA TYR A 30 -8.18 -10.32 -9.45
C TYR A 30 -9.35 -10.76 -10.32
N LEU A 31 -10.47 -10.08 -10.16
CA LEU A 31 -11.68 -10.41 -10.93
C LEU A 31 -12.62 -9.21 -11.02
N PRO A 32 -12.23 -8.21 -11.83
CA PRO A 32 -13.02 -7.00 -12.02
C PRO A 32 -14.32 -7.25 -12.80
N SER A 33 -15.36 -7.64 -12.07
CA SER A 33 -16.65 -7.92 -12.69
C SER A 33 -17.32 -6.64 -13.17
N GLU A 34 -17.35 -5.63 -12.30
CA GLU A 34 -17.96 -4.35 -12.64
C GLU A 34 -16.90 -3.28 -12.83
N CYS A 35 -17.05 -2.48 -13.89
CA CYS A 35 -16.10 -1.42 -14.19
C CYS A 35 -16.10 -0.37 -13.08
N GLY A 36 -17.27 -0.15 -12.48
CA GLY A 36 -17.38 0.84 -11.43
C GLY A 36 -16.97 0.29 -10.07
N GLU A 37 -16.65 -1.00 -10.04
CA GLU A 37 -16.24 -1.65 -8.80
C GLU A 37 -14.91 -1.09 -8.30
N LYS A 38 -14.04 -0.70 -9.24
CA LYS A 38 -12.74 -0.15 -8.90
C LYS A 38 -12.88 1.27 -8.36
N ILE A 39 -13.56 2.12 -9.12
CA ILE A 39 -13.77 3.51 -8.71
C ILE A 39 -14.34 3.59 -7.30
N THR A 40 -15.35 2.76 -7.03
CA THR A 40 -15.98 2.74 -5.71
C THR A 40 -14.98 2.39 -4.62
N LEU A 41 -14.18 1.35 -4.87
CA LEU A 41 -13.18 0.92 -3.90
C LEU A 41 -12.15 2.02 -3.65
N CYS A 42 -11.75 2.69 -4.72
CA CYS A 42 -10.77 3.77 -4.62
C CYS A 42 -11.19 4.79 -3.56
N ILE A 43 -12.48 5.11 -3.53
CA ILE A 43 -13.00 6.06 -2.56
C ILE A 43 -13.12 5.44 -1.17
N SER A 44 -13.48 4.16 -1.14
CA SER A 44 -13.63 3.45 0.12
C SER A 44 -12.31 3.39 0.88
N VAL A 45 -11.27 2.90 0.20
CA VAL A 45 -9.95 2.80 0.80
C VAL A 45 -9.44 4.16 1.26
N LEU A 46 -9.76 5.19 0.49
CA LEU A 46 -9.33 6.55 0.81
C LEU A 46 -9.86 6.97 2.18
N LEU A 47 -11.09 6.59 2.47
CA LEU A 47 -11.71 6.93 3.75
C LEU A 47 -10.94 6.30 4.91
N SER A 48 -10.64 5.02 4.79
CA SER A 48 -9.92 4.30 5.83
C SER A 48 -8.58 4.98 6.13
N LEU A 49 -7.94 5.49 5.08
CA LEU A 49 -6.66 6.17 5.23
C LEU A 49 -6.80 7.41 6.11
N THR A 50 -7.85 8.19 5.87
CA THR A 50 -8.09 9.40 6.64
C THR A 50 -8.64 9.07 8.02
N VAL A 51 -9.25 7.89 8.15
CA VAL A 51 -9.81 7.45 9.42
C VAL A 51 -8.72 7.03 10.39
N PHE A 52 -7.82 6.18 9.92
CA PHE A 52 -6.72 5.68 10.75
C PHE A 52 -5.70 6.79 11.00
N LEU A 53 -5.65 7.76 10.10
CA LEU A 53 -4.72 8.87 10.22
C LEU A 53 -5.05 9.73 11.43
N LEU A 54 -6.28 10.22 11.50
CA LEU A 54 -6.73 11.04 12.61
C LEU A 54 -6.50 10.33 13.94
N LEU A 55 -6.85 9.05 13.98
CA LEU A 55 -6.68 8.26 15.20
C LEU A 55 -5.26 8.37 15.74
N ILE A 56 -4.29 8.30 14.84
CA ILE A 56 -2.88 8.40 15.22
C ILE A 56 -2.57 9.78 15.80
N THR A 57 -3.33 10.78 15.37
CA THR A 57 -3.13 12.15 15.84
C THR A 57 -3.82 12.38 17.17
N GLU A 58 -4.64 11.41 17.58
CA GLU A 58 -5.37 11.50 18.85
C GLU A 58 -4.54 10.96 20.00
N ILE A 59 -3.76 9.91 19.73
CA ILE A 59 -2.91 9.30 20.75
C ILE A 59 -1.66 10.14 20.99
N ILE A 60 -1.35 11.01 20.03
CA ILE A 60 -0.17 11.86 20.14
C ILE A 60 1.08 11.05 20.46
N PRO A 61 1.58 10.32 19.44
CA PRO A 61 2.78 9.49 19.59
C PRO A 61 4.05 10.32 19.75
N SER A 62 3.94 11.61 19.47
CA SER A 62 5.08 12.52 19.58
C SER A 62 6.18 12.13 18.60
N THR A 63 6.30 12.90 17.52
CA THR A 63 7.31 12.64 16.51
C THR A 63 8.56 13.49 16.73
N SER A 64 9.72 12.90 16.47
CA SER A 64 10.98 13.62 16.65
C SER A 64 12.10 12.96 15.83
N SER A 65 13.29 13.53 15.91
CA SER A 65 14.45 13.00 15.18
C SER A 65 14.72 11.56 15.59
N VAL A 66 15.28 11.39 16.79
CA VAL A 66 15.59 10.06 17.30
C VAL A 66 14.32 9.22 17.47
N SER A 67 13.18 9.88 17.48
CA SER A 67 11.90 9.20 17.65
C SER A 67 11.02 9.39 16.41
N PRO A 68 11.41 8.75 15.29
CA PRO A 68 10.67 8.84 14.03
C PRO A 68 9.33 8.14 14.09
N SER A 69 8.28 8.88 14.41
CA SER A 69 6.94 8.31 14.51
C SER A 69 6.48 7.77 13.16
N ILE A 70 5.24 7.32 13.11
CA ILE A 70 4.67 6.78 11.88
C ILE A 70 4.52 7.87 10.81
N GLY A 71 4.63 9.12 11.23
CA GLY A 71 4.51 10.23 10.32
C GLY A 71 5.42 10.09 9.11
N GLU A 72 6.56 9.44 9.31
CA GLU A 72 7.53 9.24 8.24
C GLU A 72 7.08 8.12 7.31
N TYR A 73 6.37 7.14 7.87
CA TYR A 73 5.89 6.01 7.09
C TYR A 73 4.64 6.39 6.29
N LEU A 74 3.65 6.92 6.99
CA LEU A 74 2.40 7.32 6.34
C LEU A 74 2.67 8.33 5.22
N LEU A 75 3.78 9.04 5.33
CA LEU A 75 4.16 10.03 4.32
C LEU A 75 4.72 9.36 3.08
N PHE A 76 5.82 8.62 3.26
CA PHE A 76 6.46 7.92 2.15
C PHE A 76 5.47 6.98 1.46
N THR A 77 4.64 6.33 2.26
CA THR A 77 3.65 5.39 1.72
C THR A 77 2.59 6.12 0.92
N MET A 78 2.11 7.24 1.45
CA MET A 78 1.09 8.04 0.78
C MET A 78 1.49 8.34 -0.66
N ILE A 79 2.75 8.75 -0.85
CA ILE A 79 3.26 9.07 -2.17
C ILE A 79 3.58 7.81 -2.96
N PHE A 80 3.89 6.73 -2.24
CA PHE A 80 4.22 5.46 -2.87
C PHE A 80 2.99 4.85 -3.55
N VAL A 81 1.89 4.77 -2.81
CA VAL A 81 0.65 4.21 -3.34
C VAL A 81 0.06 5.12 -4.40
N THR A 82 0.29 6.42 -4.26
CA THR A 82 -0.22 7.40 -5.22
C THR A 82 0.22 7.06 -6.64
N LEU A 83 1.53 6.97 -6.85
CA LEU A 83 2.08 6.66 -8.16
C LEU A 83 1.71 5.24 -8.58
N SER A 84 1.47 4.39 -7.59
CA SER A 84 1.11 3.00 -7.85
C SER A 84 -0.24 2.91 -8.56
N ILE A 85 -1.24 3.58 -7.98
CA ILE A 85 -2.59 3.58 -8.55
C ILE A 85 -2.61 4.28 -9.91
N VAL A 86 -1.64 5.16 -10.13
CA VAL A 86 -1.55 5.90 -11.38
C VAL A 86 -0.86 5.07 -12.46
N ILE A 87 0.26 4.44 -12.10
CA ILE A 87 1.01 3.62 -13.03
C ILE A 87 0.30 2.30 -13.30
N THR A 88 -0.48 1.84 -12.32
CA THR A 88 -1.22 0.60 -12.44
C THR A 88 -2.38 0.74 -13.42
N VAL A 89 -3.14 1.82 -13.28
CA VAL A 89 -4.27 2.08 -14.15
C VAL A 89 -3.82 2.37 -15.57
N PHE A 90 -2.59 2.85 -15.70
CA PHE A 90 -2.03 3.18 -17.01
C PHE A 90 -1.73 1.91 -17.80
N VAL A 91 -0.88 1.06 -17.26
CA VAL A 91 -0.51 -0.19 -17.91
C VAL A 91 -1.75 -0.99 -18.30
N LEU A 92 -2.81 -0.87 -17.49
CA LEU A 92 -4.05 -1.59 -17.75
C LEU A 92 -4.91 -0.82 -18.75
N ASN A 93 -4.76 0.50 -18.77
CA ASN A 93 -5.53 1.35 -19.68
C ASN A 93 -5.08 1.15 -21.12
N VAL A 94 -3.78 1.27 -21.35
CA VAL A 94 -3.21 1.11 -22.68
C VAL A 94 -3.21 -0.36 -23.10
N HIS A 95 -3.45 -0.61 -24.38
CA HIS A 95 -3.48 -1.96 -24.91
C HIS A 95 -2.53 -2.10 -26.10
N HIS A 96 -1.24 -2.01 -25.84
CA HIS A 96 -0.23 -2.12 -26.89
C HIS A 96 0.60 -3.39 -26.72
N ARG A 97 0.12 -4.29 -25.87
CA ARG A 97 0.81 -5.55 -25.61
C ARG A 97 -0.12 -6.74 -25.78
N SER A 98 -1.16 -6.55 -26.59
CA SER A 98 -2.13 -7.61 -26.84
C SER A 98 -2.22 -7.92 -28.33
N PRO A 99 -2.75 -9.12 -28.65
CA PRO A 99 -2.91 -9.57 -30.03
C PRO A 99 -3.97 -8.78 -30.78
N GLU A 100 -4.75 -7.99 -30.05
CA GLU A 100 -5.80 -7.18 -30.64
C GLU A 100 -6.79 -8.06 -31.41
N THR A 101 -6.98 -9.29 -30.93
CA THR A 101 -7.89 -10.23 -31.57
C THR A 101 -9.27 -10.18 -30.92
N HIS A 102 -9.32 -10.49 -29.63
CA HIS A 102 -10.58 -10.48 -28.89
C HIS A 102 -10.32 -10.30 -27.39
N THR A 103 -9.79 -11.34 -26.75
CA THR A 103 -9.51 -11.29 -25.32
C THR A 103 -8.02 -11.01 -25.07
N GLY A 104 -7.74 -10.43 -23.91
CA GLY A 104 -6.36 -10.12 -23.56
C GLY A 104 -6.09 -10.26 -22.09
N GLY A 105 -5.11 -11.09 -21.73
CA GLY A 105 -4.77 -11.29 -20.34
C GLY A 105 -3.29 -11.15 -20.07
N GLY A 106 -2.53 -12.19 -20.41
CA GLY A 106 -1.09 -12.16 -20.19
C GLY A 106 -0.56 -13.48 -19.67
N GLY A 107 -0.33 -13.55 -18.37
CA GLY A 107 0.18 -14.76 -17.76
C GLY A 107 0.18 -14.70 -16.25
N GLY A 108 1.35 -14.46 -15.65
CA GLY A 108 1.45 -14.40 -14.22
C GLY A 108 1.56 -12.97 -13.71
N ILE A 109 0.79 -12.07 -14.31
CA ILE A 109 0.81 -10.67 -13.92
C ILE A 109 0.04 -10.45 -12.61
N ASP A 110 -1.00 -11.25 -12.42
CA ASP A 110 -1.81 -11.14 -11.21
C ASP A 110 -1.06 -11.66 -9.99
N ARG A 111 -0.47 -12.85 -10.13
CA ARG A 111 0.29 -13.46 -9.03
C ARG A 111 1.42 -12.55 -8.59
N ILE A 112 2.14 -12.00 -9.57
CA ILE A 112 3.26 -11.12 -9.28
C ILE A 112 2.79 -9.76 -8.78
N PHE A 113 1.64 -9.32 -9.30
CA PHE A 113 1.06 -8.04 -8.90
C PHE A 113 0.90 -7.96 -7.38
N LEU A 114 0.11 -8.88 -6.84
CA LEU A 114 -0.13 -8.91 -5.40
C LEU A 114 1.14 -9.23 -4.64
N TRP A 115 2.07 -9.91 -5.31
CA TRP A 115 3.34 -10.28 -4.69
C TRP A 115 4.19 -9.04 -4.41
N MET A 116 3.98 -8.00 -5.21
CA MET A 116 4.73 -6.76 -5.05
C MET A 116 4.19 -5.94 -3.89
N PHE A 117 2.87 -5.75 -3.86
CA PHE A 117 2.23 -4.99 -2.80
C PHE A 117 2.65 -5.50 -1.43
N ILE A 118 2.70 -6.82 -1.29
CA ILE A 118 3.09 -7.44 -0.03
C ILE A 118 4.61 -7.41 0.15
N ILE A 119 5.33 -7.28 -0.95
CA ILE A 119 6.78 -7.24 -0.91
C ILE A 119 7.28 -5.93 -0.29
N VAL A 120 6.52 -4.86 -0.50
CA VAL A 120 6.88 -3.56 0.04
C VAL A 120 6.38 -3.39 1.47
N CYS A 121 5.27 -4.06 1.78
CA CYS A 121 4.69 -4.00 3.12
C CYS A 121 5.64 -4.60 4.16
N LEU A 122 6.18 -5.77 3.84
CA LEU A 122 7.10 -6.45 4.75
C LEU A 122 8.48 -5.81 4.70
N LEU A 123 8.95 -5.52 3.49
CA LEU A 123 10.26 -4.90 3.30
C LEU A 123 10.32 -3.54 3.98
N GLY A 124 9.39 -2.66 3.61
CA GLY A 124 9.35 -1.33 4.20
C GLY A 124 9.36 -1.37 5.71
N THR A 125 8.51 -2.21 6.29
CA THR A 125 8.42 -2.34 7.74
C THR A 125 9.79 -2.61 8.36
N VAL A 126 10.43 -3.69 7.91
CA VAL A 126 11.75 -4.05 8.41
C VAL A 126 12.77 -2.94 8.19
N GLY A 127 12.76 -2.38 6.98
CA GLY A 127 13.68 -1.30 6.65
C GLY A 127 13.48 -0.08 7.53
N LEU A 128 12.25 0.12 7.99
CA LEU A 128 11.92 1.26 8.84
C LEU A 128 12.54 1.09 10.23
N PHE A 129 12.58 -0.14 10.71
CA PHE A 129 13.15 -0.43 12.02
C PHE A 129 14.67 -0.34 11.99
N LEU A 130 15.27 -0.78 10.89
CA LEU A 130 16.71 -0.74 10.73
C LEU A 130 17.10 -0.26 9.34
N PRO A 131 16.89 1.05 9.08
CA PRO A 131 17.21 1.67 7.79
C PRO A 131 18.71 1.76 7.55
N PRO A 132 19.10 2.06 6.31
CA PRO A 132 20.51 2.20 5.92
C PRO A 132 21.16 3.43 6.53
N TRP A 133 22.37 3.73 6.07
CA TRP A 133 23.11 4.88 6.58
C TRP A 133 23.63 4.62 7.99
N LEU A 134 22.69 4.56 8.94
CA LEU A 134 23.06 4.31 10.34
C LEU A 134 22.93 2.83 10.69
N ALA A 135 22.54 2.03 9.70
CA ALA A 135 22.39 0.60 9.90
C ALA A 135 23.71 -0.03 10.37
N GLY A 136 24.82 0.49 9.86
CA GLY A 136 26.12 -0.03 10.23
C GLY A 136 27.25 0.59 9.44
N GLU A 137 27.22 0.37 8.12
CA GLU A 137 28.26 0.92 7.25
C GLU A 137 27.98 2.38 6.92
N GLU A 4 3.03 10.49 24.55
CA GLU A 4 3.06 10.02 25.92
C GLU A 4 2.01 8.94 26.15
N GLU A 5 1.68 8.21 25.09
CA GLU A 5 0.69 7.15 25.17
C GLU A 5 0.61 6.37 23.87
N LEU A 6 1.74 6.26 23.19
CA LEU A 6 1.81 5.54 21.93
C LEU A 6 3.01 4.59 21.90
N PRO A 7 3.02 3.61 22.82
CA PRO A 7 4.10 2.63 22.92
C PRO A 7 4.10 1.65 21.76
N LEU A 8 5.05 0.72 21.76
CA LEU A 8 5.17 -0.27 20.70
C LEU A 8 3.84 -0.98 20.48
N PHE A 9 3.09 -1.17 21.56
CA PHE A 9 1.80 -1.84 21.48
C PHE A 9 0.93 -1.22 20.39
N TYR A 10 1.09 0.08 20.18
CA TYR A 10 0.31 0.79 19.17
C TYR A 10 0.85 0.51 17.77
N THR A 11 2.17 0.33 17.67
CA THR A 11 2.81 0.05 16.39
C THR A 11 2.39 -1.32 15.85
N ILE A 12 2.13 -2.25 16.77
CA ILE A 12 1.71 -3.60 16.38
C ILE A 12 0.23 -3.64 16.05
N ASN A 13 -0.54 -2.73 16.66
CA ASN A 13 -1.98 -2.67 16.42
C ASN A 13 -2.29 -1.90 15.15
N LEU A 14 -1.31 -1.13 14.68
CA LEU A 14 -1.48 -0.34 13.46
C LEU A 14 -1.00 -1.12 12.23
N ILE A 15 -0.03 -1.99 12.44
CA ILE A 15 0.50 -2.80 11.35
C ILE A 15 -0.44 -3.95 11.00
N ILE A 16 -1.12 -4.48 12.01
CA ILE A 16 -2.05 -5.58 11.81
C ILE A 16 -3.04 -5.27 10.70
N PRO A 17 -3.79 -4.15 10.85
CA PRO A 17 -4.77 -3.72 9.87
C PRO A 17 -4.13 -3.22 8.58
N CYS A 18 -2.92 -2.70 8.69
CA CYS A 18 -2.19 -2.18 7.53
C CYS A 18 -2.08 -3.25 6.44
N LEU A 19 -1.98 -4.51 6.86
CA LEU A 19 -1.87 -5.62 5.92
C LEU A 19 -3.25 -6.07 5.44
N LEU A 20 -4.16 -6.24 6.39
CA LEU A 20 -5.52 -6.67 6.06
C LEU A 20 -6.13 -5.77 4.99
N ILE A 21 -5.87 -4.47 5.10
CA ILE A 21 -6.39 -3.50 4.14
C ILE A 21 -5.54 -3.49 2.87
N SER A 22 -4.26 -3.77 3.02
CA SER A 22 -3.35 -3.78 1.89
C SER A 22 -3.67 -4.93 0.93
N CYS A 23 -3.80 -6.13 1.48
CA CYS A 23 -4.12 -7.31 0.68
C CYS A 23 -5.52 -7.20 0.08
N LEU A 24 -6.44 -6.60 0.82
CA LEU A 24 -7.81 -6.43 0.36
C LEU A 24 -7.85 -5.78 -1.02
N THR A 25 -7.14 -4.66 -1.15
CA THR A 25 -7.09 -3.94 -2.42
C THR A 25 -6.54 -4.83 -3.54
N VAL A 26 -5.38 -5.43 -3.28
CA VAL A 26 -4.75 -6.30 -4.27
C VAL A 26 -5.65 -7.48 -4.61
N LEU A 27 -6.52 -7.85 -3.68
CA LEU A 27 -7.44 -8.95 -3.89
C LEU A 27 -8.39 -8.66 -5.06
N VAL A 28 -9.08 -7.54 -4.98
CA VAL A 28 -10.02 -7.14 -6.02
C VAL A 28 -9.35 -7.16 -7.40
N PHE A 29 -8.15 -6.60 -7.47
CA PHE A 29 -7.41 -6.54 -8.72
C PHE A 29 -7.02 -7.95 -9.19
N TYR A 30 -6.88 -8.85 -8.22
CA TYR A 30 -6.50 -10.23 -8.52
C TYR A 30 -7.72 -11.03 -9.02
N LEU A 31 -8.86 -10.78 -8.40
CA LEU A 31 -10.09 -11.48 -8.78
C LEU A 31 -11.24 -10.49 -8.94
N PRO A 32 -11.21 -9.72 -10.03
CA PRO A 32 -12.24 -8.72 -10.33
C PRO A 32 -13.57 -9.37 -10.72
N SER A 33 -14.54 -8.54 -11.08
CA SER A 33 -15.86 -9.02 -11.47
C SER A 33 -16.65 -7.95 -12.20
N GLU A 34 -16.72 -6.76 -11.60
CA GLU A 34 -17.44 -5.64 -12.19
C GLU A 34 -16.60 -4.38 -12.17
N CYS A 35 -17.01 -3.38 -12.95
CA CYS A 35 -16.29 -2.11 -13.02
C CYS A 35 -16.78 -1.15 -11.95
N GLY A 36 -18.02 -1.35 -11.50
CA GLY A 36 -18.59 -0.49 -10.48
C GLY A 36 -18.02 -0.77 -9.10
N GLU A 37 -18.03 -2.04 -8.71
CA GLU A 37 -17.51 -2.43 -7.41
C GLU A 37 -16.07 -1.97 -7.22
N LYS A 38 -15.34 -1.88 -8.32
CA LYS A 38 -13.95 -1.44 -8.29
C LYS A 38 -13.83 -0.08 -7.61
N ILE A 39 -14.52 0.91 -8.16
CA ILE A 39 -14.48 2.26 -7.61
C ILE A 39 -14.88 2.26 -6.13
N THR A 40 -15.89 1.46 -5.79
CA THR A 40 -16.37 1.36 -4.43
C THR A 40 -15.26 0.90 -3.49
N LEU A 41 -14.37 0.05 -4.00
CA LEU A 41 -13.27 -0.48 -3.21
C LEU A 41 -12.30 0.63 -2.83
N CYS A 42 -11.95 1.47 -3.80
CA CYS A 42 -11.03 2.58 -3.57
C CYS A 42 -11.54 3.47 -2.45
N ILE A 43 -12.86 3.61 -2.35
CA ILE A 43 -13.46 4.44 -1.32
C ILE A 43 -13.37 3.78 0.05
N SER A 44 -13.65 2.48 0.09
CA SER A 44 -13.59 1.73 1.34
C SER A 44 -12.16 1.67 1.88
N VAL A 45 -11.25 1.14 1.07
CA VAL A 45 -9.85 1.03 1.46
C VAL A 45 -9.30 2.36 1.93
N LEU A 46 -9.68 3.43 1.24
CA LEU A 46 -9.22 4.78 1.60
C LEU A 46 -9.90 5.25 2.87
N LEU A 47 -11.10 4.75 3.12
CA LEU A 47 -11.86 5.14 4.31
C LEU A 47 -11.05 4.89 5.57
N SER A 48 -10.64 3.64 5.78
CA SER A 48 -9.86 3.27 6.95
C SER A 48 -8.52 4.00 6.96
N LEU A 49 -7.88 4.05 5.79
CA LEU A 49 -6.58 4.72 5.67
C LEU A 49 -6.68 6.16 6.15
N THR A 50 -7.63 6.91 5.62
CA THR A 50 -7.82 8.30 6.00
C THR A 50 -8.25 8.43 7.46
N VAL A 51 -8.84 7.35 7.98
CA VAL A 51 -9.30 7.33 9.37
C VAL A 51 -8.13 7.23 10.34
N PHE A 52 -7.21 6.32 10.05
CA PHE A 52 -6.04 6.11 10.89
C PHE A 52 -5.03 7.25 10.72
N LEU A 53 -5.01 7.83 9.52
CA LEU A 53 -4.09 8.92 9.22
C LEU A 53 -4.34 10.11 10.13
N LEU A 54 -5.61 10.51 10.24
CA LEU A 54 -5.98 11.63 11.09
C LEU A 54 -5.68 11.34 12.56
N LEU A 55 -5.95 10.10 12.97
CA LEU A 55 -5.71 9.68 14.34
C LEU A 55 -4.26 9.97 14.75
N ILE A 56 -3.36 9.90 13.78
CA ILE A 56 -1.94 10.14 14.03
C ILE A 56 -1.63 11.63 14.00
N THR A 57 -2.47 12.39 13.30
CA THR A 57 -2.29 13.84 13.19
C THR A 57 -2.89 14.57 14.38
N GLU A 58 -3.78 13.87 15.10
CA GLU A 58 -4.43 14.46 16.26
C GLU A 58 -3.61 14.22 17.53
N ILE A 59 -3.01 13.03 17.62
CA ILE A 59 -2.19 12.67 18.77
C ILE A 59 -0.78 13.25 18.65
N ILE A 60 -0.35 13.48 17.41
CA ILE A 60 0.97 14.02 17.16
C ILE A 60 2.05 13.21 17.87
N PRO A 61 2.38 12.04 17.31
CA PRO A 61 3.40 11.15 17.88
C PRO A 61 4.81 11.73 17.76
N SER A 62 4.93 12.82 17.02
CA SER A 62 6.22 13.46 16.81
C SER A 62 7.18 12.54 16.08
N THR A 63 7.41 12.83 14.80
CA THR A 63 8.31 12.02 13.98
C THR A 63 9.75 12.43 14.19
N SER A 64 10.66 11.45 14.12
CA SER A 64 12.08 11.70 14.30
C SER A 64 12.91 10.86 13.35
N SER A 65 14.04 11.40 12.90
CA SER A 65 14.93 10.69 11.99
C SER A 65 15.94 9.84 12.76
N VAL A 66 16.44 10.39 13.86
CA VAL A 66 17.42 9.68 14.69
C VAL A 66 16.74 8.61 15.53
N SER A 67 15.43 8.75 15.73
CA SER A 67 14.68 7.79 16.52
C SER A 67 13.56 7.17 15.69
N PRO A 68 13.06 6.01 16.14
CA PRO A 68 11.98 5.29 15.46
C PRO A 68 10.64 6.02 15.56
N SER A 69 10.02 6.25 14.41
CA SER A 69 8.74 6.94 14.36
C SER A 69 7.95 6.54 13.13
N ILE A 70 6.61 6.52 13.25
CA ILE A 70 5.74 6.15 12.15
C ILE A 70 5.60 7.30 11.15
N GLY A 71 6.01 8.50 11.57
CA GLY A 71 5.93 9.65 10.70
C GLY A 71 6.56 9.43 9.35
N GLU A 72 7.59 8.57 9.32
CA GLU A 72 8.29 8.27 8.08
C GLU A 72 7.57 7.17 7.30
N TYR A 73 6.84 6.33 8.03
CA TYR A 73 6.10 5.24 7.39
C TYR A 73 4.80 5.75 6.78
N LEU A 74 4.14 6.66 7.47
CA LEU A 74 2.89 7.23 6.98
C LEU A 74 3.12 8.11 5.77
N LEU A 75 4.30 8.73 5.71
CA LEU A 75 4.65 9.60 4.59
C LEU A 75 5.09 8.78 3.38
N PHE A 76 5.83 7.71 3.63
CA PHE A 76 6.31 6.85 2.56
C PHE A 76 5.15 6.09 1.92
N THR A 77 4.36 5.43 2.74
CA THR A 77 3.22 4.66 2.25
C THR A 77 2.24 5.55 1.49
N MET A 78 2.07 6.77 1.99
CA MET A 78 1.16 7.73 1.36
C MET A 78 1.58 8.03 -0.07
N ILE A 79 2.88 8.27 -0.26
CA ILE A 79 3.40 8.57 -1.58
C ILE A 79 3.53 7.31 -2.42
N PHE A 80 3.70 6.17 -1.75
CA PHE A 80 3.83 4.89 -2.43
C PHE A 80 2.50 4.43 -3.00
N VAL A 81 1.52 4.25 -2.11
CA VAL A 81 0.18 3.82 -2.52
C VAL A 81 -0.41 4.77 -3.55
N THR A 82 -0.04 6.04 -3.47
CA THR A 82 -0.54 7.05 -4.40
C THR A 82 -0.11 6.73 -5.82
N LEU A 83 1.19 6.61 -6.04
CA LEU A 83 1.72 6.31 -7.37
C LEU A 83 1.15 5.00 -7.90
N SER A 84 0.73 4.12 -6.99
CA SER A 84 0.16 2.84 -7.36
C SER A 84 -1.18 3.03 -8.08
N ILE A 85 -2.06 3.78 -7.45
CA ILE A 85 -3.38 4.04 -8.03
C ILE A 85 -3.28 4.83 -9.33
N VAL A 86 -2.18 5.56 -9.48
CA VAL A 86 -1.94 6.35 -10.68
C VAL A 86 -1.39 5.49 -11.81
N ILE A 87 -0.35 4.72 -11.51
CA ILE A 87 0.27 3.85 -12.49
C ILE A 87 -0.63 2.68 -12.85
N THR A 88 -1.51 2.31 -11.91
CA THR A 88 -2.42 1.20 -12.12
C THR A 88 -3.57 1.62 -13.04
N VAL A 89 -4.17 2.77 -12.75
CA VAL A 89 -5.28 3.28 -13.55
C VAL A 89 -4.81 3.69 -14.94
N PHE A 90 -3.53 4.01 -15.06
CA PHE A 90 -2.95 4.42 -16.33
C PHE A 90 -2.85 3.24 -17.29
N VAL A 91 -2.10 2.22 -16.89
CA VAL A 91 -1.92 1.04 -17.71
C VAL A 91 -3.26 0.46 -18.16
N LEU A 92 -4.25 0.52 -17.27
CA LEU A 92 -5.58 0.01 -17.57
C LEU A 92 -6.35 0.99 -18.44
N ASN A 93 -6.09 2.28 -18.25
CA ASN A 93 -6.76 3.32 -19.02
C ASN A 93 -6.47 3.16 -20.51
N VAL A 94 -5.19 3.15 -20.87
CA VAL A 94 -4.78 3.01 -22.26
C VAL A 94 -5.34 1.72 -22.86
N HIS A 95 -5.37 1.65 -24.19
CA HIS A 95 -5.88 0.48 -24.88
C HIS A 95 -5.02 0.15 -26.10
N HIS A 96 -5.20 -1.04 -26.64
CA HIS A 96 -4.43 -1.49 -27.81
C HIS A 96 -5.32 -2.24 -28.78
N ARG A 97 -5.17 -1.93 -30.07
CA ARG A 97 -5.97 -2.58 -31.11
C ARG A 97 -5.23 -3.79 -31.68
N SER A 98 -5.98 -4.68 -32.31
CA SER A 98 -5.39 -5.88 -32.89
C SER A 98 -5.81 -6.04 -34.35
N PRO A 99 -5.06 -6.84 -35.12
CA PRO A 99 -5.33 -7.09 -36.53
C PRO A 99 -6.59 -7.92 -36.74
N GLU A 100 -6.71 -9.01 -35.98
CA GLU A 100 -7.86 -9.89 -36.09
C GLU A 100 -7.91 -10.87 -34.92
N THR A 101 -6.79 -11.54 -34.67
CA THR A 101 -6.70 -12.51 -33.59
C THR A 101 -6.61 -11.81 -32.23
N HIS A 102 -7.58 -12.07 -31.38
CA HIS A 102 -7.60 -11.47 -30.04
C HIS A 102 -6.77 -12.28 -29.06
N THR A 103 -5.49 -12.46 -29.38
CA THR A 103 -4.59 -13.22 -28.53
C THR A 103 -3.48 -12.33 -27.98
N GLY A 104 -3.79 -11.61 -26.91
CA GLY A 104 -2.78 -10.73 -26.31
C GLY A 104 -2.87 -10.73 -24.80
N GLY A 105 -3.73 -9.85 -24.26
CA GLY A 105 -3.88 -9.77 -22.81
C GLY A 105 -2.62 -9.24 -22.13
N GLY A 106 -1.94 -10.13 -21.41
CA GLY A 106 -0.73 -9.73 -20.71
C GLY A 106 0.35 -10.79 -20.79
N GLY A 107 0.65 -11.41 -19.65
CA GLY A 107 1.67 -12.45 -19.61
C GLY A 107 2.35 -12.54 -18.26
N GLY A 108 1.70 -13.22 -17.32
CA GLY A 108 2.26 -13.37 -15.99
C GLY A 108 2.38 -12.04 -15.26
N ILE A 109 1.67 -11.03 -15.76
CA ILE A 109 1.70 -9.71 -15.15
C ILE A 109 0.86 -9.67 -13.87
N ASP A 110 -0.18 -10.50 -13.83
CA ASP A 110 -1.06 -10.57 -12.68
C ASP A 110 -0.35 -11.20 -11.48
N ARG A 111 0.30 -12.34 -11.72
CA ARG A 111 1.01 -13.04 -10.66
C ARG A 111 2.12 -12.16 -10.09
N ILE A 112 2.86 -11.51 -10.97
CA ILE A 112 3.95 -10.64 -10.55
C ILE A 112 3.43 -9.36 -9.90
N PHE A 113 2.26 -8.90 -10.37
CA PHE A 113 1.65 -7.69 -9.84
C PHE A 113 1.47 -7.79 -8.32
N LEU A 114 0.70 -8.79 -7.90
CA LEU A 114 0.45 -9.00 -6.47
C LEU A 114 1.74 -9.38 -5.74
N TRP A 115 2.69 -9.94 -6.47
CA TRP A 115 3.97 -10.34 -5.89
C TRP A 115 4.78 -9.11 -5.47
N MET A 116 4.54 -8.00 -6.14
CA MET A 116 5.25 -6.76 -5.83
C MET A 116 4.67 -6.10 -4.58
N PHE A 117 3.36 -5.96 -4.54
CA PHE A 117 2.68 -5.34 -3.41
C PHE A 117 3.11 -6.00 -2.10
N ILE A 118 3.20 -7.32 -2.11
CA ILE A 118 3.60 -8.07 -0.93
C ILE A 118 5.12 -8.02 -0.73
N ILE A 119 5.84 -7.74 -1.80
CA ILE A 119 7.29 -7.65 -1.75
C ILE A 119 7.74 -6.42 -0.98
N VAL A 120 6.95 -5.35 -1.07
CA VAL A 120 7.26 -4.11 -0.37
C VAL A 120 6.75 -4.13 1.06
N CYS A 121 5.66 -4.87 1.28
CA CYS A 121 5.08 -4.97 2.61
C CYS A 121 6.02 -5.68 3.57
N LEU A 122 6.59 -6.79 3.13
CA LEU A 122 7.51 -7.57 3.95
C LEU A 122 8.88 -6.90 4.00
N LEU A 123 9.45 -6.62 2.84
CA LEU A 123 10.76 -5.98 2.75
C LEU A 123 10.77 -4.67 3.53
N GLY A 124 9.87 -3.75 3.16
CA GLY A 124 9.79 -2.47 3.83
C GLY A 124 9.67 -2.62 5.34
N THR A 125 8.70 -3.41 5.78
CA THR A 125 8.48 -3.62 7.20
C THR A 125 9.76 -4.05 7.90
N VAL A 126 10.47 -5.01 7.31
CA VAL A 126 11.72 -5.50 7.87
C VAL A 126 12.80 -4.41 7.85
N GLY A 127 12.78 -3.60 6.80
CA GLY A 127 13.77 -2.53 6.68
C GLY A 127 13.48 -1.38 7.62
N LEU A 128 12.24 -1.29 8.08
CA LEU A 128 11.84 -0.22 8.98
C LEU A 128 12.30 -0.52 10.42
N PHE A 129 12.27 -1.79 10.78
CA PHE A 129 12.68 -2.21 12.12
C PHE A 129 14.18 -2.45 12.17
N LEU A 130 14.79 -2.64 11.00
CA LEU A 130 16.23 -2.88 10.93
C LEU A 130 16.83 -2.16 9.73
N PRO A 131 16.93 -0.83 9.82
CA PRO A 131 17.50 0.00 8.75
C PRO A 131 18.99 -0.20 8.59
N PRO A 132 19.55 0.32 7.48
CA PRO A 132 20.98 0.22 7.19
C PRO A 132 21.84 1.06 8.13
N TRP A 133 21.31 2.22 8.51
CA TRP A 133 22.03 3.12 9.40
C TRP A 133 22.26 2.47 10.76
N LEU A 134 21.44 1.48 11.08
CA LEU A 134 21.56 0.77 12.35
C LEU A 134 21.81 -0.71 12.12
N ALA A 135 22.04 -1.08 10.87
CA ALA A 135 22.30 -2.48 10.52
C ALA A 135 23.70 -2.90 10.94
N GLY A 136 24.52 -1.92 11.33
CA GLY A 136 25.87 -2.21 11.76
C GLY A 136 26.03 -2.20 13.26
N GLU A 137 25.87 -1.02 13.87
CA GLU A 137 25.99 -0.88 15.32
C GLU A 137 24.63 -0.97 15.99
N GLU A 4 7.30 7.83 22.05
CA GLU A 4 7.18 7.56 23.47
C GLU A 4 5.81 6.96 23.81
N GLU A 5 5.22 6.29 22.83
CA GLU A 5 3.91 5.68 23.02
C GLU A 5 3.50 4.87 21.78
N LEU A 6 4.49 4.31 21.10
CA LEU A 6 4.23 3.52 19.90
C LEU A 6 5.01 2.20 19.94
N PRO A 7 4.70 1.37 20.95
CA PRO A 7 5.35 0.06 21.12
C PRO A 7 4.96 -0.93 20.04
N LEU A 8 5.35 -2.18 20.23
CA LEU A 8 5.04 -3.24 19.26
C LEU A 8 3.53 -3.43 19.13
N PHE A 9 2.81 -3.15 20.21
CA PHE A 9 1.35 -3.29 20.21
C PHE A 9 0.74 -2.55 19.03
N TYR A 10 1.38 -1.46 18.62
CA TYR A 10 0.89 -0.66 17.51
C TYR A 10 1.25 -1.31 16.17
N THR A 11 2.41 -1.97 16.13
CA THR A 11 2.87 -2.63 14.92
C THR A 11 1.97 -3.82 14.57
N ILE A 12 1.41 -4.45 15.59
CA ILE A 12 0.52 -5.59 15.38
C ILE A 12 -0.87 -5.14 14.96
N ASN A 13 -1.29 -3.98 15.48
CA ASN A 13 -2.60 -3.45 15.17
C ASN A 13 -2.58 -2.70 13.84
N LEU A 14 -1.39 -2.29 13.41
CA LEU A 14 -1.23 -1.57 12.16
C LEU A 14 -0.95 -2.53 11.01
N ILE A 15 -0.34 -3.66 11.33
CA ILE A 15 -0.01 -4.66 10.31
C ILE A 15 -1.25 -5.47 9.93
N ILE A 16 -2.14 -5.68 10.88
CA ILE A 16 -3.36 -6.43 10.64
C ILE A 16 -4.12 -5.87 9.44
N PRO A 17 -4.46 -4.58 9.50
CA PRO A 17 -5.18 -3.90 8.43
C PRO A 17 -4.33 -3.71 7.18
N CYS A 18 -3.01 -3.60 7.38
CA CYS A 18 -2.09 -3.42 6.27
C CYS A 18 -2.27 -4.52 5.22
N LEU A 19 -2.61 -5.72 5.69
CA LEU A 19 -2.80 -6.85 4.80
C LEU A 19 -4.22 -6.85 4.22
N LEU A 20 -5.21 -6.67 5.08
CA LEU A 20 -6.60 -6.64 4.66
C LEU A 20 -6.80 -5.66 3.51
N ILE A 21 -6.16 -4.50 3.61
CA ILE A 21 -6.27 -3.47 2.58
C ILE A 21 -5.40 -3.81 1.38
N SER A 22 -4.27 -4.48 1.63
CA SER A 22 -3.34 -4.86 0.58
C SER A 22 -3.97 -5.93 -0.32
N CYS A 23 -4.29 -7.08 0.26
CA CYS A 23 -4.88 -8.18 -0.48
C CYS A 23 -6.18 -7.74 -1.16
N LEU A 24 -6.90 -6.83 -0.52
CA LEU A 24 -8.16 -6.32 -1.06
C LEU A 24 -7.97 -5.79 -2.48
N THR A 25 -7.03 -4.87 -2.64
CA THR A 25 -6.74 -4.28 -3.94
C THR A 25 -6.41 -5.36 -4.96
N VAL A 26 -5.67 -6.38 -4.53
CA VAL A 26 -5.28 -7.47 -5.41
C VAL A 26 -6.49 -8.32 -5.81
N LEU A 27 -7.40 -8.52 -4.86
CA LEU A 27 -8.60 -9.30 -5.11
C LEU A 27 -9.33 -8.80 -6.34
N VAL A 28 -9.52 -7.48 -6.40
CA VAL A 28 -10.22 -6.86 -7.53
C VAL A 28 -9.44 -7.05 -8.82
N PHE A 29 -8.12 -6.97 -8.73
CA PHE A 29 -7.25 -7.13 -9.89
C PHE A 29 -7.30 -8.56 -10.41
N TYR A 30 -7.77 -9.47 -9.57
CA TYR A 30 -7.86 -10.88 -9.93
C TYR A 30 -9.23 -11.20 -10.53
N LEU A 31 -10.27 -10.63 -9.94
CA LEU A 31 -11.64 -10.85 -10.41
C LEU A 31 -12.29 -9.54 -10.85
N PRO A 32 -11.78 -8.97 -11.95
CA PRO A 32 -12.30 -7.71 -12.50
C PRO A 32 -13.70 -7.87 -13.09
N SER A 33 -14.64 -7.05 -12.62
CA SER A 33 -16.01 -7.10 -13.10
C SER A 33 -16.33 -5.86 -13.92
N GLU A 34 -15.70 -4.75 -13.59
CA GLU A 34 -15.93 -3.49 -14.30
C GLU A 34 -14.83 -2.48 -13.99
N CYS A 35 -14.67 -1.49 -14.85
CA CYS A 35 -13.65 -0.46 -14.68
C CYS A 35 -14.02 0.47 -13.53
N GLY A 36 -15.32 0.71 -13.37
CA GLY A 36 -15.79 1.59 -12.32
C GLY A 36 -15.59 1.00 -10.94
N GLU A 37 -15.63 -0.32 -10.85
CA GLU A 37 -15.46 -1.02 -9.58
C GLU A 37 -14.11 -0.67 -8.95
N LYS A 38 -13.08 -0.56 -9.79
CA LYS A 38 -11.74 -0.24 -9.34
C LYS A 38 -11.73 1.08 -8.57
N ILE A 39 -12.34 2.11 -9.17
CA ILE A 39 -12.40 3.42 -8.56
C ILE A 39 -13.05 3.35 -7.18
N THR A 40 -14.11 2.56 -7.06
CA THR A 40 -14.83 2.40 -5.81
C THR A 40 -13.88 1.92 -4.70
N LEU A 41 -13.03 0.96 -5.03
CA LEU A 41 -12.08 0.42 -4.07
C LEU A 41 -11.15 1.51 -3.56
N CYS A 42 -10.65 2.34 -4.47
CA CYS A 42 -9.75 3.42 -4.12
C CYS A 42 -10.33 4.27 -2.99
N ILE A 43 -11.63 4.52 -3.05
CA ILE A 43 -12.31 5.32 -2.03
C ILE A 43 -12.38 4.57 -0.71
N SER A 44 -12.49 3.24 -0.79
CA SER A 44 -12.58 2.42 0.41
C SER A 44 -11.29 2.50 1.21
N VAL A 45 -10.19 2.07 0.61
CA VAL A 45 -8.89 2.10 1.27
C VAL A 45 -8.55 3.51 1.76
N LEU A 46 -9.02 4.51 1.02
CA LEU A 46 -8.77 5.90 1.37
C LEU A 46 -9.49 6.28 2.65
N LEU A 47 -10.72 5.79 2.79
CA LEU A 47 -11.53 6.08 3.98
C LEU A 47 -10.82 5.63 5.24
N SER A 48 -10.18 4.46 5.17
CA SER A 48 -9.46 3.91 6.32
C SER A 48 -8.18 4.69 6.57
N LEU A 49 -7.47 5.02 5.51
CA LEU A 49 -6.21 5.77 5.62
C LEU A 49 -6.43 7.07 6.40
N THR A 50 -7.48 7.80 6.04
CA THR A 50 -7.79 9.06 6.70
C THR A 50 -8.34 8.82 8.10
N VAL A 51 -8.89 7.63 8.33
CA VAL A 51 -9.45 7.28 9.63
C VAL A 51 -8.35 6.98 10.64
N PHE A 52 -7.44 6.08 10.28
CA PHE A 52 -6.34 5.71 11.16
C PHE A 52 -5.32 6.85 11.25
N LEU A 53 -5.31 7.71 10.24
CA LEU A 53 -4.38 8.83 10.20
C LEU A 53 -4.67 9.81 11.34
N LEU A 54 -5.90 10.29 11.39
CA LEU A 54 -6.31 11.23 12.43
C LEU A 54 -6.08 10.66 13.82
N LEU A 55 -6.44 9.39 13.98
CA LEU A 55 -6.26 8.70 15.27
C LEU A 55 -4.84 8.86 15.78
N ILE A 56 -3.87 8.69 14.88
CA ILE A 56 -2.46 8.81 15.24
C ILE A 56 -2.13 10.24 15.67
N THR A 57 -2.86 11.20 15.12
CA THR A 57 -2.64 12.60 15.44
C THR A 57 -3.31 12.97 16.76
N GLU A 58 -4.12 12.06 17.29
CA GLU A 58 -4.82 12.30 18.54
C GLU A 58 -3.96 11.88 19.73
N ILE A 59 -3.24 10.78 19.57
CA ILE A 59 -2.37 10.27 20.63
C ILE A 59 -1.09 11.08 20.74
N ILE A 60 -0.77 11.81 19.68
CA ILE A 60 0.43 12.64 19.65
C ILE A 60 1.66 11.83 20.05
N PRO A 61 2.12 10.97 19.13
CA PRO A 61 3.30 10.12 19.36
C PRO A 61 4.59 10.93 19.39
N SER A 62 4.60 12.06 18.68
CA SER A 62 5.77 12.91 18.63
C SER A 62 5.42 14.28 18.07
N THR A 63 5.54 15.31 18.90
CA THR A 63 5.23 16.68 18.48
C THR A 63 6.50 17.51 18.36
N SER A 64 7.63 16.84 18.13
CA SER A 64 8.90 17.53 18.00
C SER A 64 9.44 17.41 16.58
N SER A 65 8.94 16.44 15.84
CA SER A 65 9.37 16.21 14.46
C SER A 65 10.88 16.05 14.38
N VAL A 66 11.47 15.57 15.47
CA VAL A 66 12.92 15.37 15.53
C VAL A 66 13.28 13.90 15.34
N SER A 67 12.30 13.02 15.55
CA SER A 67 12.51 11.59 15.41
C SER A 67 11.18 10.83 15.52
N PRO A 68 10.33 11.00 14.50
CA PRO A 68 9.02 10.34 14.45
C PRO A 68 9.13 8.84 14.24
N SER A 69 8.20 8.08 14.81
CA SER A 69 8.19 6.63 14.68
C SER A 69 7.43 6.19 13.43
N ILE A 70 6.12 6.31 13.48
CA ILE A 70 5.27 5.93 12.36
C ILE A 70 5.29 7.01 11.27
N GLY A 71 5.79 8.18 11.62
CA GLY A 71 5.85 9.27 10.67
C GLY A 71 6.55 8.88 9.38
N GLU A 72 7.45 7.91 9.47
CA GLU A 72 8.20 7.44 8.30
C GLU A 72 7.35 6.46 7.49
N TYR A 73 6.50 5.71 8.18
CA TYR A 73 5.64 4.73 7.53
C TYR A 73 4.47 5.41 6.83
N LEU A 74 3.80 6.31 7.54
CA LEU A 74 2.67 7.03 6.98
C LEU A 74 3.08 7.87 5.79
N LEU A 75 4.33 8.33 5.79
CA LEU A 75 4.86 9.15 4.70
C LEU A 75 5.25 8.28 3.51
N PHE A 76 6.21 7.38 3.72
CA PHE A 76 6.67 6.49 2.66
C PHE A 76 5.49 5.76 2.03
N THR A 77 4.55 5.31 2.85
CA THR A 77 3.39 4.59 2.37
C THR A 77 2.52 5.48 1.48
N MET A 78 2.27 6.70 1.95
CA MET A 78 1.46 7.65 1.20
C MET A 78 2.05 7.90 -0.19
N ILE A 79 3.38 7.99 -0.25
CA ILE A 79 4.06 8.24 -1.52
C ILE A 79 4.08 6.97 -2.37
N PHE A 80 4.28 5.83 -1.73
CA PHE A 80 4.32 4.56 -2.44
C PHE A 80 2.96 4.24 -3.07
N VAL A 81 1.92 4.22 -2.25
CA VAL A 81 0.57 3.93 -2.72
C VAL A 81 0.15 4.93 -3.80
N THR A 82 0.66 6.15 -3.70
CA THR A 82 0.33 7.19 -4.67
C THR A 82 0.92 6.87 -6.04
N LEU A 83 2.14 6.35 -6.06
CA LEU A 83 2.80 6.00 -7.31
C LEU A 83 2.18 4.76 -7.92
N SER A 84 1.55 3.93 -7.08
CA SER A 84 0.91 2.71 -7.54
C SER A 84 -0.34 3.02 -8.35
N ILE A 85 -1.18 3.91 -7.81
CA ILE A 85 -2.41 4.30 -8.48
C ILE A 85 -2.12 5.10 -9.74
N VAL A 86 -0.95 5.73 -9.78
CA VAL A 86 -0.56 6.54 -10.94
C VAL A 86 0.02 5.66 -12.05
N ILE A 87 0.91 4.75 -11.67
CA ILE A 87 1.54 3.84 -12.62
C ILE A 87 0.55 2.78 -13.09
N THR A 88 -0.43 2.46 -12.25
CA THR A 88 -1.44 1.46 -12.57
C THR A 88 -2.46 2.01 -13.56
N VAL A 89 -2.88 3.26 -13.35
CA VAL A 89 -3.86 3.90 -14.22
C VAL A 89 -3.23 4.24 -15.57
N PHE A 90 -1.92 4.39 -15.59
CA PHE A 90 -1.20 4.72 -16.82
C PHE A 90 -1.13 3.51 -17.75
N VAL A 91 -0.60 2.40 -17.24
CA VAL A 91 -0.48 1.18 -18.02
C VAL A 91 -1.82 0.78 -18.62
N LEU A 92 -2.89 1.02 -17.88
CA LEU A 92 -4.23 0.68 -18.34
C LEU A 92 -4.79 1.76 -19.26
N ASN A 93 -4.37 3.00 -19.02
CA ASN A 93 -4.82 4.14 -19.83
C ASN A 93 -4.38 3.97 -21.27
N VAL A 94 -3.08 3.72 -21.47
CA VAL A 94 -2.55 3.54 -22.82
C VAL A 94 -3.29 2.45 -23.57
N HIS A 95 -3.26 2.52 -24.90
CA HIS A 95 -3.93 1.54 -25.74
C HIS A 95 -3.30 0.16 -25.57
N HIS A 96 -4.15 -0.84 -25.40
CA HIS A 96 -3.68 -2.22 -25.23
C HIS A 96 -3.85 -3.02 -26.51
N ARG A 97 -5.02 -2.92 -27.12
CA ARG A 97 -5.32 -3.63 -28.35
C ARG A 97 -5.19 -5.15 -28.15
N SER A 98 -6.31 -5.79 -27.87
CA SER A 98 -6.33 -7.24 -27.66
C SER A 98 -6.20 -7.99 -28.97
N PRO A 99 -5.81 -9.27 -28.89
CA PRO A 99 -5.64 -10.13 -30.07
C PRO A 99 -6.98 -10.48 -30.72
N GLU A 100 -7.98 -10.75 -29.89
CA GLU A 100 -9.31 -11.11 -30.38
C GLU A 100 -10.29 -11.29 -29.23
N THR A 101 -9.85 -11.96 -28.18
CA THR A 101 -10.69 -12.20 -27.01
C THR A 101 -10.07 -11.60 -25.76
N HIS A 102 -10.77 -11.72 -24.64
CA HIS A 102 -10.29 -11.19 -23.37
C HIS A 102 -10.02 -12.32 -22.38
N THR A 103 -8.74 -12.67 -22.21
CA THR A 103 -8.36 -13.72 -21.29
C THR A 103 -6.83 -13.83 -21.20
N GLY A 104 -6.31 -13.52 -20.01
CA GLY A 104 -4.87 -13.59 -19.80
C GLY A 104 -4.15 -12.35 -20.29
N GLY A 105 -4.73 -11.18 -20.00
CA GLY A 105 -4.12 -9.94 -20.43
C GLY A 105 -2.70 -9.78 -19.93
N GLY A 106 -1.74 -9.87 -20.85
CA GLY A 106 -0.34 -9.73 -20.47
C GLY A 106 0.39 -11.06 -20.51
N GLY A 107 0.98 -11.44 -19.37
CA GLY A 107 1.71 -12.69 -19.29
C GLY A 107 2.63 -12.75 -18.09
N GLY A 108 2.06 -13.12 -16.94
CA GLY A 108 2.86 -13.22 -15.73
C GLY A 108 2.87 -11.92 -14.94
N ILE A 109 2.13 -10.94 -15.43
CA ILE A 109 2.05 -9.64 -14.77
C ILE A 109 1.14 -9.68 -13.55
N ASP A 110 0.22 -10.63 -13.56
CA ASP A 110 -0.72 -10.79 -12.45
C ASP A 110 -0.04 -11.43 -11.24
N ARG A 111 0.68 -12.52 -11.49
CA ARG A 111 1.39 -13.23 -10.42
C ARG A 111 2.43 -12.33 -9.77
N ILE A 112 3.15 -11.58 -10.59
CA ILE A 112 4.18 -10.67 -10.09
C ILE A 112 3.57 -9.46 -9.41
N PHE A 113 2.40 -9.05 -9.89
CA PHE A 113 1.71 -7.89 -9.32
C PHE A 113 1.48 -8.08 -7.83
N LEU A 114 0.76 -9.13 -7.47
CA LEU A 114 0.46 -9.42 -6.07
C LEU A 114 1.74 -9.75 -5.30
N TRP A 115 2.75 -10.23 -6.03
CA TRP A 115 4.03 -10.59 -5.42
C TRP A 115 4.75 -9.35 -4.92
N MET A 116 4.47 -8.21 -5.54
CA MET A 116 5.10 -6.95 -5.15
C MET A 116 4.45 -6.38 -3.90
N PHE A 117 3.13 -6.31 -3.91
CA PHE A 117 2.38 -5.79 -2.77
C PHE A 117 2.80 -6.48 -1.48
N ILE A 118 2.96 -7.80 -1.55
CA ILE A 118 3.36 -8.58 -0.38
C ILE A 118 4.85 -8.46 -0.12
N ILE A 119 5.60 -8.09 -1.15
CA ILE A 119 7.04 -7.92 -1.04
C ILE A 119 7.40 -6.71 -0.20
N VAL A 120 6.56 -5.68 -0.27
CA VAL A 120 6.78 -4.45 0.49
C VAL A 120 6.21 -4.57 1.89
N CYS A 121 5.17 -5.37 2.05
CA CYS A 121 4.53 -5.56 3.34
C CYS A 121 5.50 -6.22 4.33
N LEU A 122 6.15 -7.29 3.88
CA LEU A 122 7.10 -8.00 4.72
C LEU A 122 8.42 -7.24 4.83
N LEU A 123 9.00 -6.92 3.68
CA LEU A 123 10.27 -6.20 3.65
C LEU A 123 10.17 -4.90 4.44
N GLY A 124 9.19 -4.06 4.09
CA GLY A 124 9.00 -2.80 4.78
C GLY A 124 8.91 -2.97 6.28
N THR A 125 8.18 -4.00 6.72
CA THR A 125 8.01 -4.27 8.14
C THR A 125 9.36 -4.49 8.83
N VAL A 126 10.08 -5.52 8.38
CA VAL A 126 11.39 -5.82 8.95
C VAL A 126 12.33 -4.63 8.86
N GLY A 127 12.42 -4.04 7.67
CA GLY A 127 13.28 -2.89 7.47
C GLY A 127 12.94 -1.75 8.41
N LEU A 128 11.65 -1.49 8.58
CA LEU A 128 11.19 -0.41 9.47
C LEU A 128 11.81 -0.54 10.85
N PHE A 129 11.94 -1.77 11.32
CA PHE A 129 12.52 -2.02 12.64
C PHE A 129 14.04 -1.94 12.59
N LEU A 130 14.61 -2.37 11.47
CA LEU A 130 16.06 -2.35 11.29
C LEU A 130 16.44 -1.57 10.03
N PRO A 131 16.24 -0.24 10.07
CA PRO A 131 16.56 0.64 8.93
C PRO A 131 18.06 0.77 8.71
N PRO A 132 18.44 1.34 7.56
CA PRO A 132 19.85 1.54 7.19
C PRO A 132 20.52 2.59 8.06
N TRP A 133 20.45 3.85 7.61
CA TRP A 133 21.07 4.95 8.34
C TRP A 133 22.48 4.61 8.78
N LEU A 134 23.44 4.81 7.88
CA LEU A 134 24.84 4.52 8.17
C LEU A 134 25.02 3.05 8.57
N ALA A 135 24.22 2.17 7.96
CA ALA A 135 24.29 0.75 8.24
C ALA A 135 25.64 0.17 7.82
N GLY A 136 25.88 0.12 6.51
CA GLY A 136 27.13 -0.41 6.01
C GLY A 136 28.08 0.69 5.56
N GLU A 137 27.58 1.59 4.72
CA GLU A 137 28.40 2.68 4.22
C GLU A 137 28.53 3.79 5.25
#